data_7RBV
#
_entry.id   7RBV
#
_cell.length_a   1.00
_cell.length_b   1.00
_cell.length_c   1.00
_cell.angle_alpha   90.00
_cell.angle_beta   90.00
_cell.angle_gamma   90.00
#
_symmetry.space_group_name_H-M   'P 1'
#
loop_
_entity.id
_entity.type
_entity.pdbx_description
1 polymer 'PVI.V6-14 Fab light chain, variable region'
2 polymer 'PVI.V6-14 Fab heavy chain, variable region'
3 polymer 'Spike glycoprotein'
4 branched 2-acetamido-2-deoxy-beta-D-glucopyranose-(1-4)-2-acetamido-2-deoxy-beta-D-glucopyranose
5 branched alpha-D-mannopyranose-(1-4)-[alpha-D-mannopyranose-(1-6)]beta-D-mannopyranose-(1-4)-2-acetamido-2-deoxy-beta-D-glucopyranose-(1-4)-2-acetamido-2-deoxy-beta-D-glucopyranose
6 branched alpha-D-mannopyranose-(1-3)-alpha-D-mannopyranose-(1-6)-beta-D-mannopyranose-(1-4)-2-acetamido-2-deoxy-beta-D-glucopyranose-(1-4)-2-acetamido-2-deoxy-beta-D-glucopyranose
7 branched alpha-D-mannopyranose-(1-6)-beta-D-mannopyranose-(1-4)-2-acetamido-2-deoxy-beta-D-glucopyranose-(1-4)-2-acetamido-2-deoxy-beta-D-glucopyranose
8 branched beta-D-mannopyranose-(1-4)-2-acetamido-2-deoxy-beta-D-glucopyranose-(1-4)-2-acetamido-2-deoxy-beta-D-glucopyranose
9 non-polymer 2-acetamido-2-deoxy-beta-D-glucopyranose
#
loop_
_entity_poly.entity_id
_entity_poly.type
_entity_poly.pdbx_seq_one_letter_code
_entity_poly.pdbx_strand_id
1 'polypeptide(L)'
;DIQMTQSPSSVSASVGDRVTITCRASQGISSWLAWYQQKPGKAPKLLIYAASSLQSGVPSRFSGSGSGTDFTLTISSLQP
EDFATYYCQQANSFPLTFGGGTKVEIK
;
l,L
2 'polypeptide(L)'
;QVQLQESGPGLVKPSETLSLTCTVSGGSISSSSYYWGWIRQPPGKGLEWIGSIYYSGSTYYNPSLKSRVTISVDTSKNQF
SLKLSSVTAADTAVYYCARCRPEYYFGSGSYLDFDYWGQGTLVTVSS
;
h,H
3 'polypeptide(L)'
;QCVNLTTRTQLPPAYTNSFTRGVYYPDKVFRSSVLHSTQDLFLPFFSNVTWFHAIHVSGTNGTKRFDNPVLPFNDGVYFA
STEKSNIIRGWIFGTTLDSKTQSLLIVNNATNVVIKVCEFQFCNDPFLGVYYHKNNKSWMESEFRVYSSANNCTFEYVSQ
PFLMDLEGKQGNFKNLREFVFKNIDGYFKIYSKHTPINLVRDLPQGFSALEPLVDLPIGINITRFQTLLALHRSYLTPGD
SSSGWTAGAAAYYVGYLQPRTFLLKYNENGTITDAVDCALDPLSETKCTLKSFTVEKGIYQTSNFRVQPTESIVRFPNIT
NLCPFGEVFNATRFASVYAWNRKRISNCVADYSVLYNSASFSTFKCYGVSPTKLNDLCFTNVYADSFVIRGDEVRQIAPG
QTGKIADYNYKLPDDFTGCVIAWNSNNLDSKVGGNYNYLYRLFRKSNLKPFERDISTEIYQAGSTPCNGVEGFNCYFPLQ
SYGFQPTNGVGYQPYRVVVLSFELLHAPATVCGPKKSTNLVKNKCVNFNFNGLTGTGVLTESNKKFLPFQQFGRDIADTT
DAVRDPQTLEILDITPCSFGGVSVITPGTNTSNQVAVLYQDVNCTEVPVAIHADQLTPTWRVYSTGSNVFQTRAGCLIGA
EHVNNSYECDIPIGAGICASYQTQTNSPGSASSVASQSIIAYTMSLGAENSVAYSNNSIAIPTNFTISVTTEILPVSMTK
TSVDCTMYICGDSTECSNLLLQYGSFCTQLNRALTGIAVEQDKNTQEVFAQVKQIYKTPPIKDFGGFNFSQILPDPSKPS
KRSPIEDLLFNKVTLADAGFIKQYGDCLGDIAARDLICAQKFNGLTVLPPLLTDEMIAQYTSALLAGTITSGWTFGAGPA
LQIPFPMQMAYRFNGIGVTQNVLYENQKLIANQFNSAIGKIQDSLSSTPSALGKLQDVVNQNAQALNTLVKQLSSNFGAI
SSVLNDILSRLDPPEAEVQIDRLITGRLQSLQTYVTQQLIRAAEIRASANLAATKMSECVLGQSKRVDFCGKGYHLMSFP
QSAPHGVVFLHVTYVPAQEKNFTTAPAICHDGKAHFPREGVFVSNGTHWFVTQRNFYEPQIITTDNTFVSGNCDVVIGIV
NNTVYDPLQPELDSFKEELDKYFKNHTSPDVDLGDISGINASVVNIQKEIDRLNEVAKNLNESLIDLQELGKYEQGSGYI
PEAPRDGQAYVRKDGEWVLLSTFLGRSLEVLF
;
A,B,C
#
loop_
_chem_comp.id
_chem_comp.type
_chem_comp.name
_chem_comp.formula
BMA D-saccharide, beta linking beta-D-mannopyranose 'C6 H12 O6'
MAN D-saccharide, alpha linking alpha-D-mannopyranose 'C6 H12 O6'
NAG D-saccharide, beta linking 2-acetamido-2-deoxy-beta-D-glucopyranose 'C8 H15 N O6'
#
# COMPACT_ATOMS: atom_id res chain seq x y z
N ASP A 1 25.63 68.42 43.39
CA ASP A 1 24.47 67.59 43.11
C ASP A 1 24.80 66.12 43.26
N ILE A 2 24.87 65.40 42.14
CA ILE A 2 25.18 63.99 42.10
C ILE A 2 26.45 63.80 41.30
N GLN A 3 27.43 63.12 41.90
CA GLN A 3 28.71 62.86 41.27
C GLN A 3 29.02 61.37 41.31
N MET A 4 29.53 60.85 40.19
CA MET A 4 29.85 59.44 40.08
C MET A 4 31.36 59.27 40.00
N THR A 5 31.86 58.16 40.56
CA THR A 5 33.28 57.87 40.57
C THR A 5 33.51 56.43 40.12
N GLN A 6 34.63 56.21 39.44
CA GLN A 6 35.06 54.88 39.01
C GLN A 6 36.32 54.52 39.75
N SER A 7 36.34 53.34 40.37
CA SER A 7 37.47 52.96 41.20
C SER A 7 38.68 52.43 40.42
N PRO A 8 38.53 51.49 39.48
CA PRO A 8 39.72 50.99 38.81
C PRO A 8 40.12 51.86 37.65
N SER A 9 41.37 51.70 37.21
CA SER A 9 41.84 52.36 36.00
C SER A 9 43.03 51.59 35.46
N SER A 10 43.10 51.50 34.13
CA SER A 10 44.17 50.79 33.44
C SER A 10 44.24 49.33 33.89
N VAL A 11 43.17 48.58 33.62
CA VAL A 11 43.17 47.15 33.89
C VAL A 11 43.47 46.39 32.61
N SER A 12 44.48 45.52 32.66
CA SER A 12 44.97 44.84 31.48
C SER A 12 44.80 43.33 31.63
N ALA A 13 44.81 42.64 30.50
CA ALA A 13 44.63 41.19 30.44
C ALA A 13 45.12 40.70 29.08
N SER A 14 44.81 39.45 28.77
CA SER A 14 45.14 38.85 27.48
C SER A 14 43.87 38.28 26.83
N VAL A 15 44.05 37.50 25.77
CA VAL A 15 42.90 37.05 24.97
C VAL A 15 41.95 36.22 25.81
N GLY A 16 42.48 35.25 26.56
CA GLY A 16 41.63 34.46 27.44
C GLY A 16 41.74 34.88 28.89
N ASP A 17 40.78 35.65 29.38
CA ASP A 17 40.83 36.19 30.73
C ASP A 17 39.41 36.56 31.16
N ARG A 18 39.31 37.31 32.26
CA ARG A 18 38.03 37.77 32.76
C ARG A 18 38.25 38.97 33.66
N VAL A 19 37.78 40.15 33.24
CA VAL A 19 38.01 41.39 33.95
C VAL A 19 36.67 41.90 34.51
N THR A 20 36.75 42.98 35.28
CA THR A 20 35.59 43.53 35.96
C THR A 20 35.85 44.98 36.35
N ILE A 21 34.86 45.83 36.13
CA ILE A 21 34.94 47.25 36.46
C ILE A 21 33.76 47.60 37.37
N THR A 22 33.94 48.63 38.19
CA THR A 22 32.92 49.08 39.13
C THR A 22 32.80 50.59 39.09
N CYS A 23 31.55 51.09 39.17
CA CYS A 23 31.26 52.52 39.14
C CYS A 23 30.46 52.87 40.39
N ARG A 24 30.92 53.87 41.13
CA ARG A 24 30.34 54.24 42.41
C ARG A 24 29.46 55.47 42.26
N ALA A 25 28.55 55.67 43.21
CA ALA A 25 27.61 56.79 43.20
C ALA A 25 27.71 57.55 44.52
N SER A 26 26.80 58.51 44.69
CA SER A 26 26.71 59.26 45.94
C SER A 26 25.26 59.50 46.37
N GLN A 27 24.30 58.86 45.72
CA GLN A 27 22.88 59.10 45.99
C GLN A 27 22.12 57.80 45.71
N GLY A 28 20.80 57.92 45.59
CA GLY A 28 19.95 56.76 45.37
C GLY A 28 20.11 56.11 44.02
N ILE A 29 19.68 56.81 42.96
CA ILE A 29 19.69 56.35 41.57
C ILE A 29 19.46 54.84 41.46
N SER A 30 18.29 54.39 41.91
CA SER A 30 18.00 52.96 41.94
C SER A 30 17.79 52.42 40.53
N SER A 31 18.73 51.59 40.08
CA SER A 31 18.60 50.75 38.89
C SER A 31 18.56 51.53 37.58
N TRP A 32 18.90 52.82 37.59
CA TRP A 32 18.98 53.61 36.37
C TRP A 32 20.44 53.97 36.13
N LEU A 33 21.02 53.41 35.06
CA LEU A 33 22.42 53.68 34.73
C LEU A 33 22.60 53.45 33.24
N ALA A 34 23.73 53.93 32.71
CA ALA A 34 24.08 53.71 31.33
C ALA A 34 25.58 53.47 31.21
N TRP A 35 25.97 52.82 30.12
CA TRP A 35 27.37 52.54 29.84
C TRP A 35 27.69 52.91 28.40
N TYR A 36 28.97 53.14 28.13
CA TYR A 36 29.44 53.48 26.80
C TYR A 36 30.86 52.97 26.61
N GLN A 37 31.25 52.77 25.35
CA GLN A 37 32.62 52.46 25.00
C GLN A 37 33.01 53.27 23.78
N GLN A 38 34.19 53.89 23.83
CA GLN A 38 34.63 54.79 22.78
C GLN A 38 35.79 54.13 22.05
N LYS A 39 35.48 53.44 20.98
CA LYS A 39 36.51 52.83 20.16
C LYS A 39 37.38 53.95 19.60
N PRO A 40 38.71 53.87 19.74
CA PRO A 40 39.55 55.03 19.41
C PRO A 40 39.38 55.48 17.97
N GLY A 41 39.34 56.80 17.79
CA GLY A 41 39.17 57.40 16.49
C GLY A 41 37.74 57.54 16.02
N LYS A 42 36.76 57.27 16.88
CA LYS A 42 35.36 57.29 16.47
C LYS A 42 34.48 57.91 17.54
N ALA A 43 33.16 57.72 17.43
CA ALA A 43 32.19 58.16 18.40
C ALA A 43 31.60 56.96 19.14
N PRO A 44 31.27 57.11 20.42
CA PRO A 44 30.93 55.94 21.24
C PRO A 44 29.59 55.31 20.84
N LYS A 45 29.47 54.03 21.15
CA LYS A 45 28.22 53.30 21.07
C LYS A 45 27.55 53.31 22.44
N LEU A 46 26.52 52.49 22.61
CA LEU A 46 25.78 52.44 23.87
C LEU A 46 25.88 51.10 24.57
N LEU A 47 25.69 49.99 23.86
CA LEU A 47 25.69 48.63 24.40
C LEU A 47 24.73 48.60 25.61
N ILE A 48 25.22 48.41 26.84
CA ILE A 48 24.33 48.15 27.96
C ILE A 48 23.47 49.37 28.25
N TYR A 49 22.18 49.12 28.49
CA TYR A 49 21.22 50.15 28.82
C TYR A 49 20.53 49.77 30.13
N ALA A 50 20.13 50.78 30.88
CA ALA A 50 19.53 50.61 32.22
C ALA A 50 20.52 49.77 33.04
N ALA A 51 20.05 48.80 33.82
CA ALA A 51 20.91 47.90 34.55
C ALA A 51 20.57 46.48 34.13
N SER A 52 21.59 45.74 33.66
CA SER A 52 21.44 44.36 33.23
C SER A 52 20.43 44.23 32.09
N SER A 53 20.75 44.85 30.97
CA SER A 53 19.95 44.71 29.76
C SER A 53 20.80 45.15 28.57
N LEU A 54 20.67 44.43 27.45
CA LEU A 54 21.46 44.68 26.27
C LEU A 54 20.71 45.64 25.34
N GLN A 55 21.28 45.88 24.17
CA GLN A 55 20.66 46.80 23.23
C GLN A 55 21.23 46.60 21.83
N SER A 56 20.34 46.29 20.88
CA SER A 56 20.62 46.37 19.45
C SER A 56 21.80 45.49 19.03
N GLY A 57 21.63 44.18 19.20
CA GLY A 57 22.55 43.21 18.63
C GLY A 57 23.99 43.34 19.07
N VAL A 58 24.20 43.65 20.34
CA VAL A 58 25.57 43.65 20.89
C VAL A 58 26.08 42.22 20.90
N PRO A 59 27.40 41.98 20.73
CA PRO A 59 27.90 40.60 20.72
C PRO A 59 27.68 39.83 22.02
N SER A 60 26.94 40.41 22.95
CA SER A 60 26.53 39.75 24.19
C SER A 60 27.73 39.52 25.09
N ARG A 61 27.61 38.58 26.02
CA ARG A 61 28.58 38.21 27.07
C ARG A 61 28.96 39.41 27.93
N PHE A 62 28.27 40.55 27.78
CA PHE A 62 28.51 41.73 28.60
C PHE A 62 27.31 41.92 29.51
N SER A 63 27.48 41.63 30.79
CA SER A 63 26.39 41.74 31.75
C SER A 63 26.82 42.57 32.93
N GLY A 64 25.88 43.34 33.47
CA GLY A 64 26.14 44.12 34.66
C GLY A 64 25.12 43.83 35.74
N SER A 65 25.58 43.27 36.86
CA SER A 65 24.68 42.95 37.96
C SER A 65 24.10 44.23 38.54
N GLY A 66 22.80 44.21 38.82
CA GLY A 66 22.16 45.38 39.39
C GLY A 66 22.47 45.54 40.86
N SER A 67 22.18 46.73 41.37
CA SER A 67 22.37 47.04 42.78
C SER A 67 21.54 48.27 43.10
N GLY A 68 21.75 48.83 44.29
CA GLY A 68 20.99 49.98 44.73
C GLY A 68 21.74 51.29 44.62
N THR A 69 23.01 51.30 45.02
CA THR A 69 23.81 52.52 44.96
C THR A 69 25.03 52.39 44.07
N ASP A 70 25.82 51.33 44.22
CA ASP A 70 27.04 51.14 43.44
C ASP A 70 26.90 49.88 42.59
N PHE A 71 27.25 49.99 41.32
CA PHE A 71 26.93 48.95 40.34
C PHE A 71 28.21 48.30 39.83
N THR A 72 28.10 47.38 38.87
CA THR A 72 29.26 46.65 38.39
C THR A 72 29.03 46.21 36.95
N LEU A 73 30.14 45.88 36.28
CA LEU A 73 30.14 45.37 34.91
C LEU A 73 31.17 44.26 34.79
N THR A 74 30.83 43.20 34.08
CA THR A 74 31.73 42.08 33.89
C THR A 74 31.68 41.59 32.45
N ILE A 75 32.80 40.97 32.02
CA ILE A 75 32.87 40.26 30.76
C ILE A 75 33.48 38.89 31.02
N SER A 76 33.24 37.96 30.10
CA SER A 76 33.69 36.58 30.29
C SER A 76 34.81 36.16 29.34
N SER A 77 35.12 36.96 28.32
CA SER A 77 36.24 36.68 27.44
C SER A 77 36.64 37.98 26.75
N LEU A 78 37.83 37.96 26.15
CA LEU A 78 38.39 39.15 25.52
C LEU A 78 38.77 38.82 24.08
N GLN A 79 38.82 39.86 23.25
CA GLN A 79 39.06 39.75 21.82
C GLN A 79 40.14 40.73 21.41
N PRO A 80 40.75 40.52 20.23
CA PRO A 80 41.80 41.46 19.78
C PRO A 80 41.25 42.77 19.26
N GLU A 81 39.97 43.04 19.53
CA GLU A 81 39.34 44.30 19.15
C GLU A 81 38.74 45.04 20.34
N ASP A 82 38.44 44.35 21.44
CA ASP A 82 37.87 44.99 22.63
C ASP A 82 38.96 45.78 23.35
N PHE A 83 39.20 46.98 22.83
CA PHE A 83 40.26 47.86 23.31
C PHE A 83 39.76 49.29 23.19
N ALA A 84 39.32 49.87 24.30
CA ALA A 84 38.76 51.22 24.28
C ALA A 84 38.65 51.73 25.70
N THR A 85 37.99 52.87 25.83
CA THR A 85 37.73 53.51 27.12
C THR A 85 36.26 53.32 27.46
N TYR A 86 35.95 53.10 28.73
CA TYR A 86 34.59 52.82 29.17
C TYR A 86 34.11 53.90 30.14
N TYR A 87 32.81 54.18 30.08
CA TYR A 87 32.20 55.24 30.88
C TYR A 87 30.92 54.76 31.52
N CYS A 88 30.55 55.39 32.63
CA CYS A 88 29.26 55.16 33.28
C CYS A 88 28.53 56.49 33.42
N GLN A 89 27.23 56.47 33.17
CA GLN A 89 26.40 57.67 33.18
C GLN A 89 25.06 57.34 33.81
N GLN A 90 24.59 58.22 34.70
CA GLN A 90 23.32 58.04 35.39
C GLN A 90 22.19 58.69 34.60
N ALA A 91 20.97 58.25 34.90
CA ALA A 91 19.79 58.72 34.17
C ALA A 91 18.63 58.97 35.14
N ASN A 92 18.90 59.64 36.25
CA ASN A 92 17.88 59.90 37.25
C ASN A 92 17.53 61.39 37.37
N SER A 93 18.51 62.24 37.63
CA SER A 93 18.28 63.67 37.72
C SER A 93 18.53 64.33 36.37
N PHE A 94 18.19 65.62 36.29
CA PHE A 94 18.34 66.31 35.02
C PHE A 94 19.78 66.75 34.72
N PRO A 95 20.51 67.40 35.64
CA PRO A 95 21.88 67.81 35.29
C PRO A 95 22.77 66.60 35.14
N LEU A 96 22.58 65.87 34.05
CA LEU A 96 23.25 64.59 33.88
C LEU A 96 24.75 64.77 33.67
N THR A 97 25.52 63.95 34.37
CA THR A 97 26.98 64.02 34.31
C THR A 97 27.55 62.64 34.13
N PHE A 98 28.66 62.56 33.40
CA PHE A 98 29.35 61.31 33.15
C PHE A 98 30.35 61.03 34.25
N GLY A 99 30.95 59.84 34.19
CA GLY A 99 31.99 59.45 35.11
C GLY A 99 33.37 59.86 34.64
N GLY A 100 34.38 59.24 35.24
CA GLY A 100 35.75 59.52 34.87
C GLY A 100 36.20 58.79 33.62
N GLY A 101 36.13 57.47 33.66
CA GLY A 101 36.53 56.66 32.52
C GLY A 101 37.68 55.73 32.86
N THR A 102 37.53 54.47 32.46
CA THR A 102 38.54 53.46 32.69
C THR A 102 39.11 52.99 31.37
N LYS A 103 40.39 52.64 31.39
CA LYS A 103 41.13 52.24 30.21
C LYS A 103 41.43 50.74 30.27
N VAL A 104 41.21 50.06 29.15
CA VAL A 104 41.47 48.63 29.04
C VAL A 104 42.29 48.38 27.79
N GLU A 105 43.39 47.65 27.93
CA GLU A 105 44.28 47.35 26.81
C GLU A 105 44.97 46.02 27.06
N ILE A 106 45.08 45.23 26.00
CA ILE A 106 45.62 43.87 26.09
C ILE A 106 47.13 43.91 26.09
N LYS A 107 47.75 42.79 26.46
CA LYS A 107 49.20 42.69 26.52
C LYS A 107 49.68 41.29 26.15
N GLN B 1 21.12 56.66 11.40
CA GLN B 1 20.64 56.10 10.16
C GLN B 1 21.37 56.74 8.98
N VAL B 2 22.70 56.71 9.03
CA VAL B 2 23.56 57.39 8.06
C VAL B 2 23.14 58.86 8.02
N GLN B 3 23.47 59.58 9.08
CA GLN B 3 22.91 60.90 9.31
C GLN B 3 23.80 61.64 10.31
N LEU B 4 23.37 62.84 10.71
CA LEU B 4 24.18 63.73 11.55
C LEU B 4 25.52 64.06 10.90
N GLN B 5 25.46 64.77 9.78
CA GLN B 5 26.67 65.33 9.19
C GLN B 5 26.91 66.74 9.71
N GLU B 6 28.15 67.01 10.08
CA GLU B 6 28.51 68.21 10.80
C GLU B 6 29.60 68.98 10.05
N SER B 7 29.53 70.30 10.10
CA SER B 7 30.50 71.17 9.41
C SER B 7 30.70 72.43 10.23
N GLY B 8 31.89 73.03 10.13
CA GLY B 8 32.21 74.25 10.84
C GLY B 8 33.58 74.80 10.50
N PRO B 9 33.89 75.99 11.01
CA PRO B 9 35.17 76.62 10.70
C PRO B 9 36.32 75.97 11.48
N GLY B 10 37.54 76.34 11.08
CA GLY B 10 38.73 75.77 11.68
C GLY B 10 39.34 76.54 12.83
N LEU B 11 39.65 77.82 12.63
CA LEU B 11 40.39 78.61 13.60
C LEU B 11 39.65 79.90 13.92
N VAL B 12 39.39 80.13 15.20
CA VAL B 12 38.70 81.33 15.67
C VAL B 12 39.48 81.95 16.81
N LYS B 13 39.75 83.25 16.69
CA LYS B 13 40.50 83.97 17.72
C LYS B 13 39.61 84.19 18.94
N PRO B 14 40.20 84.47 20.12
CA PRO B 14 39.38 84.67 21.31
C PRO B 14 38.45 85.85 21.14
N SER B 15 37.21 85.67 21.61
CA SER B 15 36.16 86.68 21.50
C SER B 15 35.91 87.05 20.05
N GLU B 16 35.46 86.06 19.28
CA GLU B 16 35.01 86.29 17.92
C GLU B 16 34.06 85.16 17.53
N THR B 17 33.42 85.33 16.37
CA THR B 17 32.26 84.52 15.98
C THR B 17 32.60 83.04 15.97
N LEU B 18 31.71 82.25 16.59
CA LEU B 18 31.80 80.80 16.59
C LEU B 18 30.45 80.25 16.15
N SER B 19 30.46 79.39 15.13
CA SER B 19 29.24 78.91 14.50
C SER B 19 29.35 77.44 14.15
N LEU B 20 28.37 76.67 14.58
CA LEU B 20 28.30 75.24 14.29
C LEU B 20 26.89 74.93 13.78
N THR B 21 26.78 73.94 12.90
CA THR B 21 25.47 73.58 12.38
C THR B 21 25.47 72.10 11.99
N CYS B 22 24.36 71.42 12.25
CA CYS B 22 24.25 69.97 12.11
C CYS B 22 23.09 69.65 11.17
N THR B 23 23.35 68.82 10.15
CA THR B 23 22.35 68.48 9.15
C THR B 23 22.01 67.01 9.24
N VAL B 24 20.71 66.71 9.26
CA VAL B 24 20.20 65.34 9.42
C VAL B 24 19.45 64.95 8.16
N SER B 25 19.66 63.72 7.72
CA SER B 25 18.98 63.16 6.57
C SER B 25 18.55 61.73 6.86
N GLY B 26 17.38 61.36 6.37
CA GLY B 26 16.86 60.04 6.64
C GLY B 26 15.87 59.99 7.77
N GLY B 27 14.85 60.84 7.73
CA GLY B 27 13.81 60.81 8.74
C GLY B 27 13.20 62.14 9.13
N SER B 28 13.77 63.24 8.64
CA SER B 28 13.24 64.59 8.87
C SER B 28 13.25 64.96 10.35
N ILE B 29 12.89 66.21 10.66
CA ILE B 29 12.98 66.66 12.04
C ILE B 29 11.60 67.06 12.58
N SER B 30 10.81 67.77 11.78
CA SER B 30 9.52 68.24 12.25
C SER B 30 8.58 67.07 12.55
N SER B 31 8.59 66.04 11.70
CA SER B 31 7.68 64.92 11.89
C SER B 31 7.95 64.20 13.20
N SER B 32 9.21 64.03 13.56
CA SER B 32 9.56 63.31 14.77
C SER B 32 9.15 64.10 16.01
N SER B 33 9.13 63.41 17.14
CA SER B 33 8.79 63.99 18.44
C SER B 33 9.88 63.69 19.45
N TYR B 34 11.12 63.91 19.05
CA TYR B 34 12.29 63.55 19.85
C TYR B 34 13.07 64.80 20.24
N TYR B 35 14.19 64.59 20.92
CA TYR B 35 15.03 65.66 21.42
C TYR B 35 16.42 65.58 20.82
N TRP B 36 17.14 66.70 20.86
CA TRP B 36 18.43 66.83 20.20
C TRP B 36 19.38 67.61 21.10
N GLY B 37 20.68 67.43 20.89
CA GLY B 37 21.64 68.12 21.73
C GLY B 37 23.06 67.97 21.21
N TRP B 38 24.00 68.52 21.98
CA TRP B 38 25.41 68.46 21.65
C TRP B 38 26.20 67.90 22.82
N ILE B 39 27.41 67.43 22.53
CA ILE B 39 28.35 66.92 23.53
C ILE B 39 29.76 67.31 23.13
N ARG B 40 30.56 67.76 24.10
CA ARG B 40 31.87 68.32 23.87
C ARG B 40 32.92 67.51 24.61
N GLN B 41 34.10 67.35 24.01
CA GLN B 41 35.19 66.61 24.63
C GLN B 41 36.54 67.21 24.28
N PRO B 42 37.25 67.79 25.23
CA PRO B 42 38.61 68.28 24.96
C PRO B 42 39.57 67.11 24.78
N PRO B 43 40.75 67.34 24.20
CA PRO B 43 41.70 66.24 24.03
C PRO B 43 42.08 65.64 25.38
N GLY B 44 42.22 64.32 25.41
CA GLY B 44 42.27 63.63 26.69
C GLY B 44 40.94 63.80 27.40
N LYS B 45 40.99 63.92 28.72
CA LYS B 45 39.84 64.30 29.55
C LYS B 45 38.68 63.33 29.32
N GLY B 46 37.48 63.73 29.71
CA GLY B 46 36.32 62.88 29.58
C GLY B 46 35.34 63.46 28.59
N LEU B 47 34.14 63.77 29.09
CA LEU B 47 33.09 64.34 28.26
C LEU B 47 31.97 64.91 29.13
N GLU B 48 31.39 66.01 28.67
CA GLU B 48 30.42 66.74 29.48
C GLU B 48 29.30 67.25 28.59
N TRP B 49 28.06 67.07 29.07
CA TRP B 49 26.85 67.46 28.36
C TRP B 49 26.74 68.97 28.31
N ILE B 50 26.26 69.51 27.19
CA ILE B 50 26.29 70.95 26.96
C ILE B 50 24.89 71.52 26.77
N GLY B 51 23.92 70.72 26.34
CA GLY B 51 22.58 71.24 26.14
C GLY B 51 21.66 70.23 25.50
N SER B 52 20.41 70.62 25.36
CA SER B 52 19.38 69.79 24.75
C SER B 52 18.26 70.68 24.23
N ILE B 53 17.75 70.35 23.04
CA ILE B 53 16.81 71.20 22.33
C ILE B 53 15.69 70.35 21.74
N TYR B 54 14.47 70.86 21.84
CA TYR B 54 13.28 70.27 21.24
C TYR B 54 12.80 71.19 20.14
N TYR B 55 12.21 70.63 19.09
CA TYR B 55 11.69 71.48 18.03
C TYR B 55 10.59 72.36 18.60
N SER B 56 10.50 73.58 18.09
CA SER B 56 9.60 74.61 18.64
C SER B 56 9.99 74.92 20.10
N GLY B 57 11.25 75.31 20.27
CA GLY B 57 11.72 75.85 21.53
C GLY B 57 11.84 74.82 22.64
N SER B 58 11.72 75.32 23.86
CA SER B 58 11.87 74.52 25.09
C SER B 58 13.28 73.92 25.16
N THR B 59 14.25 74.81 25.25
CA THR B 59 15.65 74.43 25.35
C THR B 59 15.98 74.01 26.78
N TYR B 60 17.22 73.57 26.98
CA TYR B 60 17.75 73.21 28.29
C TYR B 60 19.25 73.43 28.28
N TYR B 61 19.79 73.96 29.38
CA TYR B 61 21.18 74.35 29.45
C TYR B 61 21.82 73.85 30.73
N ASN B 62 23.09 73.48 30.63
CA ASN B 62 23.88 73.08 31.79
C ASN B 62 24.07 74.27 32.72
N PRO B 63 24.09 74.06 34.04
CA PRO B 63 24.25 75.21 34.95
C PRO B 63 25.52 76.01 34.70
N SER B 64 26.63 75.35 34.40
CA SER B 64 27.86 76.09 34.14
C SER B 64 27.82 76.71 32.75
N LEU B 65 28.54 77.82 32.60
CA LEU B 65 28.74 78.49 31.30
C LEU B 65 27.44 78.68 30.53
N LYS B 66 26.33 78.73 31.27
CA LYS B 66 25.02 78.83 30.65
C LYS B 66 24.80 80.17 29.96
N SER B 67 25.40 81.24 30.47
CA SER B 67 25.06 82.60 30.08
C SER B 67 25.11 82.84 28.57
N ARG B 68 26.21 82.52 27.91
CA ARG B 68 26.38 82.80 26.48
C ARG B 68 26.15 81.58 25.61
N VAL B 69 25.28 80.67 26.01
CA VAL B 69 24.96 79.47 25.23
C VAL B 69 23.53 79.60 24.73
N THR B 70 23.34 79.49 23.42
CA THR B 70 22.03 79.59 22.80
C THR B 70 21.90 78.54 21.71
N ILE B 71 20.74 77.89 21.66
CA ILE B 71 20.44 76.87 20.67
C ILE B 71 19.27 77.36 19.83
N SER B 72 19.43 77.32 18.51
CA SER B 72 18.38 77.77 17.59
C SER B 72 18.15 76.72 16.52
N VAL B 73 16.87 76.48 16.22
CA VAL B 73 16.47 75.49 15.23
C VAL B 73 15.56 76.14 14.20
N ASP B 74 15.85 75.89 12.92
CA ASP B 74 15.05 76.39 11.81
C ASP B 74 14.47 75.19 11.07
N THR B 75 13.14 75.18 10.92
CA THR B 75 12.48 74.01 10.36
C THR B 75 12.52 73.99 8.84
N SER B 76 12.89 75.10 8.21
CA SER B 76 12.94 75.15 6.75
C SER B 76 13.82 74.03 6.21
N LYS B 77 15.02 73.89 6.76
CA LYS B 77 15.87 72.75 6.50
C LYS B 77 15.98 71.91 7.77
N ASN B 78 16.75 70.83 7.70
CA ASN B 78 16.88 69.91 8.83
C ASN B 78 18.15 70.25 9.59
N GLN B 79 18.13 71.41 10.27
CA GLN B 79 19.34 71.90 10.91
C GLN B 79 19.01 72.63 12.20
N PHE B 80 20.03 72.73 13.06
CA PHE B 80 20.00 73.57 14.25
C PHE B 80 21.43 73.97 14.56
N SER B 81 21.59 74.98 15.41
CA SER B 81 22.89 75.60 15.59
C SER B 81 23.04 76.07 17.04
N LEU B 82 24.28 76.36 17.43
CA LEU B 82 24.57 76.96 18.72
C LEU B 82 25.58 78.09 18.55
N LYS B 83 25.44 79.11 19.40
CA LYS B 83 26.21 80.34 19.28
C LYS B 83 27.02 80.58 20.56
N LEU B 84 28.32 80.83 20.38
CA LEU B 84 29.18 81.35 21.45
C LEU B 84 30.07 82.42 20.86
N SER B 85 29.61 83.67 20.89
CA SER B 85 30.38 84.76 20.29
C SER B 85 31.63 85.07 21.10
N SER B 86 31.50 85.19 22.42
CA SER B 86 32.64 85.34 23.31
C SER B 86 33.01 83.96 23.84
N VAL B 87 34.26 83.57 23.63
CA VAL B 87 34.69 82.21 23.92
C VAL B 87 35.41 82.19 25.25
N THR B 88 35.21 81.09 25.98
CA THR B 88 36.05 80.74 27.10
C THR B 88 37.43 80.40 26.55
N ALA B 89 38.47 80.81 27.26
CA ALA B 89 39.84 80.61 26.79
C ALA B 89 40.19 79.15 26.56
N ALA B 90 39.47 78.22 27.19
CA ALA B 90 39.77 76.80 27.10
C ALA B 90 38.62 75.99 26.50
N ASP B 91 38.04 76.46 25.40
CA ASP B 91 36.95 75.74 24.75
C ASP B 91 37.43 74.83 23.63
N THR B 92 38.74 74.67 23.45
CA THR B 92 39.29 73.85 22.39
C THR B 92 38.90 72.40 22.61
N ALA B 93 38.15 71.81 21.69
CA ALA B 93 37.64 70.46 21.86
C ALA B 93 37.10 69.96 20.53
N VAL B 94 36.42 68.82 20.59
CA VAL B 94 35.73 68.23 19.45
C VAL B 94 34.25 68.15 19.80
N TYR B 95 33.41 68.71 18.93
CA TYR B 95 31.99 68.91 19.24
C TYR B 95 31.14 67.95 18.43
N TYR B 96 30.22 67.26 19.11
CA TYR B 96 29.41 66.21 18.48
C TYR B 96 27.95 66.63 18.42
N CYS B 97 27.17 65.85 17.66
CA CYS B 97 25.71 65.93 17.66
C CYS B 97 25.16 64.69 18.33
N ALA B 98 23.84 64.66 18.56
CA ALA B 98 23.23 63.53 19.25
C ALA B 98 21.73 63.50 18.99
N ARG B 99 21.12 62.38 19.35
CA ARG B 99 19.67 62.21 19.31
C ARG B 99 19.25 61.40 20.52
N CYS B 100 18.08 61.71 21.09
CA CYS B 100 17.63 61.04 22.30
C CYS B 100 16.77 59.82 21.96
N ARG B 101 16.95 58.75 22.73
CA ARG B 101 16.25 57.51 22.46
C ARG B 101 14.74 57.71 22.56
N PRO B 102 13.93 56.96 21.83
CA PRO B 102 12.48 57.11 21.92
C PRO B 102 11.90 56.28 23.05
N GLU B 103 10.80 56.77 23.60
CA GLU B 103 10.14 56.06 24.68
C GLU B 103 9.60 54.73 24.15
N TYR B 104 9.78 53.67 24.93
CA TYR B 104 9.44 52.33 24.45
C TYR B 104 7.99 52.22 24.03
N TYR B 105 7.08 52.65 24.90
CA TYR B 105 5.67 52.63 24.57
C TYR B 105 5.34 53.87 23.77
N PHE B 106 4.07 54.03 23.41
CA PHE B 106 3.53 55.26 22.86
C PHE B 106 4.46 55.97 21.88
N GLY B 107 4.56 57.29 21.96
CA GLY B 107 5.39 58.05 21.05
C GLY B 107 6.12 59.23 21.65
N SER B 108 6.37 59.19 22.96
CA SER B 108 7.08 60.26 23.64
C SER B 108 8.59 60.08 23.46
N GLY B 109 9.38 61.01 23.98
CA GLY B 109 10.82 60.95 23.82
C GLY B 109 11.59 60.69 25.10
N SER B 110 12.79 61.25 25.17
CA SER B 110 13.64 61.26 26.36
C SER B 110 14.23 59.90 26.73
N TYR B 111 14.00 59.47 27.96
CA TYR B 111 14.79 58.46 28.69
C TYR B 111 16.18 58.91 29.05
N LEU B 112 16.59 60.13 28.68
CA LEU B 112 17.88 60.69 29.08
C LEU B 112 19.04 59.80 28.65
N ASP B 113 18.94 59.23 27.45
CA ASP B 113 20.02 58.42 26.90
C ASP B 113 20.03 58.62 25.39
N PHE B 114 21.24 58.60 24.82
CA PHE B 114 21.44 58.99 23.43
C PHE B 114 21.89 57.80 22.59
N ASP B 115 21.52 57.85 21.31
CA ASP B 115 21.99 56.89 20.33
C ASP B 115 22.03 57.58 18.98
N TYR B 116 22.68 56.93 18.02
CA TYR B 116 22.84 57.45 16.67
C TYR B 116 23.58 58.80 16.70
N TRP B 117 24.84 58.72 17.13
CA TRP B 117 25.69 59.89 17.21
C TRP B 117 26.30 60.18 15.84
N GLY B 118 27.11 61.24 15.78
CA GLY B 118 27.79 61.59 14.55
C GLY B 118 29.17 62.14 14.85
N GLN B 119 30.05 62.06 13.84
CA GLN B 119 31.40 62.55 14.00
C GLN B 119 31.42 64.07 14.11
N GLY B 120 32.29 64.57 14.98
CA GLY B 120 32.53 65.99 15.09
C GLY B 120 33.94 66.30 14.64
N THR B 121 34.12 67.50 14.07
CA THR B 121 35.38 67.76 13.39
C THR B 121 36.47 68.23 14.34
N LEU B 122 36.41 69.49 14.79
CA LEU B 122 37.37 70.08 15.72
C LEU B 122 37.05 71.56 15.89
N VAL B 123 37.54 72.18 16.97
CA VAL B 123 37.58 73.62 17.12
C VAL B 123 38.87 73.99 17.81
N THR B 124 39.57 75.00 17.30
CA THR B 124 40.78 75.51 17.94
C THR B 124 40.54 76.98 18.29
N VAL B 125 41.47 77.55 19.05
CA VAL B 125 41.34 78.92 19.53
C VAL B 125 42.65 79.66 19.29
N SER B 126 42.53 80.91 18.84
CA SER B 126 43.66 81.81 18.64
C SER B 126 44.67 81.28 17.63
N GLN C 1 -10.34 61.03 46.00
CA GLN C 1 -11.71 61.17 45.53
C GLN C 1 -11.76 62.07 44.29
N CYS C 2 -12.72 61.80 43.41
CA CYS C 2 -12.91 62.53 42.18
C CYS C 2 -14.14 63.42 42.29
N VAL C 3 -14.48 64.06 41.17
CA VAL C 3 -15.60 64.99 41.10
C VAL C 3 -16.53 64.54 39.98
N ASN C 4 -17.78 64.99 40.06
CA ASN C 4 -18.81 64.66 39.09
C ASN C 4 -19.12 65.88 38.24
N LEU C 5 -18.96 65.74 36.92
CA LEU C 5 -19.10 66.85 35.99
C LEU C 5 -20.36 66.68 35.16
N THR C 6 -21.13 67.76 35.01
CA THR C 6 -22.35 67.79 34.21
C THR C 6 -22.38 69.08 33.40
N THR C 7 -21.76 69.05 32.21
CA THR C 7 -21.83 70.18 31.28
C THR C 7 -21.96 69.73 29.83
N ARG C 8 -22.05 68.43 29.59
CA ARG C 8 -21.99 67.88 28.25
C ARG C 8 -23.34 68.01 27.56
N THR C 9 -23.46 67.40 26.37
CA THR C 9 -24.67 67.43 25.58
C THR C 9 -25.08 66.01 25.23
N GLN C 10 -26.05 65.89 24.33
CA GLN C 10 -26.50 64.59 23.84
C GLN C 10 -26.24 64.48 22.34
N LEU C 11 -25.80 63.32 21.89
CA LEU C 11 -25.39 63.12 20.50
C LEU C 11 -25.45 61.64 20.15
N PRO C 12 -25.94 61.29 18.95
CA PRO C 12 -26.08 59.87 18.61
C PRO C 12 -24.72 59.21 18.50
N PRO C 13 -24.62 57.94 18.91
CA PRO C 13 -23.31 57.27 18.87
C PRO C 13 -22.80 57.03 17.47
N ALA C 14 -23.63 56.49 16.58
CA ALA C 14 -23.29 56.22 15.18
C ALA C 14 -22.19 55.17 15.04
N TYR C 15 -22.00 54.67 13.83
CA TYR C 15 -21.00 53.63 13.54
C TYR C 15 -20.11 54.07 12.39
N THR C 16 -19.13 53.22 12.08
CA THR C 16 -18.29 53.38 10.90
C THR C 16 -17.69 52.02 10.56
N ASN C 17 -17.22 51.89 9.32
CA ASN C 17 -16.71 50.62 8.83
C ASN C 17 -15.19 50.65 8.72
N SER C 18 -14.58 49.52 9.09
CA SER C 18 -13.13 49.40 9.17
C SER C 18 -12.59 48.69 7.93
N PHE C 19 -11.55 49.28 7.34
CA PHE C 19 -10.93 48.73 6.15
C PHE C 19 -9.98 47.61 6.55
N THR C 20 -9.08 47.23 5.64
CA THR C 20 -8.20 46.09 5.84
C THR C 20 -7.13 46.44 6.86
N ARG C 21 -7.52 46.42 8.13
CA ARG C 21 -6.59 46.59 9.24
C ARG C 21 -6.86 45.52 10.28
N GLY C 22 -5.80 45.11 10.98
CA GLY C 22 -5.95 44.14 12.05
C GLY C 22 -5.23 42.83 11.84
N VAL C 23 -4.09 42.88 11.15
CA VAL C 23 -3.28 41.69 10.92
C VAL C 23 -2.08 41.71 11.86
N TYR C 24 -1.71 40.53 12.36
CA TYR C 24 -0.60 40.40 13.29
C TYR C 24 0.03 39.04 13.13
N TYR C 25 1.29 38.94 13.54
CA TYR C 25 2.01 37.67 13.50
C TYR C 25 1.42 36.72 14.53
N PRO C 26 1.04 35.50 14.15
CA PRO C 26 0.39 34.59 15.10
C PRO C 26 1.32 33.60 15.80
N ASP C 27 2.60 33.59 15.49
CA ASP C 27 3.52 32.63 16.10
C ASP C 27 4.94 33.20 16.02
N LYS C 28 5.92 32.34 16.33
CA LYS C 28 7.31 32.75 16.37
C LYS C 28 8.18 32.10 15.31
N VAL C 29 7.58 31.59 14.23
CA VAL C 29 8.37 30.96 13.18
C VAL C 29 8.74 31.98 12.11
N PHE C 30 9.73 31.65 11.30
CA PHE C 30 10.23 32.52 10.24
C PHE C 30 9.95 31.89 8.88
N ARG C 31 9.49 32.70 7.94
CA ARG C 31 9.16 32.26 6.59
C ARG C 31 9.60 33.32 5.58
N SER C 32 9.65 32.93 4.32
CA SER C 32 10.06 33.84 3.25
C SER C 32 9.51 33.37 1.92
N SER C 33 8.81 34.26 1.22
CA SER C 33 8.31 34.01 -0.13
C SER C 33 7.40 32.79 -0.20
N VAL C 34 6.57 32.62 0.83
CA VAL C 34 5.69 31.46 0.94
C VAL C 34 4.31 31.93 1.34
N LEU C 35 3.29 31.37 0.70
CA LEU C 35 1.90 31.59 1.09
C LEU C 35 1.50 30.50 2.08
N HIS C 36 1.03 30.90 3.25
CA HIS C 36 0.67 29.97 4.30
C HIS C 36 -0.71 30.30 4.86
N SER C 37 -1.43 29.27 5.30
CA SER C 37 -2.78 29.41 5.83
C SER C 37 -2.75 29.17 7.33
N THR C 38 -3.38 30.07 8.08
CA THR C 38 -3.40 29.99 9.53
C THR C 38 -4.82 30.10 10.03
N GLN C 39 -5.07 29.47 11.18
CA GLN C 39 -6.37 29.50 11.84
C GLN C 39 -6.20 30.08 13.23
N ASP C 40 -6.80 31.24 13.47
CA ASP C 40 -6.66 31.92 14.75
C ASP C 40 -7.73 33.00 14.84
N LEU C 41 -7.61 33.85 15.86
CA LEU C 41 -8.57 34.93 16.10
C LEU C 41 -8.16 36.14 15.28
N PHE C 42 -9.12 36.77 14.61
CA PHE C 42 -8.86 37.91 13.75
C PHE C 42 -10.07 38.85 13.73
N LEU C 43 -9.90 39.96 13.01
CA LEU C 43 -10.98 40.93 12.84
C LEU C 43 -11.41 40.95 11.38
N PRO C 44 -12.67 40.61 11.08
CA PRO C 44 -13.09 40.55 9.67
C PRO C 44 -12.99 41.89 8.98
N PHE C 45 -12.69 41.85 7.69
CA PHE C 45 -12.60 43.07 6.90
C PHE C 45 -13.98 43.63 6.62
N PHE C 46 -14.07 44.95 6.47
CA PHE C 46 -15.31 45.65 6.16
C PHE C 46 -16.39 45.34 7.20
N SER C 47 -16.13 45.75 8.43
CA SER C 47 -17.04 45.51 9.53
C SER C 47 -17.27 46.80 10.30
N ASN C 48 -18.47 46.90 10.89
CA ASN C 48 -18.81 48.08 11.67
C ASN C 48 -18.00 48.15 12.96
N VAL C 49 -17.59 49.38 13.32
CA VAL C 49 -16.92 49.67 14.57
C VAL C 49 -17.47 50.99 15.11
N THR C 50 -17.66 51.03 16.43
CA THR C 50 -18.24 52.19 17.08
C THR C 50 -17.28 53.36 17.02
N TRP C 51 -17.84 54.57 16.91
CA TRP C 51 -17.05 55.78 16.68
C TRP C 51 -17.40 56.82 17.74
N PHE C 52 -16.37 57.31 18.44
CA PHE C 52 -16.55 58.14 19.62
C PHE C 52 -15.85 59.48 19.43
N HIS C 53 -16.25 60.46 20.23
CA HIS C 53 -15.73 61.81 20.15
C HIS C 53 -15.31 62.31 21.53
N ALA C 54 -14.40 63.27 21.54
CA ALA C 54 -14.14 64.11 22.72
C ALA C 54 -13.68 65.47 22.20
N ILE C 55 -14.61 66.39 21.99
CA ILE C 55 -14.31 67.69 21.40
C ILE C 55 -15.18 68.75 22.08
N HIS C 56 -14.56 69.88 22.43
CA HIS C 56 -15.26 71.06 22.91
C HIS C 56 -14.75 72.28 22.17
N VAL C 57 -15.68 73.11 21.69
CA VAL C 57 -15.32 74.32 20.95
C VAL C 57 -16.56 75.20 20.89
N SER C 58 -16.33 76.52 20.78
CA SER C 58 -17.38 77.50 20.52
C SER C 58 -18.35 77.66 21.68
N GLY C 59 -19.13 78.74 21.66
CA GLY C 59 -20.10 79.00 22.71
C GLY C 59 -21.46 79.40 22.19
N THR C 60 -21.58 79.54 20.86
CA THR C 60 -22.85 79.89 20.24
C THR C 60 -23.51 78.65 19.63
N ASN C 61 -22.76 77.90 18.82
CA ASN C 61 -23.26 76.68 18.21
C ASN C 61 -22.34 75.48 18.48
N GLY C 62 -21.50 75.58 19.51
CA GLY C 62 -20.57 74.51 19.81
C GLY C 62 -21.22 73.37 20.54
N THR C 63 -20.44 72.31 20.73
CA THR C 63 -20.94 71.09 21.37
C THR C 63 -19.87 70.60 22.33
N LYS C 64 -20.29 70.09 23.49
CA LYS C 64 -19.38 69.50 24.47
C LYS C 64 -19.61 67.99 24.50
N ARG C 65 -18.89 67.27 23.65
CA ARG C 65 -18.96 65.81 23.60
C ARG C 65 -17.81 65.22 24.42
N PHE C 66 -18.13 64.23 25.24
CA PHE C 66 -17.15 63.65 26.15
C PHE C 66 -17.53 62.19 26.36
N ASP C 67 -16.83 61.29 25.65
CA ASP C 67 -17.20 59.88 25.61
C ASP C 67 -16.19 59.04 26.38
N ASN C 68 -16.67 58.38 27.43
CA ASN C 68 -15.90 57.34 28.11
C ASN C 68 -16.80 56.41 28.92
N PRO C 69 -17.75 55.71 28.28
CA PRO C 69 -18.63 54.82 29.03
C PRO C 69 -18.04 53.42 29.18
N VAL C 70 -18.80 52.51 29.77
CA VAL C 70 -18.38 51.12 29.92
C VAL C 70 -18.76 50.34 28.68
N LEU C 71 -17.87 49.44 28.25
CA LEU C 71 -18.06 48.62 27.06
C LEU C 71 -17.63 47.20 27.36
N PRO C 72 -18.22 46.21 26.69
CA PRO C 72 -17.84 44.82 26.94
C PRO C 72 -16.46 44.50 26.36
N PHE C 73 -15.93 43.36 26.79
CA PHE C 73 -14.62 42.90 26.34
C PHE C 73 -14.71 41.76 25.34
N ASN C 74 -15.48 40.73 25.66
CA ASN C 74 -15.72 39.56 24.79
C ASN C 74 -14.38 38.86 24.56
N ASP C 75 -14.17 38.23 23.40
CA ASP C 75 -12.96 37.45 23.18
C ASP C 75 -11.75 38.32 22.89
N GLY C 76 -11.96 39.52 22.36
CA GLY C 76 -10.85 40.39 22.04
C GLY C 76 -11.35 41.79 21.74
N VAL C 77 -10.40 42.72 21.69
CA VAL C 77 -10.68 44.13 21.47
C VAL C 77 -9.66 44.70 20.51
N TYR C 78 -10.14 45.48 19.55
CA TYR C 78 -9.29 46.24 18.63
C TYR C 78 -9.44 47.72 18.96
N PHE C 79 -8.31 48.41 19.14
CA PHE C 79 -8.30 49.80 19.57
C PHE C 79 -7.41 50.61 18.65
N ALA C 80 -7.80 51.86 18.41
CA ALA C 80 -7.03 52.79 17.60
C ALA C 80 -7.43 54.20 17.95
N SER C 81 -6.61 55.17 17.54
CA SER C 81 -6.90 56.56 17.84
C SER C 81 -6.08 57.47 16.93
N THR C 82 -6.53 58.71 16.81
CA THR C 82 -5.80 59.74 16.09
C THR C 82 -5.80 61.01 16.93
N GLU C 83 -4.71 61.78 16.85
CA GLU C 83 -4.58 62.97 17.68
C GLU C 83 -3.39 63.79 17.22
N LYS C 84 -3.21 64.95 17.86
CA LYS C 84 -2.06 65.81 17.65
C LYS C 84 -1.22 65.92 18.92
N SER C 85 -1.88 66.20 20.05
CA SER C 85 -1.22 66.26 21.34
C SER C 85 -1.23 64.88 21.97
N ASN C 86 -0.84 64.79 23.24
CA ASN C 86 -0.79 63.52 23.96
C ASN C 86 -2.03 63.41 24.84
N ILE C 87 -2.99 62.60 24.39
CA ILE C 87 -4.25 62.40 25.10
C ILE C 87 -4.34 60.91 25.36
N ILE C 88 -5.45 60.46 25.97
CA ILE C 88 -5.76 59.06 26.26
C ILE C 88 -4.53 58.31 26.80
N ARG C 89 -4.26 58.51 28.09
CA ARG C 89 -3.05 57.94 28.68
C ARG C 89 -3.10 56.41 28.71
N GLY C 90 -4.23 55.83 29.10
CA GLY C 90 -4.25 54.39 29.27
C GLY C 90 -5.66 53.85 29.47
N TRP C 91 -5.71 52.61 29.94
CA TRP C 91 -6.95 51.87 30.04
C TRP C 91 -7.03 51.20 31.41
N ILE C 92 -8.26 50.88 31.83
CA ILE C 92 -8.49 50.11 33.03
C ILE C 92 -9.26 48.86 32.66
N PHE C 93 -8.79 47.71 33.13
CA PHE C 93 -9.38 46.42 32.79
C PHE C 93 -9.86 45.75 34.06
N GLY C 94 -11.12 45.34 34.10
CA GLY C 94 -11.68 44.71 35.27
C GLY C 94 -12.84 43.81 34.94
N THR C 95 -13.54 43.38 35.99
CA THR C 95 -14.73 42.55 35.83
C THR C 95 -15.98 43.11 36.51
N THR C 96 -15.84 43.73 37.69
CA THR C 96 -16.95 44.40 38.35
C THR C 96 -16.58 45.77 38.89
N LEU C 97 -15.29 46.12 38.93
CA LEU C 97 -14.83 47.46 39.29
C LEU C 97 -15.23 47.82 40.73
N ASP C 98 -14.75 47.03 41.68
CA ASP C 98 -14.89 47.34 43.10
C ASP C 98 -13.73 46.67 43.84
N SER C 99 -13.76 46.77 45.17
CA SER C 99 -12.70 46.20 45.98
C SER C 99 -12.68 44.67 45.95
N LYS C 100 -13.84 44.03 45.86
CA LYS C 100 -13.92 42.59 46.07
C LYS C 100 -13.26 41.78 44.95
N THR C 101 -12.88 42.42 43.84
CA THR C 101 -12.22 41.72 42.76
C THR C 101 -10.95 42.48 42.40
N GLN C 102 -10.10 41.83 41.58
CA GLN C 102 -8.82 42.39 41.18
C GLN C 102 -8.86 42.82 39.72
N SER C 103 -8.42 44.06 39.49
CA SER C 103 -8.48 44.67 38.17
C SER C 103 -7.14 45.34 37.87
N LEU C 104 -6.60 45.05 36.69
CA LEU C 104 -5.30 45.58 36.28
C LEU C 104 -5.47 47.03 35.84
N LEU C 105 -4.35 47.71 35.66
CA LEU C 105 -4.33 49.14 35.40
C LEU C 105 -3.09 49.50 34.60
N ILE C 106 -3.23 50.47 33.70
CA ILE C 106 -2.10 51.06 32.98
C ILE C 106 -2.28 52.57 33.07
N VAL C 107 -1.20 53.28 33.42
CA VAL C 107 -1.27 54.71 33.67
C VAL C 107 -0.05 55.40 33.07
N ASN C 108 -0.27 56.56 32.48
CA ASN C 108 0.80 57.45 32.03
C ASN C 108 0.60 58.79 32.72
N ASN C 109 1.59 59.23 33.50
CA ASN C 109 1.52 60.52 34.19
C ASN C 109 2.66 61.46 33.82
N ALA C 110 3.06 61.47 32.54
CA ALA C 110 4.00 62.43 31.98
C ALA C 110 5.42 62.24 32.50
N THR C 111 5.62 61.32 33.43
CA THR C 111 6.96 61.02 33.94
C THR C 111 7.26 59.53 33.90
N ASN C 112 6.28 58.68 34.18
CA ASN C 112 6.48 57.24 34.22
C ASN C 112 5.21 56.53 33.76
N VAL C 113 5.35 55.27 33.39
CA VAL C 113 4.20 54.43 33.13
C VAL C 113 4.10 53.35 34.20
N VAL C 114 2.93 53.23 34.81
CA VAL C 114 2.72 52.35 35.95
C VAL C 114 1.76 51.24 35.56
N ILE C 115 2.16 50.00 35.80
CA ILE C 115 1.31 48.83 35.60
C ILE C 115 1.19 48.11 36.94
N LYS C 116 -0.04 47.89 37.38
CA LYS C 116 -0.26 47.24 38.67
C LYS C 116 -1.55 46.42 38.61
N VAL C 117 -1.43 45.13 38.32
CA VAL C 117 -2.55 44.22 38.42
C VAL C 117 -2.86 44.03 39.89
N CYS C 118 -4.00 44.53 40.33
CA CYS C 118 -4.21 44.77 41.75
C CYS C 118 -5.71 44.93 42.00
N GLU C 119 -6.04 45.36 43.22
CA GLU C 119 -7.41 45.68 43.61
C GLU C 119 -7.51 47.18 43.83
N PHE C 120 -8.65 47.75 43.46
CA PHE C 120 -8.86 49.19 43.63
C PHE C 120 -10.32 49.51 43.89
N GLN C 121 -10.67 50.79 43.79
CA GLN C 121 -12.05 51.25 43.87
C GLN C 121 -12.10 52.56 43.08
N PHE C 122 -12.71 52.50 41.90
CA PHE C 122 -12.79 53.68 41.03
C PHE C 122 -14.15 54.34 41.16
N CYS C 123 -14.21 55.64 40.88
CA CYS C 123 -15.45 56.40 40.94
C CYS C 123 -16.13 56.37 39.58
N ASN C 124 -17.15 57.22 39.40
CA ASN C 124 -17.93 57.23 38.18
C ASN C 124 -17.07 57.57 36.97
N ASP C 125 -16.35 58.70 37.05
CA ASP C 125 -15.60 59.23 35.91
C ASP C 125 -14.18 59.59 36.35
N PRO C 126 -13.32 58.60 36.54
CA PRO C 126 -11.90 58.89 36.78
C PRO C 126 -11.26 59.49 35.54
N PHE C 127 -10.25 60.33 35.76
CA PHE C 127 -9.58 60.99 34.65
C PHE C 127 -8.28 61.60 35.14
N LEU C 128 -7.67 62.38 34.25
CA LEU C 128 -6.48 63.18 34.52
C LEU C 128 -6.68 64.58 33.95
N GLY C 129 -5.97 65.55 34.52
CA GLY C 129 -6.12 66.93 34.06
C GLY C 129 -4.79 67.61 33.88
N VAL C 130 -4.80 68.71 33.14
CA VAL C 130 -3.63 69.54 32.93
C VAL C 130 -4.02 70.99 33.20
N TYR C 131 -3.02 71.81 33.49
CA TYR C 131 -3.23 73.20 33.87
C TYR C 131 -2.40 74.12 32.97
N TYR C 132 -2.92 75.34 32.78
CA TYR C 132 -2.25 76.36 31.99
C TYR C 132 -1.87 77.52 32.91
N HIS C 133 -0.74 78.15 32.64
CA HIS C 133 -0.23 79.28 33.43
C HIS C 133 -0.06 78.87 34.89
N LYS C 134 0.90 77.96 35.11
CA LYS C 134 1.07 77.30 36.40
C LYS C 134 1.46 78.25 37.53
N ASN C 135 1.87 79.48 37.22
CA ASN C 135 2.29 80.46 38.22
C ASN C 135 3.60 80.03 38.88
N ASN C 136 4.08 78.84 38.50
CA ASN C 136 5.39 78.35 38.89
C ASN C 136 6.33 78.28 37.70
N LYS C 137 5.82 78.59 36.52
CA LYS C 137 6.54 78.64 35.25
C LYS C 137 6.95 77.26 34.76
N SER C 138 7.34 77.19 33.49
CA SER C 138 7.60 75.98 32.70
C SER C 138 6.29 75.28 32.30
N TRP C 139 5.17 75.74 32.89
CA TRP C 139 3.82 75.48 32.41
C TRP C 139 3.40 74.00 32.36
N MET C 140 2.09 73.78 32.32
CA MET C 140 1.48 72.52 31.90
C MET C 140 1.91 71.32 32.76
N GLU C 141 1.51 71.36 34.03
CA GLU C 141 1.53 70.18 34.90
C GLU C 141 0.37 70.26 35.87
N SER C 142 -0.19 69.10 36.20
CA SER C 142 -1.34 69.03 37.10
C SER C 142 -1.38 67.63 37.72
N GLU C 143 -2.51 67.31 38.37
CA GLU C 143 -2.67 66.11 39.15
C GLU C 143 -3.71 65.19 38.50
N PHE C 144 -3.97 64.06 39.16
CA PHE C 144 -4.92 63.07 38.67
C PHE C 144 -5.65 62.43 39.85
N ARG C 145 -6.93 62.15 39.64
CA ARG C 145 -7.79 61.58 40.68
C ARG C 145 -8.55 60.41 40.07
N VAL C 146 -8.07 59.20 40.32
CA VAL C 146 -8.64 58.00 39.70
C VAL C 146 -9.15 57.04 40.75
N TYR C 147 -8.26 56.57 41.63
CA TYR C 147 -8.60 55.55 42.60
C TYR C 147 -8.55 56.15 44.00
N SER C 148 -9.51 55.74 44.83
CA SER C 148 -9.60 56.20 46.21
C SER C 148 -9.38 55.05 47.19
N SER C 149 -8.81 53.94 46.72
CA SER C 149 -8.56 52.79 47.58
C SER C 149 -7.43 51.96 46.99
N ALA C 150 -6.89 51.07 47.80
CA ALA C 150 -5.83 50.17 47.38
C ALA C 150 -5.74 49.00 48.34
N ASN C 151 -4.82 48.08 48.05
CA ASN C 151 -4.61 46.90 48.86
C ASN C 151 -3.34 46.20 48.38
N ASN C 152 -2.67 45.52 49.31
CA ASN C 152 -1.49 44.73 48.94
C ASN C 152 -1.88 43.66 47.93
N CYS C 153 -1.08 43.54 46.88
CA CYS C 153 -1.47 42.72 45.74
C CYS C 153 -0.21 42.15 45.08
N THR C 154 -0.41 41.32 44.06
CA THR C 154 0.57 40.33 43.62
C THR C 154 1.69 40.92 42.76
N PHE C 155 1.39 41.74 41.77
CA PHE C 155 2.40 42.21 40.82
C PHE C 155 2.30 43.71 40.63
N GLU C 156 3.45 44.36 40.53
CA GLU C 156 3.55 45.79 40.30
C GLU C 156 4.79 46.07 39.46
N TYR C 157 4.84 47.26 38.87
CA TYR C 157 5.93 47.61 37.98
C TYR C 157 6.09 49.12 37.96
N VAL C 158 7.26 49.59 37.53
CA VAL C 158 7.52 51.00 37.32
C VAL C 158 8.61 51.12 36.25
N SER C 159 8.50 52.12 35.40
CA SER C 159 9.43 52.27 34.29
C SER C 159 10.37 53.45 34.50
N GLN C 160 11.42 53.50 33.69
CA GLN C 160 12.40 54.56 33.79
C GLN C 160 11.76 55.91 33.49
N PRO C 161 12.10 56.95 34.24
CA PRO C 161 11.50 58.27 34.01
C PRO C 161 11.82 58.81 32.63
N PHE C 162 10.87 59.58 32.10
CA PHE C 162 11.02 60.19 30.78
C PHE C 162 10.35 61.56 30.79
N LEU C 163 10.73 62.39 29.83
CA LEU C 163 10.24 63.76 29.71
C LEU C 163 9.39 63.89 28.46
N MET C 164 8.26 64.57 28.59
CA MET C 164 7.23 64.61 27.55
C MET C 164 6.77 66.04 27.32
N ASP C 165 6.27 66.29 26.10
CA ASP C 165 5.69 67.58 25.74
C ASP C 165 4.18 67.53 25.98
N LEU C 166 3.66 68.57 26.63
CA LEU C 166 2.26 68.62 27.07
C LEU C 166 1.56 69.88 26.61
N GLU C 167 1.80 70.33 25.37
CA GLU C 167 1.27 71.64 24.96
C GLU C 167 -0.18 71.55 24.52
N GLY C 168 -0.44 70.84 23.44
CA GLY C 168 -1.78 70.83 22.86
C GLY C 168 -1.95 71.87 21.77
N LYS C 169 -2.06 71.43 20.52
CA LYS C 169 -2.15 72.31 19.37
C LYS C 169 -3.51 72.15 18.70
N GLN C 170 -3.68 72.85 17.58
CA GLN C 170 -4.90 72.81 16.79
C GLN C 170 -4.55 72.62 15.32
N GLY C 171 -5.31 71.78 14.64
CA GLY C 171 -5.09 71.53 13.23
C GLY C 171 -5.38 70.11 12.81
N ASN C 172 -4.84 69.69 11.66
CA ASN C 172 -5.03 68.34 11.19
C ASN C 172 -4.21 67.36 12.03
N PHE C 173 -4.80 66.19 12.26
CA PHE C 173 -4.12 65.15 13.03
C PHE C 173 -2.87 64.67 12.29
N LYS C 174 -1.82 64.38 13.06
CA LYS C 174 -0.55 63.97 12.49
C LYS C 174 -0.01 62.71 13.16
N ASN C 175 -0.88 61.88 13.70
CA ASN C 175 -0.45 60.66 14.36
C ASN C 175 -1.58 59.63 14.33
N LEU C 176 -1.21 58.37 14.45
CA LEU C 176 -2.18 57.29 14.59
C LEU C 176 -1.51 56.13 15.31
N ARG C 177 -2.29 55.33 16.02
CA ARG C 177 -1.79 54.21 16.79
C ARG C 177 -2.81 53.09 16.78
N GLU C 178 -2.37 51.87 17.06
CA GLU C 178 -3.25 50.71 17.08
C GLU C 178 -2.80 49.75 18.18
N PHE C 179 -3.77 49.01 18.73
CA PHE C 179 -3.51 48.05 19.78
C PHE C 179 -4.49 46.89 19.65
N VAL C 180 -4.02 45.69 19.98
CA VAL C 180 -4.86 44.50 19.98
C VAL C 180 -4.63 43.74 21.28
N PHE C 181 -5.71 43.55 22.04
CA PHE C 181 -5.64 42.91 23.35
C PHE C 181 -6.40 41.58 23.31
N LYS C 182 -5.73 40.50 23.68
CA LYS C 182 -6.34 39.19 23.76
C LYS C 182 -5.88 38.51 25.04
N ASN C 183 -6.78 37.74 25.64
CA ASN C 183 -6.50 37.03 26.89
C ASN C 183 -6.67 35.54 26.65
N ILE C 184 -5.60 34.78 26.80
CA ILE C 184 -5.61 33.34 26.60
C ILE C 184 -4.85 32.68 27.75
N ASP C 185 -5.39 31.56 28.22
CA ASP C 185 -4.79 30.78 29.31
C ASP C 185 -4.65 31.71 30.52
N GLY C 186 -3.44 32.03 30.95
CA GLY C 186 -3.24 32.96 32.05
C GLY C 186 -2.24 34.04 31.69
N TYR C 187 -2.25 34.47 30.43
CA TYR C 187 -1.29 35.44 29.93
C TYR C 187 -2.02 36.60 29.26
N PHE C 188 -1.32 37.72 29.14
CA PHE C 188 -1.87 38.94 28.55
C PHE C 188 -0.90 39.45 27.50
N LYS C 189 -1.33 39.45 26.24
CA LYS C 189 -0.47 39.81 25.12
C LYS C 189 -0.98 41.09 24.48
N ILE C 190 -0.07 41.96 24.07
CA ILE C 190 -0.41 43.23 23.44
C ILE C 190 0.44 43.40 22.19
N TYR C 191 -0.05 44.23 21.26
CA TYR C 191 0.64 44.54 20.02
C TYR C 191 0.45 46.02 19.72
N SER C 192 1.33 46.58 18.89
CA SER C 192 1.29 48.00 18.61
C SER C 192 1.92 48.31 17.26
N LYS C 193 1.64 49.52 16.77
CA LYS C 193 2.21 50.02 15.53
C LYS C 193 2.00 51.53 15.48
N HIS C 194 3.00 52.25 14.99
CA HIS C 194 2.94 53.70 14.90
C HIS C 194 3.22 54.13 13.45
N THR C 195 2.49 55.15 13.00
CA THR C 195 2.63 55.61 11.63
C THR C 195 2.26 57.08 11.53
N PRO C 196 3.11 57.92 10.94
CA PRO C 196 2.71 59.31 10.67
C PRO C 196 1.62 59.40 9.62
N ILE C 197 0.80 60.44 9.75
CA ILE C 197 -0.33 60.67 8.86
C ILE C 197 -0.48 62.17 8.65
N ASN C 198 -1.17 62.54 7.57
CA ASN C 198 -1.48 63.93 7.30
C ASN C 198 -2.94 64.10 6.90
N LEU C 199 -3.84 63.46 7.63
CA LEU C 199 -5.27 63.51 7.35
C LEU C 199 -5.99 64.36 8.40
N VAL C 200 -7.13 64.92 7.99
CA VAL C 200 -7.91 65.81 8.84
C VAL C 200 -8.94 65.05 9.65
N ARG C 201 -9.51 63.99 9.09
CA ARG C 201 -10.61 63.27 9.72
C ARG C 201 -10.61 61.82 9.26
N ASP C 202 -11.27 60.97 10.04
CA ASP C 202 -11.60 59.59 9.68
C ASP C 202 -10.36 58.69 9.63
N LEU C 203 -10.56 57.40 9.88
CA LEU C 203 -9.49 56.43 9.74
C LEU C 203 -9.13 56.26 8.27
N PRO C 204 -7.85 56.16 7.96
CA PRO C 204 -7.43 55.95 6.57
C PRO C 204 -7.58 54.47 6.19
N GLN C 205 -7.17 54.17 4.96
CA GLN C 205 -7.13 52.80 4.47
C GLN C 205 -5.69 52.45 4.07
N GLY C 206 -5.32 51.21 4.29
CA GLY C 206 -3.97 50.75 4.02
C GLY C 206 -3.76 49.36 4.57
N PHE C 207 -2.50 49.03 4.81
CA PHE C 207 -2.14 47.73 5.33
C PHE C 207 -0.84 47.81 6.11
N SER C 208 -0.86 47.29 7.33
CA SER C 208 0.32 47.27 8.18
C SER C 208 0.09 46.28 9.31
N ALA C 209 1.03 45.35 9.47
CA ALA C 209 0.97 44.34 10.50
C ALA C 209 1.44 44.93 11.82
N LEU C 210 1.41 44.11 12.86
CA LEU C 210 1.79 44.52 14.21
C LEU C 210 2.78 43.51 14.78
N GLU C 211 3.57 43.96 15.76
CA GLU C 211 4.62 43.16 16.36
C GLU C 211 4.35 42.98 17.84
N PRO C 212 4.56 41.78 18.41
CA PRO C 212 4.33 41.59 19.84
C PRO C 212 5.22 42.49 20.69
N LEU C 213 4.68 43.02 21.78
CA LEU C 213 5.39 44.02 22.56
C LEU C 213 5.68 43.57 23.98
N VAL C 214 4.65 43.17 24.74
CA VAL C 214 4.82 42.66 26.09
C VAL C 214 3.83 41.53 26.32
N ASP C 215 4.28 40.48 27.01
CA ASP C 215 3.40 39.43 27.51
C ASP C 215 3.58 39.33 29.02
N LEU C 216 2.48 39.15 29.74
CA LEU C 216 2.52 39.15 31.19
C LEU C 216 1.79 37.94 31.76
N PRO C 217 2.37 37.28 32.77
CA PRO C 217 1.65 36.22 33.49
C PRO C 217 0.73 36.81 34.54
N ILE C 218 -0.57 36.78 34.28
CA ILE C 218 -1.54 37.42 35.16
C ILE C 218 -2.58 36.41 35.64
N GLY C 219 -3.36 35.87 34.70
CA GLY C 219 -4.33 34.85 35.04
C GLY C 219 -5.56 35.32 35.78
N ILE C 220 -5.90 36.60 35.68
CA ILE C 220 -7.08 37.12 36.36
C ILE C 220 -8.30 36.94 35.47
N ASN C 221 -9.48 37.11 36.08
CA ASN C 221 -10.76 37.06 35.38
C ASN C 221 -11.10 38.44 34.83
N ILE C 222 -11.14 38.55 33.51
CA ILE C 222 -11.34 39.83 32.83
C ILE C 222 -12.61 39.76 31.97
N THR C 223 -13.49 40.74 32.15
CA THR C 223 -14.75 40.75 31.41
C THR C 223 -15.13 42.11 30.86
N ARG C 224 -14.62 43.19 31.43
CA ARG C 224 -15.01 44.53 30.99
C ARG C 224 -13.81 45.46 31.01
N PHE C 225 -13.98 46.64 30.43
CA PHE C 225 -12.87 47.59 30.30
C PHE C 225 -13.42 49.00 30.15
N GLN C 226 -12.53 49.97 30.32
CA GLN C 226 -12.88 51.39 30.27
C GLN C 226 -11.65 52.18 29.90
N THR C 227 -11.85 53.38 29.37
CA THR C 227 -10.77 54.20 28.82
C THR C 227 -10.55 55.45 29.66
N LEU C 228 -9.28 55.85 29.77
CA LEU C 228 -8.90 57.07 30.47
C LEU C 228 -8.62 58.18 29.46
N LEU C 229 -8.98 59.40 29.83
CA LEU C 229 -8.85 60.58 28.99
C LEU C 229 -8.10 61.67 29.74
N ALA C 230 -8.06 62.87 29.16
CA ALA C 230 -7.42 64.03 29.77
C ALA C 230 -8.27 65.26 29.48
N LEU C 231 -7.89 66.38 30.09
CA LEU C 231 -8.62 67.63 29.93
C LEU C 231 -7.74 68.80 30.36
N HIS C 232 -7.99 69.95 29.73
CA HIS C 232 -7.31 71.19 30.02
C HIS C 232 -8.00 71.94 31.15
N ARG C 233 -7.49 73.12 31.48
CA ARG C 233 -8.07 73.91 32.56
C ARG C 233 -9.47 74.40 32.17
N SER C 234 -10.32 74.55 33.19
CA SER C 234 -11.68 75.00 32.96
C SER C 234 -11.75 76.47 32.52
N TYR C 235 -10.71 77.25 32.82
CA TYR C 235 -10.68 78.68 32.54
C TYR C 235 -11.94 79.34 33.10
N LEU C 236 -12.28 78.97 34.33
CA LEU C 236 -13.41 79.53 35.05
C LEU C 236 -13.28 79.15 36.52
N THR C 237 -14.27 79.55 37.32
CA THR C 237 -14.26 79.32 38.77
C THR C 237 -15.55 78.68 39.23
N PRO C 238 -15.84 77.45 38.79
CA PRO C 238 -16.98 76.73 39.35
C PRO C 238 -16.55 75.96 40.60
N GLY C 239 -17.46 75.17 41.17
CA GLY C 239 -17.13 74.41 42.36
C GLY C 239 -16.27 73.20 42.13
N ASP C 240 -15.53 73.15 41.01
CA ASP C 240 -14.66 72.06 40.59
C ASP C 240 -15.43 70.80 40.23
N SER C 241 -16.75 70.80 40.41
CA SER C 241 -17.62 69.74 39.93
C SER C 241 -18.58 70.35 38.92
N SER C 242 -19.48 69.53 38.38
CA SER C 242 -20.44 69.95 37.36
C SER C 242 -19.77 70.67 36.20
N SER C 243 -18.50 70.38 35.95
CA SER C 243 -17.72 71.04 34.91
C SER C 243 -16.77 70.04 34.27
N GLY C 244 -16.93 69.82 32.97
CA GLY C 244 -16.05 68.93 32.25
C GLY C 244 -14.76 69.60 31.86
N TRP C 245 -14.59 70.85 32.28
CA TRP C 245 -13.40 71.67 32.00
C TRP C 245 -13.30 71.81 30.48
N THR C 246 -12.14 71.52 29.88
CA THR C 246 -11.97 71.69 28.45
C THR C 246 -11.56 70.37 27.80
N ALA C 247 -12.22 70.03 26.71
CA ALA C 247 -11.96 68.80 25.98
C ALA C 247 -11.07 69.07 24.77
N GLY C 248 -10.23 68.08 24.44
CA GLY C 248 -9.26 68.24 23.38
C GLY C 248 -9.77 67.86 22.01
N ALA C 249 -8.88 67.38 21.15
CA ALA C 249 -9.24 67.01 19.79
C ALA C 249 -8.71 65.60 19.52
N ALA C 250 -9.53 64.60 19.84
CA ALA C 250 -9.12 63.20 19.67
C ALA C 250 -10.36 62.33 19.58
N ALA C 251 -10.16 61.12 19.04
CA ALA C 251 -11.23 60.14 18.89
C ALA C 251 -10.62 58.76 18.93
N TYR C 252 -11.47 57.76 19.20
CA TYR C 252 -11.00 56.39 19.28
C TYR C 252 -12.09 55.45 18.79
N TYR C 253 -11.69 54.21 18.48
CA TYR C 253 -12.56 53.24 17.84
C TYR C 253 -12.44 51.90 18.56
N VAL C 254 -13.52 51.13 18.53
CA VAL C 254 -13.56 49.84 19.19
C VAL C 254 -14.19 48.80 18.26
N GLY C 255 -13.56 47.64 18.16
CA GLY C 255 -14.08 46.53 17.38
C GLY C 255 -14.08 45.27 18.21
N TYR C 256 -14.12 44.13 17.51
CA TYR C 256 -14.14 42.83 18.15
C TYR C 256 -13.49 41.78 17.26
N LEU C 257 -13.15 40.65 17.87
CA LEU C 257 -12.43 39.57 17.19
C LEU C 257 -13.28 38.31 17.17
N GLN C 258 -13.10 37.52 16.12
CA GLN C 258 -13.83 36.28 15.91
C GLN C 258 -12.92 35.26 15.25
N PRO C 259 -13.23 33.97 15.39
CA PRO C 259 -12.41 32.94 14.73
C PRO C 259 -12.62 32.96 13.21
N ARG C 260 -11.51 33.07 12.49
CA ARG C 260 -11.54 33.13 11.02
C ARG C 260 -10.34 32.38 10.47
N THR C 261 -10.41 32.00 9.20
CA THR C 261 -9.34 31.31 8.51
C THR C 261 -8.73 32.24 7.47
N PHE C 262 -7.42 32.47 7.56
CA PHE C 262 -6.72 33.41 6.71
C PHE C 262 -5.59 32.70 5.99
N LEU C 263 -5.15 33.28 4.87
CA LEU C 263 -3.89 32.91 4.24
C LEU C 263 -3.06 34.18 4.10
N LEU C 264 -1.76 34.07 4.32
CA LEU C 264 -0.89 35.23 4.44
C LEU C 264 0.15 35.23 3.34
N LYS C 265 0.67 36.42 3.02
CA LYS C 265 1.76 36.57 2.07
C LYS C 265 2.99 37.11 2.78
N TYR C 266 4.17 36.67 2.35
CA TYR C 266 5.42 37.04 2.96
C TYR C 266 6.36 37.65 1.91
N ASN C 267 7.60 37.84 2.32
CA ASN C 267 8.63 38.40 1.45
C ASN C 267 10.00 37.89 1.90
N GLU C 268 11.01 38.14 1.06
CA GLU C 268 12.33 37.57 1.32
C GLU C 268 12.96 38.14 2.58
N ASN C 269 12.58 39.37 2.95
CA ASN C 269 13.04 39.92 4.22
C ASN C 269 12.15 39.47 5.37
N GLY C 270 11.01 38.86 5.06
CA GLY C 270 9.97 38.58 6.01
C GLY C 270 8.78 39.49 5.76
N THR C 271 8.22 39.99 6.85
CA THR C 271 7.12 40.96 6.81
C THR C 271 5.86 40.42 6.16
N ILE C 272 4.78 41.17 6.22
CA ILE C 272 3.50 40.78 5.65
C ILE C 272 3.02 41.91 4.73
N THR C 273 2.55 41.57 3.54
CA THR C 273 2.12 42.59 2.60
C THR C 273 0.61 42.64 2.47
N ASP C 274 -0.04 41.49 2.32
CA ASP C 274 -1.49 41.45 2.22
C ASP C 274 -1.99 40.05 2.56
N ALA C 275 -3.31 39.91 2.59
CA ALA C 275 -3.96 38.65 2.93
C ALA C 275 -5.37 38.65 2.38
N VAL C 276 -6.04 37.51 2.49
CA VAL C 276 -7.39 37.33 1.98
C VAL C 276 -8.23 36.62 3.02
N ASP C 277 -9.43 37.15 3.30
CA ASP C 277 -10.37 36.44 4.21
C ASP C 277 -11.07 35.38 3.36
N CYS C 278 -10.82 34.10 3.64
CA CYS C 278 -11.50 33.00 2.89
C CYS C 278 -13.01 33.22 2.97
N ALA C 279 -13.52 33.52 4.16
CA ALA C 279 -14.98 33.76 4.34
C ALA C 279 -15.29 35.25 4.22
N LEU C 280 -15.28 35.80 3.00
CA LEU C 280 -15.64 37.22 2.79
C LEU C 280 -16.64 37.32 1.63
N ASP C 281 -16.15 37.21 0.39
CA ASP C 281 -17.02 37.27 -0.81
C ASP C 281 -16.93 35.91 -1.53
N PRO C 282 -17.87 35.43 -2.39
CA PRO C 282 -17.64 34.14 -3.05
C PRO C 282 -16.34 34.10 -3.84
N LEU C 283 -15.94 35.21 -4.46
CA LEU C 283 -14.72 35.21 -5.24
C LEU C 283 -13.49 34.95 -4.36
N SER C 284 -13.45 35.58 -3.19
CA SER C 284 -12.29 35.40 -2.32
C SER C 284 -12.18 33.96 -1.81
N GLU C 285 -13.29 33.23 -1.81
CA GLU C 285 -13.24 31.83 -1.39
C GLU C 285 -12.43 30.99 -2.36
N THR C 286 -12.60 31.22 -3.66
CA THR C 286 -11.88 30.45 -4.66
C THR C 286 -10.38 30.73 -4.61
N LYS C 287 -10.00 31.93 -4.16
CA LYS C 287 -8.57 32.23 -4.02
C LYS C 287 -7.93 31.34 -2.96
N CYS C 288 -8.65 31.07 -1.88
CA CYS C 288 -8.11 30.21 -0.83
C CYS C 288 -7.91 28.79 -1.33
N THR C 289 -8.86 28.25 -2.11
CA THR C 289 -8.76 26.87 -2.55
C THR C 289 -7.73 26.66 -3.65
N LEU C 290 -7.18 27.74 -4.22
CA LEU C 290 -6.18 27.63 -5.27
C LEU C 290 -4.82 28.15 -4.85
N LYS C 291 -4.68 28.66 -3.63
CA LYS C 291 -3.40 29.13 -3.11
C LYS C 291 -2.75 30.17 -4.03
N SER C 292 -3.56 31.10 -4.53
CA SER C 292 -3.04 32.14 -5.41
C SER C 292 -3.95 33.35 -5.34
N PHE C 293 -3.40 34.50 -5.73
CA PHE C 293 -4.16 35.74 -5.83
C PHE C 293 -4.70 36.00 -7.23
N THR C 294 -4.36 35.16 -8.20
CA THR C 294 -4.78 35.33 -9.58
C THR C 294 -5.40 34.05 -10.09
N VAL C 295 -6.56 34.16 -10.73
CA VAL C 295 -7.27 33.02 -11.28
C VAL C 295 -7.57 33.33 -12.74
N GLU C 296 -7.80 32.28 -13.52
CA GLU C 296 -8.06 32.44 -14.95
C GLU C 296 -9.52 32.12 -15.26
N LYS C 297 -9.86 32.18 -16.53
CA LYS C 297 -11.20 31.83 -16.97
C LYS C 297 -11.48 30.35 -16.72
N GLY C 298 -12.66 30.07 -16.18
CA GLY C 298 -13.05 28.69 -15.96
C GLY C 298 -14.12 28.59 -14.88
N ILE C 299 -14.46 27.35 -14.56
CA ILE C 299 -15.46 27.03 -13.55
C ILE C 299 -14.83 26.09 -12.53
N TYR C 300 -15.05 26.37 -11.24
CA TYR C 300 -14.46 25.60 -10.17
C TYR C 300 -15.52 25.29 -9.12
N GLN C 301 -15.29 24.21 -8.38
CA GLN C 301 -16.13 23.83 -7.26
C GLN C 301 -15.38 24.10 -5.96
N THR C 302 -16.09 24.63 -4.97
CA THR C 302 -15.47 25.09 -3.73
C THR C 302 -15.89 24.25 -2.52
N SER C 303 -17.19 24.12 -2.28
CA SER C 303 -17.67 23.44 -1.09
C SER C 303 -19.07 22.91 -1.36
N ASN C 304 -19.78 22.53 -0.30
CA ASN C 304 -21.13 21.99 -0.41
C ASN C 304 -22.05 22.80 0.50
N PHE C 305 -23.28 22.31 0.63
CA PHE C 305 -24.28 22.94 1.49
C PHE C 305 -25.27 21.89 1.98
N ARG C 306 -25.98 22.24 3.04
CA ARG C 306 -26.94 21.32 3.66
C ARG C 306 -28.10 22.12 4.22
N VAL C 307 -29.20 21.41 4.48
CA VAL C 307 -30.39 21.99 5.10
C VAL C 307 -30.36 21.66 6.58
N GLN C 308 -30.53 22.68 7.40
CA GLN C 308 -30.45 22.35 8.82
C GLN C 308 -31.83 22.14 9.42
N PRO C 309 -32.05 20.99 10.06
CA PRO C 309 -33.34 20.71 10.69
C PRO C 309 -33.61 21.66 11.84
N THR C 310 -34.89 21.95 12.05
CA THR C 310 -35.30 22.92 13.06
C THR C 310 -36.31 22.40 14.08
N GLU C 311 -36.38 21.09 14.32
CA GLU C 311 -37.32 20.56 15.29
C GLU C 311 -36.90 19.14 15.66
N SER C 312 -37.35 18.69 16.83
CA SER C 312 -37.03 17.36 17.35
C SER C 312 -38.31 16.67 17.81
N ILE C 313 -38.47 15.41 17.42
CA ILE C 313 -39.67 14.63 17.72
C ILE C 313 -39.24 13.36 18.45
N VAL C 314 -39.89 13.08 19.58
CA VAL C 314 -39.67 11.87 20.36
C VAL C 314 -41.01 11.16 20.51
N ARG C 315 -41.04 9.87 20.19
CA ARG C 315 -42.28 9.09 20.24
C ARG C 315 -42.06 7.86 21.09
N PHE C 316 -42.87 7.72 22.15
CA PHE C 316 -42.78 6.62 23.09
C PHE C 316 -44.18 6.19 23.51
N PRO C 317 -44.34 4.94 23.93
CA PRO C 317 -45.60 4.53 24.55
C PRO C 317 -45.88 5.33 25.81
N ASN C 318 -47.17 5.59 26.05
CA ASN C 318 -47.61 6.50 27.11
C ASN C 318 -47.99 5.78 28.39
N ILE C 319 -47.33 4.66 28.71
CA ILE C 319 -47.56 4.00 29.98
C ILE C 319 -46.52 4.46 30.98
N THR C 320 -46.95 4.66 32.24
CA THR C 320 -46.08 5.19 33.27
C THR C 320 -46.07 4.37 34.56
N ASN C 321 -46.41 3.08 34.49
CA ASN C 321 -46.44 2.26 35.70
C ASN C 321 -45.03 1.99 36.20
N LEU C 322 -44.85 2.13 37.51
CA LEU C 322 -43.56 1.88 38.15
C LEU C 322 -43.25 0.38 38.16
N CYS C 323 -42.07 0.05 38.71
CA CYS C 323 -41.61 -1.33 38.62
C CYS C 323 -41.11 -1.83 39.97
N PRO C 324 -41.26 -3.13 40.27
CA PRO C 324 -40.72 -3.70 41.52
C PRO C 324 -39.21 -3.92 41.46
N PHE C 325 -38.46 -2.86 41.72
CA PHE C 325 -37.01 -2.97 41.78
C PHE C 325 -36.53 -3.15 43.22
N GLY C 326 -37.09 -2.37 44.14
CA GLY C 326 -36.62 -2.42 45.52
C GLY C 326 -36.90 -3.74 46.21
N GLU C 327 -38.07 -4.32 45.95
CA GLU C 327 -38.44 -5.55 46.64
C GLU C 327 -37.51 -6.71 46.27
N VAL C 328 -36.99 -6.72 45.04
CA VAL C 328 -36.03 -7.74 44.66
C VAL C 328 -34.71 -7.55 45.40
N PHE C 329 -34.21 -6.31 45.42
CA PHE C 329 -32.88 -6.07 45.98
C PHE C 329 -32.88 -6.11 47.50
N ASN C 330 -33.97 -5.67 48.13
CA ASN C 330 -34.06 -5.61 49.58
C ASN C 330 -34.67 -6.88 50.19
N ALA C 331 -34.54 -8.02 49.52
CA ALA C 331 -35.06 -9.27 50.05
C ALA C 331 -34.20 -9.75 51.22
N THR C 332 -34.84 -10.40 52.19
CA THR C 332 -34.15 -10.97 53.33
C THR C 332 -33.98 -12.48 53.25
N ARG C 333 -34.29 -13.08 52.10
CA ARG C 333 -34.19 -14.54 51.98
C ARG C 333 -33.12 -14.93 50.96
N PHE C 334 -33.21 -14.40 49.76
CA PHE C 334 -32.27 -14.69 48.65
C PHE C 334 -32.31 -16.19 48.35
N ALA C 335 -31.26 -16.70 47.71
CA ALA C 335 -31.20 -18.10 47.31
C ALA C 335 -29.74 -18.55 47.39
N SER C 336 -29.44 -19.69 46.78
CA SER C 336 -28.11 -20.29 46.82
C SER C 336 -27.56 -20.45 45.40
N VAL C 337 -26.35 -21.00 45.32
CA VAL C 337 -25.70 -21.19 44.04
C VAL C 337 -26.18 -22.47 43.37
N TYR C 338 -26.81 -23.36 44.15
CA TYR C 338 -27.29 -24.62 43.60
C TYR C 338 -28.31 -24.39 42.50
N ALA C 339 -29.22 -23.44 42.70
CA ALA C 339 -30.21 -23.08 41.69
C ALA C 339 -30.09 -21.59 41.43
N TRP C 340 -30.03 -21.20 40.15
CA TRP C 340 -29.96 -19.79 39.80
C TRP C 340 -31.25 -19.08 40.19
N ASN C 341 -31.11 -17.83 40.63
CA ASN C 341 -32.26 -17.00 41.00
C ASN C 341 -32.62 -16.16 39.78
N ARG C 342 -33.77 -16.47 39.17
CA ARG C 342 -34.21 -15.81 37.95
C ARG C 342 -35.52 -15.08 38.21
N LYS C 343 -35.54 -13.77 37.90
CA LYS C 343 -36.75 -12.98 38.00
C LYS C 343 -36.81 -12.02 36.81
N ARG C 344 -37.91 -12.06 36.08
CA ARG C 344 -38.09 -11.25 34.89
C ARG C 344 -38.55 -9.84 35.27
N ILE C 345 -38.26 -8.88 34.41
CA ILE C 345 -38.75 -7.51 34.53
C ILE C 345 -39.39 -7.13 33.20
N SER C 346 -40.63 -6.64 33.26
CA SER C 346 -41.35 -6.27 32.05
C SER C 346 -42.46 -5.31 32.42
N ASN C 347 -43.03 -4.68 31.37
CA ASN C 347 -44.19 -3.80 31.44
C ASN C 347 -44.13 -2.83 32.62
N CYS C 348 -42.99 -2.18 32.82
CA CYS C 348 -42.84 -1.24 33.92
C CYS C 348 -41.81 -0.19 33.56
N VAL C 349 -42.17 1.08 33.73
CA VAL C 349 -41.21 2.16 33.50
C VAL C 349 -40.15 2.14 34.60
N ALA C 350 -38.89 2.10 34.19
CA ALA C 350 -37.78 2.00 35.12
C ALA C 350 -37.28 3.39 35.51
N ASP C 351 -36.43 3.41 36.52
CA ASP C 351 -35.75 4.62 36.95
C ASP C 351 -34.39 4.23 37.50
N TYR C 352 -33.37 4.28 36.64
CA TYR C 352 -32.01 3.93 37.02
C TYR C 352 -31.22 5.12 37.55
N SER C 353 -31.79 6.32 37.52
CA SER C 353 -31.07 7.49 37.99
C SER C 353 -30.75 7.38 39.48
N VAL C 354 -31.70 6.92 40.28
CA VAL C 354 -31.47 6.78 41.71
C VAL C 354 -30.51 5.66 42.03
N LEU C 355 -30.28 4.74 41.09
CA LEU C 355 -29.34 3.65 41.30
C LEU C 355 -27.89 4.06 41.06
N TYR C 356 -27.60 5.35 41.04
CA TYR C 356 -26.25 5.87 40.88
C TYR C 356 -25.76 6.60 42.11
N ASN C 357 -26.56 7.54 42.63
CA ASN C 357 -26.15 8.31 43.80
C ASN C 357 -26.76 7.73 45.08
N SER C 358 -28.03 7.34 45.03
CA SER C 358 -28.72 6.79 46.19
C SER C 358 -28.58 5.27 46.30
N ALA C 359 -27.83 4.64 45.38
CA ALA C 359 -27.60 3.22 45.47
C ALA C 359 -26.63 2.87 46.59
N SER C 360 -25.61 3.72 46.79
CA SER C 360 -24.58 3.51 47.81
C SER C 360 -23.91 2.15 47.64
N PHE C 361 -23.66 1.77 46.40
CA PHE C 361 -23.02 0.49 46.12
C PHE C 361 -21.50 0.62 46.16
N SER C 362 -20.82 -0.52 46.24
CA SER C 362 -19.37 -0.56 46.29
C SER C 362 -18.75 -0.68 44.89
N THR C 363 -19.14 -1.72 44.16
CA THR C 363 -18.63 -1.96 42.82
C THR C 363 -19.77 -1.79 41.81
N PHE C 364 -19.50 -1.05 40.74
CA PHE C 364 -20.51 -0.81 39.71
C PHE C 364 -19.80 -0.73 38.36
N LYS C 365 -19.85 -1.82 37.60
CA LYS C 365 -19.25 -1.90 36.28
C LYS C 365 -20.31 -2.30 35.26
N CYS C 366 -20.37 -1.56 34.16
CA CYS C 366 -21.33 -1.82 33.08
C CYS C 366 -20.57 -2.18 31.81
N TYR C 367 -20.97 -3.26 31.17
CA TYR C 367 -20.32 -3.75 29.96
C TYR C 367 -21.29 -3.65 28.78
N GLY C 368 -20.84 -3.00 27.71
CA GLY C 368 -21.64 -2.85 26.52
C GLY C 368 -22.61 -1.69 26.51
N VAL C 369 -22.68 -0.92 27.60
CA VAL C 369 -23.58 0.23 27.67
C VAL C 369 -22.94 1.28 28.56
N SER C 370 -23.15 2.54 28.21
CA SER C 370 -22.64 3.64 29.03
C SER C 370 -23.49 3.78 30.29
N PRO C 371 -22.88 3.75 31.47
CA PRO C 371 -23.68 3.82 32.70
C PRO C 371 -24.50 5.10 32.83
N THR C 372 -24.03 6.21 32.27
CA THR C 372 -24.74 7.47 32.39
C THR C 372 -25.83 7.64 31.33
N LYS C 373 -25.99 6.68 30.42
CA LYS C 373 -26.97 6.80 29.34
C LYS C 373 -28.04 5.72 29.40
N LEU C 374 -28.23 5.06 30.55
CA LEU C 374 -29.30 4.10 30.68
C LEU C 374 -30.69 4.75 30.56
N ASN C 375 -30.87 5.94 31.13
CA ASN C 375 -32.18 6.59 31.08
C ASN C 375 -32.58 6.92 29.64
N ASP C 376 -31.64 7.43 28.85
CA ASP C 376 -31.95 7.75 27.46
C ASP C 376 -32.22 6.49 26.65
N LEU C 377 -31.45 5.43 26.88
CA LEU C 377 -31.60 4.20 26.11
C LEU C 377 -32.78 3.38 26.63
N CYS C 378 -33.17 2.38 25.83
CA CYS C 378 -34.25 1.48 26.17
C CYS C 378 -33.86 0.07 25.75
N PHE C 379 -34.47 -0.93 26.37
CA PHE C 379 -34.18 -2.34 26.09
C PHE C 379 -35.46 -3.16 26.27
N THR C 380 -35.30 -4.48 26.22
CA THR C 380 -36.41 -5.42 26.36
C THR C 380 -35.87 -6.75 26.86
N ASN C 381 -36.78 -7.58 27.37
CA ASN C 381 -36.47 -8.91 27.89
C ASN C 381 -35.39 -8.83 28.97
N VAL C 382 -35.49 -7.80 29.81
CA VAL C 382 -34.51 -7.60 30.87
C VAL C 382 -34.82 -8.55 32.03
N TYR C 383 -33.79 -9.09 32.64
CA TYR C 383 -33.92 -10.09 33.70
C TYR C 383 -33.31 -9.57 34.99
N ALA C 384 -33.28 -10.44 35.99
CA ALA C 384 -32.67 -10.15 37.29
C ALA C 384 -32.09 -11.44 37.83
N ASP C 385 -30.77 -11.57 37.81
CA ASP C 385 -30.08 -12.77 38.27
C ASP C 385 -29.10 -12.40 39.37
N SER C 386 -29.03 -13.25 40.39
CA SER C 386 -28.15 -13.00 41.52
C SER C 386 -27.72 -14.32 42.13
N PHE C 387 -26.60 -14.28 42.85
CA PHE C 387 -26.05 -15.43 43.54
C PHE C 387 -25.14 -14.91 44.65
N VAL C 388 -24.82 -15.77 45.60
CA VAL C 388 -23.94 -15.45 46.72
C VAL C 388 -22.55 -15.99 46.42
N ILE C 389 -21.54 -15.14 46.60
CA ILE C 389 -20.16 -15.50 46.29
C ILE C 389 -19.24 -14.84 47.32
N ARG C 390 -18.00 -15.31 47.38
CA ARG C 390 -17.02 -14.81 48.33
C ARG C 390 -16.61 -13.38 47.97
N GLY C 391 -16.08 -12.66 48.95
CA GLY C 391 -15.70 -11.28 48.74
C GLY C 391 -14.58 -11.11 47.73
N ASP C 392 -13.58 -11.99 47.80
CA ASP C 392 -12.41 -11.86 46.93
C ASP C 392 -12.61 -12.52 45.57
N GLU C 393 -13.77 -13.13 45.32
CA GLU C 393 -14.06 -13.81 44.07
C GLU C 393 -14.84 -12.94 43.09
N VAL C 394 -14.98 -11.64 43.37
CA VAL C 394 -15.73 -10.77 42.48
C VAL C 394 -15.04 -10.61 41.15
N ARG C 395 -13.70 -10.57 41.14
CA ARG C 395 -12.95 -10.42 39.88
C ARG C 395 -13.08 -11.65 39.00
N GLN C 396 -13.39 -12.82 39.57
CA GLN C 396 -13.50 -14.03 38.77
C GLN C 396 -14.64 -13.94 37.77
N ILE C 397 -15.78 -13.38 38.19
CA ILE C 397 -16.93 -13.24 37.30
C ILE C 397 -16.64 -12.10 36.34
N ALA C 398 -16.23 -12.44 35.11
CA ALA C 398 -15.93 -11.44 34.09
C ALA C 398 -15.91 -12.15 32.74
N PRO C 399 -16.40 -11.51 31.68
CA PRO C 399 -16.35 -12.14 30.36
C PRO C 399 -14.93 -12.41 29.91
N GLY C 400 -14.74 -13.54 29.24
CA GLY C 400 -13.44 -13.92 28.72
C GLY C 400 -12.51 -14.56 29.72
N GLN C 401 -12.94 -14.74 30.98
CA GLN C 401 -12.11 -15.34 32.02
C GLN C 401 -12.84 -16.54 32.60
N THR C 402 -12.41 -17.74 32.22
CA THR C 402 -13.01 -18.98 32.70
C THR C 402 -11.93 -19.99 33.06
N GLY C 403 -10.87 -19.53 33.71
CA GLY C 403 -9.74 -20.38 34.04
C GLY C 403 -9.71 -20.86 35.47
N LYS C 404 -10.85 -20.79 36.16
CA LYS C 404 -10.93 -21.19 37.56
C LYS C 404 -12.11 -22.13 37.76
N ILE C 405 -11.94 -23.05 38.71
CA ILE C 405 -12.98 -24.04 38.99
C ILE C 405 -14.22 -23.38 39.57
N ALA C 406 -14.06 -22.27 40.29
CA ALA C 406 -15.21 -21.55 40.83
C ALA C 406 -16.12 -21.02 39.74
N ASP C 407 -15.54 -20.49 38.65
CA ASP C 407 -16.32 -19.94 37.55
C ASP C 407 -17.02 -21.01 36.73
N TYR C 408 -16.73 -22.30 36.96
CA TYR C 408 -17.36 -23.37 36.22
C TYR C 408 -18.88 -23.39 36.36
N ASN C 409 -19.41 -22.98 37.52
CA ASN C 409 -20.84 -22.96 37.75
C ASN C 409 -21.60 -22.02 36.84
N TYR C 410 -21.08 -20.81 36.61
CA TYR C 410 -21.75 -19.80 35.79
C TYR C 410 -20.81 -19.39 34.67
N LYS C 411 -21.18 -19.69 33.44
CA LYS C 411 -20.40 -19.33 32.27
C LYS C 411 -21.07 -18.18 31.53
N LEU C 412 -20.27 -17.15 31.22
CA LEU C 412 -20.75 -15.93 30.59
C LEU C 412 -20.16 -15.84 29.19
N PRO C 413 -20.97 -15.51 28.18
CA PRO C 413 -20.43 -15.34 26.83
C PRO C 413 -19.47 -14.16 26.76
N ASP C 414 -18.51 -14.26 25.83
CA ASP C 414 -17.52 -13.20 25.67
C ASP C 414 -18.17 -11.89 25.23
N ASP C 415 -19.13 -11.95 24.32
CA ASP C 415 -19.86 -10.79 23.83
C ASP C 415 -21.19 -10.71 24.56
N PHE C 416 -21.17 -10.17 25.77
CA PHE C 416 -22.36 -10.04 26.59
C PHE C 416 -22.54 -8.59 27.01
N THR C 417 -23.76 -8.08 26.86
CA THR C 417 -24.08 -6.69 27.23
C THR C 417 -24.88 -6.73 28.53
N GLY C 418 -24.40 -5.99 29.53
CA GLY C 418 -25.09 -5.95 30.81
C GLY C 418 -24.25 -5.18 31.82
N CYS C 419 -24.74 -5.18 33.06
CA CYS C 419 -24.09 -4.50 34.16
C CYS C 419 -23.99 -5.44 35.35
N VAL C 420 -22.94 -5.28 36.14
CA VAL C 420 -22.69 -6.11 37.32
C VAL C 420 -22.77 -5.22 38.55
N ILE C 421 -23.65 -5.58 39.48
CA ILE C 421 -23.85 -4.83 40.71
C ILE C 421 -23.56 -5.74 41.90
N ALA C 422 -22.67 -5.27 42.78
CA ALA C 422 -22.32 -6.03 43.98
C ALA C 422 -22.12 -5.06 45.13
N TRP C 423 -22.58 -5.48 46.31
CA TRP C 423 -22.43 -4.69 47.52
C TRP C 423 -21.89 -5.57 48.64
N ASN C 424 -21.05 -4.97 49.48
CA ASN C 424 -20.48 -5.66 50.62
C ASN C 424 -21.58 -6.03 51.60
N SER C 425 -21.54 -7.26 52.09
CA SER C 425 -22.55 -7.78 53.02
C SER C 425 -21.84 -8.60 54.09
N ASN C 426 -21.80 -8.06 55.31
CA ASN C 426 -21.20 -8.74 56.44
C ASN C 426 -21.99 -8.61 57.74
N ASN C 427 -23.32 -8.53 57.66
CA ASN C 427 -24.15 -8.36 58.85
C ASN C 427 -25.11 -9.51 59.08
N LEU C 428 -25.93 -9.88 58.09
CA LEU C 428 -27.00 -10.83 58.32
C LEU C 428 -26.46 -12.24 58.56
N ASP C 429 -25.56 -12.71 57.71
CA ASP C 429 -25.06 -14.08 57.77
C ASP C 429 -23.69 -14.18 58.41
N SER C 430 -23.19 -13.10 59.01
CA SER C 430 -21.87 -13.08 59.62
C SER C 430 -21.95 -13.53 61.07
N LYS C 431 -21.40 -14.69 61.36
CA LYS C 431 -21.41 -15.28 62.69
C LYS C 431 -20.07 -15.95 62.96
N VAL C 432 -19.69 -15.98 64.23
CA VAL C 432 -18.46 -16.67 64.63
C VAL C 432 -18.54 -18.15 64.25
N GLY C 433 -19.68 -18.78 64.54
CA GLY C 433 -19.90 -20.13 64.05
C GLY C 433 -19.99 -20.19 62.54
N GLY C 434 -20.68 -19.21 61.94
CA GLY C 434 -20.81 -19.14 60.50
C GLY C 434 -21.94 -19.99 59.97
N ASN C 435 -22.60 -19.53 58.91
CA ASN C 435 -23.67 -20.29 58.30
C ASN C 435 -23.11 -21.42 57.43
N TYR C 436 -23.87 -22.50 57.32
CA TYR C 436 -23.48 -23.65 56.51
C TYR C 436 -24.56 -24.04 55.51
N ASN C 437 -25.33 -23.07 54.99
CA ASN C 437 -26.41 -23.37 54.06
C ASN C 437 -25.99 -23.22 52.60
N TYR C 438 -24.72 -22.95 52.32
CA TYR C 438 -24.24 -22.73 50.96
C TYR C 438 -23.41 -23.93 50.53
N LEU C 439 -23.72 -24.48 49.36
CA LEU C 439 -22.99 -25.60 48.79
C LEU C 439 -22.38 -25.19 47.46
N TYR C 440 -21.11 -25.51 47.28
CA TYR C 440 -20.37 -25.15 46.07
C TYR C 440 -19.73 -26.40 45.49
N ARG C 441 -19.92 -26.59 44.18
CA ARG C 441 -19.33 -27.70 43.45
C ARG C 441 -17.84 -27.44 43.27
N LEU C 442 -17.04 -28.49 43.33
CA LEU C 442 -15.59 -28.33 43.19
C LEU C 442 -15.16 -28.32 41.74
N PHE C 443 -15.47 -29.39 41.01
CA PHE C 443 -15.09 -29.51 39.60
C PHE C 443 -16.12 -30.33 38.85
N ARG C 444 -16.12 -30.21 37.54
CA ARG C 444 -17.05 -30.91 36.67
C ARG C 444 -16.27 -31.67 35.60
N LYS C 445 -16.98 -32.58 34.93
CA LYS C 445 -16.36 -33.38 33.87
C LYS C 445 -15.89 -32.50 32.72
N SER C 446 -16.70 -31.52 32.34
CA SER C 446 -16.37 -30.62 31.25
C SER C 446 -16.98 -29.25 31.53
N ASN C 447 -16.45 -28.23 30.86
CA ASN C 447 -16.95 -26.87 31.03
C ASN C 447 -18.40 -26.76 30.59
N LEU C 448 -19.20 -26.11 31.43
CA LEU C 448 -20.62 -25.94 31.15
C LEU C 448 -20.82 -24.91 30.04
N LYS C 449 -21.94 -25.04 29.35
CA LYS C 449 -22.28 -24.07 28.31
C LYS C 449 -22.66 -22.74 28.93
N PRO C 450 -22.34 -21.63 28.26
CA PRO C 450 -22.77 -20.31 28.75
C PRO C 450 -24.28 -20.21 28.76
N PHE C 451 -24.80 -19.57 29.81
CA PHE C 451 -26.24 -19.36 29.98
C PHE C 451 -26.99 -20.69 29.94
N GLU C 452 -26.39 -21.69 30.58
CA GLU C 452 -26.96 -23.04 30.66
C GLU C 452 -27.06 -23.46 32.11
N ARG C 453 -28.15 -24.15 32.45
CA ARG C 453 -28.43 -24.55 33.82
C ARG C 453 -28.55 -26.06 33.91
N ASP C 454 -27.95 -26.64 34.95
CA ASP C 454 -28.00 -28.07 35.18
C ASP C 454 -28.33 -28.33 36.64
N ILE C 455 -28.91 -29.50 36.90
CA ILE C 455 -29.31 -29.88 38.25
C ILE C 455 -28.71 -31.23 38.60
N SER C 456 -29.03 -31.73 39.80
CA SER C 456 -28.58 -33.02 40.31
C SER C 456 -27.07 -33.06 40.55
N THR C 457 -26.62 -34.00 41.37
CA THR C 457 -25.20 -34.15 41.70
C THR C 457 -24.85 -35.62 41.68
N GLU C 458 -23.57 -35.93 41.47
CA GLU C 458 -23.09 -37.30 41.43
C GLU C 458 -21.69 -37.36 42.02
N ILE C 459 -21.42 -38.43 42.77
CA ILE C 459 -20.11 -38.62 43.39
C ILE C 459 -19.06 -38.80 42.30
N TYR C 460 -17.97 -38.06 42.39
CA TYR C 460 -16.93 -38.09 41.38
C TYR C 460 -16.07 -39.34 41.52
N GLN C 461 -15.67 -39.90 40.39
CA GLN C 461 -14.79 -41.07 40.34
C GLN C 461 -13.57 -40.73 39.52
N ALA C 462 -12.40 -40.68 40.17
CA ALA C 462 -11.16 -40.36 39.48
C ALA C 462 -10.82 -41.41 38.44
N GLY C 463 -10.97 -42.69 38.78
CA GLY C 463 -10.69 -43.77 37.88
C GLY C 463 -11.95 -44.37 37.27
N SER C 464 -11.82 -45.62 36.83
CA SER C 464 -12.93 -46.36 36.24
C SER C 464 -13.71 -47.16 37.28
N THR C 465 -13.34 -47.06 38.55
CA THR C 465 -14.05 -47.81 39.58
C THR C 465 -15.41 -47.18 39.87
N PRO C 466 -16.49 -47.94 39.72
CA PRO C 466 -17.86 -47.44 39.98
C PRO C 466 -18.22 -47.40 41.46
N CYS C 467 -17.83 -46.31 42.12
CA CYS C 467 -18.15 -46.15 43.54
C CYS C 467 -19.65 -46.17 43.78
N ASN C 468 -20.39 -45.35 43.03
CA ASN C 468 -21.86 -45.29 43.11
C ASN C 468 -22.35 -45.04 44.54
N GLY C 469 -21.72 -44.08 45.22
CA GLY C 469 -22.11 -43.73 46.58
C GLY C 469 -21.33 -44.41 47.68
N VAL C 470 -20.48 -45.40 47.34
CA VAL C 470 -19.66 -46.04 48.37
C VAL C 470 -18.65 -45.05 48.93
N GLU C 471 -18.14 -44.14 48.11
CA GLU C 471 -17.12 -43.16 48.51
C GLU C 471 -15.84 -43.87 48.95
N GLY C 472 -15.32 -44.69 48.05
CA GLY C 472 -14.11 -45.44 48.29
C GLY C 472 -12.87 -44.68 47.88
N PHE C 473 -11.90 -45.42 47.34
CA PHE C 473 -10.64 -44.82 46.93
C PHE C 473 -10.85 -43.86 45.77
N ASN C 474 -10.21 -42.69 45.87
CA ASN C 474 -10.20 -41.66 44.84
C ASN C 474 -11.59 -41.12 44.52
N CYS C 475 -12.60 -41.43 45.34
CA CYS C 475 -13.94 -40.95 45.12
C CYS C 475 -14.26 -39.86 46.14
N TYR C 476 -14.44 -38.63 45.66
CA TYR C 476 -14.68 -37.48 46.52
C TYR C 476 -15.93 -36.76 46.06
N PHE C 477 -16.66 -36.18 47.03
CA PHE C 477 -17.86 -35.43 46.71
C PHE C 477 -17.51 -34.12 46.00
N PRO C 478 -18.27 -33.73 44.98
CA PRO C 478 -17.98 -32.48 44.28
C PRO C 478 -18.47 -31.26 45.04
N LEU C 479 -19.60 -31.38 45.72
CA LEU C 479 -20.13 -30.26 46.49
C LEU C 479 -19.29 -30.04 47.75
N GLN C 480 -19.08 -28.78 48.09
CA GLN C 480 -18.29 -28.41 49.26
C GLN C 480 -18.99 -27.28 50.01
N SER C 481 -18.69 -27.15 51.29
CA SER C 481 -19.31 -26.15 52.15
C SER C 481 -18.30 -25.08 52.55
N TYR C 482 -18.78 -23.85 52.63
CA TYR C 482 -17.95 -22.69 52.97
C TYR C 482 -18.27 -22.23 54.38
N GLY C 483 -17.21 -22.00 55.17
CA GLY C 483 -17.37 -21.46 56.51
C GLY C 483 -17.04 -19.99 56.58
N PHE C 484 -17.90 -19.21 57.24
CA PHE C 484 -17.74 -17.76 57.31
C PHE C 484 -17.33 -17.36 58.72
N GLN C 485 -16.20 -16.67 58.83
CA GLN C 485 -15.64 -16.26 60.11
C GLN C 485 -15.37 -14.76 60.09
N PRO C 486 -15.95 -13.97 61.01
CA PRO C 486 -15.63 -12.54 61.04
C PRO C 486 -14.17 -12.24 61.32
N THR C 487 -13.47 -13.11 62.05
CA THR C 487 -12.07 -12.84 62.40
C THR C 487 -11.13 -13.02 61.21
N ASN C 488 -11.61 -13.53 60.09
CA ASN C 488 -10.77 -13.77 58.93
C ASN C 488 -10.49 -12.45 58.21
N GLY C 489 -9.88 -12.57 57.02
CA GLY C 489 -9.50 -11.39 56.26
C GLY C 489 -10.70 -10.64 55.71
N VAL C 490 -10.42 -9.45 55.19
CA VAL C 490 -11.46 -8.57 54.68
C VAL C 490 -12.16 -9.16 53.45
N GLY C 491 -11.43 -9.88 52.60
CA GLY C 491 -12.06 -10.47 51.43
C GLY C 491 -12.66 -11.83 51.69
N TYR C 492 -12.58 -12.32 52.93
CA TYR C 492 -13.06 -13.66 53.24
C TYR C 492 -14.59 -13.71 53.30
N GLN C 493 -15.23 -12.69 53.87
CA GLN C 493 -16.68 -12.71 54.01
C GLN C 493 -17.34 -12.65 52.64
N PRO C 494 -18.41 -13.42 52.44
CA PRO C 494 -19.10 -13.41 51.14
C PRO C 494 -19.77 -12.08 50.86
N TYR C 495 -19.84 -11.74 49.58
CA TYR C 495 -20.48 -10.52 49.12
C TYR C 495 -21.71 -10.86 48.30
N ARG C 496 -22.65 -9.92 48.25
CA ARG C 496 -23.89 -10.11 47.50
C ARG C 496 -23.79 -9.40 46.15
N VAL C 497 -23.98 -10.16 45.08
CA VAL C 497 -23.86 -9.65 43.72
C VAL C 497 -25.12 -10.01 42.93
N VAL C 498 -25.61 -9.06 42.16
CA VAL C 498 -26.79 -9.25 41.32
C VAL C 498 -26.47 -8.70 39.93
N VAL C 499 -26.94 -9.41 38.90
CA VAL C 499 -26.68 -9.04 37.51
C VAL C 499 -28.01 -8.96 36.76
N LEU C 500 -28.10 -7.99 35.86
CA LEU C 500 -29.26 -7.82 34.99
C LEU C 500 -28.81 -7.94 33.54
N SER C 501 -29.51 -8.78 32.77
CA SER C 501 -29.17 -9.03 31.38
C SER C 501 -29.94 -8.06 30.49
N PHE C 502 -29.24 -7.48 29.52
CA PHE C 502 -29.81 -6.51 28.61
C PHE C 502 -29.80 -7.05 27.18
N GLU C 503 -30.83 -6.67 26.42
CA GLU C 503 -30.96 -7.08 25.02
C GLU C 503 -31.27 -5.84 24.18
N LEU C 504 -30.70 -5.80 22.98
CA LEU C 504 -30.87 -4.66 22.09
C LEU C 504 -31.40 -5.13 20.74
N LEU C 505 -32.43 -4.44 20.23
CA LEU C 505 -33.02 -4.67 18.92
C LEU C 505 -33.62 -6.06 18.78
N HIS C 506 -33.71 -6.83 19.87
CA HIS C 506 -34.33 -8.15 19.81
C HIS C 506 -35.85 -8.06 19.77
N ALA C 507 -36.43 -7.06 20.40
CA ALA C 507 -37.87 -6.89 20.48
C ALA C 507 -38.18 -5.43 20.78
N PRO C 508 -39.41 -4.98 20.52
CA PRO C 508 -39.77 -3.60 20.86
C PRO C 508 -39.61 -3.34 22.35
N ALA C 509 -39.19 -2.13 22.68
CA ALA C 509 -38.88 -1.74 24.05
C ALA C 509 -40.09 -1.87 24.97
N THR C 510 -39.89 -2.48 26.14
CA THR C 510 -40.97 -2.61 27.10
C THR C 510 -40.68 -1.83 28.37
N VAL C 511 -39.43 -1.89 28.84
CA VAL C 511 -39.00 -1.17 30.03
C VAL C 511 -38.16 0.02 29.58
N CYS C 512 -38.58 1.22 29.97
CA CYS C 512 -37.93 2.45 29.56
C CYS C 512 -37.85 3.42 30.72
N GLY C 513 -36.90 4.35 30.66
CA GLY C 513 -36.77 5.37 31.66
C GLY C 513 -37.74 6.51 31.43
N PRO C 514 -37.54 7.60 32.17
CA PRO C 514 -38.39 8.78 31.99
C PRO C 514 -38.25 9.35 30.58
N LYS C 515 -39.37 9.84 30.05
CA LYS C 515 -39.40 10.42 28.72
C LYS C 515 -40.68 11.23 28.57
N LYS C 516 -40.72 12.03 27.51
CA LYS C 516 -41.87 12.88 27.21
C LYS C 516 -42.30 12.67 25.77
N SER C 517 -43.61 12.46 25.57
CA SER C 517 -44.14 12.25 24.23
C SER C 517 -44.26 13.56 23.48
N THR C 518 -44.33 13.47 22.16
CA THR C 518 -44.41 14.65 21.30
C THR C 518 -45.45 14.43 20.21
N ASN C 519 -45.52 15.40 19.30
CA ASN C 519 -46.54 15.36 18.25
C ASN C 519 -45.92 14.98 16.91
N LEU C 520 -46.73 15.02 15.87
CA LEU C 520 -46.33 14.68 14.52
C LEU C 520 -46.26 15.93 13.66
N VAL C 521 -45.15 16.11 12.95
CA VAL C 521 -44.94 17.24 12.06
C VAL C 521 -44.73 16.70 10.65
N LYS C 522 -45.38 17.34 9.68
CA LYS C 522 -45.25 16.91 8.29
C LYS C 522 -44.31 17.83 7.53
N ASN C 523 -43.62 17.26 6.54
CA ASN C 523 -42.67 17.97 5.70
C ASN C 523 -41.56 18.61 6.54
N LYS C 524 -40.84 19.56 5.96
CA LYS C 524 -39.80 20.35 6.64
C LYS C 524 -38.88 19.45 7.46
N CYS C 525 -38.07 18.66 6.74
CA CYS C 525 -37.22 17.62 7.31
C CYS C 525 -36.57 18.05 8.62
N VAL C 526 -36.83 17.28 9.67
CA VAL C 526 -36.33 17.55 11.01
C VAL C 526 -35.88 16.24 11.65
N ASN C 527 -35.47 16.35 12.91
CA ASN C 527 -35.01 15.20 13.70
C ASN C 527 -36.20 14.32 14.06
N PHE C 528 -35.92 13.03 14.28
CA PHE C 528 -36.95 12.08 14.68
C PHE C 528 -36.35 11.06 15.63
N ASN C 529 -37.23 10.40 16.39
CA ASN C 529 -36.84 9.33 17.32
C ASN C 529 -38.03 8.39 17.49
N PHE C 530 -38.00 7.27 16.78
CA PHE C 530 -39.00 6.22 16.95
C PHE C 530 -38.40 5.13 17.82
N ASN C 531 -38.33 5.39 19.12
CA ASN C 531 -37.74 4.46 20.10
C ASN C 531 -36.27 4.19 19.79
N GLY C 532 -35.45 5.25 19.82
CA GLY C 532 -34.01 5.12 19.65
C GLY C 532 -33.51 5.13 18.23
N LEU C 533 -34.40 5.25 17.24
CA LEU C 533 -34.00 5.29 15.83
C LEU C 533 -33.56 6.70 15.46
N THR C 534 -32.38 7.07 15.96
CA THR C 534 -31.85 8.40 15.71
C THR C 534 -31.48 8.57 14.24
N GLY C 535 -31.76 9.75 13.70
CA GLY C 535 -31.48 10.03 12.30
C GLY C 535 -32.03 11.37 11.89
N THR C 536 -32.03 11.60 10.58
CA THR C 536 -32.53 12.83 9.99
C THR C 536 -33.29 12.51 8.71
N GLY C 537 -34.45 13.13 8.55
CA GLY C 537 -35.25 12.89 7.36
C GLY C 537 -36.50 13.76 7.37
N VAL C 538 -37.33 13.57 6.35
CA VAL C 538 -38.59 14.29 6.22
C VAL C 538 -39.72 13.29 6.31
N LEU C 539 -40.80 13.68 6.99
CA LEU C 539 -41.95 12.82 7.21
C LEU C 539 -43.09 13.24 6.30
N THR C 540 -43.68 12.27 5.61
CA THR C 540 -44.80 12.53 4.70
C THR C 540 -45.66 11.28 4.59
N GLU C 541 -46.89 11.47 4.15
CA GLU C 541 -47.83 10.37 4.01
C GLU C 541 -47.39 9.44 2.88
N SER C 542 -47.78 8.17 3.00
CA SER C 542 -47.45 7.17 2.00
C SER C 542 -48.73 6.54 1.47
N ASN C 543 -48.58 5.71 0.44
CA ASN C 543 -49.70 5.07 -0.21
C ASN C 543 -49.66 3.54 -0.14
N LYS C 544 -48.47 2.95 -0.01
CA LYS C 544 -48.34 1.50 -0.03
C LYS C 544 -49.02 0.88 1.19
N LYS C 545 -49.42 -0.38 1.04
CA LYS C 545 -50.08 -1.12 2.12
C LYS C 545 -49.10 -2.15 2.67
N PHE C 546 -49.27 -2.48 3.95
CA PHE C 546 -48.39 -3.42 4.61
C PHE C 546 -49.17 -4.58 5.22
N LEU C 547 -48.46 -5.42 5.96
CA LEU C 547 -49.06 -6.54 6.68
C LEU C 547 -49.36 -6.13 8.12
N PRO C 548 -50.34 -6.78 8.76
CA PRO C 548 -50.69 -6.40 10.14
C PRO C 548 -49.53 -6.48 11.12
N PHE C 549 -48.64 -7.46 10.98
CA PHE C 549 -47.48 -7.56 11.84
C PHE C 549 -46.28 -6.82 11.26
N GLN C 550 -46.40 -6.35 10.02
CA GLN C 550 -45.32 -5.60 9.39
C GLN C 550 -45.16 -4.24 10.06
N GLN C 551 -43.91 -3.82 10.27
CA GLN C 551 -43.62 -2.58 10.98
C GLN C 551 -42.69 -1.64 10.22
N PHE C 552 -41.70 -2.17 9.50
CA PHE C 552 -40.72 -1.33 8.82
C PHE C 552 -40.83 -1.51 7.30
N GLY C 553 -39.89 -0.87 6.61
CA GLY C 553 -39.82 -1.00 5.16
C GLY C 553 -38.44 -0.61 4.66
N ARG C 554 -38.03 -1.21 3.55
CA ARG C 554 -36.72 -0.99 2.98
C ARG C 554 -36.80 -0.81 1.48
N ASP C 555 -35.64 -0.86 0.83
CA ASP C 555 -35.52 -0.72 -0.61
C ASP C 555 -34.47 -1.69 -1.13
N ILE C 556 -34.08 -1.50 -2.39
CA ILE C 556 -33.10 -2.39 -3.01
C ILE C 556 -31.74 -2.26 -2.31
N ALA C 557 -31.40 -1.04 -1.87
CA ALA C 557 -30.14 -0.78 -1.17
C ALA C 557 -30.28 -0.95 0.34
N ASP C 558 -31.27 -1.74 0.77
CA ASP C 558 -31.56 -1.99 2.19
C ASP C 558 -31.45 -0.73 3.04
N THR C 559 -32.28 0.26 2.74
CA THR C 559 -32.31 1.52 3.47
C THR C 559 -33.70 1.77 4.02
N THR C 560 -33.76 2.30 5.23
CA THR C 560 -35.05 2.58 5.86
C THR C 560 -35.81 3.63 5.05
N ASP C 561 -37.01 3.27 4.62
CA ASP C 561 -37.82 4.15 3.78
C ASP C 561 -39.17 4.50 4.37
N ALA C 562 -39.87 3.57 4.99
CA ALA C 562 -41.20 3.83 5.52
C ALA C 562 -41.30 3.29 6.93
N VAL C 563 -42.12 3.95 7.75
CA VAL C 563 -42.38 3.52 9.12
C VAL C 563 -43.87 3.65 9.39
N ARG C 564 -44.39 2.66 10.12
CA ARG C 564 -45.78 2.63 10.57
C ARG C 564 -45.89 3.41 11.88
N ASP C 565 -46.95 4.20 12.02
CA ASP C 565 -47.12 5.02 13.21
C ASP C 565 -47.35 4.13 14.43
N PRO C 566 -46.61 4.34 15.52
CA PRO C 566 -46.78 3.45 16.69
C PRO C 566 -48.01 3.80 17.52
N GLN C 567 -48.64 4.95 17.27
CA GLN C 567 -49.71 5.38 18.15
C GLN C 567 -51.05 5.42 17.43
N THR C 568 -51.02 5.36 16.10
CA THR C 568 -52.25 5.35 15.30
C THR C 568 -52.18 4.39 14.12
N LEU C 569 -51.21 3.47 14.12
CA LEU C 569 -51.06 2.43 13.09
C LEU C 569 -51.21 3.00 11.67
N GLU C 570 -50.73 4.21 11.46
CA GLU C 570 -50.75 4.86 10.15
C GLU C 570 -49.39 4.71 9.48
N ILE C 571 -49.35 5.01 8.19
CA ILE C 571 -48.18 4.78 7.35
C ILE C 571 -47.52 6.12 7.03
N LEU C 572 -46.21 6.07 6.71
CA LEU C 572 -45.45 7.27 6.39
C LEU C 572 -44.38 6.92 5.37
N ASP C 573 -43.61 7.94 4.98
CA ASP C 573 -42.43 7.80 4.15
C ASP C 573 -41.31 8.67 4.70
N ILE C 574 -40.07 8.20 4.55
CA ILE C 574 -38.88 8.92 5.00
C ILE C 574 -37.92 9.03 3.84
N THR C 575 -37.58 10.26 3.46
CA THR C 575 -36.60 10.52 2.42
C THR C 575 -35.66 11.62 2.86
N PRO C 576 -34.39 11.53 2.50
CA PRO C 576 -33.46 12.63 2.80
C PRO C 576 -33.82 13.89 2.04
N CYS C 577 -33.52 15.02 2.65
CA CYS C 577 -33.86 16.29 2.03
C CYS C 577 -32.62 16.92 1.36
N SER C 578 -32.80 18.13 0.85
CA SER C 578 -31.96 18.68 -0.19
C SER C 578 -30.48 18.78 0.24
N PHE C 579 -29.60 18.51 -0.72
CA PHE C 579 -28.17 18.70 -0.56
C PHE C 579 -27.55 18.72 -1.95
N GLY C 580 -26.33 19.23 -2.03
CA GLY C 580 -25.64 19.28 -3.31
C GLY C 580 -24.37 20.10 -3.21
N GLY C 581 -23.77 20.34 -4.38
CA GLY C 581 -22.55 21.12 -4.46
C GLY C 581 -22.79 22.52 -5.00
N VAL C 582 -21.73 23.32 -4.99
CA VAL C 582 -21.78 24.70 -5.48
C VAL C 582 -20.54 24.98 -6.31
N SER C 583 -20.71 25.72 -7.39
CA SER C 583 -19.62 26.06 -8.29
C SER C 583 -19.66 27.55 -8.61
N VAL C 584 -18.48 28.10 -8.88
CA VAL C 584 -18.31 29.53 -9.11
C VAL C 584 -17.85 29.73 -10.56
N ILE C 585 -18.47 30.69 -11.24
CA ILE C 585 -18.13 31.04 -12.61
C ILE C 585 -17.43 32.39 -12.60
N THR C 586 -16.24 32.46 -13.17
CA THR C 586 -15.46 33.68 -13.21
C THR C 586 -14.92 33.91 -14.61
N PRO C 587 -14.81 35.16 -15.05
CA PRO C 587 -14.21 35.46 -16.34
C PRO C 587 -12.73 35.80 -16.31
N GLY C 588 -12.08 35.68 -15.16
CA GLY C 588 -10.69 36.06 -15.03
C GLY C 588 -10.53 37.29 -14.16
N THR C 589 -9.59 37.20 -13.22
CA THR C 589 -9.41 38.29 -12.25
C THR C 589 -8.84 39.54 -12.90
N ASN C 590 -8.19 39.41 -14.06
CA ASN C 590 -7.63 40.58 -14.73
C ASN C 590 -8.74 41.46 -15.30
N THR C 591 -9.71 40.86 -15.97
CA THR C 591 -10.73 41.64 -16.66
C THR C 591 -11.62 42.40 -15.67
N SER C 592 -12.15 41.70 -14.67
CA SER C 592 -13.09 42.30 -13.72
C SER C 592 -13.05 41.49 -12.43
N ASN C 593 -14.04 41.74 -11.57
CA ASN C 593 -14.17 41.02 -10.31
C ASN C 593 -15.55 40.40 -10.13
N GLN C 594 -16.52 40.76 -10.97
CA GLN C 594 -17.87 40.23 -10.85
C GLN C 594 -17.90 38.75 -11.20
N VAL C 595 -18.69 37.99 -10.43
CA VAL C 595 -18.75 36.54 -10.55
C VAL C 595 -20.20 36.09 -10.53
N ALA C 596 -20.41 34.79 -10.74
CA ALA C 596 -21.72 34.18 -10.70
C ALA C 596 -21.63 32.84 -9.99
N VAL C 597 -22.76 32.36 -9.48
CA VAL C 597 -22.81 31.18 -8.63
C VAL C 597 -23.85 30.21 -9.21
N LEU C 598 -23.53 28.92 -9.19
CA LEU C 598 -24.41 27.87 -9.67
C LEU C 598 -24.55 26.79 -8.61
N TYR C 599 -25.77 26.30 -8.42
CA TYR C 599 -26.05 25.20 -7.52
C TYR C 599 -26.32 23.94 -8.33
N GLN C 600 -26.16 22.77 -7.71
CA GLN C 600 -26.25 21.52 -8.45
C GLN C 600 -27.68 21.06 -8.69
N ASP C 601 -28.40 20.74 -7.61
CA ASP C 601 -29.79 20.30 -7.71
C ASP C 601 -30.59 21.00 -6.61
N VAL C 602 -31.07 22.20 -6.91
CA VAL C 602 -31.89 22.98 -5.99
C VAL C 602 -33.03 23.60 -6.78
N ASN C 603 -34.23 23.54 -6.23
CA ASN C 603 -35.39 24.14 -6.88
C ASN C 603 -35.45 25.62 -6.49
N CYS C 604 -34.55 26.41 -7.06
CA CYS C 604 -34.50 27.84 -6.78
C CYS C 604 -35.61 28.58 -7.50
N TRP C 620 -36.35 26.25 -3.33
CA TRP C 620 -36.06 27.59 -2.84
C TRP C 620 -35.20 27.53 -1.60
N ARG C 621 -34.32 26.53 -1.53
CA ARG C 621 -33.52 26.34 -0.32
C ARG C 621 -32.32 27.27 -0.27
N VAL C 622 -32.30 28.32 -1.09
CA VAL C 622 -31.23 29.30 -1.05
C VAL C 622 -31.39 30.18 0.18
N TYR C 623 -30.34 30.93 0.50
CA TYR C 623 -30.41 31.84 1.65
C TYR C 623 -30.38 33.30 1.19
N SER C 624 -29.53 33.62 0.23
CA SER C 624 -29.35 34.99 -0.24
C SER C 624 -29.42 35.01 -1.77
N THR C 625 -30.54 35.50 -2.30
CA THR C 625 -30.70 35.68 -3.73
C THR C 625 -31.45 36.98 -3.99
N GLY C 626 -30.89 37.81 -4.87
CA GLY C 626 -31.54 39.04 -5.25
C GLY C 626 -32.43 38.86 -6.47
N SER C 627 -32.20 39.65 -7.50
CA SER C 627 -32.90 39.52 -8.77
C SER C 627 -32.07 38.66 -9.71
N ASN C 628 -32.60 38.46 -10.92
CA ASN C 628 -31.93 37.67 -11.96
C ASN C 628 -31.68 36.24 -11.49
N VAL C 629 -32.77 35.52 -11.23
CA VAL C 629 -32.72 34.09 -10.94
C VAL C 629 -33.32 33.35 -12.12
N PHE C 630 -32.57 32.37 -12.63
CA PHE C 630 -32.97 31.64 -13.83
C PHE C 630 -32.60 30.18 -13.65
N GLN C 631 -33.61 29.33 -13.65
CA GLN C 631 -33.43 27.90 -13.44
C GLN C 631 -33.11 27.23 -14.76
N THR C 632 -31.95 26.57 -14.82
CA THR C 632 -31.51 25.83 -16.00
C THR C 632 -31.89 24.37 -15.84
N ARG C 633 -31.63 23.59 -16.88
CA ARG C 633 -31.83 22.15 -16.79
C ARG C 633 -30.89 21.53 -15.77
N ALA C 634 -29.64 22.00 -15.74
CA ALA C 634 -28.69 21.49 -14.76
C ALA C 634 -29.09 21.83 -13.33
N GLY C 635 -29.55 23.06 -13.09
CA GLY C 635 -29.88 23.50 -11.75
C GLY C 635 -30.44 24.91 -11.73
N CYS C 636 -29.98 25.75 -10.82
CA CYS C 636 -30.39 27.14 -10.76
C CYS C 636 -29.15 28.03 -10.79
N LEU C 637 -29.30 29.21 -11.37
CA LEU C 637 -28.19 30.14 -11.57
C LEU C 637 -28.57 31.52 -11.05
N ILE C 638 -27.60 32.21 -10.47
CA ILE C 638 -27.79 33.56 -9.95
C ILE C 638 -26.66 34.44 -10.46
N GLY C 639 -27.02 35.62 -10.95
CA GLY C 639 -26.06 36.57 -11.47
C GLY C 639 -25.94 36.66 -12.98
N ALA C 640 -26.81 35.98 -13.74
CA ALA C 640 -26.76 36.03 -15.19
C ALA C 640 -28.16 36.27 -15.72
N GLU C 641 -28.22 36.87 -16.91
CA GLU C 641 -29.48 37.22 -17.54
C GLU C 641 -29.71 36.38 -18.79
N HIS C 642 -30.85 35.71 -18.84
CA HIS C 642 -31.19 34.90 -20.00
C HIS C 642 -31.49 35.80 -21.21
N VAL C 643 -30.98 35.39 -22.37
CA VAL C 643 -31.16 36.14 -23.61
C VAL C 643 -31.62 35.17 -24.70
N ASN C 644 -32.13 35.72 -25.79
CA ASN C 644 -32.66 34.91 -26.88
C ASN C 644 -31.60 34.54 -27.92
N ASN C 645 -30.52 35.30 -28.03
CA ASN C 645 -29.54 35.09 -29.08
C ASN C 645 -28.78 33.79 -28.87
N SER C 646 -28.03 33.40 -29.90
CA SER C 646 -27.20 32.21 -29.87
C SER C 646 -25.75 32.59 -30.20
N TYR C 647 -24.82 31.95 -29.52
CA TYR C 647 -23.41 32.32 -29.60
C TYR C 647 -22.57 31.04 -29.61
N GLU C 648 -21.27 31.20 -29.42
CA GLU C 648 -20.32 30.08 -29.36
C GLU C 648 -20.15 29.60 -27.92
N CYS C 649 -19.14 28.76 -27.72
CA CYS C 649 -18.86 28.18 -26.42
C CYS C 649 -17.50 28.67 -25.91
N ASP C 650 -17.50 29.25 -24.73
CA ASP C 650 -16.25 29.60 -24.05
C ASP C 650 -16.19 29.09 -22.62
N ILE C 651 -17.32 29.07 -21.92
CA ILE C 651 -17.41 28.55 -20.56
C ILE C 651 -18.59 27.59 -20.50
N PRO C 652 -18.34 26.29 -20.51
CA PRO C 652 -19.45 25.32 -20.52
C PRO C 652 -20.21 25.27 -19.20
N ILE C 653 -21.50 24.97 -19.27
CA ILE C 653 -22.29 24.80 -18.05
C ILE C 653 -22.96 23.43 -18.03
N GLY C 654 -23.80 23.14 -19.03
CA GLY C 654 -24.49 21.87 -19.09
C GLY C 654 -25.83 21.96 -19.79
N ALA C 655 -26.18 20.91 -20.53
CA ALA C 655 -27.44 20.85 -21.29
C ALA C 655 -27.57 22.01 -22.27
N GLY C 656 -26.47 22.40 -22.90
CA GLY C 656 -26.51 23.42 -23.93
C GLY C 656 -26.59 24.84 -23.44
N ILE C 657 -25.92 25.18 -22.34
CA ILE C 657 -25.89 26.55 -21.83
C ILE C 657 -24.43 26.94 -21.64
N CYS C 658 -24.11 28.20 -21.93
CA CYS C 658 -22.76 28.72 -21.79
C CYS C 658 -22.82 30.12 -21.18
N ALA C 659 -21.68 30.58 -20.67
CA ALA C 659 -21.56 31.90 -20.07
C ALA C 659 -20.36 32.62 -20.66
N SER C 660 -20.48 33.93 -20.81
CA SER C 660 -19.44 34.73 -21.45
C SER C 660 -19.49 36.14 -20.89
N TYR C 661 -18.39 36.88 -21.04
CA TYR C 661 -18.28 38.26 -20.60
C TYR C 661 -18.23 39.16 -21.82
N GLN C 662 -19.18 40.09 -21.91
CA GLN C 662 -19.29 40.98 -23.05
C GLN C 662 -19.76 42.35 -22.60
N THR C 663 -19.84 43.28 -23.54
CA THR C 663 -20.34 44.62 -23.28
C THR C 663 -21.37 45.04 -24.32
N SER C 676 -24.17 47.71 -19.76
CA SER C 676 -22.73 47.86 -19.92
C SER C 676 -22.05 46.49 -19.98
N GLN C 677 -21.30 46.16 -18.95
CA GLN C 677 -20.56 44.91 -18.88
C GLN C 677 -21.14 44.01 -17.78
N SER C 678 -21.52 42.80 -18.18
CA SER C 678 -22.15 41.86 -17.26
C SER C 678 -21.82 40.44 -17.71
N ILE C 679 -22.57 39.47 -17.19
CA ILE C 679 -22.42 38.06 -17.53
C ILE C 679 -23.71 37.58 -18.16
N ILE C 680 -23.59 36.91 -19.31
CA ILE C 680 -24.74 36.51 -20.11
C ILE C 680 -24.83 34.99 -20.15
N ALA C 681 -26.05 34.48 -20.31
CA ALA C 681 -26.29 33.05 -20.49
C ALA C 681 -27.14 32.86 -21.74
N TYR C 682 -26.85 31.80 -22.49
CA TYR C 682 -27.52 31.58 -23.77
C TYR C 682 -27.45 30.10 -24.13
N THR C 683 -27.82 29.79 -25.36
CA THR C 683 -27.69 28.46 -25.91
C THR C 683 -26.74 28.48 -27.10
N MET C 684 -25.87 27.47 -27.16
CA MET C 684 -24.80 27.47 -28.14
C MET C 684 -25.34 27.27 -29.55
N SER C 685 -24.54 27.72 -30.52
CA SER C 685 -24.87 27.62 -31.94
C SER C 685 -23.88 26.68 -32.60
N LEU C 686 -24.40 25.70 -33.34
CA LEU C 686 -23.52 24.75 -34.01
C LEU C 686 -22.71 25.42 -35.11
N GLY C 687 -23.33 26.30 -35.88
CA GLY C 687 -22.63 26.99 -36.94
C GLY C 687 -23.60 27.73 -37.83
N ALA C 688 -23.03 28.45 -38.79
CA ALA C 688 -23.82 29.20 -39.74
C ALA C 688 -24.57 28.27 -40.68
N GLU C 689 -25.83 28.59 -40.93
CA GLU C 689 -26.66 27.81 -41.84
C GLU C 689 -26.30 28.11 -43.29
N ASN C 690 -26.34 27.08 -44.12
CA ASN C 690 -25.95 27.20 -45.52
C ASN C 690 -26.65 26.13 -46.32
N SER C 691 -26.94 26.45 -47.59
CA SER C 691 -27.57 25.52 -48.50
C SER C 691 -26.84 25.55 -49.83
N VAL C 692 -26.89 24.43 -50.56
CA VAL C 692 -26.17 24.26 -51.82
C VAL C 692 -27.19 23.99 -52.92
N ALA C 693 -27.05 24.72 -54.02
CA ALA C 693 -27.93 24.53 -55.17
C ALA C 693 -27.62 23.19 -55.84
N TYR C 694 -28.66 22.42 -56.12
CA TYR C 694 -28.51 21.09 -56.68
C TYR C 694 -29.35 20.97 -57.95
N SER C 695 -28.82 20.27 -58.94
CA SER C 695 -29.53 20.02 -60.19
C SER C 695 -28.94 18.78 -60.84
N ASN C 696 -29.65 18.24 -61.82
CA ASN C 696 -29.19 17.02 -62.46
C ASN C 696 -28.32 17.28 -63.70
N ASN C 697 -28.04 18.54 -64.01
CA ASN C 697 -27.12 18.86 -65.11
C ASN C 697 -26.26 20.07 -64.74
N SER C 698 -25.97 20.23 -63.45
CA SER C 698 -25.22 21.38 -62.96
C SER C 698 -23.97 20.92 -62.24
N ILE C 699 -22.86 21.62 -62.46
CA ILE C 699 -21.58 21.30 -61.86
C ILE C 699 -20.81 22.59 -61.58
N ALA C 700 -19.79 22.50 -60.74
CA ALA C 700 -18.93 23.62 -60.39
C ALA C 700 -17.48 23.18 -60.44
N ILE C 701 -16.61 24.06 -60.93
CA ILE C 701 -15.20 23.73 -61.12
C ILE C 701 -14.32 24.89 -60.63
N PRO C 702 -13.26 24.62 -59.89
CA PRO C 702 -12.41 25.72 -59.41
C PRO C 702 -11.59 26.36 -60.52
N THR C 703 -11.05 27.54 -60.21
CA THR C 703 -10.23 28.29 -61.14
C THR C 703 -8.95 28.86 -60.54
N ASN C 704 -8.82 28.91 -59.22
CA ASN C 704 -7.64 29.45 -58.57
C ASN C 704 -7.40 28.69 -57.28
N PHE C 705 -6.17 28.76 -56.79
CA PHE C 705 -5.74 27.94 -55.66
C PHE C 705 -4.99 28.79 -54.64
N THR C 706 -4.92 28.27 -53.41
CA THR C 706 -4.18 28.92 -52.33
C THR C 706 -3.36 27.86 -51.61
N ILE C 707 -2.32 28.32 -50.93
CA ILE C 707 -1.40 27.45 -50.19
C ILE C 707 -1.34 27.92 -48.75
N SER C 708 -1.49 26.99 -47.81
CA SER C 708 -1.55 27.31 -46.39
C SER C 708 -0.57 26.43 -45.62
N VAL C 709 -0.40 26.77 -44.34
CA VAL C 709 0.47 26.03 -43.43
C VAL C 709 -0.23 25.90 -42.09
N THR C 710 -0.15 24.70 -41.50
CA THR C 710 -0.79 24.41 -40.22
C THR C 710 0.18 23.61 -39.36
N THR C 711 -0.03 23.68 -38.04
CA THR C 711 0.87 23.05 -37.08
C THR C 711 0.11 22.13 -36.15
N GLU C 712 0.81 21.09 -35.68
CA GLU C 712 0.30 20.16 -34.69
C GLU C 712 1.35 19.89 -33.62
N ILE C 713 0.90 19.72 -32.38
CA ILE C 713 1.79 19.54 -31.24
C ILE C 713 1.43 18.24 -30.53
N LEU C 714 2.44 17.41 -30.29
CA LEU C 714 2.24 16.13 -29.62
C LEU C 714 3.31 15.91 -28.55
N PRO C 715 2.92 15.42 -27.38
CA PRO C 715 3.92 15.08 -26.36
C PRO C 715 4.67 13.81 -26.72
N VAL C 716 5.85 13.65 -26.12
CA VAL C 716 6.69 12.49 -26.40
C VAL C 716 7.08 11.76 -25.13
N SER C 717 7.64 12.48 -24.15
CA SER C 717 8.19 11.83 -22.97
C SER C 717 7.93 12.69 -21.74
N MET C 718 8.37 12.18 -20.58
CA MET C 718 8.20 12.85 -19.30
C MET C 718 9.46 12.67 -18.46
N THR C 719 9.58 13.50 -17.43
CA THR C 719 10.75 13.48 -16.58
C THR C 719 10.76 12.24 -15.68
N LYS C 720 11.95 11.67 -15.50
CA LYS C 720 12.11 10.49 -14.69
C LYS C 720 12.18 10.85 -13.20
N THR C 721 11.81 9.88 -12.36
CA THR C 721 11.85 10.04 -10.91
C THR C 721 12.34 8.75 -10.27
N SER C 722 12.82 8.86 -9.05
CA SER C 722 13.28 7.72 -8.28
C SER C 722 13.14 8.01 -6.80
N VAL C 723 12.54 7.08 -6.06
CA VAL C 723 12.27 7.25 -4.64
C VAL C 723 12.79 6.02 -3.89
N ASP C 724 13.54 6.26 -2.83
CA ASP C 724 14.00 5.17 -1.97
C ASP C 724 12.91 4.79 -0.98
N CYS C 725 12.65 3.49 -0.87
CA CYS C 725 11.55 3.00 -0.04
C CYS C 725 11.81 3.23 1.44
N THR C 726 12.94 2.73 1.94
CA THR C 726 13.20 2.79 3.37
C THR C 726 13.45 4.21 3.85
N MET C 727 14.14 5.02 3.03
CA MET C 727 14.48 6.37 3.45
C MET C 727 13.25 7.22 3.68
N TYR C 728 12.24 7.11 2.79
CA TYR C 728 11.09 8.00 2.87
C TYR C 728 10.20 7.66 4.06
N ILE C 729 9.88 6.37 4.25
CA ILE C 729 8.86 5.98 5.22
C ILE C 729 9.43 5.69 6.60
N CYS C 730 10.74 5.70 6.76
CA CYS C 730 11.34 5.24 8.01
C CYS C 730 12.42 6.15 8.56
N GLY C 731 13.01 7.04 7.77
CA GLY C 731 14.05 7.90 8.30
C GLY C 731 15.32 7.12 8.53
N ASP C 732 16.26 7.72 9.26
CA ASP C 732 17.54 7.09 9.54
C ASP C 732 17.60 6.36 10.87
N SER C 733 16.50 6.29 11.61
CA SER C 733 16.50 5.58 12.88
C SER C 733 16.52 4.08 12.65
N THR C 734 17.41 3.38 13.35
CA THR C 734 17.53 1.94 13.20
C THR C 734 16.39 1.19 13.86
N GLU C 735 15.79 1.76 14.91
CA GLU C 735 14.68 1.08 15.57
C GLU C 735 13.47 0.98 14.64
N CYS C 736 13.22 2.01 13.86
CA CYS C 736 12.15 1.97 12.86
C CYS C 736 12.40 0.90 11.82
N SER C 737 13.65 0.78 11.34
CA SER C 737 13.92 -0.11 10.21
C SER C 737 13.67 -1.56 10.57
N ASN C 738 13.89 -1.93 11.84
CA ASN C 738 13.71 -3.32 12.24
C ASN C 738 12.27 -3.76 12.09
N LEU C 739 11.32 -2.91 12.48
CA LEU C 739 9.91 -3.28 12.36
C LEU C 739 9.45 -3.33 10.91
N LEU C 740 10.16 -2.66 10.00
CA LEU C 740 9.77 -2.69 8.60
C LEU C 740 10.02 -4.04 7.95
N LEU C 741 11.01 -4.79 8.43
CA LEU C 741 11.34 -6.08 7.84
C LEU C 741 10.27 -7.13 8.05
N GLN C 742 9.30 -6.88 8.94
CA GLN C 742 8.20 -7.83 9.10
C GLN C 742 7.39 -7.95 7.82
N TYR C 743 7.12 -6.83 7.16
CA TYR C 743 6.55 -6.88 5.82
C TYR C 743 7.58 -7.44 4.86
N GLY C 744 7.12 -8.32 3.97
CA GLY C 744 8.05 -9.12 3.19
C GLY C 744 8.87 -8.38 2.16
N SER C 745 8.23 -7.94 1.07
CA SER C 745 8.98 -7.35 -0.03
C SER C 745 8.29 -6.15 -0.63
N PHE C 746 7.75 -5.26 0.21
CA PHE C 746 7.15 -4.04 -0.31
C PHE C 746 8.19 -3.10 -0.89
N CYS C 747 9.34 -2.97 -0.23
CA CYS C 747 10.35 -2.03 -0.71
C CYS C 747 10.91 -2.45 -2.06
N THR C 748 11.16 -3.75 -2.26
CA THR C 748 11.69 -4.19 -3.54
C THR C 748 10.63 -4.17 -4.63
N GLN C 749 9.37 -4.41 -4.27
CA GLN C 749 8.30 -4.38 -5.25
C GLN C 749 8.15 -3.00 -5.86
N LEU C 750 8.21 -1.95 -5.03
CA LEU C 750 7.97 -0.61 -5.52
C LEU C 750 9.12 -0.13 -6.40
N ASN C 751 10.36 -0.51 -6.05
CA ASN C 751 11.51 -0.02 -6.80
C ASN C 751 11.53 -0.56 -8.22
N ARG C 752 11.12 -1.82 -8.42
CA ARG C 752 11.10 -2.38 -9.76
C ARG C 752 10.12 -1.63 -10.66
N ALA C 753 8.97 -1.25 -10.12
CA ALA C 753 7.96 -0.57 -10.93
C ALA C 753 8.45 0.78 -11.43
N LEU C 754 9.14 1.54 -10.57
CA LEU C 754 9.58 2.87 -10.96
C LEU C 754 10.77 2.81 -11.91
N THR C 755 11.58 1.76 -11.82
CA THR C 755 12.72 1.64 -12.72
C THR C 755 12.29 1.29 -14.13
N GLY C 756 11.20 0.55 -14.28
CA GLY C 756 10.72 0.21 -15.61
C GLY C 756 10.26 1.43 -16.39
N ILE C 757 9.66 2.40 -15.70
CA ILE C 757 9.20 3.61 -16.36
C ILE C 757 10.38 4.41 -16.89
N ALA C 758 11.44 4.54 -16.09
CA ALA C 758 12.58 5.37 -16.48
C ALA C 758 13.25 4.83 -17.73
N VAL C 759 13.42 3.51 -17.81
CA VAL C 759 14.04 2.92 -19.00
C VAL C 759 13.16 3.12 -20.22
N GLU C 760 11.84 3.00 -20.04
CA GLU C 760 10.92 3.11 -21.17
C GLU C 760 10.96 4.49 -21.82
N GLN C 761 11.20 5.53 -21.02
CA GLN C 761 11.17 6.89 -21.57
C GLN C 761 12.23 7.09 -22.63
N ASP C 762 13.44 6.56 -22.41
CA ASP C 762 14.49 6.70 -23.41
C ASP C 762 14.18 5.92 -24.68
N LYS C 763 13.35 4.88 -24.57
CA LYS C 763 12.95 4.14 -25.76
C LYS C 763 12.01 4.96 -26.64
N ASN C 764 11.12 5.74 -26.02
CA ASN C 764 10.16 6.51 -26.79
C ASN C 764 10.84 7.58 -27.63
N THR C 765 11.79 8.30 -27.04
CA THR C 765 12.47 9.36 -27.78
C THR C 765 13.43 8.83 -28.82
N GLN C 766 13.91 7.59 -28.66
CA GLN C 766 14.84 7.03 -29.64
C GLN C 766 14.09 6.36 -30.77
N GLU C 767 12.76 6.30 -30.69
CA GLU C 767 11.97 5.63 -31.71
C GLU C 767 11.26 6.63 -32.61
N VAL C 768 11.30 7.91 -32.24
CA VAL C 768 10.58 8.91 -33.00
C VAL C 768 11.54 9.85 -33.72
N PHE C 769 12.83 9.78 -33.39
CA PHE C 769 13.81 10.66 -33.99
C PHE C 769 14.91 9.93 -34.74
N ALA C 770 15.27 8.72 -34.32
CA ALA C 770 16.37 7.97 -34.92
C ALA C 770 15.80 7.11 -36.04
N GLN C 771 15.64 7.72 -37.22
CA GLN C 771 15.13 7.01 -38.39
C GLN C 771 15.96 7.22 -39.64
N VAL C 772 17.18 7.74 -39.53
CA VAL C 772 18.09 7.90 -40.65
C VAL C 772 19.43 7.27 -40.28
N LYS C 773 20.01 6.53 -41.22
CA LYS C 773 21.28 5.86 -40.95
C LYS C 773 22.45 6.84 -40.96
N GLN C 774 22.47 7.78 -41.89
CA GLN C 774 23.58 8.71 -42.05
C GLN C 774 23.13 10.11 -41.70
N ILE C 775 24.08 11.05 -41.71
CA ILE C 775 23.83 12.45 -41.43
C ILE C 775 24.18 13.25 -42.67
N TYR C 776 23.20 13.98 -43.19
CA TYR C 776 23.36 14.76 -44.41
C TYR C 776 23.60 16.22 -44.06
N LYS C 777 24.23 16.93 -44.99
CA LYS C 777 24.54 18.35 -44.82
C LYS C 777 24.03 19.14 -46.00
N THR C 778 23.46 20.31 -45.73
CA THR C 778 22.96 21.17 -46.77
C THR C 778 24.12 21.76 -47.59
N PRO C 779 23.92 22.00 -48.88
CA PRO C 779 24.99 22.59 -49.68
C PRO C 779 25.30 24.00 -49.23
N PRO C 780 26.54 24.46 -49.42
CA PRO C 780 26.89 25.83 -48.98
C PRO C 780 26.09 26.91 -49.66
N ILE C 781 25.73 26.75 -50.92
CA ILE C 781 25.09 27.79 -51.72
C ILE C 781 23.58 27.57 -51.69
N LYS C 782 22.83 28.63 -51.44
CA LYS C 782 21.37 28.59 -51.37
C LYS C 782 20.81 29.08 -52.70
N ASP C 783 20.21 28.17 -53.46
CA ASP C 783 19.50 28.51 -54.70
C ASP C 783 18.50 27.41 -54.98
N PHE C 784 17.21 27.72 -54.79
CA PHE C 784 16.13 26.74 -54.95
C PHE C 784 15.03 27.27 -55.86
N GLY C 785 15.40 28.12 -56.82
CA GLY C 785 14.41 28.65 -57.73
C GLY C 785 13.35 29.52 -57.09
N GLY C 786 13.71 30.37 -56.15
CA GLY C 786 12.77 31.28 -55.53
C GLY C 786 12.13 30.80 -54.24
N PHE C 787 12.63 29.72 -53.65
CA PHE C 787 12.09 29.23 -52.39
C PHE C 787 13.05 29.55 -51.25
N ASN C 788 12.51 30.11 -50.17
CA ASN C 788 13.28 30.62 -49.06
C ASN C 788 12.98 29.80 -47.82
N PHE C 789 14.02 29.27 -47.19
CA PHE C 789 13.92 28.37 -46.04
C PHE C 789 14.71 28.90 -44.85
N SER C 790 14.65 30.21 -44.61
CA SER C 790 15.52 30.79 -43.58
C SER C 790 14.98 30.55 -42.18
N GLN C 791 13.72 30.13 -42.07
CA GLN C 791 13.12 29.99 -40.75
C GLN C 791 13.22 28.55 -40.23
N ILE C 792 13.77 27.65 -41.02
CA ILE C 792 13.84 26.26 -40.59
C ILE C 792 15.29 25.80 -40.46
N LEU C 793 16.16 26.23 -41.38
CA LEU C 793 17.54 25.77 -41.37
C LEU C 793 18.27 26.33 -40.16
N PRO C 794 19.30 25.63 -39.68
CA PRO C 794 20.06 26.13 -38.52
C PRO C 794 20.80 27.42 -38.83
N ASP C 795 20.97 28.21 -37.78
CA ASP C 795 21.66 29.50 -37.86
C ASP C 795 23.04 29.39 -37.25
N PRO C 796 24.11 29.50 -38.04
CA PRO C 796 25.46 29.36 -37.47
C PRO C 796 25.85 30.47 -36.49
N SER C 797 25.17 31.62 -36.53
CA SER C 797 25.55 32.72 -35.67
C SER C 797 25.28 32.42 -34.20
N LYS C 798 24.16 31.75 -33.92
CA LYS C 798 23.78 31.49 -32.53
C LYS C 798 24.74 30.49 -31.89
N PRO C 799 24.90 30.54 -30.56
CA PRO C 799 25.82 29.60 -29.91
C PRO C 799 25.48 28.15 -30.15
N SER C 800 24.21 27.80 -30.17
CA SER C 800 23.78 26.43 -30.41
C SER C 800 23.02 26.36 -31.72
N LYS C 801 23.16 25.22 -32.42
CA LYS C 801 22.56 25.06 -33.74
C LYS C 801 21.06 24.86 -33.58
N ARG C 802 20.34 25.98 -33.57
CA ARG C 802 18.88 25.97 -33.49
C ARG C 802 18.32 26.93 -34.53
N SER C 803 17.15 26.60 -35.03
CA SER C 803 16.45 27.44 -35.99
C SER C 803 15.70 28.54 -35.28
N PRO C 804 15.41 29.66 -35.97
CA PRO C 804 14.64 30.73 -35.33
C PRO C 804 13.29 30.27 -34.79
N ILE C 805 12.60 29.36 -35.48
CA ILE C 805 11.34 28.84 -34.96
C ILE C 805 11.57 28.05 -33.68
N GLU C 806 12.62 27.23 -33.65
CA GLU C 806 12.90 26.43 -32.46
C GLU C 806 13.22 27.29 -31.25
N ASP C 807 13.99 28.37 -31.45
CA ASP C 807 14.33 29.25 -30.33
C ASP C 807 13.10 29.90 -29.74
N LEU C 808 12.16 30.31 -30.58
CA LEU C 808 10.94 30.94 -30.08
C LEU C 808 10.12 29.94 -29.25
N LEU C 809 10.18 28.65 -29.62
CA LEU C 809 9.45 27.64 -28.87
C LEU C 809 10.16 27.30 -27.57
N PHE C 810 11.49 27.44 -27.54
CA PHE C 810 12.25 26.99 -26.37
C PHE C 810 11.94 27.83 -25.14
N ASN C 811 11.80 29.15 -25.31
CA ASN C 811 11.52 30.02 -24.18
C ASN C 811 10.04 30.13 -23.86
N LYS C 812 9.17 29.66 -24.76
CA LYS C 812 7.73 29.81 -24.54
C LYS C 812 7.25 28.89 -23.42
N VAL C 813 7.82 27.70 -23.31
CA VAL C 813 7.43 26.74 -22.28
C VAL C 813 8.36 26.92 -21.08
N THR C 814 7.77 27.20 -19.92
CA THR C 814 8.52 27.45 -18.70
C THR C 814 8.38 26.27 -17.75
N LEU C 815 9.50 25.81 -17.23
CA LEU C 815 9.51 24.69 -16.29
C LEU C 815 9.11 25.15 -14.90
N CYS C 838 11.75 24.14 -5.00
CA CYS C 838 12.22 23.22 -6.03
C CYS C 838 13.67 22.84 -5.80
N ALA C 839 14.23 23.28 -4.68
CA ALA C 839 15.62 23.04 -4.34
C ALA C 839 15.73 22.31 -3.02
N GLN C 840 16.97 22.16 -2.55
CA GLN C 840 17.32 21.50 -1.28
C GLN C 840 16.97 20.01 -1.27
N LYS C 841 16.55 19.46 -2.41
CA LYS C 841 16.36 18.04 -2.70
C LYS C 841 15.39 17.35 -1.74
N PHE C 842 14.83 18.06 -0.77
CA PHE C 842 13.83 17.55 0.18
C PHE C 842 14.34 16.21 0.74
N ASN C 843 13.54 15.15 0.71
CA ASN C 843 13.93 13.83 1.18
C ASN C 843 14.55 13.04 0.02
N GLY C 844 14.67 11.73 0.19
CA GLY C 844 15.38 10.92 -0.77
C GLY C 844 14.68 10.77 -2.11
N LEU C 845 14.59 11.86 -2.86
CA LEU C 845 14.04 11.88 -4.21
C LEU C 845 15.09 12.42 -5.16
N THR C 846 15.21 11.80 -6.33
CA THR C 846 16.16 12.22 -7.35
C THR C 846 15.42 12.57 -8.64
N VAL C 847 16.17 12.99 -9.64
CA VAL C 847 15.60 13.41 -10.92
C VAL C 847 16.12 12.57 -12.08
N LEU C 848 17.43 12.33 -12.12
CA LEU C 848 18.11 11.57 -13.16
C LEU C 848 18.11 12.34 -14.49
N PRO C 849 19.17 12.24 -15.27
CA PRO C 849 19.23 12.95 -16.55
C PRO C 849 18.76 12.08 -17.70
N PRO C 850 18.28 12.69 -18.78
CA PRO C 850 17.92 11.90 -19.96
C PRO C 850 19.16 11.42 -20.71
N LEU C 851 18.96 10.38 -21.52
CA LEU C 851 20.07 9.77 -22.24
C LEU C 851 20.59 10.69 -23.34
N LEU C 852 19.70 11.25 -24.14
CA LEU C 852 20.10 12.11 -25.24
C LEU C 852 19.99 13.57 -24.85
N THR C 853 21.11 14.29 -24.89
CA THR C 853 21.10 15.70 -24.59
C THR C 853 20.42 16.50 -25.71
N ASP C 854 19.92 17.68 -25.37
CA ASP C 854 19.21 18.52 -26.31
C ASP C 854 20.05 18.92 -27.52
N GLU C 855 21.38 19.01 -27.36
CA GLU C 855 22.22 19.35 -28.51
C GLU C 855 22.21 18.25 -29.56
N MET C 856 22.18 16.98 -29.12
CA MET C 856 22.18 15.88 -30.07
C MET C 856 20.82 15.73 -30.75
N ILE C 857 19.73 16.04 -30.06
CA ILE C 857 18.40 15.94 -30.65
C ILE C 857 18.27 16.90 -31.82
N ALA C 858 18.76 18.13 -31.65
CA ALA C 858 18.66 19.12 -32.72
C ALA C 858 19.44 18.68 -33.96
N GLN C 859 20.49 17.89 -33.79
CA GLN C 859 21.23 17.37 -34.94
C GLN C 859 20.36 16.43 -35.77
N TYR C 860 19.58 15.58 -35.10
CA TYR C 860 18.78 14.60 -35.83
C TYR C 860 17.73 15.25 -36.71
N THR C 861 17.04 16.28 -36.19
CA THR C 861 16.03 16.95 -36.99
C THR C 861 16.66 17.66 -38.18
N SER C 862 17.85 18.24 -37.99
CA SER C 862 18.52 18.93 -39.09
C SER C 862 18.89 17.96 -40.20
N ALA C 863 19.19 16.71 -39.85
CA ALA C 863 19.53 15.72 -40.87
C ALA C 863 18.34 15.44 -41.78
N LEU C 864 17.14 15.37 -41.21
CA LEU C 864 15.95 15.09 -42.01
C LEU C 864 15.67 16.23 -42.98
N LEU C 865 15.88 17.48 -42.57
CA LEU C 865 15.62 18.61 -43.45
C LEU C 865 16.54 18.58 -44.67
N ALA C 866 17.80 18.22 -44.49
CA ALA C 866 18.72 18.17 -45.62
C ALA C 866 18.30 17.12 -46.62
N GLY C 867 17.86 15.95 -46.15
CA GLY C 867 17.49 14.87 -47.07
C GLY C 867 16.25 15.21 -47.89
N THR C 868 15.22 15.77 -47.26
CA THR C 868 13.98 16.02 -47.97
C THR C 868 14.11 17.19 -48.94
N ILE C 869 14.95 18.18 -48.62
CA ILE C 869 15.14 19.31 -49.53
C ILE C 869 15.92 18.87 -50.76
N THR C 870 16.97 18.07 -50.57
CA THR C 870 17.84 17.71 -51.67
C THR C 870 17.33 16.51 -52.46
N SER C 871 17.12 15.38 -51.77
CA SER C 871 16.83 14.11 -52.43
C SER C 871 15.36 13.76 -52.45
N GLY C 872 14.48 14.67 -52.06
CA GLY C 872 13.05 14.34 -52.05
C GLY C 872 12.75 13.24 -51.04
N TRP C 873 12.00 12.22 -51.50
CA TRP C 873 11.65 11.09 -50.66
C TRP C 873 12.44 9.84 -50.99
N THR C 874 13.47 9.94 -51.83
CA THR C 874 14.18 8.73 -52.26
C THR C 874 15.01 8.14 -51.13
N PHE C 875 15.48 8.98 -50.20
CA PHE C 875 16.36 8.50 -49.15
C PHE C 875 15.62 7.70 -48.08
N GLY C 876 14.29 7.63 -48.14
CA GLY C 876 13.57 6.81 -47.19
C GLY C 876 13.70 5.33 -47.49
N ALA C 877 14.10 4.99 -48.71
CA ALA C 877 14.27 3.60 -49.13
C ALA C 877 15.47 3.52 -50.06
N GLY C 878 16.58 3.00 -49.56
CA GLY C 878 17.77 2.85 -50.36
C GLY C 878 18.61 4.11 -50.40
N PRO C 879 19.58 4.16 -51.31
CA PRO C 879 20.47 5.32 -51.40
C PRO C 879 19.74 6.56 -51.88
N ALA C 880 20.29 7.71 -51.49
CA ALA C 880 19.70 9.00 -51.85
C ALA C 880 20.12 9.42 -53.25
N LEU C 881 19.18 9.97 -53.99
CA LEU C 881 19.41 10.47 -55.34
C LEU C 881 18.98 11.93 -55.43
N GLN C 882 19.85 12.77 -55.96
CA GLN C 882 19.56 14.19 -56.04
C GLN C 882 18.56 14.49 -57.14
N ILE C 883 17.88 15.62 -57.02
CA ILE C 883 16.87 16.05 -57.97
C ILE C 883 16.59 17.54 -57.78
N PRO C 884 16.45 18.32 -58.85
CA PRO C 884 16.15 19.74 -58.68
C PRO C 884 14.83 19.96 -57.95
N PHE C 885 14.80 21.00 -57.13
CA PHE C 885 13.63 21.24 -56.28
C PHE C 885 12.37 21.57 -57.07
N PRO C 886 12.37 22.50 -58.04
CA PRO C 886 11.11 22.78 -58.74
C PRO C 886 10.52 21.57 -59.44
N MET C 887 11.35 20.69 -59.97
CA MET C 887 10.84 19.47 -60.58
C MET C 887 10.25 18.52 -59.53
N GLN C 888 10.82 18.52 -58.33
CA GLN C 888 10.29 17.66 -57.27
C GLN C 888 8.87 18.06 -56.89
N MET C 889 8.60 19.36 -56.81
CA MET C 889 7.26 19.82 -56.48
C MET C 889 6.27 19.49 -57.59
N ALA C 890 6.76 19.36 -58.83
CA ALA C 890 5.87 18.99 -59.93
C ALA C 890 5.29 17.60 -59.73
N TYR C 891 6.10 16.67 -59.23
CA TYR C 891 5.61 15.31 -58.99
C TYR C 891 4.57 15.29 -57.88
N ARG C 892 4.72 16.16 -56.89
CA ARG C 892 3.71 16.26 -55.84
C ARG C 892 2.36 16.69 -56.41
N PHE C 893 2.37 17.63 -57.34
CA PHE C 893 1.14 18.04 -58.00
C PHE C 893 0.55 16.89 -58.81
N ASN C 894 1.41 16.12 -59.48
CA ASN C 894 0.92 15.03 -60.32
C ASN C 894 0.28 13.93 -59.48
N GLY C 895 0.62 13.87 -58.20
CA GLY C 895 0.04 12.84 -57.35
C GLY C 895 -1.24 13.26 -56.66
N ILE C 896 -1.75 14.44 -57.01
CA ILE C 896 -2.97 14.91 -56.37
C ILE C 896 -4.08 15.11 -57.40
N GLY C 897 -3.73 15.10 -58.67
CA GLY C 897 -4.73 15.21 -59.72
C GLY C 897 -4.53 16.38 -60.67
N VAL C 898 -3.46 17.14 -60.48
CA VAL C 898 -3.17 18.30 -61.31
C VAL C 898 -1.91 18.02 -62.12
N THR C 899 -1.98 18.33 -63.42
CA THR C 899 -0.89 18.02 -64.32
C THR C 899 0.30 18.95 -64.08
N GLN C 900 1.43 18.57 -64.67
CA GLN C 900 2.67 19.34 -64.54
C GLN C 900 2.56 20.73 -65.16
N ASN C 901 1.57 20.96 -66.02
CA ASN C 901 1.48 22.22 -66.74
C ASN C 901 1.30 23.39 -65.79
N VAL C 902 0.47 23.23 -64.76
CA VAL C 902 0.07 24.35 -63.92
C VAL C 902 1.25 24.88 -63.13
N LEU C 903 2.09 23.99 -62.59
CA LEU C 903 3.16 24.42 -61.69
C LEU C 903 4.18 25.28 -62.41
N TYR C 904 4.58 24.90 -63.62
CA TYR C 904 5.63 25.64 -64.31
C TYR C 904 5.16 27.01 -64.74
N GLU C 905 3.91 27.13 -65.17
CA GLU C 905 3.41 28.41 -65.66
C GLU C 905 3.22 29.44 -64.55
N ASN C 906 2.89 29.00 -63.34
CA ASN C 906 2.64 29.90 -62.22
C ASN C 906 3.68 29.72 -61.13
N GLN C 907 4.95 29.60 -61.51
CA GLN C 907 6.00 29.37 -60.52
C GLN C 907 6.19 30.57 -59.61
N LYS C 908 6.17 31.79 -60.17
CA LYS C 908 6.44 32.98 -59.37
C LYS C 908 5.34 33.22 -58.35
N LEU C 909 4.08 32.99 -58.72
CA LEU C 909 2.97 33.23 -57.80
C LEU C 909 2.99 32.25 -56.64
N ILE C 910 3.35 31.00 -56.91
CA ILE C 910 3.37 29.98 -55.86
C ILE C 910 4.46 30.29 -54.85
N ALA C 911 5.66 30.66 -55.31
CA ALA C 911 6.78 30.87 -54.40
C ALA C 911 6.50 32.02 -53.43
N ASN C 912 5.92 33.11 -53.94
CA ASN C 912 5.60 34.23 -53.06
C ASN C 912 4.55 33.85 -52.03
N GLN C 913 3.56 33.04 -52.44
CA GLN C 913 2.55 32.58 -51.49
C GLN C 913 3.17 31.74 -50.38
N PHE C 914 4.11 30.86 -50.72
CA PHE C 914 4.69 29.98 -49.71
C PHE C 914 5.56 30.77 -48.73
N ASN C 915 6.38 31.68 -49.23
CA ASN C 915 7.25 32.45 -48.36
C ASN C 915 6.45 33.31 -47.39
N SER C 916 5.37 33.93 -47.88
CA SER C 916 4.54 34.77 -47.02
C SER C 916 3.77 33.92 -46.01
N ALA C 917 3.43 32.68 -46.38
CA ALA C 917 2.66 31.83 -45.48
C ALA C 917 3.47 31.44 -44.25
N ILE C 918 4.79 31.24 -44.44
CA ILE C 918 5.64 30.86 -43.31
C ILE C 918 5.72 32.00 -42.29
N GLY C 919 5.70 33.24 -42.76
CA GLY C 919 5.85 34.37 -41.86
C GLY C 919 4.75 34.46 -40.82
N LYS C 920 3.53 34.06 -41.19
CA LYS C 920 2.42 34.12 -40.23
C LYS C 920 2.61 33.13 -39.09
N ILE C 921 3.32 32.03 -39.35
CA ILE C 921 3.45 30.98 -38.32
C ILE C 921 4.24 31.51 -37.12
N GLN C 922 5.32 32.24 -37.38
CA GLN C 922 6.12 32.79 -36.28
C GLN C 922 5.30 33.78 -35.47
N ASP C 923 4.54 34.65 -36.13
CA ASP C 923 3.74 35.64 -35.43
C ASP C 923 2.63 34.98 -34.61
N SER C 924 2.03 33.91 -35.15
CA SER C 924 0.91 33.25 -34.49
C SER C 924 1.27 32.66 -33.14
N LEU C 925 2.55 32.42 -32.88
CA LEU C 925 2.99 31.89 -31.58
C LEU C 925 3.34 32.98 -30.59
N SER C 926 3.19 34.24 -30.96
CA SER C 926 3.45 35.37 -30.06
C SER C 926 2.19 35.82 -29.33
N SER C 927 1.07 35.12 -29.50
CA SER C 927 -0.15 35.44 -28.79
C SER C 927 -0.07 34.90 -27.37
N THR C 928 -1.20 34.87 -26.67
CA THR C 928 -1.22 34.31 -25.32
C THR C 928 -0.81 32.85 -25.36
N PRO C 929 -0.06 32.36 -24.38
CA PRO C 929 0.48 31.01 -24.47
C PRO C 929 -0.57 29.92 -24.33
N SER C 930 -1.62 29.99 -25.15
CA SER C 930 -2.62 28.94 -25.22
C SER C 930 -2.34 27.94 -26.35
N ALA C 931 -1.36 28.23 -27.21
CA ALA C 931 -1.01 27.29 -28.27
C ALA C 931 -0.20 26.12 -27.73
N LEU C 932 0.68 26.38 -26.77
CA LEU C 932 1.54 25.36 -26.18
C LEU C 932 0.89 24.68 -24.98
N GLY C 933 -0.44 24.68 -24.91
CA GLY C 933 -1.11 24.13 -23.74
C GLY C 933 -0.90 22.65 -23.55
N LYS C 934 -0.86 21.88 -24.65
CA LYS C 934 -0.77 20.43 -24.54
C LYS C 934 0.52 20.01 -23.85
N LEU C 935 1.63 20.68 -24.15
CA LEU C 935 2.90 20.32 -23.54
C LEU C 935 2.99 20.76 -22.08
N GLN C 936 2.28 21.82 -21.70
CA GLN C 936 2.37 22.34 -20.33
C GLN C 936 1.61 21.48 -19.34
N ASP C 937 0.47 20.92 -19.74
CA ASP C 937 -0.36 20.18 -18.80
C ASP C 937 0.33 18.92 -18.31
N VAL C 938 1.20 18.34 -19.13
CA VAL C 938 1.95 17.17 -18.69
C VAL C 938 2.90 17.52 -17.54
N VAL C 939 3.60 18.65 -17.67
CA VAL C 939 4.54 19.07 -16.63
C VAL C 939 3.79 19.39 -15.33
N ASN C 940 2.65 20.08 -15.44
CA ASN C 940 1.92 20.48 -14.25
C ASN C 940 1.42 19.28 -13.46
N GLN C 941 0.97 18.24 -14.16
CA GLN C 941 0.41 17.07 -13.48
C GLN C 941 1.46 16.38 -12.61
N ASN C 942 2.70 16.29 -13.09
CA ASN C 942 3.74 15.66 -12.29
C ASN C 942 4.13 16.53 -11.10
N ALA C 943 3.85 17.83 -11.18
CA ALA C 943 4.13 18.70 -10.04
C ALA C 943 3.17 18.47 -8.90
N GLN C 944 1.87 18.37 -9.20
CA GLN C 944 0.88 18.15 -8.16
C GLN C 944 1.08 16.80 -7.48
N ALA C 945 1.38 15.76 -8.25
CA ALA C 945 1.50 14.43 -7.68
C ALA C 945 2.66 14.35 -6.70
N LEU C 946 3.78 15.02 -7.02
CA LEU C 946 4.95 14.95 -6.14
C LEU C 946 4.74 15.76 -4.87
N ASN C 947 4.10 16.93 -4.99
CA ASN C 947 3.92 17.80 -3.83
C ASN C 947 3.04 17.16 -2.77
N THR C 948 1.96 16.49 -3.21
CA THR C 948 1.06 15.85 -2.25
C THR C 948 1.77 14.76 -1.48
N LEU C 949 2.73 14.08 -2.11
CA LEU C 949 3.48 13.03 -1.42
C LEU C 949 4.25 13.60 -0.24
N VAL C 950 4.88 14.76 -0.41
CA VAL C 950 5.63 15.38 0.67
C VAL C 950 4.70 15.89 1.76
N LYS C 951 3.55 16.46 1.37
CA LYS C 951 2.63 17.03 2.34
C LYS C 951 2.07 15.97 3.30
N GLN C 952 2.06 14.71 2.90
CA GLN C 952 1.56 13.65 3.77
C GLN C 952 2.49 13.33 4.92
N LEU C 953 3.71 13.85 4.91
CA LEU C 953 4.69 13.54 5.96
C LEU C 953 4.43 14.31 7.24
N SER C 954 3.46 15.21 7.26
CA SER C 954 3.15 16.02 8.44
C SER C 954 1.77 15.69 8.98
N SER C 955 1.41 14.41 8.99
CA SER C 955 0.13 13.95 9.51
C SER C 955 0.36 12.97 10.64
N ASN C 956 -0.40 13.14 11.72
CA ASN C 956 -0.22 12.30 12.90
C ASN C 956 -0.66 10.86 12.64
N PHE C 957 -1.66 10.67 11.80
CA PHE C 957 -2.24 9.35 11.51
C PHE C 957 -2.78 8.68 12.75
N GLY C 958 -3.24 9.46 13.73
CA GLY C 958 -3.77 8.91 14.96
C GLY C 958 -2.77 8.74 16.08
N ALA C 959 -1.49 9.00 15.83
CA ALA C 959 -0.48 8.91 16.88
C ALA C 959 -0.49 10.17 17.73
N ILE C 960 0.53 10.30 18.57
CA ILE C 960 0.60 11.47 19.44
C ILE C 960 1.53 12.53 18.87
N SER C 961 2.37 12.15 17.91
CA SER C 961 3.27 13.11 17.27
C SER C 961 3.60 12.61 15.88
N SER C 962 4.07 13.53 15.03
CA SER C 962 4.38 13.22 13.65
C SER C 962 5.87 13.28 13.35
N VAL C 963 6.72 13.12 14.37
CA VAL C 963 8.16 13.10 14.21
C VAL C 963 8.69 11.84 14.89
N LEU C 964 9.52 11.08 14.17
CA LEU C 964 10.06 9.84 14.73
C LEU C 964 11.03 10.11 15.87
N ASN C 965 11.84 11.15 15.74
CA ASN C 965 12.83 11.43 16.78
C ASN C 965 12.17 11.85 18.09
N ASP C 966 11.01 12.49 18.03
CA ASP C 966 10.30 12.84 19.25
C ASP C 966 9.83 11.61 19.99
N ILE C 967 9.28 10.62 19.27
CA ILE C 967 8.78 9.42 19.91
C ILE C 967 9.91 8.64 20.56
N LEU C 968 11.04 8.49 19.85
CA LEU C 968 12.12 7.67 20.37
C LEU C 968 12.81 8.34 21.56
N SER C 969 12.53 9.61 21.80
CA SER C 969 13.21 10.32 22.88
C SER C 969 12.23 10.70 23.99
N ARG C 970 11.06 10.08 24.03
CA ARG C 970 10.09 10.37 25.08
C ARG C 970 9.45 9.13 25.67
N LEU C 971 9.61 7.97 25.04
CA LEU C 971 8.96 6.75 25.50
C LEU C 971 9.98 5.64 25.67
N ASP C 972 9.64 4.69 26.54
CA ASP C 972 10.46 3.52 26.75
C ASP C 972 10.33 2.58 25.56
N PRO C 973 11.29 1.66 25.39
CA PRO C 973 11.22 0.70 24.28
C PRO C 973 9.90 -0.03 24.21
N PRO C 974 9.45 -0.73 25.26
CA PRO C 974 8.29 -1.62 25.09
C PRO C 974 6.98 -0.90 24.78
N GLU C 975 6.89 0.41 25.02
CA GLU C 975 5.71 1.17 24.68
C GLU C 975 5.84 1.92 23.36
N ALA C 976 7.01 1.86 22.73
CA ALA C 976 7.21 2.61 21.48
C ALA C 976 6.54 1.92 20.30
N GLU C 977 6.61 0.58 20.24
CA GLU C 977 6.18 -0.12 19.04
C GLU C 977 4.70 0.06 18.76
N VAL C 978 3.91 0.38 19.78
CA VAL C 978 2.47 0.55 19.58
C VAL C 978 2.21 1.80 18.75
N GLN C 979 2.97 2.86 18.97
CA GLN C 979 2.73 4.11 18.27
C GLN C 979 3.45 4.15 16.93
N ILE C 980 4.64 3.54 16.84
CA ILE C 980 5.38 3.56 15.58
C ILE C 980 4.62 2.78 14.51
N ASP C 981 4.06 1.63 14.86
CA ASP C 981 3.39 0.78 13.88
C ASP C 981 2.22 1.49 13.23
N ARG C 982 1.64 2.50 13.90
CA ARG C 982 0.56 3.25 13.29
C ARG C 982 1.08 4.22 12.24
N LEU C 983 2.29 4.74 12.39
CA LEU C 983 2.85 5.63 11.38
C LEU C 983 3.28 4.87 10.14
N ILE C 984 3.87 3.68 10.33
CA ILE C 984 4.31 2.89 9.19
C ILE C 984 3.13 2.44 8.34
N THR C 985 2.05 2.00 8.99
CA THR C 985 0.91 1.48 8.25
C THR C 985 0.16 2.58 7.50
N GLY C 986 0.51 3.84 7.78
CA GLY C 986 -0.14 4.93 7.07
C GLY C 986 0.68 5.45 5.92
N ARG C 987 2.01 5.43 6.05
CA ARG C 987 2.87 5.97 5.01
C ARG C 987 2.96 5.02 3.81
N LEU C 988 2.79 3.72 4.03
CA LEU C 988 2.79 2.79 2.91
C LEU C 988 1.61 3.01 1.98
N GLN C 989 0.43 3.29 2.54
CA GLN C 989 -0.74 3.53 1.70
C GLN C 989 -0.54 4.78 0.85
N SER C 990 0.08 5.81 1.41
CA SER C 990 0.34 7.03 0.64
C SER C 990 1.32 6.75 -0.51
N LEU C 991 2.35 5.94 -0.25
CA LEU C 991 3.34 5.68 -1.29
C LEU C 991 2.78 4.80 -2.39
N GLN C 992 1.94 3.82 -2.05
CA GLN C 992 1.36 2.95 -3.06
C GLN C 992 0.45 3.71 -4.01
N THR C 993 -0.30 4.69 -3.49
CA THR C 993 -1.19 5.46 -4.34
C THR C 993 -0.41 6.25 -5.39
N TYR C 994 0.73 6.82 -4.99
CA TYR C 994 1.52 7.62 -5.94
C TYR C 994 2.03 6.77 -7.09
N VAL C 995 2.52 5.56 -6.79
CA VAL C 995 3.11 4.74 -7.84
C VAL C 995 2.02 4.20 -8.77
N THR C 996 0.87 3.81 -8.21
CA THR C 996 -0.20 3.28 -9.05
C THR C 996 -0.67 4.29 -10.08
N GLN C 997 -0.82 5.55 -9.68
CA GLN C 997 -1.24 6.58 -10.61
C GLN C 997 -0.19 6.81 -11.69
N GLN C 998 1.09 6.74 -11.32
CA GLN C 998 2.15 6.98 -12.29
C GLN C 998 2.17 5.90 -13.37
N LEU C 999 1.88 4.65 -12.98
CA LEU C 999 1.84 3.57 -13.97
C LEU C 999 0.74 3.79 -14.99
N ILE C 1000 -0.43 4.26 -14.54
CA ILE C 1000 -1.54 4.50 -15.46
C ILE C 1000 -1.23 5.68 -16.38
N ARG C 1001 -0.71 6.77 -15.81
CA ARG C 1001 -0.43 7.96 -16.61
C ARG C 1001 0.67 7.70 -17.64
N ALA C 1002 1.64 6.85 -17.31
CA ALA C 1002 2.70 6.53 -18.27
C ALA C 1002 2.17 5.82 -19.50
N ALA C 1003 1.02 5.16 -19.40
CA ALA C 1003 0.45 4.48 -20.56
C ALA C 1003 -0.02 5.47 -21.61
N GLU C 1004 -0.60 6.60 -21.19
CA GLU C 1004 -1.09 7.59 -22.15
C GLU C 1004 0.05 8.19 -22.95
N ILE C 1005 1.19 8.45 -22.31
CA ILE C 1005 2.32 9.05 -23.01
C ILE C 1005 2.83 8.11 -24.10
N ARG C 1006 2.93 6.82 -23.79
CA ARG C 1006 3.40 5.85 -24.77
C ARG C 1006 2.45 5.76 -25.95
N ALA C 1007 1.15 5.79 -25.69
CA ALA C 1007 0.17 5.73 -26.77
C ALA C 1007 0.32 6.93 -27.70
N SER C 1008 0.57 8.11 -27.15
CA SER C 1008 0.77 9.29 -27.99
C SER C 1008 2.14 9.26 -28.67
N ALA C 1009 3.12 8.62 -28.06
CA ALA C 1009 4.44 8.53 -28.67
C ALA C 1009 4.42 7.64 -29.90
N ASN C 1010 3.61 6.58 -29.89
CA ASN C 1010 3.52 5.71 -31.05
C ASN C 1010 2.91 6.44 -32.24
N LEU C 1011 1.96 7.34 -31.98
CA LEU C 1011 1.36 8.11 -33.06
C LEU C 1011 2.38 9.01 -33.74
N ALA C 1012 3.26 9.63 -32.97
CA ALA C 1012 4.24 10.53 -33.54
C ALA C 1012 5.21 9.80 -34.47
N ALA C 1013 5.60 8.58 -34.09
CA ALA C 1013 6.50 7.80 -34.94
C ALA C 1013 5.85 7.48 -36.28
N THR C 1014 4.57 7.13 -36.27
CA THR C 1014 3.87 6.86 -37.52
C THR C 1014 3.80 8.11 -38.39
N LYS C 1015 3.56 9.27 -37.77
CA LYS C 1015 3.45 10.51 -38.53
C LYS C 1015 4.79 10.90 -39.15
N MET C 1016 5.89 10.51 -38.52
CA MET C 1016 7.21 10.85 -39.06
C MET C 1016 7.64 9.86 -40.13
N SER C 1017 6.83 8.83 -40.36
CA SER C 1017 7.16 7.85 -41.37
C SER C 1017 6.27 7.93 -42.60
N GLU C 1018 5.16 8.67 -42.52
CA GLU C 1018 4.23 8.79 -43.64
C GLU C 1018 4.11 10.21 -44.15
N CYS C 1019 3.94 11.19 -43.27
CA CYS C 1019 3.72 12.56 -43.71
C CYS C 1019 5.00 13.19 -44.23
N VAL C 1020 6.12 12.98 -43.53
CA VAL C 1020 7.34 13.72 -43.82
C VAL C 1020 8.30 12.92 -44.71
N LEU C 1021 8.23 11.60 -44.67
CA LEU C 1021 9.08 10.76 -45.52
C LEU C 1021 8.43 10.38 -46.83
N GLY C 1022 7.23 10.87 -47.09
CA GLY C 1022 6.53 10.55 -48.32
C GLY C 1022 5.28 11.37 -48.46
N GLN C 1023 4.39 10.91 -49.34
CA GLN C 1023 3.11 11.55 -49.58
C GLN C 1023 2.01 10.58 -49.20
N SER C 1024 1.02 11.07 -48.45
CA SER C 1024 -0.05 10.25 -47.93
C SER C 1024 -1.38 10.64 -48.57
N LYS C 1025 -2.16 9.63 -48.97
CA LYS C 1025 -3.46 9.85 -49.56
C LYS C 1025 -4.59 9.79 -48.53
N ARG C 1026 -4.27 9.53 -47.26
CA ARG C 1026 -5.29 9.49 -46.23
C ARG C 1026 -5.85 10.88 -45.97
N VAL C 1027 -7.14 10.93 -45.67
CA VAL C 1027 -7.86 12.19 -45.50
C VAL C 1027 -7.71 12.66 -44.06
N ASP C 1028 -7.41 13.94 -43.88
CA ASP C 1028 -7.33 14.58 -42.56
C ASP C 1028 -6.29 13.94 -41.66
N PHE C 1029 -5.21 13.41 -42.22
CA PHE C 1029 -4.15 12.86 -41.39
C PHE C 1029 -3.00 13.85 -41.25
N CYS C 1030 -2.40 14.25 -42.37
CA CYS C 1030 -1.31 15.22 -42.37
C CYS C 1030 -1.91 16.59 -42.71
N GLY C 1031 -2.77 17.08 -41.83
CA GLY C 1031 -3.36 18.40 -42.02
C GLY C 1031 -4.73 18.34 -42.66
N LYS C 1032 -5.29 19.54 -42.85
CA LYS C 1032 -6.62 19.72 -43.41
C LYS C 1032 -6.49 20.12 -44.88
N GLY C 1033 -6.88 19.22 -45.78
CA GLY C 1033 -6.81 19.46 -47.20
C GLY C 1033 -5.97 18.39 -47.91
N TYR C 1034 -5.51 18.74 -49.11
CA TYR C 1034 -4.68 17.84 -49.91
C TYR C 1034 -3.23 17.99 -49.47
N HIS C 1035 -2.58 16.87 -49.16
CA HIS C 1035 -1.25 16.90 -48.57
C HIS C 1035 -0.19 17.06 -49.64
N LEU C 1036 0.83 17.87 -49.33
CA LEU C 1036 1.97 18.06 -50.22
C LEU C 1036 3.28 17.60 -49.60
N MET C 1037 3.63 18.09 -48.41
CA MET C 1037 4.86 17.72 -47.73
C MET C 1037 4.82 18.29 -46.31
N SER C 1038 5.84 17.94 -45.52
CA SER C 1038 5.87 18.34 -44.12
C SER C 1038 7.30 18.51 -43.66
N PHE C 1039 7.48 19.25 -42.56
CA PHE C 1039 8.78 19.49 -41.96
C PHE C 1039 8.68 19.32 -40.44
N PRO C 1040 9.65 18.66 -39.81
CA PRO C 1040 9.64 18.53 -38.36
C PRO C 1040 10.47 19.61 -37.67
N GLN C 1041 10.10 19.86 -36.42
CA GLN C 1041 10.85 20.77 -35.57
C GLN C 1041 10.86 20.23 -34.15
N SER C 1042 11.85 20.66 -33.37
CA SER C 1042 12.07 20.16 -32.03
C SER C 1042 11.44 21.09 -30.98
N ALA C 1043 11.16 20.50 -29.81
CA ALA C 1043 10.58 21.23 -28.70
C ALA C 1043 10.86 20.46 -27.42
N PRO C 1044 10.86 21.12 -26.27
CA PRO C 1044 11.13 20.41 -25.00
C PRO C 1044 10.05 19.38 -24.70
N HIS C 1045 10.46 18.11 -24.62
CA HIS C 1045 9.56 17.00 -24.34
C HIS C 1045 8.41 16.93 -25.34
N GLY C 1046 8.73 17.04 -26.62
CA GLY C 1046 7.69 16.96 -27.63
C GLY C 1046 8.24 17.23 -29.02
N VAL C 1047 7.32 17.32 -29.97
CA VAL C 1047 7.66 17.57 -31.36
C VAL C 1047 6.56 18.42 -31.97
N VAL C 1048 6.94 19.32 -32.87
CA VAL C 1048 6.01 20.22 -33.54
C VAL C 1048 6.15 20.04 -35.04
N PHE C 1049 5.02 19.82 -35.72
CA PHE C 1049 4.99 19.55 -37.14
C PHE C 1049 4.56 20.79 -37.92
N LEU C 1050 4.90 20.82 -39.20
CA LEU C 1050 4.44 21.84 -40.13
C LEU C 1050 3.91 21.14 -41.38
N HIS C 1051 2.71 21.51 -41.82
CA HIS C 1051 2.07 20.88 -42.95
C HIS C 1051 1.87 21.89 -44.07
N VAL C 1052 1.96 21.42 -45.31
CA VAL C 1052 1.72 22.22 -46.50
C VAL C 1052 0.55 21.61 -47.26
N THR C 1053 -0.36 22.46 -47.74
CA THR C 1053 -1.63 22.00 -48.26
C THR C 1053 -2.04 22.80 -49.49
N TYR C 1054 -2.78 22.16 -50.39
CA TYR C 1054 -3.32 22.77 -51.59
C TYR C 1054 -4.84 22.83 -51.47
N VAL C 1055 -5.40 24.03 -51.65
CA VAL C 1055 -6.83 24.25 -51.42
C VAL C 1055 -7.43 25.09 -52.55
N PRO C 1056 -8.55 24.66 -53.14
CA PRO C 1056 -9.20 25.48 -54.18
C PRO C 1056 -9.78 26.76 -53.60
N ALA C 1057 -9.86 27.79 -54.45
CA ALA C 1057 -10.21 29.13 -54.00
C ALA C 1057 -11.54 29.62 -54.55
N GLN C 1058 -11.72 29.67 -55.87
CA GLN C 1058 -12.89 30.28 -56.49
C GLN C 1058 -13.54 29.28 -57.45
N GLU C 1059 -14.85 29.40 -57.63
CA GLU C 1059 -15.60 28.45 -58.44
C GLU C 1059 -16.61 29.15 -59.33
N LYS C 1060 -17.02 28.46 -60.39
CA LYS C 1060 -17.99 28.97 -61.34
C LYS C 1060 -19.12 27.98 -61.53
N ASN C 1061 -19.98 28.23 -62.53
CA ASN C 1061 -21.08 27.33 -62.86
C ASN C 1061 -20.96 26.90 -64.31
N PHE C 1062 -21.36 25.67 -64.61
CA PHE C 1062 -21.36 25.16 -65.96
C PHE C 1062 -22.45 24.11 -66.10
N THR C 1063 -22.60 23.60 -67.31
CA THR C 1063 -23.54 22.53 -67.61
C THR C 1063 -22.79 21.32 -68.14
N THR C 1064 -23.17 20.14 -67.65
CA THR C 1064 -22.45 18.91 -67.97
C THR C 1064 -23.42 17.85 -68.47
N ALA C 1065 -22.88 16.89 -69.21
CA ALA C 1065 -23.65 15.79 -69.76
C ALA C 1065 -22.84 14.51 -69.62
N PRO C 1066 -23.50 13.35 -69.52
CA PRO C 1066 -22.75 12.09 -69.38
C PRO C 1066 -21.89 11.77 -70.59
N ALA C 1067 -22.49 11.72 -71.79
CA ALA C 1067 -21.76 11.28 -72.96
C ALA C 1067 -22.42 11.84 -74.21
N ILE C 1068 -21.70 11.77 -75.32
CA ILE C 1068 -22.16 12.28 -76.61
C ILE C 1068 -21.88 11.23 -77.68
N CYS C 1069 -22.81 11.08 -78.62
CA CYS C 1069 -22.61 10.18 -79.75
C CYS C 1069 -22.74 10.98 -81.05
N HIS C 1070 -21.82 10.74 -81.97
CA HIS C 1070 -21.65 11.56 -83.17
C HIS C 1070 -22.05 10.84 -84.44
N ASP C 1071 -21.56 9.62 -84.66
CA ASP C 1071 -21.93 8.81 -85.80
C ASP C 1071 -22.66 7.53 -85.37
N GLY C 1072 -23.52 7.66 -84.36
CA GLY C 1072 -24.21 6.51 -83.80
C GLY C 1072 -23.41 5.76 -82.75
N LYS C 1073 -22.23 6.23 -82.38
CA LYS C 1073 -21.39 5.57 -81.39
C LYS C 1073 -21.16 6.52 -80.21
N ALA C 1074 -21.45 6.02 -79.01
CA ALA C 1074 -21.28 6.82 -77.81
C ALA C 1074 -19.79 7.07 -77.53
N HIS C 1075 -19.51 8.24 -76.96
CA HIS C 1075 -18.14 8.66 -76.65
C HIS C 1075 -18.05 9.02 -75.17
N PHE C 1076 -16.94 8.62 -74.55
CA PHE C 1076 -16.71 8.88 -73.14
C PHE C 1076 -15.33 9.52 -72.93
N PRO C 1077 -15.17 10.33 -71.90
CA PRO C 1077 -13.86 10.95 -71.65
C PRO C 1077 -12.87 9.96 -71.05
N ARG C 1078 -11.58 10.31 -71.16
CA ARG C 1078 -10.54 9.49 -70.54
C ARG C 1078 -10.24 9.99 -69.12
N GLU C 1079 -9.90 11.26 -68.98
CA GLU C 1079 -9.66 11.86 -67.68
C GLU C 1079 -10.22 13.28 -67.69
N GLY C 1080 -11.47 13.42 -67.25
CA GLY C 1080 -12.12 14.71 -67.22
C GLY C 1080 -13.62 14.61 -67.38
N VAL C 1081 -14.25 15.78 -67.51
CA VAL C 1081 -15.69 15.88 -67.66
C VAL C 1081 -16.02 16.86 -68.78
N PHE C 1082 -17.24 16.77 -69.27
CA PHE C 1082 -17.70 17.65 -70.34
C PHE C 1082 -18.32 18.91 -69.74
N VAL C 1083 -17.96 20.06 -70.31
CA VAL C 1083 -18.38 21.35 -69.79
C VAL C 1083 -19.01 22.16 -70.92
N SER C 1084 -20.17 22.74 -70.65
CA SER C 1084 -20.89 23.53 -71.63
C SER C 1084 -20.69 25.03 -71.38
N ASN C 1085 -19.86 25.63 -72.23
CA ASN C 1085 -19.58 27.06 -72.19
C ASN C 1085 -20.81 27.92 -72.46
N GLY C 1086 -21.78 27.42 -73.21
CA GLY C 1086 -22.97 28.17 -73.56
C GLY C 1086 -23.36 27.97 -75.01
N THR C 1087 -22.35 27.82 -75.86
CA THR C 1087 -22.56 27.54 -77.27
C THR C 1087 -21.77 26.35 -77.80
N HIS C 1088 -20.61 26.03 -77.23
CA HIS C 1088 -19.80 24.90 -77.63
C HIS C 1088 -19.67 23.95 -76.45
N TRP C 1089 -18.82 22.92 -76.62
CA TRP C 1089 -18.53 21.97 -75.57
C TRP C 1089 -17.04 21.73 -75.50
N PHE C 1090 -16.56 21.33 -74.32
CA PHE C 1090 -15.14 21.18 -74.09
C PHE C 1090 -14.89 20.02 -73.13
N VAL C 1091 -13.61 19.73 -72.92
CA VAL C 1091 -13.16 18.72 -71.97
C VAL C 1091 -12.09 19.35 -71.09
N THR C 1092 -12.18 19.13 -69.78
CA THR C 1092 -11.25 19.73 -68.84
C THR C 1092 -11.08 18.82 -67.64
N GLN C 1093 -9.97 19.02 -66.92
CA GLN C 1093 -9.72 18.26 -65.71
C GLN C 1093 -10.60 18.76 -64.57
N ARG C 1094 -10.76 17.92 -63.55
CA ARG C 1094 -11.76 18.18 -62.52
C ARG C 1094 -11.31 19.26 -61.55
N ASN C 1095 -10.01 19.30 -61.22
CA ASN C 1095 -9.51 20.16 -60.17
C ASN C 1095 -8.98 21.50 -60.68
N PHE C 1096 -9.02 21.74 -61.99
CA PHE C 1096 -8.56 23.01 -62.55
C PHE C 1096 -9.29 23.24 -63.87
N TYR C 1097 -9.37 24.50 -64.27
CA TYR C 1097 -10.12 24.89 -65.45
C TYR C 1097 -9.16 25.10 -66.62
N GLU C 1098 -9.26 24.24 -67.62
CA GLU C 1098 -8.50 24.37 -68.86
C GLU C 1098 -9.30 23.76 -70.00
N PRO C 1099 -10.09 24.57 -70.69
CA PRO C 1099 -10.90 24.05 -71.79
C PRO C 1099 -10.04 23.49 -72.92
N GLN C 1100 -10.55 22.45 -73.57
CA GLN C 1100 -9.86 21.79 -74.66
C GLN C 1100 -10.87 21.38 -75.72
N ILE C 1101 -10.37 21.13 -76.93
CA ILE C 1101 -11.23 20.74 -78.04
C ILE C 1101 -11.39 19.22 -78.02
N ILE C 1102 -12.62 18.75 -78.21
CA ILE C 1102 -12.91 17.33 -78.19
C ILE C 1102 -12.36 16.69 -79.45
N THR C 1103 -11.40 15.79 -79.28
CA THR C 1103 -10.78 15.07 -80.39
C THR C 1103 -10.86 13.57 -80.12
N THR C 1104 -10.18 12.79 -80.96
CA THR C 1104 -10.11 11.36 -80.75
C THR C 1104 -8.93 10.96 -79.87
N ASP C 1105 -8.16 11.92 -79.37
CA ASP C 1105 -7.07 11.58 -78.45
C ASP C 1105 -7.52 11.73 -77.00
N ASN C 1106 -8.76 12.15 -76.78
CA ASN C 1106 -9.28 12.35 -75.44
C ASN C 1106 -10.48 11.46 -75.10
N THR C 1107 -10.93 10.63 -76.04
CA THR C 1107 -12.13 9.84 -75.86
C THR C 1107 -11.90 8.43 -76.36
N PHE C 1108 -12.68 7.49 -75.83
CA PHE C 1108 -12.74 6.13 -76.32
C PHE C 1108 -14.20 5.77 -76.60
N VAL C 1109 -14.39 4.89 -77.59
CA VAL C 1109 -15.71 4.60 -78.13
C VAL C 1109 -16.18 3.24 -77.66
N SER C 1110 -17.46 3.17 -77.27
CA SER C 1110 -18.06 1.91 -76.85
C SER C 1110 -19.58 1.98 -76.89
N GLY C 1111 -20.21 1.09 -77.67
CA GLY C 1111 -21.65 1.02 -77.73
C GLY C 1111 -22.27 2.00 -78.70
N ASN C 1112 -23.59 1.92 -78.80
CA ASN C 1112 -24.37 2.80 -79.65
C ASN C 1112 -25.09 3.83 -78.80
N CYS C 1113 -25.91 4.65 -79.44
CA CYS C 1113 -26.69 5.64 -78.72
C CYS C 1113 -27.89 4.99 -78.05
N ASP C 1114 -28.83 5.85 -77.63
CA ASP C 1114 -30.08 5.54 -76.92
C ASP C 1114 -29.92 4.40 -75.90
N VAL C 1115 -28.81 4.42 -75.16
CA VAL C 1115 -28.68 3.55 -73.99
C VAL C 1115 -28.43 4.40 -72.74
N VAL C 1116 -27.52 5.36 -72.84
CA VAL C 1116 -27.30 6.31 -71.76
C VAL C 1116 -28.47 7.28 -71.71
N ILE C 1117 -28.80 7.74 -70.50
CA ILE C 1117 -30.02 8.52 -70.31
C ILE C 1117 -29.88 9.91 -70.92
N GLY C 1118 -28.73 10.54 -70.77
CA GLY C 1118 -28.59 11.93 -71.17
C GLY C 1118 -27.65 12.22 -72.33
N ILE C 1119 -27.72 11.40 -73.38
CA ILE C 1119 -26.83 11.57 -74.53
C ILE C 1119 -27.13 12.90 -75.21
N VAL C 1120 -26.08 13.55 -75.72
CA VAL C 1120 -26.18 14.86 -76.36
C VAL C 1120 -25.53 14.80 -77.73
N ASN C 1121 -26.11 15.51 -78.70
CA ASN C 1121 -25.57 15.56 -80.05
C ASN C 1121 -24.48 16.64 -80.15
N ASN C 1122 -23.35 16.29 -80.73
CA ASN C 1122 -22.27 17.23 -80.98
C ASN C 1122 -21.33 16.64 -82.03
N THR C 1123 -20.16 17.25 -82.20
CA THR C 1123 -19.23 16.85 -83.24
C THR C 1123 -17.85 16.57 -82.65
N VAL C 1124 -17.11 15.71 -83.33
CA VAL C 1124 -15.74 15.36 -82.98
C VAL C 1124 -14.81 15.88 -84.07
N TYR C 1125 -13.51 15.66 -83.90
CA TYR C 1125 -12.54 16.29 -84.79
C TYR C 1125 -11.85 15.30 -85.72
N ASP C 1126 -11.25 14.24 -85.16
CA ASP C 1126 -10.49 13.28 -85.94
C ASP C 1126 -9.39 13.97 -86.75
N PRO C 1127 -8.29 14.37 -86.11
CA PRO C 1127 -7.32 15.26 -86.77
C PRO C 1127 -6.51 14.64 -87.89
N LEU C 1128 -6.88 13.46 -88.39
CA LEU C 1128 -6.18 12.89 -89.53
C LEU C 1128 -6.63 13.48 -90.87
N GLN C 1129 -7.77 14.18 -90.89
CA GLN C 1129 -8.32 14.66 -92.15
C GLN C 1129 -7.45 15.68 -92.89
N PRO C 1130 -6.85 16.70 -92.25
CA PRO C 1130 -6.22 17.76 -93.03
C PRO C 1130 -5.08 17.30 -93.92
N GLU C 1131 -4.32 16.28 -93.52
CA GLU C 1131 -3.23 15.80 -94.36
C GLU C 1131 -3.75 14.91 -95.48
N LEU C 1132 -5.00 14.45 -95.37
CA LEU C 1132 -5.59 13.62 -96.42
C LEU C 1132 -5.84 14.44 -97.69
N ASP C 1133 -5.94 15.75 -97.55
CA ASP C 1133 -6.21 16.63 -98.68
C ASP C 1133 -5.00 16.75 -99.59
N ASP D 1 41.98 -65.49 28.50
CA ASP D 1 42.19 -64.52 29.57
C ASP D 1 40.88 -64.24 30.30
N ILE D 2 39.84 -63.90 29.54
CA ILE D 2 38.52 -63.64 30.07
C ILE D 2 37.54 -64.55 29.36
N GLN D 3 36.65 -65.17 30.11
CA GLN D 3 35.71 -66.16 29.60
C GLN D 3 34.29 -65.66 29.74
N MET D 4 33.43 -66.05 28.80
CA MET D 4 32.04 -65.63 28.78
C MET D 4 31.13 -66.81 28.52
N THR D 5 29.95 -66.78 29.12
CA THR D 5 28.92 -67.80 28.91
C THR D 5 27.58 -67.11 28.73
N GLN D 6 26.68 -67.79 28.01
CA GLN D 6 25.33 -67.28 27.77
C GLN D 6 24.34 -68.35 28.19
N SER D 7 23.70 -68.16 29.34
CA SER D 7 22.82 -69.17 29.92
C SER D 7 21.63 -69.50 29.03
N PRO D 8 20.89 -68.53 28.46
CA PRO D 8 19.85 -68.91 27.51
C PRO D 8 20.45 -69.21 26.15
N SER D 9 20.48 -70.50 25.81
CA SER D 9 21.19 -70.92 24.61
C SER D 9 20.28 -71.81 23.77
N SER D 10 20.35 -71.61 22.46
CA SER D 10 19.59 -72.42 21.49
C SER D 10 18.10 -72.42 21.81
N VAL D 11 17.48 -71.24 21.71
CA VAL D 11 16.09 -71.05 22.13
C VAL D 11 15.26 -70.61 20.94
N SER D 12 14.14 -71.29 20.72
CA SER D 12 13.22 -70.97 19.64
C SER D 12 12.03 -70.19 20.20
N ALA D 13 11.27 -69.57 19.31
CA ALA D 13 10.16 -68.71 19.71
C ALA D 13 9.16 -68.62 18.55
N SER D 14 8.04 -67.93 18.80
CA SER D 14 6.97 -67.76 17.83
C SER D 14 7.02 -66.35 17.25
N VAL D 15 6.14 -66.08 16.27
CA VAL D 15 6.20 -64.81 15.53
C VAL D 15 5.90 -63.64 16.45
N GLY D 16 4.86 -63.75 17.28
CA GLY D 16 4.55 -62.71 18.23
C GLY D 16 5.01 -63.08 19.63
N ASP D 17 6.14 -62.54 20.06
CA ASP D 17 6.73 -62.92 21.33
C ASP D 17 7.62 -61.78 21.82
N ARG D 18 8.34 -62.03 22.91
CA ARG D 18 9.30 -61.08 23.44
C ARG D 18 10.43 -61.87 24.10
N VAL D 19 11.51 -62.10 23.35
CA VAL D 19 12.61 -62.94 23.81
C VAL D 19 13.67 -62.05 24.47
N THR D 20 14.42 -62.65 25.39
CA THR D 20 15.41 -61.93 26.17
C THR D 20 16.59 -62.87 26.44
N ILE D 21 17.80 -62.39 26.17
CA ILE D 21 19.01 -63.20 26.31
C ILE D 21 19.97 -62.48 27.25
N THR D 22 20.81 -63.25 27.92
CA THR D 22 21.83 -62.72 28.81
C THR D 22 23.19 -63.31 28.42
N CYS D 23 24.25 -62.54 28.66
CA CYS D 23 25.62 -62.97 28.36
C CYS D 23 26.47 -62.79 29.61
N ARG D 24 26.61 -63.86 30.39
CA ARG D 24 27.35 -63.83 31.64
C ARG D 24 28.84 -63.74 31.37
N ALA D 25 29.53 -62.93 32.15
CA ALA D 25 30.98 -62.78 32.08
C ALA D 25 31.61 -63.39 33.33
N SER D 26 32.94 -63.28 33.43
CA SER D 26 33.63 -63.72 34.63
C SER D 26 34.73 -62.75 35.05
N GLN D 27 34.59 -61.47 34.75
CA GLN D 27 35.58 -60.45 35.07
C GLN D 27 34.84 -59.14 35.30
N GLY D 28 35.58 -58.04 35.29
CA GLY D 28 34.98 -56.73 35.48
C GLY D 28 34.28 -56.19 34.26
N ILE D 29 35.05 -55.92 33.20
CA ILE D 29 34.59 -55.37 31.92
C ILE D 29 33.38 -54.45 32.08
N SER D 30 33.54 -53.38 32.86
CA SER D 30 32.42 -52.50 33.15
C SER D 30 32.04 -51.68 31.92
N SER D 31 30.80 -51.85 31.46
CA SER D 31 30.14 -50.98 30.50
C SER D 31 30.73 -51.04 29.09
N TRP D 32 31.44 -52.11 28.74
CA TRP D 32 31.89 -52.32 27.36
C TRP D 32 31.44 -53.72 26.92
N LEU D 33 30.75 -53.80 25.78
CA LEU D 33 30.34 -55.08 25.22
C LEU D 33 29.93 -54.87 23.77
N ALA D 34 29.55 -55.97 23.13
CA ALA D 34 29.11 -55.94 21.73
C ALA D 34 28.17 -57.10 21.47
N TRP D 35 27.38 -56.97 20.40
CA TRP D 35 26.47 -58.02 19.97
C TRP D 35 26.49 -58.11 18.46
N TYR D 36 26.34 -59.33 17.93
CA TYR D 36 26.37 -59.58 16.50
C TYR D 36 25.17 -60.42 16.07
N GLN D 37 24.98 -60.52 14.76
CA GLN D 37 24.01 -61.43 14.16
C GLN D 37 24.70 -62.12 12.99
N GLN D 38 24.06 -63.17 12.45
CA GLN D 38 24.67 -63.95 11.37
C GLN D 38 23.60 -64.67 10.56
N LYS D 39 23.40 -64.21 9.34
CA LYS D 39 22.59 -64.96 8.38
C LYS D 39 23.33 -66.25 8.02
N PRO D 40 22.62 -67.32 7.65
CA PRO D 40 23.31 -68.57 7.34
C PRO D 40 24.21 -68.44 6.12
N GLY D 41 25.52 -68.53 6.36
CA GLY D 41 26.51 -68.50 5.30
C GLY D 41 27.19 -67.18 5.06
N LYS D 42 26.58 -66.07 5.49
CA LYS D 42 27.13 -64.74 5.21
C LYS D 42 28.06 -64.29 6.33
N ALA D 43 28.44 -63.02 6.33
CA ALA D 43 29.34 -62.45 7.32
C ALA D 43 28.55 -61.70 8.39
N PRO D 44 29.01 -61.75 9.64
CA PRO D 44 28.28 -61.09 10.73
C PRO D 44 28.28 -59.58 10.60
N LYS D 45 27.21 -58.97 11.10
CA LYS D 45 27.05 -57.52 11.17
C LYS D 45 27.58 -57.01 12.51
N LEU D 46 27.28 -55.75 12.83
CA LEU D 46 27.72 -55.16 14.08
C LEU D 46 26.55 -54.80 15.00
N LEU D 47 25.45 -54.27 14.44
CA LEU D 47 24.22 -53.91 15.17
C LEU D 47 24.59 -53.15 16.43
N ILE D 48 24.00 -53.45 17.60
CA ILE D 48 24.23 -52.67 18.80
C ILE D 48 25.70 -52.68 19.18
N TYR D 49 26.21 -51.52 19.58
CA TYR D 49 27.57 -51.35 20.02
C TYR D 49 27.57 -50.84 21.46
N ALA D 50 28.60 -51.23 22.22
CA ALA D 50 28.73 -50.89 23.64
C ALA D 50 27.51 -51.44 24.34
N ALA D 51 26.76 -50.63 25.10
CA ALA D 51 25.53 -51.06 25.74
C ALA D 51 24.43 -50.07 25.41
N SER D 52 23.41 -50.53 24.68
CA SER D 52 22.24 -49.72 24.32
C SER D 52 22.65 -48.48 23.53
N SER D 53 23.20 -48.74 22.35
CA SER D 53 23.58 -47.67 21.43
C SER D 53 23.49 -48.19 20.00
N LEU D 54 22.45 -47.75 19.29
CA LEU D 54 22.19 -48.21 17.93
C LEU D 54 23.30 -47.76 16.98
N GLN D 55 23.50 -48.54 15.92
CA GLN D 55 24.52 -48.22 14.94
C GLN D 55 24.22 -48.95 13.64
N SER D 56 24.79 -48.45 12.55
CA SER D 56 24.77 -49.13 11.25
C SER D 56 23.36 -49.26 10.70
N GLY D 57 22.49 -48.34 11.10
CA GLY D 57 21.14 -48.28 10.55
C GLY D 57 20.32 -49.54 10.73
N VAL D 58 20.38 -50.12 11.93
CA VAL D 58 19.58 -51.31 12.23
C VAL D 58 18.11 -50.92 12.19
N PRO D 59 17.21 -51.79 11.68
CA PRO D 59 15.77 -51.44 11.62
C PRO D 59 15.13 -51.24 12.99
N SER D 60 15.93 -51.22 14.05
CA SER D 60 15.49 -50.90 15.41
C SER D 60 14.67 -52.03 16.00
N ARG D 61 13.84 -51.71 16.99
CA ARG D 61 13.16 -52.64 17.90
C ARG D 61 14.16 -53.52 18.65
N PHE D 62 15.46 -53.22 18.56
CA PHE D 62 16.48 -53.89 19.35
C PHE D 62 16.97 -52.92 20.41
N SER D 63 16.82 -53.30 21.68
CA SER D 63 17.19 -52.43 22.79
C SER D 63 17.98 -53.23 23.81
N GLY D 64 18.96 -52.59 24.43
CA GLY D 64 19.76 -53.21 25.46
C GLY D 64 19.70 -52.47 26.78
N SER D 65 20.18 -53.11 27.85
CA SER D 65 20.15 -52.50 29.16
C SER D 65 21.50 -52.67 29.85
N GLY D 66 21.96 -51.64 30.55
CA GLY D 66 23.27 -51.67 31.13
C GLY D 66 23.36 -52.61 32.32
N SER D 67 24.60 -52.91 32.69
CA SER D 67 24.94 -53.76 33.83
C SER D 67 26.44 -53.64 34.05
N GLY D 68 26.97 -54.49 34.93
CA GLY D 68 28.39 -54.51 35.18
C GLY D 68 29.01 -55.89 34.99
N THR D 69 28.16 -56.91 34.89
CA THR D 69 28.63 -58.27 34.67
C THR D 69 27.92 -58.96 33.51
N ASP D 70 26.63 -58.69 33.32
CA ASP D 70 25.83 -59.38 32.32
C ASP D 70 24.72 -58.47 31.81
N PHE D 71 24.82 -58.06 30.55
CA PHE D 71 23.85 -57.18 29.91
C PHE D 71 22.62 -57.99 29.49
N THR D 72 21.76 -57.39 28.69
CA THR D 72 20.61 -58.11 28.15
C THR D 72 20.22 -57.52 26.80
N LEU D 73 19.71 -58.40 25.94
CA LEU D 73 19.21 -58.03 24.62
C LEU D 73 17.78 -58.49 24.48
N THR D 74 16.90 -57.61 24.02
CA THR D 74 15.47 -57.91 23.95
C THR D 74 14.89 -57.42 22.64
N ILE D 75 13.88 -58.14 22.16
CA ILE D 75 13.06 -57.72 21.03
C ILE D 75 11.61 -57.84 21.45
N SER D 76 10.74 -57.05 20.79
CA SER D 76 9.32 -57.07 21.10
C SER D 76 8.46 -57.64 19.99
N SER D 77 9.03 -57.91 18.81
CA SER D 77 8.28 -58.52 17.72
C SER D 77 9.25 -59.27 16.82
N LEU D 78 8.89 -60.52 16.51
CA LEU D 78 9.70 -61.38 15.66
C LEU D 78 9.16 -61.34 14.24
N GLN D 79 10.06 -61.38 13.27
CA GLN D 79 9.72 -61.27 11.86
C GLN D 79 10.31 -62.45 11.11
N PRO D 80 9.74 -62.76 9.93
CA PRO D 80 10.18 -63.96 9.21
C PRO D 80 11.56 -63.81 8.57
N GLU D 81 12.28 -62.76 8.95
CA GLU D 81 13.66 -62.56 8.54
C GLU D 81 14.63 -62.52 9.72
N ASP D 82 14.18 -62.84 10.92
CA ASP D 82 15.02 -62.81 12.12
C ASP D 82 15.57 -64.20 12.42
N PHE D 83 16.37 -64.71 11.48
CA PHE D 83 17.01 -66.02 11.62
C PHE D 83 18.51 -65.79 11.65
N ALA D 84 19.13 -65.98 12.81
CA ALA D 84 20.55 -65.71 12.94
C ALA D 84 21.10 -66.38 14.19
N THR D 85 22.42 -66.53 14.21
CA THR D 85 23.17 -66.96 15.38
C THR D 85 23.83 -65.75 16.01
N TYR D 86 23.42 -65.41 17.23
CA TYR D 86 23.82 -64.16 17.88
C TYR D 86 25.06 -64.40 18.73
N TYR D 87 25.73 -63.32 19.11
CA TYR D 87 27.00 -63.39 19.81
C TYR D 87 27.14 -62.21 20.77
N CYS D 88 28.06 -62.36 21.73
CA CYS D 88 28.47 -61.26 22.60
C CYS D 88 29.98 -61.25 22.69
N GLN D 89 30.56 -60.06 22.83
CA GLN D 89 32.00 -59.92 22.84
C GLN D 89 32.40 -58.71 23.68
N GLN D 90 33.46 -58.87 24.47
CA GLN D 90 33.99 -57.81 25.31
C GLN D 90 35.06 -57.02 24.57
N ALA D 91 35.24 -55.77 24.98
CA ALA D 91 36.19 -54.87 24.33
C ALA D 91 37.01 -54.10 25.37
N ASN D 92 37.56 -54.83 26.34
CA ASN D 92 38.29 -54.21 27.44
C ASN D 92 39.78 -54.49 27.38
N SER D 93 40.18 -55.76 27.34
CA SER D 93 41.59 -56.12 27.34
C SER D 93 41.99 -56.71 25.99
N PHE D 94 43.30 -56.76 25.75
CA PHE D 94 43.79 -57.11 24.42
C PHE D 94 43.47 -58.53 23.99
N PRO D 95 43.62 -59.57 24.82
CA PRO D 95 43.32 -60.92 24.32
C PRO D 95 41.83 -61.12 24.10
N LEU D 96 41.32 -60.63 22.97
CA LEU D 96 39.90 -60.72 22.68
C LEU D 96 39.45 -62.17 22.58
N THR D 97 38.33 -62.48 23.22
CA THR D 97 37.72 -63.79 23.13
C THR D 97 36.21 -63.63 22.99
N PHE D 98 35.61 -64.48 22.18
CA PHE D 98 34.18 -64.45 21.91
C PHE D 98 33.45 -65.39 22.86
N GLY D 99 32.14 -65.51 22.63
CA GLY D 99 31.29 -66.34 23.44
C GLY D 99 31.05 -67.70 22.83
N GLY D 100 29.82 -68.19 23.00
CA GLY D 100 29.40 -69.44 22.41
C GLY D 100 28.19 -69.27 21.52
N GLY D 101 27.42 -68.23 21.78
CA GLY D 101 26.32 -67.84 20.91
C GLY D 101 25.02 -68.53 21.27
N THR D 102 23.91 -67.88 20.92
CA THR D 102 22.58 -68.45 21.05
C THR D 102 21.84 -68.31 19.73
N LYS D 103 20.95 -69.26 19.47
CA LYS D 103 20.23 -69.34 18.21
C LYS D 103 18.76 -69.04 18.44
N VAL D 104 18.16 -68.25 17.55
CA VAL D 104 16.75 -67.88 17.63
C VAL D 104 16.13 -68.05 16.25
N GLU D 105 15.34 -69.11 16.09
CA GLU D 105 14.59 -69.35 14.86
C GLU D 105 13.18 -69.79 15.23
N ILE D 106 12.25 -69.61 14.29
CA ILE D 106 10.83 -69.79 14.55
C ILE D 106 10.57 -71.18 15.15
N LYS D 107 9.63 -71.26 16.08
CA LYS D 107 9.45 -72.46 16.88
C LYS D 107 8.78 -73.58 16.10
N GLN E 1 34.02 -51.91 2.54
CA GLN E 1 33.42 -51.15 1.46
C GLN E 1 33.38 -51.97 0.19
N VAL E 2 32.65 -53.09 0.24
CA VAL E 2 32.56 -54.04 -0.86
C VAL E 2 33.97 -54.43 -1.26
N GLN E 3 34.66 -55.13 -0.37
CA GLN E 3 36.06 -55.45 -0.55
C GLN E 3 36.42 -56.59 0.39
N LEU E 4 37.71 -56.83 0.59
CA LEU E 4 38.21 -57.94 1.40
C LEU E 4 37.85 -59.28 0.77
N GLN E 5 38.15 -59.42 -0.51
CA GLN E 5 37.93 -60.69 -1.20
C GLN E 5 39.13 -61.62 -1.02
N GLU E 6 38.85 -62.91 -0.95
CA GLU E 6 39.86 -63.93 -0.67
C GLU E 6 40.17 -64.72 -1.94
N SER E 7 41.45 -65.05 -2.12
CA SER E 7 41.91 -65.78 -3.30
C SER E 7 42.99 -66.76 -2.88
N GLY E 8 42.61 -68.01 -2.59
CA GLY E 8 43.57 -69.01 -2.18
C GLY E 8 43.16 -70.42 -2.55
N PRO E 9 44.13 -71.33 -2.58
CA PRO E 9 43.81 -72.73 -2.89
C PRO E 9 42.94 -73.36 -1.81
N GLY E 10 42.17 -74.36 -2.23
CA GLY E 10 41.20 -75.00 -1.37
C GLY E 10 41.74 -76.14 -0.52
N LEU E 11 42.51 -77.04 -1.12
CA LEU E 11 43.04 -78.21 -0.44
C LEU E 11 44.57 -78.14 -0.42
N VAL E 12 45.15 -78.67 0.64
CA VAL E 12 46.60 -78.77 0.80
C VAL E 12 46.92 -80.16 1.33
N LYS E 13 48.19 -80.39 1.65
CA LYS E 13 48.59 -81.67 2.17
C LYS E 13 49.12 -81.52 3.61
N PRO E 14 49.13 -82.60 4.39
CA PRO E 14 49.64 -82.51 5.77
C PRO E 14 51.11 -82.11 5.83
N SER E 15 51.44 -81.34 6.86
CA SER E 15 52.80 -80.86 7.13
C SER E 15 53.42 -80.19 5.91
N GLU E 16 52.81 -79.07 5.50
CA GLU E 16 53.30 -78.31 4.36
C GLU E 16 52.85 -76.86 4.50
N THR E 17 53.07 -76.09 3.44
CA THR E 17 52.86 -74.64 3.48
C THR E 17 51.38 -74.27 3.36
N LEU E 18 51.08 -73.05 3.78
CA LEU E 18 49.75 -72.48 3.69
C LEU E 18 49.87 -71.04 3.21
N SER E 19 48.96 -70.63 2.32
CA SER E 19 49.02 -69.30 1.72
C SER E 19 47.64 -68.74 1.47
N LEU E 20 47.46 -67.46 1.79
CA LEU E 20 46.23 -66.73 1.54
C LEU E 20 46.56 -65.41 0.85
N THR E 21 45.51 -64.66 0.49
CA THR E 21 45.67 -63.34 -0.10
C THR E 21 44.33 -62.63 -0.08
N CYS E 22 44.32 -61.39 0.40
CA CYS E 22 43.09 -60.64 0.61
C CYS E 22 43.24 -59.27 -0.05
N THR E 23 42.24 -58.88 -0.84
CA THR E 23 42.32 -57.70 -1.70
C THR E 23 41.39 -56.62 -1.17
N VAL E 24 41.87 -55.38 -1.17
CA VAL E 24 41.11 -54.24 -0.65
C VAL E 24 40.96 -53.20 -1.75
N SER E 25 39.73 -52.70 -1.91
CA SER E 25 39.42 -51.64 -2.86
C SER E 25 38.47 -50.64 -2.21
N GLY E 26 38.54 -49.40 -2.68
CA GLY E 26 37.67 -48.37 -2.17
C GLY E 26 38.28 -47.59 -1.03
N GLY E 27 39.49 -47.06 -1.23
CA GLY E 27 40.14 -46.25 -0.23
C GLY E 27 41.62 -46.47 -0.09
N SER E 28 42.09 -47.66 -0.47
CA SER E 28 43.51 -48.03 -0.48
C SER E 28 44.06 -48.20 0.94
N ILE E 29 44.90 -49.21 1.12
CA ILE E 29 45.45 -49.48 2.45
C ILE E 29 46.46 -48.41 2.85
N SER E 30 47.29 -47.97 1.90
CA SER E 30 48.38 -47.07 2.24
C SER E 30 47.88 -45.73 2.75
N SER E 31 46.81 -45.21 2.16
CA SER E 31 46.28 -43.92 2.56
C SER E 31 45.76 -43.95 3.99
N SER E 32 45.07 -45.03 4.37
CA SER E 32 44.39 -45.10 5.64
C SER E 32 45.40 -45.28 6.78
N SER E 33 44.88 -45.18 8.01
CA SER E 33 45.65 -45.37 9.23
C SER E 33 44.89 -46.26 10.21
N TYR E 34 44.37 -47.37 9.70
CA TYR E 34 43.57 -48.30 10.49
C TYR E 34 44.33 -49.60 10.70
N TYR E 35 43.66 -50.58 11.31
CA TYR E 35 44.26 -51.87 11.61
C TYR E 35 43.46 -52.98 10.95
N TRP E 36 44.17 -54.02 10.51
CA TRP E 36 43.58 -55.12 9.76
C TRP E 36 43.98 -56.45 10.39
N GLY E 37 43.16 -57.48 10.16
CA GLY E 37 43.45 -58.78 10.73
C GLY E 37 42.47 -59.82 10.23
N TRP E 38 42.76 -61.07 10.60
CA TRP E 38 41.99 -62.22 10.13
C TRP E 38 41.23 -62.85 11.28
N ILE E 39 40.26 -63.69 10.91
CA ILE E 39 39.47 -64.47 11.87
C ILE E 39 39.25 -65.85 11.27
N ARG E 40 39.40 -66.88 12.10
CA ARG E 40 39.31 -68.26 11.67
C ARG E 40 38.12 -68.94 12.35
N GLN E 41 37.40 -69.76 11.59
CA GLN E 41 36.25 -70.48 12.12
C GLN E 41 36.16 -71.88 11.52
N PRO E 42 36.16 -72.92 12.35
CA PRO E 42 36.07 -74.29 11.83
C PRO E 42 34.61 -74.66 11.56
N PRO E 43 34.37 -75.82 10.97
CA PRO E 43 32.97 -76.23 10.73
C PRO E 43 32.21 -76.37 12.05
N GLY E 44 31.12 -75.63 12.16
CA GLY E 44 30.42 -75.55 13.43
C GLY E 44 31.24 -74.77 14.44
N LYS E 45 30.99 -75.03 15.71
CA LYS E 45 31.82 -74.52 16.83
C LYS E 45 31.73 -73.00 16.86
N GLY E 46 32.72 -72.35 17.48
CA GLY E 46 32.68 -70.91 17.65
C GLY E 46 33.92 -70.26 17.08
N LEU E 47 33.84 -68.95 16.91
CA LEU E 47 34.84 -68.20 16.20
C LEU E 47 36.06 -67.91 17.08
N GLU E 48 37.10 -67.38 16.45
CA GLU E 48 38.42 -67.29 17.05
C GLU E 48 39.18 -66.12 16.42
N TRP E 49 40.24 -65.69 17.09
CA TRP E 49 41.06 -64.57 16.63
C TRP E 49 42.50 -65.04 16.43
N ILE E 50 43.11 -64.64 15.32
CA ILE E 50 44.44 -65.08 14.95
C ILE E 50 45.49 -63.99 15.14
N GLY E 51 45.14 -62.74 14.90
CA GLY E 51 46.11 -61.67 15.06
C GLY E 51 45.61 -60.38 14.44
N SER E 52 46.57 -59.52 14.13
CA SER E 52 46.29 -58.24 13.48
C SER E 52 47.56 -57.73 12.82
N ILE E 53 47.40 -56.90 11.81
CA ILE E 53 48.51 -56.45 10.98
C ILE E 53 48.42 -54.96 10.75
N TYR E 54 49.58 -54.31 10.78
CA TYR E 54 49.74 -52.92 10.38
C TYR E 54 50.96 -52.82 9.49
N TYR E 55 50.88 -51.99 8.45
CA TYR E 55 52.03 -51.79 7.59
C TYR E 55 53.11 -51.07 8.36
N SER E 56 54.37 -51.33 8.01
CA SER E 56 55.53 -50.90 8.76
C SER E 56 55.50 -51.47 10.18
N GLY E 57 55.56 -52.79 10.25
CA GLY E 57 55.74 -53.49 11.51
C GLY E 57 54.54 -53.40 12.43
N SER E 58 54.81 -53.57 13.72
CA SER E 58 53.80 -53.52 14.78
C SER E 58 52.72 -54.58 14.55
N THR E 59 53.14 -55.84 14.63
CA THR E 59 52.25 -56.98 14.47
C THR E 59 51.93 -57.58 15.84
N TYR E 60 50.67 -57.97 16.03
CA TYR E 60 50.23 -58.64 17.25
C TYR E 60 49.68 -60.02 16.88
N TYR E 61 50.12 -61.04 17.60
CA TYR E 61 49.79 -62.42 17.25
C TYR E 61 48.94 -63.06 18.34
N ASN E 62 48.41 -64.23 18.02
CA ASN E 62 47.63 -65.00 18.99
C ASN E 62 48.54 -65.47 20.12
N PRO E 63 48.06 -65.50 21.37
CA PRO E 63 48.88 -66.07 22.44
C PRO E 63 49.31 -67.50 22.17
N SER E 64 48.43 -68.31 21.61
CA SER E 64 48.80 -69.67 21.24
C SER E 64 49.48 -69.67 19.88
N LEU E 65 50.26 -70.73 19.63
CA LEU E 65 50.88 -71.01 18.33
C LEU E 65 51.57 -69.77 17.75
N LYS E 66 52.26 -69.02 18.61
CA LYS E 66 52.99 -67.85 18.14
C LYS E 66 54.21 -68.23 17.31
N SER E 67 54.80 -69.40 17.56
CA SER E 67 56.03 -69.76 16.89
C SER E 67 55.82 -70.45 15.55
N ARG E 68 54.66 -70.26 14.91
CA ARG E 68 54.38 -70.88 13.62
C ARG E 68 53.76 -69.92 12.61
N VAL E 69 53.26 -68.77 13.05
CA VAL E 69 52.46 -67.88 12.22
C VAL E 69 53.20 -66.58 12.01
N THR E 70 53.25 -66.13 10.76
CA THR E 70 53.84 -64.83 10.42
C THR E 70 52.91 -64.11 9.45
N ILE E 71 52.94 -62.78 9.51
CA ILE E 71 52.14 -61.93 8.63
C ILE E 71 53.09 -61.04 7.85
N SER E 72 52.92 -60.98 6.53
CA SER E 72 53.75 -60.14 5.69
C SER E 72 52.88 -59.48 4.62
N VAL E 73 53.07 -58.17 4.46
CA VAL E 73 52.30 -57.38 3.51
C VAL E 73 53.22 -56.94 2.37
N ASP E 74 52.78 -57.17 1.14
CA ASP E 74 53.46 -56.69 -0.06
C ASP E 74 52.53 -55.67 -0.71
N THR E 75 52.93 -54.40 -0.72
CA THR E 75 52.00 -53.36 -1.11
C THR E 75 52.28 -52.85 -2.52
N SER E 76 52.66 -53.74 -3.45
CA SER E 76 52.72 -53.33 -4.85
C SER E 76 51.33 -52.99 -5.35
N LYS E 77 50.38 -53.90 -5.18
CA LYS E 77 48.96 -53.62 -5.25
C LYS E 77 48.47 -53.31 -3.85
N ASN E 78 47.14 -53.33 -3.66
CA ASN E 78 46.55 -53.16 -2.33
C ASN E 78 46.10 -54.53 -1.83
N GLN E 79 47.04 -55.24 -1.19
CA GLN E 79 46.79 -56.59 -0.71
C GLN E 79 47.72 -56.91 0.46
N PHE E 80 47.26 -57.81 1.32
CA PHE E 80 48.06 -58.34 2.42
C PHE E 80 47.70 -59.80 2.62
N SER E 81 48.60 -60.55 3.25
CA SER E 81 48.48 -61.99 3.32
C SER E 81 49.07 -62.50 4.62
N LEU E 82 49.03 -63.83 4.79
CA LEU E 82 49.57 -64.48 5.98
C LEU E 82 50.07 -65.87 5.63
N LYS E 83 50.93 -66.41 6.50
CA LYS E 83 51.58 -67.70 6.31
C LYS E 83 51.27 -68.60 7.50
N LEU E 84 51.11 -69.90 7.24
CA LEU E 84 51.13 -70.93 8.29
C LEU E 84 52.10 -72.01 7.86
N SER E 85 53.15 -72.23 8.67
CA SER E 85 54.23 -73.11 8.25
C SER E 85 53.83 -74.58 8.31
N SER E 86 53.14 -74.99 9.38
CA SER E 86 52.77 -76.39 9.57
C SER E 86 51.27 -76.51 9.62
N VAL E 87 50.72 -77.40 8.79
CA VAL E 87 49.27 -77.58 8.70
C VAL E 87 48.93 -79.05 8.93
N THR E 88 47.95 -79.27 9.79
CA THR E 88 47.50 -80.61 10.14
C THR E 88 46.00 -80.68 9.88
N ALA E 89 45.42 -81.87 10.04
CA ALA E 89 44.00 -82.07 9.76
C ALA E 89 43.10 -81.30 10.72
N ALA E 90 43.64 -80.77 11.81
CA ALA E 90 42.87 -79.95 12.74
C ALA E 90 42.83 -78.49 12.34
N ASP E 91 43.32 -78.16 11.15
CA ASP E 91 43.32 -76.80 10.63
C ASP E 91 42.17 -76.53 9.67
N THR E 92 41.26 -77.49 9.47
CA THR E 92 40.15 -77.33 8.55
C THR E 92 39.22 -76.24 9.09
N ALA E 93 39.21 -75.08 8.43
CA ALA E 93 38.42 -73.96 8.91
C ALA E 93 38.19 -72.96 7.79
N VAL E 94 37.19 -72.11 7.98
CA VAL E 94 36.85 -71.03 7.07
C VAL E 94 37.64 -69.80 7.50
N TYR E 95 38.31 -69.15 6.55
CA TYR E 95 39.15 -67.99 6.85
C TYR E 95 38.45 -66.72 6.36
N TYR E 96 38.70 -65.62 7.05
CA TYR E 96 37.96 -64.39 6.85
C TYR E 96 38.91 -63.22 6.60
N CYS E 97 38.33 -62.03 6.50
CA CYS E 97 39.07 -60.78 6.43
C CYS E 97 38.30 -59.73 7.20
N ALA E 98 39.02 -58.88 7.94
CA ALA E 98 38.37 -57.94 8.84
C ALA E 98 39.04 -56.57 8.78
N ARG E 99 38.27 -55.55 9.13
CA ARG E 99 38.74 -54.18 9.23
C ARG E 99 38.34 -53.61 10.59
N CYS E 100 39.27 -52.89 11.22
CA CYS E 100 39.01 -52.34 12.54
C CYS E 100 38.13 -51.09 12.45
N ARG E 101 37.24 -50.94 13.42
CA ARG E 101 36.34 -49.79 13.43
C ARG E 101 37.13 -48.50 13.51
N PRO E 102 36.81 -47.49 12.71
CA PRO E 102 37.57 -46.24 12.76
C PRO E 102 37.27 -45.43 14.02
N GLU E 103 38.32 -44.86 14.57
CA GLU E 103 38.22 -44.12 15.82
C GLU E 103 37.45 -42.83 15.62
N TYR E 104 36.76 -42.38 16.68
CA TYR E 104 35.78 -41.30 16.55
C TYR E 104 36.44 -39.92 16.55
N TYR E 105 37.07 -39.55 17.66
CA TYR E 105 37.62 -38.20 17.77
C TYR E 105 39.05 -38.14 17.23
N PHE E 106 39.24 -37.33 16.20
CA PHE E 106 40.45 -37.27 15.38
C PHE E 106 40.54 -38.50 14.50
N GLY E 107 41.69 -38.73 13.88
CA GLY E 107 41.79 -39.75 12.86
C GLY E 107 42.74 -40.89 13.17
N SER E 108 42.72 -41.36 14.42
CA SER E 108 43.46 -42.56 14.78
C SER E 108 42.60 -43.78 14.46
N GLY E 109 43.02 -44.96 14.93
CA GLY E 109 42.29 -46.17 14.62
C GLY E 109 41.90 -46.99 15.82
N SER E 110 41.88 -48.32 15.64
CA SER E 110 41.68 -49.30 16.71
C SER E 110 40.24 -49.33 17.22
N TYR E 111 40.06 -49.07 18.52
CA TYR E 111 38.88 -49.39 19.32
C TYR E 111 38.71 -50.89 19.57
N LEU E 112 39.58 -51.73 19.03
CA LEU E 112 39.54 -53.18 19.27
C LEU E 112 38.18 -53.76 18.89
N ASP E 113 37.61 -53.24 17.80
CA ASP E 113 36.31 -53.70 17.33
C ASP E 113 36.35 -53.79 15.81
N PHE E 114 35.46 -54.59 15.25
CA PHE E 114 35.51 -54.94 13.83
C PHE E 114 34.20 -54.61 13.13
N ASP E 115 34.32 -54.27 11.85
CA ASP E 115 33.19 -54.14 10.95
C ASP E 115 33.72 -54.15 9.53
N TYR E 116 32.79 -54.19 8.56
CA TYR E 116 33.12 -54.25 7.13
C TYR E 116 33.92 -55.52 6.81
N TRP E 117 33.26 -56.65 7.02
CA TRP E 117 33.89 -57.96 6.87
C TRP E 117 33.95 -58.36 5.40
N GLY E 118 34.50 -59.55 5.16
CA GLY E 118 34.51 -60.14 3.83
C GLY E 118 34.16 -61.61 3.92
N GLN E 119 34.36 -62.32 2.83
CA GLN E 119 34.04 -63.74 2.82
C GLN E 119 35.18 -64.55 2.20
N GLY E 120 35.29 -65.80 2.64
CA GLY E 120 36.26 -66.72 2.09
C GLY E 120 35.72 -68.14 2.18
N THR E 121 36.15 -68.98 1.25
CA THR E 121 35.51 -70.29 1.14
C THR E 121 36.09 -71.31 2.11
N LEU E 122 37.30 -71.78 1.86
CA LEU E 122 37.85 -72.90 2.62
C LEU E 122 39.35 -72.97 2.40
N VAL E 123 40.03 -73.57 3.37
CA VAL E 123 41.38 -74.09 3.21
C VAL E 123 41.43 -75.44 3.90
N THR E 124 41.28 -76.52 3.14
CA THR E 124 41.08 -77.83 3.72
C THR E 124 42.40 -78.59 3.71
N VAL E 125 42.45 -79.66 4.47
CA VAL E 125 43.69 -80.41 4.67
C VAL E 125 43.49 -81.86 4.23
N SER E 126 44.50 -82.40 3.56
CA SER E 126 44.50 -83.77 3.03
C SER E 126 43.38 -83.98 2.02
N GLN F 1 53.46 -32.53 38.93
CA GLN F 1 54.46 -31.47 38.92
C GLN F 1 54.98 -31.22 37.50
N CYS F 2 55.26 -29.96 37.20
CA CYS F 2 55.70 -29.52 35.88
C CYS F 2 56.93 -28.64 36.03
N VAL F 3 57.66 -28.48 34.92
CA VAL F 3 58.89 -27.70 34.89
C VAL F 3 58.79 -26.66 33.78
N ASN F 4 59.54 -25.57 33.96
CA ASN F 4 59.65 -24.52 32.96
C ASN F 4 61.02 -24.62 32.30
N LEU F 5 61.03 -24.59 30.96
CA LEU F 5 62.25 -24.74 30.18
C LEU F 5 62.52 -23.43 29.46
N THR F 6 63.82 -23.07 29.34
CA THR F 6 64.24 -21.82 28.70
C THR F 6 65.31 -22.16 27.67
N THR F 7 64.86 -22.50 26.45
CA THR F 7 65.77 -22.78 25.35
C THR F 7 65.24 -22.22 24.02
N ARG F 8 64.34 -21.25 24.06
CA ARG F 8 63.67 -20.74 22.88
C ARG F 8 64.03 -19.27 22.67
N THR F 9 64.41 -18.90 21.46
CA THR F 9 64.74 -17.52 21.14
C THR F 9 63.53 -16.84 20.52
N GLN F 10 63.72 -15.61 20.09
CA GLN F 10 62.63 -14.77 19.59
C GLN F 10 62.49 -14.93 18.08
N LEU F 11 61.26 -14.76 17.58
CA LEU F 11 60.98 -14.79 16.16
C LEU F 11 59.58 -14.23 15.91
N PRO F 12 59.41 -13.35 14.93
CA PRO F 12 58.10 -12.74 14.72
C PRO F 12 57.06 -13.79 14.35
N PRO F 13 55.82 -13.63 14.81
CA PRO F 13 54.81 -14.68 14.54
C PRO F 13 54.52 -14.90 13.07
N ALA F 14 54.57 -13.84 12.25
CA ALA F 14 54.27 -13.90 10.82
C ALA F 14 52.82 -14.28 10.56
N TYR F 15 52.32 -13.97 9.36
CA TYR F 15 50.94 -14.17 8.99
C TYR F 15 50.86 -14.81 7.61
N THR F 16 49.76 -15.52 7.35
CA THR F 16 49.50 -16.08 6.04
C THR F 16 48.07 -15.77 5.65
N ASN F 17 47.72 -16.12 4.41
CA ASN F 17 46.40 -15.83 3.86
C ASN F 17 45.43 -16.94 4.23
N SER F 18 44.20 -16.78 3.74
CA SER F 18 43.16 -17.79 3.90
C SER F 18 42.46 -17.99 2.56
N PHE F 19 42.15 -19.24 2.25
CA PHE F 19 41.41 -19.56 1.04
C PHE F 19 39.92 -19.62 1.37
N THR F 20 39.12 -20.13 0.44
CA THR F 20 37.68 -20.26 0.65
C THR F 20 37.42 -21.54 1.45
N ARG F 21 37.68 -21.45 2.75
CA ARG F 21 37.48 -22.56 3.67
C ARG F 21 36.70 -22.08 4.89
N GLY F 22 35.92 -22.98 5.49
CA GLY F 22 35.21 -22.65 6.70
C GLY F 22 33.70 -22.67 6.58
N VAL F 23 33.17 -23.54 5.74
CA VAL F 23 31.73 -23.65 5.54
C VAL F 23 31.17 -24.81 6.35
N TYR F 24 30.09 -24.55 7.06
CA TYR F 24 29.44 -25.56 7.89
C TYR F 24 27.93 -25.42 7.78
N TYR F 25 27.23 -26.53 7.95
CA TYR F 25 25.78 -26.51 7.97
C TYR F 25 25.32 -25.74 9.21
N PRO F 26 24.53 -24.69 9.07
CA PRO F 26 24.16 -23.86 10.22
C PRO F 26 22.93 -24.33 10.97
N ASP F 27 22.18 -25.29 10.45
CA ASP F 27 20.95 -25.75 11.09
C ASP F 27 20.76 -27.22 10.75
N LYS F 28 19.54 -27.73 10.98
CA LYS F 28 19.24 -29.14 10.78
C LYS F 28 18.17 -29.39 9.73
N VAL F 29 18.10 -28.59 8.66
CA VAL F 29 17.10 -28.81 7.64
C VAL F 29 17.77 -29.17 6.33
N PHE F 30 17.08 -29.97 5.52
CA PHE F 30 17.62 -30.50 4.27
C PHE F 30 16.94 -29.83 3.09
N ARG F 31 17.74 -29.27 2.19
CA ARG F 31 17.26 -28.67 0.95
C ARG F 31 18.05 -29.24 -0.22
N SER F 32 17.41 -29.33 -1.37
CA SER F 32 18.02 -29.94 -2.53
C SER F 32 17.96 -29.00 -3.73
N SER F 33 19.14 -28.70 -4.29
CA SER F 33 19.26 -27.94 -5.54
C SER F 33 18.58 -26.57 -5.43
N VAL F 34 18.61 -25.98 -4.24
CA VAL F 34 18.02 -24.67 -4.00
C VAL F 34 19.07 -23.78 -3.36
N LEU F 35 19.29 -22.60 -3.95
CA LEU F 35 20.21 -21.61 -3.41
C LEU F 35 19.50 -20.88 -2.29
N HIS F 36 20.12 -20.85 -1.11
CA HIS F 36 19.50 -20.27 0.07
C HIS F 36 20.31 -19.07 0.56
N SER F 37 19.66 -18.18 1.29
CA SER F 37 20.30 -17.00 1.85
C SER F 37 20.16 -17.02 3.37
N THR F 38 21.29 -16.89 4.07
CA THR F 38 21.30 -16.95 5.52
C THR F 38 22.20 -15.84 6.07
N GLN F 39 22.04 -15.59 7.37
CA GLN F 39 22.85 -14.61 8.08
C GLN F 39 23.29 -15.23 9.40
N ASP F 40 24.60 -15.48 9.53
CA ASP F 40 25.09 -16.21 10.69
C ASP F 40 26.59 -15.96 10.84
N LEU F 41 27.21 -16.74 11.72
CA LEU F 41 28.62 -16.58 12.04
C LEU F 41 29.46 -17.37 11.05
N PHE F 42 30.39 -16.69 10.37
CA PHE F 42 31.25 -17.31 9.39
C PHE F 42 32.61 -16.61 9.38
N LEU F 43 33.55 -17.23 8.69
CA LEU F 43 34.88 -16.64 8.51
C LEU F 43 34.92 -15.89 7.18
N PRO F 44 35.18 -14.59 7.17
CA PRO F 44 35.27 -13.87 5.89
C PRO F 44 36.36 -14.44 4.99
N PHE F 45 36.06 -14.49 3.70
CA PHE F 45 37.00 -15.03 2.74
C PHE F 45 38.19 -14.09 2.55
N PHE F 46 39.35 -14.67 2.26
CA PHE F 46 40.57 -13.90 1.98
C PHE F 46 40.93 -12.99 3.16
N SER F 47 41.26 -13.63 4.28
CA SER F 47 41.59 -12.92 5.49
C SER F 47 42.93 -13.42 6.05
N ASN F 48 43.58 -12.57 6.83
CA ASN F 48 44.81 -12.93 7.52
C ASN F 48 44.53 -14.01 8.56
N VAL F 49 45.43 -14.99 8.64
CA VAL F 49 45.44 -15.96 9.73
C VAL F 49 46.86 -16.11 10.23
N THR F 50 46.98 -16.64 11.45
CA THR F 50 48.28 -16.75 12.11
C THR F 50 48.86 -18.14 11.92
N TRP F 51 50.15 -18.19 11.64
CA TRP F 51 50.89 -19.41 11.35
C TRP F 51 51.81 -19.73 12.52
N PHE F 52 51.77 -20.97 12.99
CA PHE F 52 52.59 -21.37 14.13
C PHE F 52 53.36 -22.64 13.83
N HIS F 53 54.63 -22.65 14.22
CA HIS F 53 55.53 -23.77 14.05
C HIS F 53 55.98 -24.30 15.40
N ALA F 54 56.38 -25.58 15.43
CA ALA F 54 57.06 -26.15 16.60
C ALA F 54 57.99 -27.24 16.10
N ILE F 55 59.24 -26.87 15.81
CA ILE F 55 60.26 -27.80 15.34
C ILE F 55 61.60 -27.37 15.92
N HIS F 56 62.40 -28.35 16.35
CA HIS F 56 63.77 -28.12 16.80
C HIS F 56 64.71 -28.30 15.62
N VAL F 57 65.30 -27.20 15.15
CA VAL F 57 66.21 -27.25 14.01
C VAL F 57 67.50 -26.52 14.38
N SER F 58 68.62 -27.24 14.22
CA SER F 58 69.97 -26.72 14.44
C SER F 58 70.20 -26.24 15.87
N GLY F 59 71.43 -25.85 16.17
CA GLY F 59 71.77 -25.36 17.50
C GLY F 59 72.42 -24.00 17.48
N THR F 60 72.97 -23.61 16.33
CA THR F 60 73.58 -22.29 16.17
C THR F 60 72.87 -21.49 15.08
N ASN F 61 72.61 -22.12 13.94
CA ASN F 61 71.95 -21.47 12.80
C ASN F 61 70.43 -21.53 12.91
N GLY F 62 69.90 -22.29 13.87
CA GLY F 62 68.46 -22.40 14.02
C GLY F 62 67.99 -22.05 15.41
N THR F 63 66.75 -22.44 15.70
CA THR F 63 66.14 -22.17 17.00
C THR F 63 65.35 -23.40 17.42
N LYS F 64 65.39 -23.72 18.72
CA LYS F 64 64.55 -24.76 19.28
C LYS F 64 63.14 -24.21 19.40
N ARG F 65 62.45 -24.13 18.25
CA ARG F 65 61.15 -23.48 18.17
C ARG F 65 60.11 -24.30 18.90
N PHE F 66 59.22 -23.61 19.62
CA PHE F 66 58.14 -24.28 20.35
C PHE F 66 57.11 -23.19 20.65
N ASP F 67 55.86 -23.40 20.23
CA ASP F 67 54.85 -22.37 20.27
C ASP F 67 53.59 -22.86 20.97
N ASN F 68 53.25 -22.23 22.08
CA ASN F 68 51.94 -22.43 22.71
C ASN F 68 51.62 -21.29 23.66
N PRO F 69 51.42 -20.06 23.17
CA PRO F 69 51.06 -18.96 24.08
C PRO F 69 49.57 -18.91 24.36
N VAL F 70 49.13 -17.88 25.08
CA VAL F 70 47.70 -17.71 25.37
C VAL F 70 47.10 -16.77 24.32
N LEU F 71 45.96 -17.19 23.77
CA LEU F 71 45.28 -16.47 22.70
C LEU F 71 43.82 -16.27 23.05
N PRO F 72 43.32 -15.03 23.00
CA PRO F 72 41.93 -14.77 23.37
C PRO F 72 40.95 -15.48 22.45
N PHE F 73 39.80 -15.85 23.03
CA PHE F 73 38.76 -16.61 22.34
C PHE F 73 38.00 -15.79 21.31
N ASN F 74 37.90 -14.48 21.51
CA ASN F 74 37.10 -13.59 20.65
C ASN F 74 35.66 -14.08 20.69
N ASP F 75 35.10 -14.58 19.58
CA ASP F 75 33.72 -15.01 19.56
C ASP F 75 33.56 -16.39 18.96
N GLY F 76 34.62 -16.93 18.37
CA GLY F 76 34.58 -18.26 17.79
C GLY F 76 35.98 -18.70 17.45
N VAL F 77 36.17 -20.01 17.32
CA VAL F 77 37.49 -20.58 17.11
C VAL F 77 37.47 -21.45 15.86
N TYR F 78 38.46 -21.28 15.00
CA TYR F 78 38.67 -22.12 13.84
C TYR F 78 40.12 -22.59 13.86
N PHE F 79 40.32 -23.90 13.98
CA PHE F 79 41.64 -24.49 14.12
C PHE F 79 41.93 -25.36 12.90
N ALA F 80 43.07 -25.10 12.25
CA ALA F 80 43.51 -25.92 11.13
C ALA F 80 44.88 -26.50 11.45
N SER F 81 45.05 -27.78 11.16
CA SER F 81 46.31 -28.43 11.52
C SER F 81 46.63 -29.53 10.52
N THR F 82 47.92 -29.88 10.47
CA THR F 82 48.40 -30.97 9.64
C THR F 82 49.60 -31.60 10.31
N GLU F 83 49.63 -32.92 10.36
CA GLU F 83 50.69 -33.62 11.06
C GLU F 83 50.82 -35.04 10.53
N LYS F 84 51.98 -35.63 10.77
CA LYS F 84 52.22 -37.04 10.48
C LYS F 84 52.16 -37.87 11.76
N SER F 85 52.88 -37.44 12.79
CA SER F 85 52.75 -38.00 14.12
C SER F 85 51.61 -37.28 14.84
N ASN F 86 50.93 -37.97 15.76
CA ASN F 86 49.82 -37.40 16.49
C ASN F 86 50.36 -36.37 17.49
N ILE F 87 50.20 -35.10 17.15
CA ILE F 87 50.66 -34.00 18.00
C ILE F 87 49.41 -33.18 18.33
N ILE F 88 49.59 -32.05 19.03
CA ILE F 88 48.52 -31.17 19.51
C ILE F 88 47.33 -32.00 19.99
N ARG F 89 47.55 -32.79 21.05
CA ARG F 89 46.53 -33.74 21.49
C ARG F 89 45.27 -33.03 21.97
N GLY F 90 45.40 -32.08 22.89
CA GLY F 90 44.22 -31.58 23.55
C GLY F 90 44.26 -30.09 23.79
N TRP F 91 43.20 -29.60 24.46
CA TRP F 91 43.00 -28.18 24.66
C TRP F 91 42.52 -27.89 26.07
N ILE F 92 42.80 -26.67 26.52
CA ILE F 92 42.27 -26.12 27.76
C ILE F 92 41.53 -24.84 27.45
N PHE F 93 40.26 -24.75 27.85
CA PHE F 93 39.50 -23.51 27.71
C PHE F 93 39.17 -23.02 29.11
N GLY F 94 39.75 -21.87 29.48
CA GLY F 94 39.52 -21.29 30.78
C GLY F 94 39.91 -19.82 30.77
N THR F 95 39.38 -19.10 31.74
CA THR F 95 39.58 -17.65 31.83
C THR F 95 40.60 -17.23 32.87
N THR F 96 40.72 -17.94 34.00
CA THR F 96 41.72 -17.64 35.01
C THR F 96 42.65 -18.80 35.32
N LEU F 97 42.27 -20.03 34.97
CA LEU F 97 43.15 -21.21 35.10
C LEU F 97 43.58 -21.41 36.55
N ASP F 98 42.61 -21.47 37.45
CA ASP F 98 42.86 -21.81 38.84
C ASP F 98 41.59 -22.42 39.43
N SER F 99 41.64 -22.77 40.71
CA SER F 99 40.55 -23.50 41.34
C SER F 99 39.31 -22.66 41.56
N LYS F 100 39.42 -21.32 41.59
CA LYS F 100 38.29 -20.51 42.00
C LYS F 100 37.12 -20.55 41.02
N THR F 101 37.35 -21.04 39.80
CA THR F 101 36.28 -21.14 38.82
C THR F 101 36.48 -22.42 38.01
N GLN F 102 35.44 -22.80 37.27
CA GLN F 102 35.44 -24.03 36.49
C GLN F 102 35.76 -23.75 35.03
N SER F 103 36.58 -24.63 34.45
CA SER F 103 37.02 -24.51 33.06
C SER F 103 37.05 -25.91 32.48
N LEU F 104 37.22 -26.01 31.15
CA LEU F 104 37.08 -27.28 30.47
C LEU F 104 38.42 -27.76 29.94
N LEU F 105 38.57 -29.08 29.95
CA LEU F 105 39.79 -29.78 29.56
C LEU F 105 39.42 -30.89 28.60
N ILE F 106 40.12 -30.98 27.48
CA ILE F 106 39.98 -32.08 26.54
C ILE F 106 41.37 -32.67 26.35
N VAL F 107 41.52 -33.97 26.64
CA VAL F 107 42.84 -34.60 26.63
C VAL F 107 42.77 -35.92 25.86
N ASN F 108 43.77 -36.13 25.00
CA ASN F 108 44.01 -37.42 24.36
C ASN F 108 45.37 -37.92 24.82
N ASN F 109 45.38 -38.87 25.75
CA ASN F 109 46.62 -39.41 26.28
C ASN F 109 47.06 -40.69 25.58
N ALA F 110 46.74 -40.81 24.29
CA ALA F 110 47.18 -41.92 23.43
C ALA F 110 46.52 -43.24 23.81
N THR F 111 45.75 -43.25 24.89
CA THR F 111 44.97 -44.43 25.27
C THR F 111 43.49 -44.13 25.35
N ASN F 112 43.09 -43.04 26.00
CA ASN F 112 41.69 -42.69 26.17
C ASN F 112 41.50 -41.19 26.02
N VAL F 113 40.41 -40.82 25.37
CA VAL F 113 40.05 -39.40 25.25
C VAL F 113 39.11 -39.03 26.40
N VAL F 114 39.42 -37.93 27.07
CA VAL F 114 38.75 -37.54 28.30
C VAL F 114 38.32 -36.09 28.20
N ILE F 115 37.09 -35.81 28.62
CA ILE F 115 36.56 -34.45 28.69
C ILE F 115 36.21 -34.18 30.15
N LYS F 116 36.46 -32.95 30.60
CA LYS F 116 36.23 -32.64 32.01
C LYS F 116 35.99 -31.15 32.18
N VAL F 117 34.83 -30.78 32.72
CA VAL F 117 34.60 -29.40 33.15
C VAL F 117 34.70 -29.37 34.66
N CYS F 118 35.74 -28.72 35.17
CA CYS F 118 36.08 -28.85 36.58
C CYS F 118 37.01 -27.73 36.99
N GLU F 119 37.50 -27.80 38.22
CA GLU F 119 38.42 -26.82 38.77
C GLU F 119 39.78 -27.48 39.00
N PHE F 120 40.81 -26.95 38.35
CA PHE F 120 42.16 -27.50 38.46
C PHE F 120 43.17 -26.38 38.66
N GLN F 121 44.46 -26.72 38.55
CA GLN F 121 45.54 -25.73 38.58
C GLN F 121 46.49 -26.08 37.43
N PHE F 122 46.96 -25.05 36.73
CA PHE F 122 47.85 -25.25 35.61
C PHE F 122 49.05 -24.31 35.72
N CYS F 123 50.19 -24.73 35.17
CA CYS F 123 51.38 -23.90 35.13
C CYS F 123 51.55 -23.32 33.73
N ASN F 124 52.70 -22.68 33.49
CA ASN F 124 52.94 -22.02 32.21
C ASN F 124 52.84 -23.00 31.06
N ASP F 125 53.52 -24.15 31.18
CA ASP F 125 53.65 -25.10 30.08
C ASP F 125 53.25 -26.49 30.57
N PRO F 126 51.95 -26.77 30.66
CA PRO F 126 51.52 -28.16 30.85
C PRO F 126 51.39 -28.86 29.50
N PHE F 127 52.11 -29.97 29.36
CA PHE F 127 52.16 -30.66 28.08
C PHE F 127 52.37 -32.15 28.32
N LEU F 128 52.68 -32.85 27.24
CA LEU F 128 52.94 -34.28 27.24
C LEU F 128 54.24 -34.56 26.49
N GLY F 129 54.52 -35.84 26.25
CA GLY F 129 55.69 -36.22 25.51
C GLY F 129 55.77 -37.73 25.35
N VAL F 130 56.78 -38.16 24.59
CA VAL F 130 57.05 -39.57 24.37
C VAL F 130 58.56 -39.78 24.39
N TYR F 131 58.98 -40.87 25.03
CA TYR F 131 60.39 -41.20 25.17
C TYR F 131 60.70 -42.45 24.36
N TYR F 132 61.87 -42.46 23.73
CA TYR F 132 62.28 -43.54 22.85
C TYR F 132 63.35 -44.39 23.52
N HIS F 133 63.32 -45.70 23.24
CA HIS F 133 64.33 -46.65 23.72
C HIS F 133 64.50 -46.57 25.23
N LYS F 134 63.40 -46.86 25.94
CA LYS F 134 63.46 -46.90 27.40
C LYS F 134 63.75 -48.29 27.95
N ASN F 135 64.21 -49.21 27.10
CA ASN F 135 64.54 -50.58 27.49
C ASN F 135 63.29 -51.34 27.96
N ASN F 136 62.13 -50.72 27.84
CA ASN F 136 60.87 -51.38 28.17
C ASN F 136 60.36 -52.23 27.01
N LYS F 137 60.98 -52.10 25.84
CA LYS F 137 60.61 -52.79 24.60
C LYS F 137 59.25 -52.35 24.08
N SER F 138 59.07 -52.49 22.76
CA SER F 138 57.92 -52.03 21.98
C SER F 138 57.95 -50.52 21.81
N TRP F 139 58.83 -49.84 22.54
CA TRP F 139 59.19 -48.44 22.32
C TRP F 139 58.03 -47.44 22.40
N MET F 140 58.37 -46.16 22.47
CA MET F 140 57.42 -45.05 22.40
C MET F 140 56.37 -45.12 23.51
N GLU F 141 56.84 -44.95 24.74
CA GLU F 141 55.96 -44.74 25.89
C GLU F 141 56.49 -43.60 26.73
N SER F 142 55.58 -42.93 27.44
CA SER F 142 55.91 -41.85 28.36
C SER F 142 54.67 -41.49 29.16
N GLU F 143 54.80 -40.46 29.99
CA GLU F 143 53.74 -40.00 30.86
C GLU F 143 53.45 -38.52 30.56
N PHE F 144 52.59 -37.92 31.38
CA PHE F 144 52.20 -36.53 31.22
C PHE F 144 52.34 -35.81 32.55
N ARG F 145 52.57 -34.50 32.46
CA ARG F 145 52.64 -33.64 33.64
C ARG F 145 51.90 -32.34 33.32
N VAL F 146 50.61 -32.28 33.64
CA VAL F 146 49.79 -31.16 33.20
C VAL F 146 49.15 -30.44 34.39
N TYR F 147 48.35 -31.15 35.18
CA TYR F 147 47.67 -30.53 36.30
C TYR F 147 47.87 -31.37 37.55
N SER F 148 47.90 -30.70 38.70
CA SER F 148 48.10 -31.37 39.98
C SER F 148 47.16 -30.83 41.05
N SER F 149 45.91 -30.56 40.70
CA SER F 149 44.93 -30.08 41.65
C SER F 149 43.54 -30.48 41.16
N ALA F 150 42.57 -30.43 42.07
CA ALA F 150 41.19 -30.73 41.74
C ALA F 150 40.28 -30.20 42.83
N ASN F 151 38.99 -30.07 42.50
CA ASN F 151 37.99 -29.60 43.44
C ASN F 151 36.63 -30.05 42.92
N ASN F 152 35.65 -30.13 43.82
CA ASN F 152 34.36 -30.69 43.47
C ASN F 152 33.72 -29.90 42.32
N CYS F 153 33.18 -30.62 41.36
CA CYS F 153 32.68 -30.01 40.13
C CYS F 153 31.50 -30.83 39.63
N THR F 154 31.15 -30.64 38.35
CA THR F 154 29.88 -31.14 37.82
C THR F 154 30.03 -32.30 36.84
N PHE F 155 30.81 -32.17 35.78
CA PHE F 155 30.74 -33.12 34.67
C PHE F 155 32.12 -33.58 34.23
N GLU F 156 32.27 -34.89 34.11
CA GLU F 156 33.43 -35.53 33.53
C GLU F 156 32.95 -36.65 32.61
N TYR F 157 33.80 -37.02 31.65
CA TYR F 157 33.46 -38.09 30.73
C TYR F 157 34.72 -38.76 30.24
N VAL F 158 34.68 -40.09 30.15
CA VAL F 158 35.76 -40.90 29.62
C VAL F 158 35.17 -41.75 28.50
N SER F 159 36.02 -42.21 27.58
CA SER F 159 35.55 -42.98 26.45
C SER F 159 36.19 -44.36 26.42
N GLN F 160 35.82 -45.13 25.40
CA GLN F 160 36.34 -46.49 25.26
C GLN F 160 37.84 -46.46 24.99
N PRO F 161 38.60 -47.36 25.61
CA PRO F 161 40.04 -47.43 25.33
C PRO F 161 40.30 -47.87 23.89
N PHE F 162 41.45 -47.45 23.37
CA PHE F 162 41.83 -47.77 22.00
C PHE F 162 43.35 -47.89 21.91
N LEU F 163 43.83 -48.01 20.68
CA LEU F 163 45.25 -48.19 20.39
C LEU F 163 45.67 -47.21 19.31
N MET F 164 46.95 -46.84 19.31
CA MET F 164 47.46 -45.82 18.40
C MET F 164 48.92 -46.11 18.07
N ASP F 165 49.39 -45.53 16.97
CA ASP F 165 50.80 -45.59 16.61
C ASP F 165 51.46 -44.26 16.96
N LEU F 166 52.53 -44.32 17.75
CA LEU F 166 53.18 -43.13 18.28
C LEU F 166 54.61 -42.99 17.78
N GLU F 167 54.93 -43.62 16.65
CA GLU F 167 56.27 -43.46 16.09
C GLU F 167 56.30 -42.36 15.03
N GLY F 168 55.49 -42.51 13.98
CA GLY F 168 55.46 -41.54 12.91
C GLY F 168 56.59 -41.73 11.91
N LYS F 169 56.51 -41.03 10.79
CA LYS F 169 57.50 -41.12 9.73
C LYS F 169 58.15 -39.76 9.51
N GLN F 170 58.97 -39.68 8.47
CA GLN F 170 59.64 -38.45 8.08
C GLN F 170 59.31 -38.12 6.63
N GLY F 171 59.05 -36.84 6.37
CA GLY F 171 58.72 -36.40 5.03
C GLY F 171 57.57 -35.41 4.99
N ASN F 172 56.97 -35.23 3.82
CA ASN F 172 55.87 -34.30 3.67
C ASN F 172 54.63 -34.82 4.41
N PHE F 173 53.81 -33.88 4.87
CA PHE F 173 52.58 -34.22 5.57
C PHE F 173 51.62 -34.92 4.61
N LYS F 174 50.81 -35.83 5.17
CA LYS F 174 49.88 -36.62 4.39
C LYS F 174 48.47 -36.59 4.97
N ASN F 175 48.17 -35.60 5.81
CA ASN F 175 46.85 -35.50 6.42
C ASN F 175 46.61 -34.06 6.85
N LEU F 176 45.33 -33.73 7.05
CA LEU F 176 44.98 -32.42 7.59
C LEU F 176 43.63 -32.51 8.28
N ARG F 177 43.47 -31.72 9.34
CA ARG F 177 42.26 -31.73 10.16
C ARG F 177 41.82 -30.30 10.44
N GLU F 178 40.51 -30.06 10.38
CA GLU F 178 39.93 -28.76 10.65
C GLU F 178 38.82 -28.89 11.68
N PHE F 179 38.78 -27.93 12.60
CA PHE F 179 37.79 -27.91 13.66
C PHE F 179 37.22 -26.50 13.81
N VAL F 180 35.94 -26.44 14.16
CA VAL F 180 35.26 -25.18 14.42
C VAL F 180 34.56 -25.29 15.78
N PHE F 181 34.88 -24.38 16.69
CA PHE F 181 34.33 -24.37 18.03
C PHE F 181 33.54 -23.09 18.24
N LYS F 182 32.33 -23.24 18.78
CA LYS F 182 31.52 -22.10 19.20
C LYS F 182 30.82 -22.43 20.50
N ASN F 183 30.45 -21.38 21.23
CA ASN F 183 29.84 -21.51 22.56
C ASN F 183 28.71 -20.52 22.67
N ILE F 184 27.48 -21.01 22.71
CA ILE F 184 26.31 -20.15 22.75
C ILE F 184 25.39 -20.58 23.88
N ASP F 185 24.93 -19.61 24.66
CA ASP F 185 24.03 -19.83 25.81
C ASP F 185 24.69 -20.86 26.71
N GLY F 186 24.02 -21.96 27.05
CA GLY F 186 24.62 -22.98 27.88
C GLY F 186 25.04 -24.21 27.09
N TYR F 187 25.40 -24.01 25.84
CA TYR F 187 25.75 -25.10 24.94
C TYR F 187 27.07 -24.83 24.23
N PHE F 188 27.80 -25.91 23.97
CA PHE F 188 29.07 -25.87 23.26
C PHE F 188 28.94 -26.73 22.02
N LYS F 189 29.32 -26.16 20.87
CA LYS F 189 29.14 -26.80 19.58
C LYS F 189 30.50 -26.98 18.93
N ILE F 190 30.79 -28.20 18.48
CA ILE F 190 32.06 -28.50 17.82
C ILE F 190 31.78 -29.25 16.52
N TYR F 191 32.31 -28.71 15.42
CA TYR F 191 32.26 -29.31 14.09
C TYR F 191 33.67 -29.70 13.66
N SER F 192 33.79 -30.77 12.87
CA SER F 192 35.09 -31.31 12.52
C SER F 192 35.12 -31.80 11.08
N LYS F 193 36.34 -31.97 10.57
CA LYS F 193 36.55 -32.58 9.27
C LYS F 193 38.01 -33.02 9.13
N HIS F 194 38.21 -34.14 8.42
CA HIS F 194 39.54 -34.66 8.12
C HIS F 194 39.68 -34.86 6.62
N THR F 195 40.91 -34.74 6.12
CA THR F 195 41.12 -34.91 4.68
C THR F 195 42.57 -35.24 4.38
N PRO F 196 42.85 -36.20 3.52
CA PRO F 196 44.22 -36.47 3.09
C PRO F 196 44.77 -35.40 2.16
N ILE F 197 46.10 -35.27 2.17
CA ILE F 197 46.83 -34.35 1.31
C ILE F 197 48.22 -34.92 1.05
N ASN F 198 48.94 -34.31 0.12
CA ASN F 198 50.31 -34.71 -0.16
C ASN F 198 51.25 -33.51 -0.32
N LEU F 199 51.14 -32.52 0.55
CA LEU F 199 51.90 -31.29 0.45
C LEU F 199 52.85 -31.18 1.64
N VAL F 200 53.71 -30.17 1.60
CA VAL F 200 54.76 -29.98 2.61
C VAL F 200 54.54 -28.71 3.42
N ARG F 201 54.11 -27.62 2.79
CA ARG F 201 53.98 -26.34 3.45
C ARG F 201 52.69 -25.64 3.03
N ASP F 202 52.20 -24.77 3.91
CA ASP F 202 51.09 -23.86 3.62
C ASP F 202 49.75 -24.58 3.43
N LEU F 203 48.65 -23.85 3.65
CA LEU F 203 47.31 -24.39 3.48
C LEU F 203 47.03 -24.70 2.01
N PRO F 204 46.31 -25.78 1.75
CA PRO F 204 45.90 -26.09 0.38
C PRO F 204 44.58 -25.41 0.02
N GLN F 205 44.45 -25.10 -1.27
CA GLN F 205 43.24 -24.50 -1.80
C GLN F 205 42.19 -25.58 -2.03
N GLY F 206 40.95 -25.16 -2.23
CA GLY F 206 39.86 -26.09 -2.42
C GLY F 206 38.60 -25.61 -1.72
N PHE F 207 37.75 -26.57 -1.38
CA PHE F 207 36.47 -26.26 -0.76
C PHE F 207 35.87 -27.54 -0.19
N SER F 208 35.48 -27.48 1.08
CA SER F 208 34.88 -28.65 1.74
C SER F 208 34.04 -28.18 2.92
N ALA F 209 32.88 -28.79 3.06
CA ALA F 209 31.95 -28.49 4.14
C ALA F 209 32.31 -29.29 5.38
N LEU F 210 31.66 -28.97 6.49
CA LEU F 210 31.92 -29.59 7.77
C LEU F 210 30.64 -30.21 8.33
N GLU F 211 30.75 -31.48 8.74
CA GLU F 211 29.65 -32.21 9.33
C GLU F 211 29.64 -31.99 10.83
N PRO F 212 28.48 -31.77 11.45
CA PRO F 212 28.43 -31.55 12.91
C PRO F 212 28.97 -32.74 13.70
N LEU F 213 29.67 -32.48 14.79
CA LEU F 213 30.25 -33.54 15.59
C LEU F 213 29.62 -33.66 16.97
N VAL F 214 29.65 -32.61 17.79
CA VAL F 214 29.03 -32.69 19.11
C VAL F 214 28.36 -31.37 19.48
N ASP F 215 27.17 -31.47 20.08
CA ASP F 215 26.54 -30.38 20.80
C ASP F 215 26.35 -30.83 22.24
N LEU F 216 26.87 -30.05 23.20
CA LEU F 216 26.79 -30.47 24.58
C LEU F 216 26.26 -29.35 25.46
N PRO F 217 25.48 -29.68 26.50
CA PRO F 217 25.07 -28.67 27.48
C PRO F 217 26.10 -28.54 28.59
N ILE F 218 26.71 -27.36 28.71
CA ILE F 218 27.71 -27.12 29.74
C ILE F 218 27.33 -25.90 30.57
N GLY F 219 27.21 -24.74 29.93
CA GLY F 219 26.88 -23.52 30.63
C GLY F 219 28.02 -22.88 31.39
N ILE F 220 29.09 -22.45 30.69
CA ILE F 220 30.21 -21.80 31.34
C ILE F 220 30.58 -20.54 30.58
N ASN F 221 31.30 -19.65 31.25
CA ASN F 221 31.76 -18.40 30.66
C ASN F 221 33.24 -18.52 30.32
N ILE F 222 33.59 -18.25 29.06
CA ILE F 222 34.91 -18.52 28.53
C ILE F 222 35.52 -17.23 27.99
N THR F 223 36.83 -17.09 28.13
CA THR F 223 37.52 -15.90 27.64
C THR F 223 38.82 -16.20 26.90
N ARG F 224 39.43 -17.36 27.14
CA ARG F 224 40.71 -17.66 26.54
C ARG F 224 40.87 -19.17 26.37
N PHE F 225 41.89 -19.56 25.61
CA PHE F 225 42.13 -20.96 25.31
C PHE F 225 43.62 -21.20 25.09
N GLN F 226 44.01 -22.46 25.18
CA GLN F 226 45.39 -22.88 24.94
C GLN F 226 45.41 -24.34 24.51
N THR F 227 46.50 -24.75 23.88
CA THR F 227 46.63 -26.09 23.33
C THR F 227 47.83 -26.80 23.94
N LEU F 228 47.70 -28.11 24.15
CA LEU F 228 48.81 -28.95 24.58
C LEU F 228 49.55 -29.49 23.36
N LEU F 229 50.85 -29.69 23.51
CA LEU F 229 51.70 -30.15 22.42
C LEU F 229 52.35 -31.48 22.81
N ALA F 230 53.28 -31.95 21.97
CA ALA F 230 53.99 -33.20 22.20
C ALA F 230 55.48 -32.98 21.97
N LEU F 231 56.29 -33.94 22.43
CA LEU F 231 57.74 -33.82 22.35
C LEU F 231 58.37 -35.20 22.40
N HIS F 232 59.67 -35.24 22.11
CA HIS F 232 60.49 -36.43 22.24
C HIS F 232 61.60 -36.16 23.25
N ARG F 233 62.55 -37.10 23.37
CA ARG F 233 63.61 -36.96 24.36
C ARG F 233 64.67 -35.97 23.88
N SER F 234 65.56 -35.61 24.80
CA SER F 234 66.63 -34.67 24.49
C SER F 234 67.82 -35.34 23.82
N TYR F 235 67.75 -36.64 23.60
CA TYR F 235 68.78 -37.42 22.91
C TYR F 235 70.07 -37.48 23.72
N LEU F 236 70.07 -36.83 24.88
CA LEU F 236 71.23 -36.75 25.75
C LEU F 236 70.74 -36.66 27.19
N THR F 237 71.61 -36.24 28.09
CA THR F 237 71.30 -36.15 29.51
C THR F 237 71.60 -34.75 30.05
N PRO F 238 70.79 -33.75 29.65
CA PRO F 238 70.91 -32.43 30.28
C PRO F 238 70.41 -32.48 31.71
N GLY F 239 70.38 -31.33 32.39
CA GLY F 239 70.01 -31.30 33.78
C GLY F 239 68.60 -31.71 34.10
N ASP F 240 67.76 -31.89 33.08
CA ASP F 240 66.34 -32.27 33.17
C ASP F 240 65.50 -31.16 33.79
N SER F 241 66.12 -30.07 34.24
CA SER F 241 65.41 -28.88 34.66
C SER F 241 65.74 -27.76 33.69
N SER F 242 64.73 -27.04 33.24
CA SER F 242 64.83 -26.07 32.16
C SER F 242 65.36 -26.70 30.88
N SER F 243 65.08 -27.97 30.65
CA SER F 243 65.47 -28.67 29.43
C SER F 243 64.32 -28.65 28.45
N GLY F 244 64.60 -28.23 27.21
CA GLY F 244 63.56 -28.06 26.22
C GLY F 244 63.17 -29.34 25.53
N TRP F 245 63.83 -30.44 25.86
CA TRP F 245 63.61 -31.75 25.23
C TRP F 245 63.79 -31.57 23.72
N THR F 246 62.88 -32.09 22.90
CA THR F 246 62.94 -31.92 21.45
C THR F 246 61.53 -31.92 20.89
N ALA F 247 61.31 -31.09 19.87
CA ALA F 247 60.00 -30.94 19.26
C ALA F 247 59.85 -31.85 18.06
N GLY F 248 58.66 -31.80 17.44
CA GLY F 248 58.36 -32.62 16.28
C GLY F 248 58.42 -31.86 14.97
N ALA F 249 57.44 -32.10 14.11
CA ALA F 249 57.41 -31.46 12.79
C ALA F 249 55.95 -31.25 12.40
N ALA F 250 55.42 -30.06 12.69
CA ALA F 250 54.04 -29.73 12.34
C ALA F 250 53.87 -28.22 12.40
N ALA F 251 52.72 -27.76 11.94
CA ALA F 251 52.36 -26.35 11.96
C ALA F 251 50.85 -26.23 12.06
N TYR F 252 50.38 -25.08 12.52
CA TYR F 252 48.93 -24.94 12.64
C TYR F 252 48.52 -23.49 12.44
N TYR F 253 47.20 -23.31 12.28
CA TYR F 253 46.60 -22.05 11.87
C TYR F 253 45.36 -21.78 12.71
N VAL F 254 45.17 -20.51 13.06
CA VAL F 254 44.07 -20.08 13.91
C VAL F 254 43.26 -19.01 13.19
N GLY F 255 41.93 -19.04 13.38
CA GLY F 255 41.05 -18.05 12.80
C GLY F 255 39.84 -17.83 13.67
N TYR F 256 39.13 -16.73 13.40
CA TYR F 256 38.01 -16.30 14.21
C TYR F 256 36.73 -16.27 13.38
N LEU F 257 35.64 -15.82 13.99
CA LEU F 257 34.33 -15.79 13.36
C LEU F 257 33.71 -14.41 13.48
N GLN F 258 32.92 -14.05 12.48
CA GLN F 258 32.25 -12.76 12.41
C GLN F 258 30.84 -12.94 11.90
N PRO F 259 29.93 -12.02 12.22
CA PRO F 259 28.58 -12.09 11.66
C PRO F 259 28.58 -11.64 10.21
N ARG F 260 27.94 -12.44 9.35
CA ARG F 260 27.97 -12.20 7.91
C ARG F 260 26.67 -12.67 7.30
N THR F 261 26.44 -12.27 6.05
CA THR F 261 25.33 -12.73 5.23
C THR F 261 25.89 -13.51 4.06
N PHE F 262 25.44 -14.75 3.90
CA PHE F 262 25.97 -15.65 2.88
C PHE F 262 24.83 -16.24 2.07
N LEU F 263 25.16 -16.70 0.86
CA LEU F 263 24.24 -17.52 0.09
C LEU F 263 24.92 -18.83 -0.28
N LEU F 264 24.16 -19.92 -0.18
CA LEU F 264 24.66 -21.27 -0.27
C LEU F 264 24.03 -21.99 -1.45
N LYS F 265 24.85 -22.73 -2.20
CA LYS F 265 24.40 -23.54 -3.31
C LYS F 265 24.39 -25.01 -2.92
N TYR F 266 23.25 -25.67 -3.12
CA TYR F 266 23.05 -27.04 -2.71
C TYR F 266 23.04 -27.97 -3.92
N ASN F 267 22.88 -29.25 -3.65
CA ASN F 267 22.83 -30.28 -4.67
C ASN F 267 21.64 -31.20 -4.40
N GLU F 268 21.37 -32.09 -5.34
CA GLU F 268 20.27 -33.04 -5.16
C GLU F 268 20.50 -33.93 -3.94
N ASN F 269 21.73 -34.41 -3.76
CA ASN F 269 22.06 -35.19 -2.58
C ASN F 269 22.08 -34.30 -1.34
N GLY F 270 22.53 -33.05 -1.49
CA GLY F 270 22.68 -32.13 -0.40
C GLY F 270 24.07 -31.52 -0.43
N THR F 271 24.62 -31.34 0.77
CA THR F 271 25.96 -30.78 0.95
C THR F 271 26.09 -29.38 0.34
N ILE F 272 27.30 -28.83 0.38
CA ILE F 272 27.55 -27.47 -0.09
C ILE F 272 28.59 -27.52 -1.19
N THR F 273 28.15 -27.30 -2.44
CA THR F 273 29.10 -27.25 -3.55
C THR F 273 29.99 -26.01 -3.45
N ASP F 274 29.39 -24.84 -3.23
CA ASP F 274 30.13 -23.61 -3.02
C ASP F 274 29.22 -22.59 -2.34
N ALA F 275 29.84 -21.55 -1.79
CA ALA F 275 29.13 -20.49 -1.11
C ALA F 275 29.66 -19.15 -1.60
N VAL F 276 28.82 -18.13 -1.50
CA VAL F 276 29.21 -16.78 -1.91
C VAL F 276 28.88 -15.81 -0.79
N ASP F 277 29.73 -14.79 -0.59
CA ASP F 277 29.45 -13.71 0.40
C ASP F 277 29.34 -12.40 -0.41
N CYS F 278 28.36 -11.54 -0.09
CA CYS F 278 28.26 -10.23 -0.79
C CYS F 278 28.87 -9.10 0.05
N ALA F 279 30.21 -8.94 0.00
CA ALA F 279 30.89 -7.80 0.66
C ALA F 279 32.32 -7.66 0.13
N LEU F 280 33.08 -8.76 0.08
CA LEU F 280 34.51 -8.72 -0.33
C LEU F 280 34.75 -7.77 -1.51
N ASP F 281 33.97 -7.89 -2.59
CA ASP F 281 34.19 -7.11 -3.79
C ASP F 281 32.86 -6.57 -4.28
N PRO F 282 32.88 -5.44 -5.00
CA PRO F 282 31.61 -4.90 -5.52
C PRO F 282 30.88 -5.85 -6.44
N LEU F 283 31.60 -6.65 -7.21
CA LEU F 283 30.95 -7.63 -8.07
C LEU F 283 30.16 -8.65 -7.25
N SER F 284 30.75 -9.15 -6.16
CA SER F 284 30.08 -10.17 -5.37
C SER F 284 28.82 -9.64 -4.71
N GLU F 285 28.72 -8.33 -4.51
CA GLU F 285 27.51 -7.76 -3.91
C GLU F 285 26.32 -7.91 -4.84
N THR F 286 26.52 -7.73 -6.14
CA THR F 286 25.42 -7.77 -7.08
C THR F 286 24.79 -9.15 -7.17
N LYS F 287 25.57 -10.20 -6.89
CA LYS F 287 25.05 -11.55 -7.03
C LYS F 287 23.96 -11.83 -6.00
N CYS F 288 24.00 -11.16 -4.85
CA CYS F 288 22.99 -11.40 -3.83
C CYS F 288 21.64 -10.80 -4.22
N THR F 289 21.63 -9.58 -4.73
CA THR F 289 20.37 -8.94 -5.09
C THR F 289 19.70 -9.61 -6.29
N LEU F 290 20.41 -10.44 -7.04
CA LEU F 290 19.84 -11.17 -8.16
C LEU F 290 19.62 -12.64 -7.87
N LYS F 291 20.19 -13.15 -6.77
CA LYS F 291 20.06 -14.55 -6.38
C LYS F 291 20.51 -15.48 -7.50
N SER F 292 21.63 -15.16 -8.13
CA SER F 292 22.16 -15.98 -9.22
C SER F 292 23.68 -15.98 -9.16
N PHE F 293 24.26 -17.06 -9.69
CA PHE F 293 25.71 -17.17 -9.81
C PHE F 293 26.26 -16.53 -11.08
N THR F 294 25.39 -16.19 -12.03
CA THR F 294 25.81 -15.62 -13.31
C THR F 294 25.03 -14.35 -13.60
N VAL F 295 25.73 -13.35 -14.12
CA VAL F 295 25.14 -12.07 -14.48
C VAL F 295 25.54 -11.75 -15.92
N GLU F 296 24.62 -11.15 -16.67
CA GLU F 296 24.88 -10.80 -18.05
C GLU F 296 25.25 -9.32 -18.16
N LYS F 297 25.52 -8.88 -19.38
CA LYS F 297 25.90 -7.49 -19.62
C LYS F 297 24.75 -6.56 -19.26
N GLY F 298 25.08 -5.49 -18.55
CA GLY F 298 24.08 -4.51 -18.18
C GLY F 298 24.60 -3.60 -17.08
N ILE F 299 23.68 -2.79 -16.55
CA ILE F 299 23.96 -1.89 -15.44
C ILE F 299 22.93 -2.15 -14.34
N TYR F 300 23.39 -2.21 -13.10
CA TYR F 300 22.55 -2.57 -11.97
C TYR F 300 22.79 -1.62 -10.81
N GLN F 301 21.78 -1.48 -9.95
CA GLN F 301 21.86 -0.67 -8.76
C GLN F 301 21.55 -1.55 -7.54
N THR F 302 22.33 -1.39 -6.48
CA THR F 302 22.28 -2.31 -5.35
C THR F 302 21.79 -1.64 -4.06
N SER F 303 22.43 -0.57 -3.61
CA SER F 303 22.12 0.01 -2.32
C SER F 303 22.39 1.52 -2.37
N ASN F 304 22.48 2.13 -1.20
CA ASN F 304 22.76 3.55 -1.07
C ASN F 304 23.82 3.77 0.00
N PHE F 305 24.54 4.87 -0.10
CA PHE F 305 25.63 5.19 0.80
C PHE F 305 25.34 6.50 1.54
N ARG F 306 25.88 6.59 2.76
CA ARG F 306 25.61 7.72 3.64
C ARG F 306 26.92 8.20 4.27
N VAL F 307 26.90 9.42 4.77
CA VAL F 307 28.03 10.01 5.49
C VAL F 307 27.68 10.06 6.96
N GLN F 308 28.60 9.61 7.80
CA GLN F 308 28.24 9.47 9.21
C GLN F 308 28.77 10.65 10.04
N PRO F 309 28.04 11.04 11.07
CA PRO F 309 28.53 12.08 11.99
C PRO F 309 29.53 11.49 12.98
N THR F 310 30.24 12.38 13.66
CA THR F 310 31.30 11.97 14.58
C THR F 310 31.28 12.64 15.93
N GLU F 311 30.29 13.47 16.24
CA GLU F 311 30.25 14.18 17.52
C GLU F 311 28.84 14.67 17.79
N SER F 312 28.51 14.80 19.07
CA SER F 312 27.20 15.26 19.52
C SER F 312 27.37 16.57 20.31
N ILE F 313 26.52 17.55 20.01
CA ILE F 313 26.60 18.88 20.59
C ILE F 313 25.37 19.14 21.43
N VAL F 314 25.58 19.58 22.68
CA VAL F 314 24.50 19.91 23.60
C VAL F 314 24.64 21.37 23.97
N ARG F 315 23.57 22.14 23.86
CA ARG F 315 23.60 23.58 24.09
C ARG F 315 22.31 24.02 24.79
N PHE F 316 22.42 24.28 26.09
CA PHE F 316 21.33 24.81 26.90
C PHE F 316 21.81 26.09 27.58
N PRO F 317 20.91 27.00 27.92
CA PRO F 317 21.31 28.20 28.67
C PRO F 317 21.84 27.83 30.04
N ASN F 318 22.74 28.68 30.55
CA ASN F 318 23.47 28.39 31.78
C ASN F 318 22.86 29.05 33.01
N ILE F 319 21.54 29.15 33.07
CA ILE F 319 20.90 29.61 34.30
C ILE F 319 21.13 28.59 35.41
N THR F 320 21.15 29.07 36.66
CA THR F 320 21.44 28.23 37.81
C THR F 320 20.40 28.30 38.91
N ASN F 321 19.22 28.85 38.65
CA ASN F 321 18.20 28.94 39.69
C ASN F 321 17.54 27.58 39.89
N LEU F 322 17.74 27.00 41.07
CA LEU F 322 17.13 25.72 41.41
C LEU F 322 15.64 25.90 41.67
N CYS F 323 14.93 24.77 41.73
CA CYS F 323 13.48 24.94 41.74
C CYS F 323 12.86 24.35 43.00
N PRO F 324 11.85 25.00 43.56
CA PRO F 324 11.25 24.54 44.84
C PRO F 324 10.17 23.49 44.64
N PHE F 325 10.58 22.30 44.18
CA PHE F 325 9.64 21.20 44.06
C PHE F 325 9.24 20.66 45.43
N GLY F 326 10.21 20.51 46.33
CA GLY F 326 9.93 19.86 47.60
C GLY F 326 8.98 20.65 48.48
N GLU F 327 9.07 21.98 48.44
CA GLU F 327 8.24 22.79 49.32
C GLU F 327 6.76 22.55 49.07
N VAL F 328 6.39 22.22 47.84
CA VAL F 328 5.03 21.77 47.56
C VAL F 328 4.77 20.44 48.25
N PHE F 329 5.73 19.52 48.16
CA PHE F 329 5.58 18.22 48.81
C PHE F 329 5.70 18.34 50.32
N ASN F 330 6.62 19.19 50.79
CA ASN F 330 6.94 19.31 52.20
C ASN F 330 6.09 20.36 52.91
N ALA F 331 5.13 20.97 52.21
CA ALA F 331 4.24 21.93 52.86
C ALA F 331 3.37 21.23 53.89
N THR F 332 3.01 21.96 54.94
CA THR F 332 2.19 21.43 56.02
C THR F 332 0.75 21.95 56.01
N ARG F 333 0.40 22.81 55.07
CA ARG F 333 -0.96 23.36 55.06
C ARG F 333 -1.87 22.56 54.13
N PHE F 334 -1.52 22.51 52.85
CA PHE F 334 -2.31 21.85 51.80
C PHE F 334 -3.70 22.49 51.74
N ALA F 335 -4.67 21.78 51.19
CA ALA F 335 -6.03 22.28 51.04
C ALA F 335 -6.95 21.08 50.82
N SER F 336 -8.19 21.35 50.46
CA SER F 336 -9.20 20.33 50.21
C SER F 336 -9.49 20.25 48.72
N VAL F 337 -10.45 19.38 48.37
CA VAL F 337 -10.87 19.27 46.97
C VAL F 337 -11.55 20.57 46.53
N TYR F 338 -12.42 21.12 47.38
CA TYR F 338 -13.18 22.31 47.02
C TYR F 338 -12.26 23.50 46.74
N ALA F 339 -11.08 23.52 47.36
CA ALA F 339 -10.12 24.60 47.18
C ALA F 339 -8.86 24.03 46.53
N TRP F 340 -8.73 24.24 45.22
CA TRP F 340 -7.57 23.72 44.50
C TRP F 340 -6.30 24.42 44.96
N ASN F 341 -5.20 23.67 45.01
CA ASN F 341 -3.89 24.20 45.36
C ASN F 341 -3.15 24.51 44.06
N ARG F 342 -3.69 25.48 43.31
CA ARG F 342 -3.09 25.92 42.06
C ARG F 342 -1.77 26.61 42.34
N LYS F 343 -0.80 26.40 41.46
CA LYS F 343 0.50 27.05 41.56
C LYS F 343 1.20 26.95 40.21
N ARG F 344 1.82 28.04 39.79
CA ARG F 344 2.58 28.06 38.55
C ARG F 344 4.08 27.98 38.85
N ILE F 345 4.79 27.19 38.04
CA ILE F 345 6.22 27.00 38.19
C ILE F 345 6.88 27.33 36.85
N SER F 346 7.95 28.12 36.91
CA SER F 346 8.63 28.54 35.69
C SER F 346 10.06 28.93 36.02
N ASN F 347 10.90 28.99 34.97
CA ASN F 347 12.28 29.46 35.00
C ASN F 347 13.05 28.96 36.21
N CYS F 348 13.21 27.64 36.33
CA CYS F 348 14.01 27.06 37.41
C CYS F 348 14.62 25.76 36.91
N VAL F 349 15.91 25.58 37.15
CA VAL F 349 16.56 24.32 36.81
C VAL F 349 15.99 23.21 37.68
N ALA F 350 15.67 22.08 37.04
CA ALA F 350 14.95 21.01 37.71
C ALA F 350 15.83 19.77 37.82
N ASP F 351 15.55 18.97 38.85
CA ASP F 351 16.16 17.65 39.02
C ASP F 351 15.06 16.68 39.41
N TYR F 352 15.29 15.39 39.14
CA TYR F 352 14.28 14.36 39.36
C TYR F 352 14.81 13.16 40.12
N SER F 353 16.13 13.09 40.34
CA SER F 353 16.68 12.00 41.14
C SER F 353 16.15 12.07 42.57
N VAL F 354 15.87 13.28 43.06
CA VAL F 354 15.28 13.42 44.38
C VAL F 354 13.89 12.82 44.44
N LEU F 355 13.16 12.81 43.33
CA LEU F 355 11.84 12.20 43.30
C LEU F 355 11.87 10.74 42.83
N TYR F 356 13.06 10.21 42.54
CA TYR F 356 13.19 8.86 42.00
C TYR F 356 13.95 7.91 42.91
N ASN F 357 15.14 8.30 43.37
CA ASN F 357 15.99 7.39 44.12
C ASN F 357 15.39 7.07 45.49
N SER F 358 15.20 8.09 46.32
CA SER F 358 14.67 7.92 47.67
C SER F 358 13.27 8.47 47.82
N ALA F 359 12.40 8.30 46.82
CA ALA F 359 11.06 8.86 46.89
C ALA F 359 10.25 8.23 48.03
N SER F 360 10.34 6.90 48.16
CA SER F 360 9.54 6.16 49.14
C SER F 360 8.05 6.47 48.98
N PHE F 361 7.61 6.55 47.73
CA PHE F 361 6.24 6.93 47.42
C PHE F 361 5.36 5.69 47.28
N SER F 362 4.05 5.93 47.19
CA SER F 362 3.08 4.84 47.14
C SER F 362 2.60 4.58 45.71
N THR F 363 2.06 5.60 45.05
CA THR F 363 1.56 5.48 43.68
C THR F 363 2.28 6.49 42.80
N PHE F 364 2.80 6.01 41.67
CA PHE F 364 3.60 6.84 40.78
C PHE F 364 3.39 6.34 39.36
N LYS F 365 2.50 6.99 38.62
CA LYS F 365 2.19 6.62 37.25
C LYS F 365 2.34 7.84 36.35
N CYS F 366 3.06 7.68 35.25
CA CYS F 366 3.31 8.77 34.31
C CYS F 366 2.65 8.44 32.98
N TYR F 367 1.83 9.36 32.49
CA TYR F 367 1.06 9.18 31.26
C TYR F 367 1.63 10.04 30.16
N GLY F 368 1.93 9.42 29.02
CA GLY F 368 2.46 10.13 27.88
C GLY F 368 3.94 10.47 27.95
N VAL F 369 4.68 9.92 28.92
CA VAL F 369 6.10 10.20 29.05
C VAL F 369 6.73 9.07 29.85
N SER F 370 8.01 8.79 29.56
CA SER F 370 8.77 7.77 30.26
C SER F 370 9.38 8.34 31.53
N PRO F 371 9.04 7.80 32.71
CA PRO F 371 9.52 8.39 33.96
C PRO F 371 11.03 8.45 34.07
N THR F 372 11.75 7.48 33.50
CA THR F 372 13.20 7.47 33.65
C THR F 372 13.91 8.28 32.56
N LYS F 373 13.24 9.25 31.95
CA LYS F 373 13.82 10.06 30.89
C LYS F 373 13.53 11.54 31.04
N LEU F 374 13.03 11.97 32.21
CA LEU F 374 12.59 13.35 32.36
C LEU F 374 13.74 14.36 32.30
N ASN F 375 14.97 13.94 32.59
CA ASN F 375 16.07 14.89 32.61
C ASN F 375 16.34 15.47 31.22
N ASP F 376 16.25 14.65 30.17
CA ASP F 376 16.63 15.11 28.85
C ASP F 376 15.60 16.08 28.27
N LEU F 377 14.34 15.99 28.70
CA LEU F 377 13.30 16.84 28.16
C LEU F 377 13.48 18.28 28.63
N CYS F 378 13.05 19.21 27.80
CA CYS F 378 13.05 20.64 28.11
C CYS F 378 11.68 21.20 27.80
N PHE F 379 10.78 21.15 28.77
CA PHE F 379 9.39 21.54 28.57
C PHE F 379 9.13 22.90 29.20
N THR F 380 7.90 23.38 29.06
CA THR F 380 7.51 24.70 29.49
C THR F 380 6.10 24.67 30.06
N ASN F 381 5.76 25.70 30.83
CA ASN F 381 4.43 25.88 31.40
C ASN F 381 4.05 24.69 32.28
N VAL F 382 4.87 24.42 33.29
CA VAL F 382 4.60 23.34 34.22
C VAL F 382 3.79 23.89 35.39
N TYR F 383 2.86 23.07 35.89
CA TYR F 383 1.99 23.46 36.98
C TYR F 383 2.04 22.41 38.08
N ALA F 384 1.70 22.82 39.30
CA ALA F 384 1.62 21.92 40.44
C ALA F 384 0.27 22.13 41.12
N ASP F 385 -0.56 21.09 41.13
CA ASP F 385 -1.85 21.13 41.79
C ASP F 385 -1.95 20.00 42.79
N SER F 386 -2.61 20.26 43.92
CA SER F 386 -2.69 19.28 44.98
C SER F 386 -3.99 19.45 45.74
N PHE F 387 -4.36 18.40 46.47
CA PHE F 387 -5.54 18.37 47.31
C PHE F 387 -5.42 17.14 48.21
N VAL F 388 -6.50 16.85 48.93
CA VAL F 388 -6.55 15.68 49.81
C VAL F 388 -7.77 14.85 49.41
N ILE F 389 -7.62 13.53 49.48
CA ILE F 389 -8.65 12.61 49.01
C ILE F 389 -8.59 11.33 49.83
N ARG F 390 -9.61 10.49 49.66
CA ARG F 390 -9.75 9.26 50.43
C ARG F 390 -8.60 8.31 50.13
N GLY F 391 -8.41 7.34 51.04
CA GLY F 391 -7.34 6.37 50.85
C GLY F 391 -7.55 5.47 49.65
N ASP F 392 -8.78 4.96 49.50
CA ASP F 392 -9.07 4.01 48.42
C ASP F 392 -9.59 4.69 47.17
N GLU F 393 -9.43 6.01 47.03
CA GLU F 393 -9.95 6.76 45.90
C GLU F 393 -8.86 7.16 44.91
N VAL F 394 -7.88 6.29 44.67
CA VAL F 394 -6.87 6.58 43.65
C VAL F 394 -7.39 6.20 42.26
N ARG F 395 -8.55 5.56 42.20
CA ARG F 395 -9.09 5.11 40.93
C ARG F 395 -9.80 6.21 40.17
N GLN F 396 -9.93 7.40 40.77
CA GLN F 396 -10.76 8.44 40.14
C GLN F 396 -9.90 9.42 39.35
N ILE F 397 -8.73 9.77 39.85
CA ILE F 397 -7.87 10.74 39.18
C ILE F 397 -7.11 10.01 38.07
N ALA F 398 -7.68 10.01 36.87
CA ALA F 398 -7.07 9.35 35.72
C ALA F 398 -7.73 9.86 34.45
N PRO F 399 -6.99 9.95 33.35
CA PRO F 399 -7.59 10.41 32.09
C PRO F 399 -8.67 9.45 31.62
N GLY F 400 -9.72 10.02 31.04
CA GLY F 400 -10.80 9.25 30.47
C GLY F 400 -11.79 8.70 31.48
N GLN F 401 -11.36 8.38 32.69
CA GLN F 401 -12.25 7.90 33.74
C GLN F 401 -12.97 9.09 34.35
N THR F 402 -14.25 9.25 34.01
CA THR F 402 -15.09 10.31 34.56
C THR F 402 -16.45 9.75 34.93
N GLY F 403 -16.51 8.47 35.26
CA GLY F 403 -17.76 7.81 35.54
C GLY F 403 -18.08 7.67 37.01
N LYS F 404 -17.42 8.47 37.85
CA LYS F 404 -17.62 8.40 39.30
C LYS F 404 -18.03 9.76 39.83
N ILE F 405 -18.74 9.73 40.97
CA ILE F 405 -19.16 10.97 41.61
C ILE F 405 -17.96 11.78 42.08
N ALA F 406 -16.86 11.12 42.43
CA ALA F 406 -15.64 11.83 42.76
C ALA F 406 -15.03 12.51 41.54
N ASP F 407 -15.54 12.21 40.34
CA ASP F 407 -15.15 12.91 39.13
C ASP F 407 -16.16 13.97 38.73
N TYR F 408 -17.17 14.24 39.55
CA TYR F 408 -18.09 15.34 39.31
C TYR F 408 -17.59 16.65 39.92
N ASN F 409 -16.52 16.61 40.69
CA ASN F 409 -15.94 17.81 41.30
C ASN F 409 -14.48 18.03 40.94
N TYR F 410 -13.93 17.21 40.04
CA TYR F 410 -12.59 17.41 39.48
C TYR F 410 -12.51 16.65 38.17
N LYS F 411 -11.85 17.24 37.18
CA LYS F 411 -11.78 16.67 35.84
C LYS F 411 -10.33 16.55 35.38
N LEU F 412 -10.11 15.60 34.47
CA LEU F 412 -8.81 15.40 33.85
C LEU F 412 -9.04 15.22 32.37
N PRO F 413 -8.34 15.97 31.51
CA PRO F 413 -8.57 15.86 30.06
C PRO F 413 -8.26 14.46 29.55
N ASP F 414 -8.99 14.06 28.51
CA ASP F 414 -8.78 12.75 27.91
C ASP F 414 -7.38 12.62 27.33
N ASP F 415 -6.90 13.67 26.67
CA ASP F 415 -5.54 13.74 26.17
C ASP F 415 -4.73 14.58 27.15
N PHE F 416 -4.15 13.93 28.16
CA PHE F 416 -3.45 14.61 29.24
C PHE F 416 -2.00 14.17 29.24
N THR F 417 -1.10 15.11 29.55
CA THR F 417 0.32 14.84 29.70
C THR F 417 0.71 15.20 31.13
N GLY F 418 1.27 14.23 31.85
CA GLY F 418 1.69 14.48 33.22
C GLY F 418 1.69 13.21 34.03
N CYS F 419 1.96 13.38 35.33
CA CYS F 419 2.04 12.27 36.26
C CYS F 419 1.28 12.62 37.53
N VAL F 420 0.78 11.60 38.22
CA VAL F 420 0.02 11.76 39.46
C VAL F 420 0.76 11.04 40.57
N ILE F 421 1.03 11.77 41.66
CA ILE F 421 1.80 11.25 42.78
C ILE F 421 0.96 11.34 44.05
N ALA F 422 0.88 10.23 44.77
CA ALA F 422 0.17 10.19 46.05
C ALA F 422 0.99 9.39 47.05
N TRP F 423 0.80 9.71 48.33
CA TRP F 423 1.46 9.00 49.42
C TRP F 423 0.50 8.84 50.58
N ASN F 424 0.77 7.84 51.41
CA ASN F 424 -0.10 7.48 52.52
C ASN F 424 0.07 8.49 53.66
N SER F 425 -1.02 8.80 54.34
CA SER F 425 -1.01 9.73 55.48
C SER F 425 -2.04 9.24 56.50
N ASN F 426 -1.57 8.48 57.50
CA ASN F 426 -2.43 7.94 58.53
C ASN F 426 -2.11 8.47 59.92
N ASN F 427 -1.08 9.30 60.07
CA ASN F 427 -0.67 9.81 61.38
C ASN F 427 -0.79 11.31 61.50
N LEU F 428 -0.21 12.07 60.57
CA LEU F 428 -0.13 13.52 60.74
C LEU F 428 -1.48 14.19 60.57
N ASP F 429 -2.25 13.78 59.57
CA ASP F 429 -3.54 14.40 59.27
C ASP F 429 -4.71 13.63 59.86
N SER F 430 -4.44 12.64 60.70
CA SER F 430 -5.49 11.77 61.24
C SER F 430 -5.64 11.99 62.74
N LYS F 431 -6.88 12.10 63.19
CA LYS F 431 -7.21 12.19 64.60
C LYS F 431 -8.23 11.11 64.94
N VAL F 432 -8.06 10.50 66.11
CA VAL F 432 -8.91 9.38 66.50
C VAL F 432 -10.36 9.84 66.68
N GLY F 433 -10.56 11.00 67.31
CA GLY F 433 -11.91 11.50 67.52
C GLY F 433 -12.64 11.79 66.22
N GLY F 434 -11.89 12.20 65.18
CA GLY F 434 -12.49 12.46 63.89
C GLY F 434 -12.39 13.92 63.48
N ASN F 435 -11.60 14.20 62.45
CA ASN F 435 -11.47 15.57 61.97
C ASN F 435 -12.71 15.98 61.19
N TYR F 436 -13.12 17.24 61.39
CA TYR F 436 -14.32 17.78 60.77
C TYR F 436 -14.03 18.97 59.86
N ASN F 437 -12.79 19.12 59.40
CA ASN F 437 -12.42 20.29 58.61
C ASN F 437 -12.54 20.08 57.11
N TYR F 438 -13.05 18.94 56.66
CA TYR F 438 -13.13 18.62 55.24
C TYR F 438 -14.59 18.48 54.83
N LEU F 439 -14.99 19.26 53.82
CA LEU F 439 -16.35 19.28 53.32
C LEU F 439 -16.35 18.95 51.84
N TYR F 440 -17.36 18.18 51.42
CA TYR F 440 -17.46 17.71 50.04
C TYR F 440 -18.86 18.02 49.52
N ARG F 441 -18.99 18.04 48.19
CA ARG F 441 -20.26 18.32 47.53
C ARG F 441 -20.95 17.01 47.18
N LEU F 442 -22.26 16.95 47.41
CA LEU F 442 -23.04 15.74 47.14
C LEU F 442 -23.22 15.52 45.65
N PHE F 443 -23.88 16.45 44.96
CA PHE F 443 -24.13 16.33 43.53
C PHE F 443 -24.32 17.71 42.93
N ARG F 444 -24.12 17.80 41.61
CA ARG F 444 -24.18 19.06 40.89
C ARG F 444 -25.18 18.92 39.75
N LYS F 445 -25.58 20.07 39.21
CA LYS F 445 -26.53 20.08 38.09
C LYS F 445 -25.96 19.35 36.88
N SER F 446 -24.70 19.60 36.56
CA SER F 446 -24.06 18.95 35.42
C SER F 446 -22.64 18.59 35.82
N ASN F 447 -21.85 18.16 34.83
CA ASN F 447 -20.47 17.77 35.09
C ASN F 447 -19.51 18.86 34.65
N LEU F 448 -18.43 19.02 35.40
CA LEU F 448 -17.44 20.04 35.13
C LEU F 448 -16.73 19.78 33.82
N LYS F 449 -16.36 20.87 33.14
CA LYS F 449 -15.52 20.78 31.97
C LYS F 449 -14.11 20.36 32.39
N PRO F 450 -13.31 19.84 31.45
CA PRO F 450 -11.92 19.53 31.78
C PRO F 450 -11.20 20.76 32.34
N PHE F 451 -10.71 20.61 33.57
CA PHE F 451 -10.05 21.70 34.31
C PHE F 451 -11.01 22.89 34.48
N GLU F 452 -12.13 22.62 35.15
CA GLU F 452 -13.14 23.62 35.44
C GLU F 452 -13.32 23.73 36.95
N ARG F 453 -13.55 24.96 37.43
CA ARG F 453 -13.66 25.23 38.85
C ARG F 453 -14.88 26.08 39.13
N ASP F 454 -15.51 25.83 40.29
CA ASP F 454 -16.64 26.62 40.75
C ASP F 454 -16.65 26.61 42.27
N ILE F 455 -17.28 27.62 42.85
CA ILE F 455 -17.28 27.82 44.30
C ILE F 455 -18.70 28.00 44.82
N SER F 456 -18.81 28.30 46.11
CA SER F 456 -20.07 28.58 46.79
C SER F 456 -20.94 27.34 46.95
N THR F 457 -21.85 27.38 47.92
CA THR F 457 -22.75 26.27 48.22
C THR F 457 -24.16 26.82 48.38
N GLU F 458 -25.16 26.01 48.03
CA GLU F 458 -26.55 26.42 48.08
C GLU F 458 -27.43 25.18 48.25
N ILE F 459 -28.46 25.31 49.09
CA ILE F 459 -29.40 24.23 49.35
C ILE F 459 -30.00 23.74 48.04
N TYR F 460 -29.91 22.44 47.79
CA TYR F 460 -30.46 21.86 46.57
C TYR F 460 -31.93 21.52 46.77
N GLN F 461 -32.73 21.77 45.73
CA GLN F 461 -34.13 21.43 45.71
C GLN F 461 -34.37 20.40 44.61
N ALA F 462 -34.90 19.24 44.98
CA ALA F 462 -35.15 18.19 44.00
C ALA F 462 -36.20 18.64 42.99
N GLY F 463 -37.24 19.33 43.45
CA GLY F 463 -38.24 19.89 42.58
C GLY F 463 -37.99 21.35 42.26
N SER F 464 -39.07 22.06 41.95
CA SER F 464 -39.02 23.48 41.63
C SER F 464 -39.35 24.36 42.83
N THR F 465 -39.55 23.77 44.00
CA THR F 465 -39.91 24.56 45.17
C THR F 465 -38.69 25.31 45.70
N PRO F 466 -38.76 26.64 45.79
CA PRO F 466 -37.63 27.47 46.28
C PRO F 466 -37.44 27.41 47.80
N CYS F 467 -36.71 26.38 48.25
CA CYS F 467 -36.41 26.27 49.68
C CYS F 467 -35.60 27.47 50.17
N ASN F 468 -34.49 27.77 49.49
CA ASN F 468 -33.63 28.91 49.83
C ASN F 468 -33.27 28.94 51.32
N GLY F 469 -32.94 27.78 51.87
CA GLY F 469 -32.62 27.66 53.28
C GLY F 469 -33.76 27.14 54.13
N VAL F 470 -35.00 27.16 53.62
CA VAL F 470 -36.12 26.61 54.37
C VAL F 470 -35.96 25.10 54.55
N GLU F 471 -35.38 24.42 53.55
CA GLU F 471 -35.18 22.98 53.59
C GLU F 471 -36.52 22.25 53.74
N GLY F 472 -37.37 22.44 52.73
CA GLY F 472 -38.67 21.78 52.68
C GLY F 472 -38.56 20.35 52.22
N PHE F 473 -39.68 19.82 51.76
CA PHE F 473 -39.72 18.46 51.25
C PHE F 473 -38.79 18.33 50.04
N ASN F 474 -38.00 17.26 50.02
CA ASN F 474 -37.07 16.94 48.94
C ASN F 474 -35.93 17.94 48.81
N CYS F 475 -35.64 18.71 49.87
CA CYS F 475 -34.53 19.65 49.86
C CYS F 475 -33.40 19.13 50.73
N TYR F 476 -32.18 19.15 50.20
CA TYR F 476 -31.00 18.68 50.91
C TYR F 476 -29.83 19.61 50.66
N PHE F 477 -29.05 19.84 51.72
CA PHE F 477 -27.82 20.61 51.64
C PHE F 477 -26.76 19.83 50.87
N PRO F 478 -25.94 20.51 50.06
CA PRO F 478 -24.97 19.78 49.22
C PRO F 478 -23.64 19.49 49.90
N LEU F 479 -23.32 20.20 50.98
CA LEU F 479 -22.07 19.95 51.67
C LEU F 479 -22.11 18.59 52.37
N GLN F 480 -21.01 17.85 52.24
CA GLN F 480 -20.87 16.54 52.85
C GLN F 480 -19.65 16.53 53.75
N SER F 481 -19.78 15.91 54.93
CA SER F 481 -18.74 15.91 55.93
C SER F 481 -18.07 14.55 56.01
N TYR F 482 -16.74 14.56 56.01
CA TYR F 482 -15.93 13.36 56.19
C TYR F 482 -15.48 13.23 57.64
N GLY F 483 -15.73 12.04 58.20
CA GLY F 483 -15.18 11.69 59.50
C GLY F 483 -14.10 10.64 59.35
N PHE F 484 -12.95 10.87 59.97
CA PHE F 484 -11.79 10.00 59.80
C PHE F 484 -11.53 9.25 61.09
N GLN F 485 -11.49 7.91 61.01
CA GLN F 485 -11.22 7.07 62.16
C GLN F 485 -10.04 6.16 61.84
N PRO F 486 -8.96 6.19 62.64
CA PRO F 486 -7.84 5.27 62.40
C PRO F 486 -8.23 3.80 62.51
N THR F 487 -9.31 3.48 63.23
CA THR F 487 -9.77 2.11 63.33
C THR F 487 -10.31 1.57 62.02
N ASN F 488 -10.69 2.45 61.10
CA ASN F 488 -11.23 2.03 59.81
C ASN F 488 -10.16 1.32 59.00
N GLY F 489 -10.57 0.79 57.84
CA GLY F 489 -9.64 0.24 56.89
C GLY F 489 -8.73 1.30 56.33
N VAL F 490 -7.61 0.85 55.78
CA VAL F 490 -6.56 1.78 55.34
C VAL F 490 -7.02 2.68 54.19
N GLY F 491 -8.10 2.32 53.50
CA GLY F 491 -8.53 3.11 52.36
C GLY F 491 -9.50 4.22 52.71
N TYR F 492 -9.58 4.58 53.99
CA TYR F 492 -10.57 5.55 54.42
C TYR F 492 -9.94 6.80 54.99
N GLN F 493 -8.74 6.69 55.56
CA GLN F 493 -8.02 7.87 56.03
C GLN F 493 -7.45 8.63 54.84
N PRO F 494 -7.34 9.95 54.94
CA PRO F 494 -6.95 10.77 53.78
C PRO F 494 -5.50 10.55 53.36
N TYR F 495 -5.28 10.68 52.06
CA TYR F 495 -3.94 10.67 51.47
C TYR F 495 -3.70 12.00 50.77
N ARG F 496 -2.43 12.39 50.68
CA ARG F 496 -2.05 13.60 49.97
C ARG F 496 -1.59 13.25 48.56
N VAL F 497 -2.12 13.97 47.58
CA VAL F 497 -1.89 13.68 46.16
C VAL F 497 -1.56 14.99 45.44
N VAL F 498 -0.59 14.92 44.53
CA VAL F 498 -0.19 16.06 43.70
C VAL F 498 -0.24 15.61 42.25
N VAL F 499 -0.67 16.52 41.37
CA VAL F 499 -0.81 16.24 39.94
C VAL F 499 0.02 17.25 39.18
N LEU F 500 0.78 16.77 38.19
CA LEU F 500 1.62 17.62 37.36
C LEU F 500 1.07 17.61 35.94
N SER F 501 1.11 18.78 35.28
CA SER F 501 0.58 18.93 33.94
C SER F 501 1.57 19.70 33.08
N PHE F 502 2.33 18.98 32.26
CA PHE F 502 3.29 19.57 31.33
C PHE F 502 2.55 20.19 30.15
N GLU F 503 3.27 21.01 29.40
CA GLU F 503 2.77 21.61 28.17
C GLU F 503 3.91 21.66 27.16
N LEU F 504 3.94 20.68 26.26
CA LEU F 504 5.04 20.54 25.31
C LEU F 504 4.81 21.46 24.10
N LEU F 505 5.88 22.12 23.67
CA LEU F 505 5.90 22.95 22.46
C LEU F 505 4.94 24.13 22.54
N HIS F 506 4.54 24.53 23.75
CA HIS F 506 3.66 25.69 23.88
C HIS F 506 4.45 26.99 24.04
N ALA F 507 5.77 26.90 24.22
CA ALA F 507 6.61 28.05 24.44
C ALA F 507 8.05 27.62 24.29
N PRO F 508 8.98 28.57 24.09
CA PRO F 508 10.40 28.21 24.09
C PRO F 508 10.82 27.59 25.41
N ALA F 509 11.76 26.65 25.33
CA ALA F 509 12.16 25.88 26.50
C ALA F 509 12.68 26.77 27.62
N THR F 510 12.10 26.61 28.81
CA THR F 510 12.58 27.36 29.96
C THR F 510 13.13 26.43 31.04
N VAL F 511 12.35 25.44 31.44
CA VAL F 511 12.74 24.49 32.47
C VAL F 511 13.51 23.36 31.82
N CYS F 512 14.82 23.33 32.04
CA CYS F 512 15.71 22.35 31.43
C CYS F 512 16.49 21.61 32.51
N GLY F 513 16.77 20.35 32.26
CA GLY F 513 17.50 19.52 33.19
C GLY F 513 18.98 19.76 33.14
N PRO F 514 19.72 18.92 33.87
CA PRO F 514 21.18 19.13 33.98
C PRO F 514 21.90 18.64 32.73
N LYS F 515 22.40 19.57 31.94
CA LYS F 515 23.18 19.25 30.76
C LYS F 515 24.32 20.25 30.62
N LYS F 516 25.36 19.82 29.90
CA LYS F 516 26.62 20.55 29.83
C LYS F 516 26.85 21.06 28.41
N SER F 517 27.08 22.36 28.29
CA SER F 517 27.29 22.97 26.99
C SER F 517 28.66 22.62 26.44
N THR F 518 28.77 22.71 25.10
CA THR F 518 30.01 22.42 24.40
C THR F 518 30.24 23.50 23.35
N ASN F 519 31.20 23.26 22.47
CA ASN F 519 31.53 24.25 21.46
C ASN F 519 30.87 23.92 20.12
N LEU F 520 30.89 24.90 19.23
CA LEU F 520 30.29 24.79 17.90
C LEU F 520 31.38 24.52 16.86
N VAL F 521 31.04 23.72 15.86
CA VAL F 521 31.95 23.40 14.77
C VAL F 521 31.20 23.51 13.45
N LYS F 522 31.73 24.31 12.54
CA LYS F 522 31.13 24.46 11.22
C LYS F 522 31.57 23.33 10.30
N ASN F 523 30.76 23.08 9.26
CA ASN F 523 31.01 22.03 8.28
C ASN F 523 31.07 20.66 8.95
N LYS F 524 31.45 19.64 8.18
CA LYS F 524 31.66 18.26 8.68
C LYS F 524 30.51 17.83 9.58
N CYS F 525 29.35 17.65 8.94
CA CYS F 525 28.07 17.38 9.60
C CYS F 525 28.21 16.48 10.82
N VAL F 526 27.64 16.93 11.93
CA VAL F 526 27.69 16.23 13.20
C VAL F 526 26.32 16.30 13.88
N ASN F 527 26.15 15.48 14.91
CA ASN F 527 24.92 15.43 15.68
C ASN F 527 24.78 16.69 16.53
N PHE F 528 23.54 17.04 16.88
CA PHE F 528 23.29 18.21 17.71
C PHE F 528 21.97 18.07 18.46
N ASN F 529 21.79 18.93 19.46
CA ASN F 529 20.60 18.96 20.32
C ASN F 529 20.45 20.39 20.83
N PHE F 530 19.47 21.10 20.28
CA PHE F 530 19.19 22.49 20.67
C PHE F 530 17.82 22.53 21.35
N ASN F 531 17.84 22.59 22.69
CA ASN F 531 16.62 22.75 23.48
C ASN F 531 15.61 21.64 23.21
N GLY F 532 16.12 20.44 22.89
CA GLY F 532 15.28 19.32 22.56
C GLY F 532 14.96 19.17 21.08
N LEU F 533 15.31 20.15 20.26
CA LEU F 533 15.12 20.06 18.81
C LEU F 533 16.25 19.21 18.23
N THR F 534 16.21 17.92 18.56
CA THR F 534 17.25 17.00 18.12
C THR F 534 17.28 16.88 16.61
N GLY F 535 18.48 16.78 16.05
CA GLY F 535 18.62 16.67 14.62
C GLY F 535 20.04 16.29 14.24
N THR F 536 20.21 15.95 12.96
CA THR F 536 21.50 15.55 12.42
C THR F 536 21.71 16.30 11.11
N GLY F 537 22.87 16.94 10.98
CA GLY F 537 23.15 17.70 9.78
C GLY F 537 24.40 18.54 9.97
N VAL F 538 24.50 19.58 9.13
CA VAL F 538 25.65 20.48 9.11
C VAL F 538 25.17 21.90 9.37
N LEU F 539 25.98 22.67 10.12
CA LEU F 539 25.64 24.04 10.50
C LEU F 539 26.64 24.99 9.86
N THR F 540 26.14 26.12 9.36
CA THR F 540 26.99 27.11 8.71
C THR F 540 26.37 28.50 8.87
N GLU F 541 27.17 29.51 8.55
CA GLU F 541 26.74 30.89 8.70
C GLU F 541 25.67 31.21 7.67
N SER F 542 24.84 32.21 8.01
CA SER F 542 23.70 32.58 7.19
C SER F 542 23.73 34.08 6.91
N ASN F 543 22.73 34.54 6.16
CA ASN F 543 22.52 35.95 5.91
C ASN F 543 21.05 36.35 5.94
N LYS F 544 20.20 35.58 6.62
CA LYS F 544 18.78 35.87 6.69
C LYS F 544 18.47 36.71 7.91
N LYS F 545 18.03 37.95 7.68
CA LYS F 545 17.81 38.92 8.73
C LYS F 545 16.53 38.56 9.49
N PHE F 546 16.69 37.99 10.68
CA PHE F 546 15.57 37.59 11.51
C PHE F 546 14.96 38.80 12.20
N LEU F 547 14.04 38.52 13.11
CA LEU F 547 13.41 39.55 13.92
C LEU F 547 13.74 39.32 15.39
N PRO F 548 13.77 40.38 16.19
CA PRO F 548 14.11 40.22 17.62
C PRO F 548 13.17 39.32 18.37
N PHE F 549 11.95 39.10 17.87
CA PHE F 549 11.04 38.14 18.46
C PHE F 549 11.06 36.82 17.70
N GLN F 550 12.03 36.66 16.79
CA GLN F 550 12.10 35.46 15.97
C GLN F 550 13.28 34.60 16.39
N GLN F 551 13.04 33.29 16.53
CA GLN F 551 14.10 32.37 16.92
C GLN F 551 14.26 31.17 16.01
N PHE F 552 13.17 30.61 15.49
CA PHE F 552 13.25 29.42 14.65
C PHE F 552 13.24 29.78 13.17
N GLY F 553 13.13 28.76 12.34
CA GLY F 553 13.00 28.94 10.91
C GLY F 553 12.21 27.81 10.30
N ARG F 554 11.83 27.98 9.04
CA ARG F 554 11.07 26.98 8.33
C ARG F 554 11.24 27.15 6.82
N ASP F 555 10.90 26.12 6.08
CA ASP F 555 10.99 26.12 4.63
C ASP F 555 9.62 25.91 4.00
N ILE F 556 9.60 25.77 2.68
CA ILE F 556 8.35 25.57 1.97
C ILE F 556 7.71 24.24 2.34
N ALA F 557 8.53 23.25 2.69
CA ALA F 557 8.06 21.90 3.02
C ALA F 557 8.09 21.65 4.52
N ASP F 558 7.73 22.66 5.31
CA ASP F 558 7.64 22.59 6.78
C ASP F 558 8.87 21.90 7.39
N THR F 559 10.05 22.26 6.89
CA THR F 559 11.31 21.71 7.38
C THR F 559 12.12 22.80 8.06
N THR F 560 12.67 22.47 9.23
CA THR F 560 13.48 23.42 9.98
C THR F 560 14.71 23.83 9.16
N ASP F 561 14.98 25.13 9.15
CA ASP F 561 16.07 25.66 8.34
C ASP F 561 17.06 26.53 9.10
N ALA F 562 16.61 27.32 10.08
CA ALA F 562 17.49 28.21 10.80
C ALA F 562 17.18 28.17 12.28
N VAL F 563 18.22 28.14 13.11
CA VAL F 563 18.07 28.06 14.55
C VAL F 563 18.91 29.17 15.18
N ARG F 564 18.45 29.62 16.35
CA ARG F 564 19.11 30.69 17.10
C ARG F 564 19.87 30.08 18.27
N ASP F 565 21.16 30.42 18.38
CA ASP F 565 21.99 29.86 19.42
C ASP F 565 21.67 30.49 20.77
N PRO F 566 21.27 29.71 21.77
CA PRO F 566 20.91 30.32 23.06
C PRO F 566 22.05 31.09 23.73
N GLN F 567 23.29 30.58 23.64
CA GLN F 567 24.39 31.21 24.36
C GLN F 567 24.84 32.50 23.69
N THR F 568 24.96 32.49 22.36
CA THR F 568 25.54 33.61 21.64
C THR F 568 24.58 34.29 20.69
N LEU F 569 23.27 34.05 20.83
CA LEU F 569 22.22 34.72 20.04
C LEU F 569 22.54 34.75 18.55
N GLU F 570 23.20 33.71 18.05
CA GLU F 570 23.59 33.63 16.65
C GLU F 570 22.59 32.76 15.88
N ILE F 571 22.41 33.10 14.61
CA ILE F 571 21.52 32.37 13.70
C ILE F 571 22.38 31.55 12.75
N LEU F 572 21.87 30.39 12.35
CA LEU F 572 22.61 29.45 11.53
C LEU F 572 21.72 28.90 10.43
N ASP F 573 22.25 27.94 9.69
CA ASP F 573 21.52 27.23 8.64
C ASP F 573 21.79 25.75 8.75
N ILE F 574 20.74 24.94 8.52
CA ILE F 574 20.82 23.50 8.66
C ILE F 574 20.52 22.85 7.31
N THR F 575 21.44 22.02 6.84
CA THR F 575 21.25 21.21 5.64
C THR F 575 21.76 19.79 5.90
N PRO F 576 21.16 18.80 5.26
CA PRO F 576 21.63 17.42 5.43
C PRO F 576 22.84 17.14 4.57
N CYS F 577 23.83 16.49 5.18
CA CYS F 577 25.04 16.18 4.44
C CYS F 577 24.80 14.99 3.50
N SER F 578 25.76 14.78 2.59
CA SER F 578 25.49 14.13 1.32
C SER F 578 25.06 12.67 1.48
N PHE F 579 24.28 12.22 0.49
CA PHE F 579 23.83 10.83 0.38
C PHE F 579 23.46 10.57 -1.06
N GLY F 580 23.22 9.30 -1.39
CA GLY F 580 22.79 8.97 -2.74
C GLY F 580 22.88 7.48 -2.98
N GLY F 581 22.47 7.08 -4.19
CA GLY F 581 22.55 5.70 -4.60
C GLY F 581 23.90 5.33 -5.19
N VAL F 582 24.02 4.07 -5.60
CA VAL F 582 25.26 3.55 -6.18
C VAL F 582 24.89 2.46 -7.18
N SER F 583 25.67 2.37 -8.26
CA SER F 583 25.41 1.41 -9.32
C SER F 583 26.72 0.74 -9.75
N VAL F 584 26.60 -0.45 -10.32
CA VAL F 584 27.74 -1.26 -10.73
C VAL F 584 27.61 -1.59 -12.21
N ILE F 585 28.73 -1.48 -12.93
CA ILE F 585 28.79 -1.79 -14.35
C ILE F 585 29.60 -3.07 -14.53
N THR F 586 29.06 -4.00 -15.30
CA THR F 586 29.74 -5.25 -15.58
C THR F 586 29.58 -5.61 -17.05
N PRO F 587 30.60 -6.21 -17.66
CA PRO F 587 30.49 -6.69 -19.05
C PRO F 587 29.98 -8.13 -19.18
N GLY F 588 29.42 -8.70 -18.14
CA GLY F 588 29.05 -10.10 -18.16
C GLY F 588 30.14 -10.97 -17.57
N THR F 589 29.72 -12.04 -16.89
CA THR F 589 30.68 -12.86 -16.16
C THR F 589 31.53 -13.71 -17.11
N ASN F 590 31.01 -14.04 -18.29
CA ASN F 590 31.74 -14.90 -19.21
C ASN F 590 33.02 -14.23 -19.70
N THR F 591 32.94 -12.95 -20.04
CA THR F 591 34.08 -12.28 -20.67
C THR F 591 35.22 -12.08 -19.69
N SER F 592 34.92 -11.54 -18.52
CA SER F 592 35.96 -11.20 -17.54
C SER F 592 35.32 -10.98 -16.17
N ASN F 593 36.13 -10.52 -15.22
CA ASN F 593 35.66 -10.25 -13.87
C ASN F 593 35.96 -8.83 -13.41
N GLN F 594 36.31 -7.93 -14.32
CA GLN F 594 36.54 -6.54 -13.97
C GLN F 594 35.23 -5.77 -14.00
N VAL F 595 35.13 -4.75 -13.14
CA VAL F 595 33.91 -3.97 -12.98
C VAL F 595 34.25 -2.50 -12.83
N ALA F 596 33.21 -1.69 -12.66
CA ALA F 596 33.34 -0.26 -12.43
C ALA F 596 32.16 0.20 -11.60
N VAL F 597 32.31 1.35 -10.94
CA VAL F 597 31.33 1.86 -9.99
C VAL F 597 30.98 3.28 -10.35
N LEU F 598 29.69 3.61 -10.28
CA LEU F 598 29.18 4.95 -10.55
C LEU F 598 28.51 5.49 -9.30
N TYR F 599 28.89 6.69 -8.89
CA TYR F 599 28.27 7.37 -7.75
C TYR F 599 27.31 8.45 -8.27
N GLN F 600 26.12 8.51 -7.68
CA GLN F 600 25.03 9.28 -8.27
C GLN F 600 25.29 10.78 -8.22
N ASP F 601 25.35 11.37 -7.03
CA ASP F 601 25.52 12.82 -6.89
C ASP F 601 26.63 13.09 -5.87
N VAL F 602 27.87 13.10 -6.35
CA VAL F 602 29.03 13.42 -5.52
C VAL F 602 29.99 14.27 -6.35
N ASN F 603 30.59 15.26 -5.71
CA ASN F 603 31.62 16.07 -6.36
C ASN F 603 32.95 15.34 -6.20
N CYS F 604 33.13 14.28 -6.99
CA CYS F 604 34.36 13.50 -6.94
C CYS F 604 35.48 14.20 -7.69
N TRP F 620 34.46 15.38 -2.98
CA TRP F 620 35.30 14.19 -2.88
C TRP F 620 34.99 13.42 -1.62
N ARG F 621 33.70 13.25 -1.33
CA ARG F 621 33.30 12.51 -0.14
C ARG F 621 33.57 11.02 -0.27
N VAL F 622 33.96 10.56 -1.46
CA VAL F 622 34.30 9.16 -1.65
C VAL F 622 35.44 8.78 -0.73
N TYR F 623 35.42 7.54 -0.24
CA TYR F 623 36.41 7.11 0.74
C TYR F 623 37.59 6.42 0.08
N SER F 624 37.35 5.33 -0.64
CA SER F 624 38.40 4.50 -1.21
C SER F 624 38.49 4.72 -2.71
N THR F 625 39.42 5.58 -3.13
CA THR F 625 39.65 5.87 -4.53
C THR F 625 41.14 5.87 -4.81
N GLY F 626 41.52 5.43 -6.01
CA GLY F 626 42.90 5.41 -6.42
C GLY F 626 43.19 6.35 -7.58
N SER F 627 43.43 5.78 -8.75
CA SER F 627 43.62 6.54 -9.98
C SER F 627 42.42 6.30 -10.90
N ASN F 628 42.49 6.90 -12.10
CA ASN F 628 41.45 6.75 -13.12
C ASN F 628 40.09 7.24 -12.61
N VAL F 629 40.07 8.49 -12.17
CA VAL F 629 38.84 9.15 -11.75
C VAL F 629 38.32 9.99 -12.91
N PHE F 630 37.01 10.19 -12.95
CA PHE F 630 36.39 10.97 -14.01
C PHE F 630 35.01 11.41 -13.56
N GLN F 631 34.72 12.70 -13.72
CA GLN F 631 33.45 13.29 -13.35
C GLN F 631 32.63 13.56 -14.59
N THR F 632 31.39 13.08 -14.59
CA THR F 632 30.46 13.28 -15.70
C THR F 632 29.29 14.14 -15.23
N ARG F 633 28.38 14.42 -16.16
CA ARG F 633 27.18 15.18 -15.81
C ARG F 633 26.29 14.41 -14.85
N ALA F 634 26.17 13.09 -15.06
CA ALA F 634 25.36 12.28 -14.15
C ALA F 634 25.98 12.20 -12.77
N GLY F 635 27.28 11.91 -12.69
CA GLY F 635 27.97 11.77 -11.41
C GLY F 635 29.46 11.62 -11.57
N CYS F 636 30.07 10.72 -10.79
CA CYS F 636 31.49 10.47 -10.88
C CYS F 636 31.73 8.97 -11.07
N LEU F 637 32.71 8.63 -11.91
CA LEU F 637 32.96 7.26 -12.30
C LEU F 637 34.43 6.93 -12.12
N ILE F 638 34.69 5.81 -11.44
CA ILE F 638 36.05 5.33 -11.19
C ILE F 638 36.15 3.90 -11.70
N GLY F 639 37.15 3.65 -12.55
CA GLY F 639 37.37 2.35 -13.13
C GLY F 639 37.48 2.32 -14.64
N ALA F 640 37.47 3.47 -15.32
CA ALA F 640 37.57 3.51 -16.77
C ALA F 640 38.37 4.73 -17.18
N GLU F 641 38.89 4.70 -18.39
CA GLU F 641 39.75 5.76 -18.91
C GLU F 641 39.06 6.46 -20.08
N HIS F 642 39.12 7.80 -20.06
CA HIS F 642 38.56 8.60 -21.13
C HIS F 642 39.33 8.36 -22.43
N VAL F 643 38.62 8.44 -23.55
CA VAL F 643 39.22 8.31 -24.88
C VAL F 643 38.67 9.41 -25.76
N ASN F 644 39.37 9.66 -26.88
CA ASN F 644 38.96 10.71 -27.81
C ASN F 644 38.07 10.21 -28.93
N ASN F 645 37.90 8.89 -29.06
CA ASN F 645 37.19 8.35 -30.20
C ASN F 645 35.70 8.22 -29.92
N SER F 646 34.97 7.68 -30.89
CA SER F 646 33.53 7.49 -30.81
C SER F 646 33.17 6.09 -31.27
N TYR F 647 32.08 5.57 -30.72
CA TYR F 647 31.65 4.20 -30.99
C TYR F 647 30.13 4.15 -30.91
N GLU F 648 29.58 2.95 -30.80
CA GLU F 648 28.15 2.76 -30.70
C GLU F 648 27.73 2.60 -29.23
N CYS F 649 26.42 2.55 -29.01
CA CYS F 649 25.86 2.51 -27.66
C CYS F 649 25.47 1.08 -27.32
N ASP F 650 26.07 0.54 -26.29
CA ASP F 650 25.68 -0.77 -25.77
C ASP F 650 25.39 -0.75 -24.28
N ILE F 651 26.14 0.02 -23.51
CA ILE F 651 25.90 0.20 -22.09
C ILE F 651 25.75 1.70 -21.82
N PRO F 652 24.53 2.18 -21.62
CA PRO F 652 24.34 3.62 -21.44
C PRO F 652 24.55 4.08 -20.01
N ILE F 653 25.15 5.25 -19.83
CA ILE F 653 25.35 5.80 -18.50
C ILE F 653 24.47 7.02 -18.28
N GLY F 654 24.45 7.94 -19.24
CA GLY F 654 23.62 9.12 -19.14
C GLY F 654 24.29 10.37 -19.67
N ALA F 655 23.47 11.33 -20.12
CA ALA F 655 23.97 12.59 -20.68
C ALA F 655 24.93 12.37 -21.84
N GLY F 656 24.65 11.38 -22.67
CA GLY F 656 25.47 11.10 -23.83
C GLY F 656 26.79 10.42 -23.55
N ILE F 657 26.87 9.58 -22.52
CA ILE F 657 28.08 8.84 -22.18
C ILE F 657 27.76 7.36 -22.16
N CYS F 658 28.61 6.56 -22.80
CA CYS F 658 28.44 5.12 -22.85
C CYS F 658 29.78 4.45 -22.58
N ALA F 659 29.72 3.18 -22.16
CA ALA F 659 30.91 2.42 -21.83
C ALA F 659 30.83 1.03 -22.43
N SER F 660 31.99 0.43 -22.64
CA SER F 660 32.08 -0.93 -23.19
C SER F 660 33.47 -1.49 -22.87
N TYR F 661 33.63 -2.79 -23.09
CA TYR F 661 34.90 -3.47 -22.83
C TYR F 661 35.47 -3.98 -24.15
N GLN F 662 36.61 -3.41 -24.55
CA GLN F 662 37.26 -3.77 -25.80
C GLN F 662 38.56 -4.51 -25.49
N THR F 663 39.27 -4.87 -26.56
CA THR F 663 40.55 -5.57 -26.41
C THR F 663 41.69 -4.72 -26.99
N SER F 676 46.94 -3.14 -22.92
CA SER F 676 46.13 -4.31 -22.61
C SER F 676 44.67 -4.10 -23.01
N GLN F 677 43.79 -4.13 -22.02
CA GLN F 677 42.35 -4.01 -22.24
C GLN F 677 41.63 -3.76 -20.91
N SER F 678 40.66 -2.86 -20.95
CA SER F 678 39.96 -2.44 -19.74
C SER F 678 38.59 -1.89 -20.14
N ILE F 679 37.88 -1.34 -19.17
CA ILE F 679 36.60 -0.67 -19.40
C ILE F 679 36.87 0.73 -19.93
N ILE F 680 36.18 1.10 -20.99
CA ILE F 680 36.42 2.36 -21.70
C ILE F 680 35.14 3.18 -21.69
N ALA F 681 35.29 4.50 -21.52
CA ALA F 681 34.17 5.43 -21.56
C ALA F 681 34.40 6.44 -22.66
N TYR F 682 33.33 6.87 -23.31
CA TYR F 682 33.44 7.80 -24.44
C TYR F 682 32.12 8.53 -24.60
N THR F 683 32.00 9.24 -25.72
CA THR F 683 30.75 9.89 -26.11
C THR F 683 30.19 9.23 -27.36
N MET F 684 28.87 9.09 -27.39
CA MET F 684 28.21 8.34 -28.45
C MET F 684 28.31 9.07 -29.79
N SER F 685 28.19 8.29 -30.87
CA SER F 685 28.24 8.81 -32.23
C SER F 685 26.91 8.55 -32.90
N LEU F 686 26.32 9.60 -33.48
CA LEU F 686 25.03 9.45 -34.12
C LEU F 686 25.10 8.54 -35.34
N GLY F 687 26.12 8.71 -36.17
CA GLY F 687 26.27 7.89 -37.35
C GLY F 687 27.29 8.46 -38.30
N ALA F 688 27.53 7.72 -39.37
CA ALA F 688 28.50 8.13 -40.38
C ALA F 688 28.02 9.38 -41.11
N GLU F 689 28.97 10.25 -41.42
CA GLU F 689 28.68 11.52 -42.09
C GLU F 689 28.62 11.31 -43.60
N ASN F 690 27.82 12.15 -44.26
CA ASN F 690 27.62 12.04 -45.70
C ASN F 690 27.17 13.39 -46.24
N SER F 691 27.52 13.65 -47.50
CA SER F 691 27.12 14.87 -48.20
C SER F 691 26.61 14.49 -49.58
N VAL F 692 25.65 15.27 -50.08
CA VAL F 692 24.99 15.01 -51.34
C VAL F 692 25.21 16.19 -52.28
N ALA F 693 25.64 15.89 -53.50
CA ALA F 693 25.85 16.93 -54.50
C ALA F 693 24.50 17.42 -55.04
N TYR F 694 24.35 18.74 -55.13
CA TYR F 694 23.11 19.36 -55.56
C TYR F 694 23.39 20.40 -56.63
N SER F 695 22.55 20.41 -57.66
CA SER F 695 22.62 21.40 -58.72
C SER F 695 21.26 21.51 -59.39
N ASN F 696 21.07 22.58 -60.14
CA ASN F 696 19.76 22.83 -60.72
C ASN F 696 19.53 22.15 -62.06
N ASN F 697 20.52 21.46 -62.62
CA ASN F 697 20.35 20.72 -63.86
C ASN F 697 21.06 19.38 -63.78
N SER F 698 20.91 18.69 -62.65
CA SER F 698 21.53 17.38 -62.45
C SER F 698 20.52 16.42 -61.82
N ILE F 699 20.57 15.16 -62.25
CA ILE F 699 19.67 14.13 -61.75
C ILE F 699 20.42 12.80 -61.69
N ALA F 700 19.85 11.87 -60.93
CA ALA F 700 20.42 10.53 -60.79
C ALA F 700 19.32 9.49 -60.98
N ILE F 701 19.68 8.38 -61.62
CA ILE F 701 18.73 7.33 -61.96
C ILE F 701 19.35 5.96 -61.69
N PRO F 702 18.63 5.04 -61.06
CA PRO F 702 19.18 3.69 -60.84
C PRO F 702 19.29 2.90 -62.13
N THR F 703 20.16 1.90 -62.10
CA THR F 703 20.34 1.00 -63.24
C THR F 703 20.28 -0.48 -62.88
N ASN F 704 20.07 -0.82 -61.61
CA ASN F 704 19.99 -2.22 -61.19
C ASN F 704 19.25 -2.26 -59.86
N PHE F 705 18.78 -3.46 -59.49
CA PHE F 705 17.95 -3.60 -58.31
C PHE F 705 18.30 -4.88 -57.57
N THR F 706 17.85 -4.95 -56.31
CA THR F 706 18.04 -6.11 -55.46
C THR F 706 16.76 -6.39 -54.69
N ILE F 707 16.67 -7.58 -54.12
CA ILE F 707 15.51 -8.02 -53.36
C ILE F 707 15.98 -8.50 -51.99
N SER F 708 15.29 -8.06 -50.93
CA SER F 708 15.69 -8.38 -49.57
C SER F 708 14.49 -8.90 -48.79
N VAL F 709 14.77 -9.54 -47.66
CA VAL F 709 13.77 -10.10 -46.78
C VAL F 709 14.06 -9.66 -45.36
N THR F 710 13.03 -9.22 -44.64
CA THR F 710 13.17 -8.73 -43.28
C THR F 710 12.04 -9.31 -42.43
N THR F 711 12.31 -9.50 -41.15
CA THR F 711 11.37 -10.13 -40.22
C THR F 711 10.97 -9.16 -39.12
N GLU F 712 9.72 -9.30 -38.67
CA GLU F 712 9.19 -8.56 -37.53
C GLU F 712 8.45 -9.52 -36.61
N ILE F 713 8.58 -9.27 -35.30
CA ILE F 713 8.04 -10.16 -34.29
C ILE F 713 7.12 -9.37 -33.36
N LEU F 714 5.93 -9.91 -33.09
CA LEU F 714 4.97 -9.27 -32.22
C LEU F 714 4.43 -10.25 -31.19
N PRO F 715 4.11 -9.79 -29.99
CA PRO F 715 3.39 -10.64 -29.04
C PRO F 715 1.89 -10.61 -29.30
N VAL F 716 1.21 -11.67 -28.86
CA VAL F 716 -0.22 -11.78 -29.11
C VAL F 716 -0.98 -12.00 -27.80
N SER F 717 -0.62 -13.04 -27.06
CA SER F 717 -1.38 -13.42 -25.87
C SER F 717 -0.44 -13.87 -24.76
N MET F 718 -0.99 -13.95 -23.55
CA MET F 718 -0.26 -14.36 -22.37
C MET F 718 -1.01 -15.51 -21.70
N THR F 719 -0.28 -16.25 -20.86
CA THR F 719 -0.84 -17.41 -20.21
C THR F 719 -1.93 -17.01 -19.22
N LYS F 720 -2.95 -17.86 -19.11
CA LYS F 720 -4.06 -17.64 -18.20
C LYS F 720 -3.74 -18.20 -16.82
N THR F 721 -4.26 -17.52 -15.79
CA THR F 721 -4.11 -17.96 -14.41
C THR F 721 -5.40 -17.66 -13.66
N SER F 722 -5.59 -18.37 -12.56
CA SER F 722 -6.74 -18.15 -11.68
C SER F 722 -6.33 -18.43 -10.25
N VAL F 723 -6.73 -17.54 -9.35
CA VAL F 723 -6.36 -17.63 -7.93
C VAL F 723 -7.62 -17.56 -7.11
N ASP F 724 -7.81 -18.53 -6.21
CA ASP F 724 -8.92 -18.50 -5.28
C ASP F 724 -8.69 -17.45 -4.20
N CYS F 725 -9.78 -17.00 -3.59
CA CYS F 725 -9.69 -15.95 -2.59
C CYS F 725 -9.55 -16.53 -1.19
N THR F 726 -10.55 -17.33 -0.77
CA THR F 726 -10.56 -17.84 0.59
C THR F 726 -9.41 -18.80 0.85
N MET F 727 -9.08 -19.65 -0.13
CA MET F 727 -8.05 -20.65 0.08
C MET F 727 -6.69 -20.01 0.36
N TYR F 728 -6.36 -18.93 -0.37
CA TYR F 728 -5.03 -18.35 -0.24
C TYR F 728 -4.83 -17.68 1.12
N ILE F 729 -5.77 -16.84 1.53
CA ILE F 729 -5.56 -15.98 2.70
C ILE F 729 -6.07 -16.58 3.99
N CYS F 730 -6.72 -17.75 3.94
CA CYS F 730 -7.44 -18.25 5.09
C CYS F 730 -7.21 -19.73 5.36
N GLY F 731 -6.43 -20.42 4.55
CA GLY F 731 -6.15 -21.83 4.81
C GLY F 731 -7.42 -22.67 4.74
N ASP F 732 -7.55 -23.58 5.69
CA ASP F 732 -8.74 -24.43 5.80
C ASP F 732 -9.42 -24.36 7.16
N SER F 733 -8.83 -23.66 8.14
CA SER F 733 -9.42 -23.59 9.46
C SER F 733 -10.76 -22.88 9.41
N THR F 734 -11.75 -23.43 10.11
CA THR F 734 -13.09 -22.85 10.06
C THR F 734 -13.19 -21.56 10.87
N GLU F 735 -12.37 -21.40 11.91
CA GLU F 735 -12.39 -20.16 12.67
C GLU F 735 -11.93 -18.99 11.82
N CYS F 736 -10.96 -19.23 10.94
CA CYS F 736 -10.51 -18.20 10.00
C CYS F 736 -11.65 -17.70 9.11
N SER F 737 -12.44 -18.62 8.55
CA SER F 737 -13.42 -18.23 7.54
C SER F 737 -14.54 -17.40 8.15
N ASN F 738 -14.84 -17.61 9.42
CA ASN F 738 -15.94 -16.88 10.06
C ASN F 738 -15.63 -15.39 10.14
N LEU F 739 -14.38 -15.03 10.48
CA LEU F 739 -14.01 -13.63 10.56
C LEU F 739 -13.98 -12.95 9.21
N LEU F 740 -13.69 -13.69 8.13
CA LEU F 740 -13.60 -13.08 6.81
C LEU F 740 -14.94 -12.56 6.32
N LEU F 741 -16.05 -13.16 6.75
CA LEU F 741 -17.37 -12.72 6.30
C LEU F 741 -17.73 -11.33 6.77
N GLN F 742 -17.00 -10.78 7.74
CA GLN F 742 -17.28 -9.42 8.19
C GLN F 742 -17.04 -8.42 7.06
N TYR F 743 -15.96 -8.58 6.31
CA TYR F 743 -15.77 -7.81 5.09
C TYR F 743 -16.79 -8.22 4.05
N GLY F 744 -17.38 -7.23 3.38
CA GLY F 744 -18.57 -7.48 2.60
C GLY F 744 -18.42 -8.37 1.39
N SER F 745 -17.76 -7.87 0.34
CA SER F 745 -17.69 -8.62 -0.91
C SER F 745 -16.31 -8.52 -1.55
N PHE F 746 -15.25 -8.57 -0.74
CA PHE F 746 -13.90 -8.46 -1.29
C PHE F 746 -13.56 -9.66 -2.16
N CYS F 747 -13.93 -10.87 -1.74
CA CYS F 747 -13.53 -12.06 -2.47
C CYS F 747 -14.17 -12.12 -3.85
N THR F 748 -15.45 -11.79 -3.95
CA THR F 748 -16.13 -11.89 -5.24
C THR F 748 -15.59 -10.86 -6.22
N GLN F 749 -15.15 -9.71 -5.72
CA GLN F 749 -14.60 -8.68 -6.61
C GLN F 749 -13.34 -9.18 -7.31
N LEU F 750 -12.45 -9.85 -6.58
CA LEU F 750 -11.19 -10.28 -7.16
C LEU F 750 -11.40 -11.38 -8.19
N ASN F 751 -12.29 -12.33 -7.90
CA ASN F 751 -12.52 -13.43 -8.84
C ASN F 751 -13.12 -12.93 -10.14
N ARG F 752 -14.09 -12.01 -10.07
CA ARG F 752 -14.72 -11.50 -11.28
C ARG F 752 -13.71 -10.77 -12.16
N ALA F 753 -12.83 -9.98 -11.55
CA ALA F 753 -11.85 -9.23 -12.32
C ALA F 753 -10.88 -10.17 -13.04
N LEU F 754 -10.42 -11.22 -12.36
CA LEU F 754 -9.44 -12.12 -12.97
C LEU F 754 -10.05 -12.92 -14.10
N THR F 755 -11.31 -13.33 -13.97
CA THR F 755 -11.96 -14.10 -15.02
C THR F 755 -12.12 -13.28 -16.29
N GLY F 756 -12.22 -11.95 -16.16
CA GLY F 756 -12.29 -11.11 -17.35
C GLY F 756 -11.02 -11.18 -18.18
N ILE F 757 -9.87 -11.27 -17.51
CA ILE F 757 -8.60 -11.36 -18.22
C ILE F 757 -8.50 -12.69 -18.96
N ALA F 758 -8.94 -13.78 -18.33
CA ALA F 758 -8.82 -15.10 -18.95
C ALA F 758 -9.63 -15.19 -20.23
N VAL F 759 -10.86 -14.68 -20.21
CA VAL F 759 -11.72 -14.75 -21.39
C VAL F 759 -11.18 -13.86 -22.50
N GLU F 760 -10.63 -12.70 -22.14
CA GLU F 760 -10.18 -11.75 -23.15
C GLU F 760 -8.99 -12.28 -23.94
N GLN F 761 -8.23 -13.22 -23.38
CA GLN F 761 -7.09 -13.77 -24.10
C GLN F 761 -7.53 -14.55 -25.33
N ASP F 762 -8.62 -15.31 -25.21
CA ASP F 762 -9.11 -16.08 -26.35
C ASP F 762 -9.63 -15.17 -27.47
N LYS F 763 -10.06 -13.96 -27.12
CA LYS F 763 -10.52 -13.03 -28.15
C LYS F 763 -9.36 -12.52 -29.00
N ASN F 764 -8.18 -12.38 -28.39
CA ASN F 764 -7.04 -11.85 -29.13
C ASN F 764 -6.60 -12.81 -30.23
N THR F 765 -6.41 -14.08 -29.87
CA THR F 765 -5.88 -15.04 -30.83
C THR F 765 -6.91 -15.44 -31.87
N GLN F 766 -8.20 -15.37 -31.55
CA GLN F 766 -9.23 -15.72 -32.53
C GLN F 766 -9.42 -14.61 -33.55
N GLU F 767 -9.14 -13.37 -33.17
CA GLU F 767 -9.39 -12.23 -34.04
C GLU F 767 -8.21 -11.96 -34.97
N VAL F 768 -7.06 -12.58 -34.71
CA VAL F 768 -5.88 -12.32 -35.53
C VAL F 768 -5.71 -13.41 -36.58
N PHE F 769 -6.16 -14.63 -36.30
CA PHE F 769 -5.94 -15.75 -37.20
C PHE F 769 -7.19 -16.14 -37.98
N ALA F 770 -8.34 -16.25 -37.34
CA ALA F 770 -9.57 -16.73 -37.97
C ALA F 770 -10.14 -15.61 -38.82
N GLN F 771 -9.56 -15.42 -40.01
CA GLN F 771 -10.02 -14.42 -40.95
C GLN F 771 -10.54 -14.99 -42.26
N VAL F 772 -10.30 -16.27 -42.54
CA VAL F 772 -10.77 -16.91 -43.76
C VAL F 772 -11.80 -17.96 -43.39
N LYS F 773 -12.92 -17.96 -44.13
CA LYS F 773 -14.00 -18.89 -43.84
C LYS F 773 -13.69 -20.32 -44.29
N GLN F 774 -12.87 -20.48 -45.32
CA GLN F 774 -12.60 -21.78 -45.91
C GLN F 774 -11.13 -22.15 -45.73
N ILE F 775 -10.78 -23.35 -46.18
CA ILE F 775 -9.42 -23.88 -46.08
C ILE F 775 -8.99 -24.31 -47.48
N TYR F 776 -7.79 -23.90 -47.88
CA TYR F 776 -7.24 -24.23 -49.19
C TYR F 776 -6.04 -25.14 -49.03
N LYS F 777 -5.64 -25.79 -50.11
CA LYS F 777 -4.52 -26.71 -50.11
C LYS F 777 -3.62 -26.45 -51.32
N THR F 778 -2.34 -26.78 -51.17
CA THR F 778 -1.40 -26.63 -52.25
C THR F 778 -1.57 -27.75 -53.27
N PRO F 779 -1.27 -27.49 -54.55
CA PRO F 779 -1.36 -28.55 -55.55
C PRO F 779 -0.28 -29.59 -55.33
N PRO F 780 -0.49 -30.83 -55.78
CA PRO F 780 0.56 -31.85 -55.64
C PRO F 780 1.85 -31.51 -56.34
N ILE F 781 1.79 -30.81 -57.48
CA ILE F 781 2.97 -30.46 -58.26
C ILE F 781 3.33 -29.01 -57.97
N LYS F 782 4.60 -28.77 -57.64
CA LYS F 782 5.11 -27.43 -57.33
C LYS F 782 6.06 -27.01 -58.45
N ASP F 783 5.51 -26.37 -59.48
CA ASP F 783 6.29 -25.83 -60.58
C ASP F 783 5.80 -24.41 -60.83
N PHE F 784 6.48 -23.42 -60.23
CA PHE F 784 6.06 -22.03 -60.25
C PHE F 784 7.02 -21.16 -61.04
N GLY F 785 7.57 -21.68 -62.13
CA GLY F 785 8.40 -20.89 -63.00
C GLY F 785 9.76 -20.53 -62.47
N GLY F 786 10.27 -21.29 -61.49
CA GLY F 786 11.60 -21.07 -60.97
C GLY F 786 11.67 -20.53 -59.55
N PHE F 787 10.56 -20.52 -58.81
CA PHE F 787 10.53 -20.07 -57.43
C PHE F 787 10.43 -21.26 -56.50
N ASN F 788 11.26 -21.28 -55.46
CA ASN F 788 11.33 -22.37 -54.50
C ASN F 788 10.69 -21.92 -53.19
N PHE F 789 9.72 -22.69 -52.72
CA PHE F 789 8.97 -22.37 -51.50
C PHE F 789 9.00 -23.52 -50.50
N SER F 790 10.13 -24.24 -50.44
CA SER F 790 10.19 -25.43 -49.60
C SER F 790 10.23 -25.06 -48.12
N GLN F 791 10.74 -23.87 -47.79
CA GLN F 791 10.92 -23.51 -46.39
C GLN F 791 9.59 -23.18 -45.72
N ILE F 792 8.70 -22.47 -46.42
CA ILE F 792 7.47 -22.00 -45.77
C ILE F 792 6.42 -23.11 -45.75
N LEU F 793 6.33 -23.88 -46.83
CA LEU F 793 5.28 -24.88 -46.94
C LEU F 793 5.50 -26.02 -45.95
N PRO F 794 4.43 -26.66 -45.49
CA PRO F 794 4.58 -27.79 -44.57
C PRO F 794 5.24 -28.99 -45.23
N ASP F 795 5.86 -29.82 -44.38
CA ASP F 795 6.45 -31.08 -44.80
C ASP F 795 5.64 -32.23 -44.24
N PRO F 796 5.06 -33.10 -45.06
CA PRO F 796 4.21 -34.17 -44.52
C PRO F 796 4.97 -35.23 -43.75
N SER F 797 6.30 -35.26 -43.84
CA SER F 797 7.06 -36.31 -43.18
C SER F 797 6.94 -36.24 -41.66
N LYS F 798 7.01 -35.03 -41.10
CA LYS F 798 7.02 -34.89 -39.66
C LYS F 798 5.69 -35.30 -39.04
N PRO F 799 5.72 -35.89 -37.85
CA PRO F 799 4.45 -36.17 -37.15
C PRO F 799 3.64 -34.92 -36.88
N SER F 800 4.30 -33.81 -36.60
CA SER F 800 3.62 -32.54 -36.39
C SER F 800 3.64 -31.72 -37.68
N LYS F 801 2.47 -31.21 -38.06
CA LYS F 801 2.34 -30.45 -39.31
C LYS F 801 2.93 -29.06 -39.11
N ARG F 802 4.24 -28.97 -39.34
CA ARG F 802 4.96 -27.71 -39.19
C ARG F 802 5.98 -27.57 -40.31
N SER F 803 6.36 -26.33 -40.57
CA SER F 803 7.35 -26.00 -41.59
C SER F 803 8.75 -26.02 -40.98
N PRO F 804 9.78 -26.12 -41.83
CA PRO F 804 11.15 -26.03 -41.30
C PRO F 804 11.43 -24.74 -40.55
N ILE F 805 10.87 -23.61 -41.01
CA ILE F 805 11.07 -22.35 -40.31
C ILE F 805 10.38 -22.39 -38.95
N GLU F 806 9.16 -22.92 -38.90
CA GLU F 806 8.41 -22.94 -37.65
C GLU F 806 9.07 -23.84 -36.61
N ASP F 807 9.70 -24.92 -37.04
CA ASP F 807 10.33 -25.84 -36.09
C ASP F 807 11.50 -25.17 -35.37
N LEU F 808 12.30 -24.38 -36.08
CA LEU F 808 13.44 -23.74 -35.44
C LEU F 808 13.01 -22.76 -34.37
N LEU F 809 11.94 -22.00 -34.63
CA LEU F 809 11.46 -21.06 -33.63
C LEU F 809 10.82 -21.77 -32.45
N PHE F 810 10.23 -22.95 -32.70
CA PHE F 810 9.51 -23.65 -31.65
C PHE F 810 10.46 -24.11 -30.54
N ASN F 811 11.65 -24.57 -30.91
CA ASN F 811 12.62 -25.05 -29.92
C ASN F 811 13.53 -23.96 -29.40
N LYS F 812 13.49 -22.76 -29.99
CA LYS F 812 14.41 -21.71 -29.59
C LYS F 812 14.00 -21.07 -28.27
N VAL F 813 12.70 -20.95 -28.03
CA VAL F 813 12.22 -20.31 -26.81
C VAL F 813 11.94 -21.38 -25.75
N THR F 814 12.62 -21.29 -24.62
CA THR F 814 12.51 -22.25 -23.54
C THR F 814 11.86 -21.60 -22.33
N LEU F 815 10.80 -22.21 -21.83
CA LEU F 815 10.09 -21.67 -20.68
C LEU F 815 10.77 -22.08 -19.38
N CYS F 838 7.91 -24.26 -10.25
CA CYS F 838 6.77 -24.78 -10.99
C CYS F 838 6.46 -26.20 -10.58
N ALA F 839 6.44 -26.46 -9.27
CA ALA F 839 6.26 -27.79 -8.74
C ALA F 839 5.22 -27.77 -7.61
N GLN F 840 4.50 -28.88 -7.48
CA GLN F 840 3.51 -29.11 -6.43
C GLN F 840 2.43 -28.05 -6.39
N LYS F 841 2.19 -27.35 -7.50
CA LYS F 841 1.15 -26.34 -7.70
C LYS F 841 1.18 -25.23 -6.66
N PHE F 842 2.21 -25.19 -5.80
CA PHE F 842 2.30 -24.26 -4.68
C PHE F 842 0.97 -24.30 -3.92
N ASN F 843 0.33 -23.17 -3.65
CA ASN F 843 -0.98 -23.11 -3.01
C ASN F 843 -2.06 -23.12 -4.09
N GLY F 844 -3.28 -22.75 -3.72
CA GLY F 844 -4.40 -22.93 -4.61
C GLY F 844 -4.38 -22.03 -5.83
N LEU F 845 -3.44 -22.29 -6.73
CA LEU F 845 -3.27 -21.56 -7.97
C LEU F 845 -3.43 -22.52 -9.15
N THR F 846 -4.28 -22.15 -10.11
CA THR F 846 -4.52 -22.98 -11.28
C THR F 846 -3.94 -22.30 -12.51
N VAL F 847 -4.03 -22.99 -13.65
CA VAL F 847 -3.44 -22.51 -14.89
C VAL F 847 -4.47 -22.45 -16.02
N LEU F 848 -5.17 -23.56 -16.28
CA LEU F 848 -6.15 -23.72 -17.35
C LEU F 848 -5.49 -23.71 -18.72
N PRO F 849 -5.99 -24.48 -19.67
CA PRO F 849 -5.36 -24.53 -20.99
C PRO F 849 -6.02 -23.56 -21.95
N PRO F 850 -5.32 -23.14 -23.00
CA PRO F 850 -5.94 -22.30 -24.02
C PRO F 850 -6.91 -23.10 -24.88
N LEU F 851 -7.74 -22.37 -25.62
CA LEU F 851 -8.79 -23.01 -26.41
C LEU F 851 -8.23 -23.65 -27.67
N LEU F 852 -7.64 -22.84 -28.55
CA LEU F 852 -7.11 -23.34 -29.81
C LEU F 852 -5.77 -24.02 -29.56
N THR F 853 -5.68 -25.30 -29.92
CA THR F 853 -4.45 -26.06 -29.70
C THR F 853 -3.35 -25.56 -30.64
N ASP F 854 -2.12 -25.95 -30.32
CA ASP F 854 -0.96 -25.55 -31.11
C ASP F 854 -0.95 -26.15 -32.51
N GLU F 855 -1.68 -27.24 -32.75
CA GLU F 855 -1.73 -27.81 -34.09
C GLU F 855 -2.86 -27.20 -34.91
N MET F 856 -3.93 -26.74 -34.27
CA MET F 856 -5.02 -26.10 -35.00
C MET F 856 -4.60 -24.75 -35.56
N ILE F 857 -3.73 -24.04 -34.87
CA ILE F 857 -3.26 -22.74 -35.37
C ILE F 857 -2.45 -22.93 -36.65
N ALA F 858 -1.62 -23.97 -36.70
CA ALA F 858 -0.79 -24.20 -37.89
C ALA F 858 -1.65 -24.47 -39.12
N GLN F 859 -2.86 -25.00 -38.93
CA GLN F 859 -3.75 -25.20 -40.06
C GLN F 859 -4.21 -23.86 -40.64
N TYR F 860 -4.49 -22.89 -39.78
CA TYR F 860 -4.92 -21.58 -40.27
C TYR F 860 -3.84 -20.91 -41.09
N THR F 861 -2.60 -20.94 -40.62
CA THR F 861 -1.52 -20.29 -41.35
C THR F 861 -1.26 -20.98 -42.68
N SER F 862 -1.37 -22.30 -42.72
CA SER F 862 -1.20 -23.03 -43.97
C SER F 862 -2.28 -22.65 -44.98
N ALA F 863 -3.49 -22.37 -44.49
CA ALA F 863 -4.56 -21.95 -45.39
C ALA F 863 -4.25 -20.62 -46.04
N LEU F 864 -3.69 -19.68 -45.28
CA LEU F 864 -3.36 -18.37 -45.84
C LEU F 864 -2.27 -18.47 -46.89
N LEU F 865 -1.24 -19.29 -46.64
CA LEU F 865 -0.15 -19.42 -47.59
C LEU F 865 -0.63 -20.01 -48.91
N ALA F 866 -1.53 -21.00 -48.87
CA ALA F 866 -2.02 -21.59 -50.10
C ALA F 866 -2.81 -20.57 -50.92
N GLY F 867 -3.62 -19.75 -50.27
CA GLY F 867 -4.43 -18.79 -51.01
C GLY F 867 -3.61 -17.72 -51.69
N THR F 868 -2.60 -17.16 -51.01
CA THR F 868 -1.85 -16.05 -51.58
C THR F 868 -0.97 -16.50 -52.74
N ILE F 869 -0.45 -17.72 -52.69
CA ILE F 869 0.39 -18.22 -53.79
C ILE F 869 -0.46 -18.47 -55.02
N THR F 870 -1.67 -19.01 -54.84
CA THR F 870 -2.49 -19.40 -55.98
C THR F 870 -3.33 -18.25 -56.49
N SER F 871 -4.19 -17.68 -55.65
CA SER F 871 -5.18 -16.71 -56.08
C SER F 871 -4.74 -15.27 -55.93
N GLY F 872 -3.53 -15.01 -55.45
CA GLY F 872 -3.11 -13.63 -55.26
C GLY F 872 -3.88 -12.97 -54.14
N TRP F 873 -4.36 -11.75 -54.38
CA TRP F 873 -5.14 -11.01 -53.39
C TRP F 873 -6.63 -11.09 -53.65
N THR F 874 -7.07 -11.90 -54.61
CA THR F 874 -8.49 -11.90 -54.97
C THR F 874 -9.35 -12.52 -53.87
N PHE F 875 -8.80 -13.50 -53.15
CA PHE F 875 -9.59 -14.21 -52.14
C PHE F 875 -9.87 -13.36 -50.91
N GLY F 876 -9.25 -12.20 -50.78
CA GLY F 876 -9.58 -11.32 -49.66
C GLY F 876 -11.01 -10.82 -49.71
N ALA F 877 -11.51 -10.54 -50.92
CA ALA F 877 -12.87 -10.08 -51.12
C ALA F 877 -13.57 -11.00 -52.10
N GLY F 878 -14.66 -11.62 -51.67
CA GLY F 878 -15.43 -12.49 -52.52
C GLY F 878 -14.73 -13.81 -52.81
N PRO F 879 -15.16 -14.49 -53.86
CA PRO F 879 -14.56 -15.78 -54.20
C PRO F 879 -13.13 -15.64 -54.70
N ALA F 880 -12.44 -16.77 -54.78
CA ALA F 880 -11.05 -16.81 -55.19
C ALA F 880 -10.94 -17.25 -56.64
N LEU F 881 -10.06 -16.58 -57.39
CA LEU F 881 -9.82 -16.86 -58.79
C LEU F 881 -8.35 -17.17 -59.00
N GLN F 882 -8.07 -18.22 -59.77
CA GLN F 882 -6.69 -18.64 -59.97
C GLN F 882 -5.98 -17.73 -60.97
N ILE F 883 -4.65 -17.78 -60.95
CA ILE F 883 -3.81 -16.93 -61.80
C ILE F 883 -2.38 -17.44 -61.73
N PRO F 884 -1.66 -17.51 -62.86
CA PRO F 884 -0.27 -17.96 -62.81
C PRO F 884 0.60 -17.02 -61.99
N PHE F 885 1.59 -17.60 -61.33
CA PHE F 885 2.44 -16.81 -60.43
C PHE F 885 3.25 -15.75 -61.15
N PRO F 886 3.98 -16.03 -62.24
CA PRO F 886 4.76 -14.96 -62.86
C PRO F 886 3.93 -13.77 -63.32
N MET F 887 2.70 -14.01 -63.77
CA MET F 887 1.83 -12.90 -64.13
C MET F 887 1.42 -12.10 -62.90
N GLN F 888 1.21 -12.77 -61.77
CA GLN F 888 0.83 -12.07 -60.55
C GLN F 888 1.94 -11.13 -60.08
N MET F 889 3.19 -11.58 -60.16
CA MET F 889 4.30 -10.72 -59.75
C MET F 889 4.44 -9.52 -60.68
N ALA F 890 3.97 -9.63 -61.92
CA ALA F 890 4.04 -8.50 -62.84
C ALA F 890 3.16 -7.35 -62.37
N TYR F 891 1.98 -7.67 -61.83
CA TYR F 891 1.09 -6.61 -61.35
C TYR F 891 1.66 -5.92 -60.12
N ARG F 892 2.41 -6.66 -59.30
CA ARG F 892 3.07 -6.03 -58.16
C ARG F 892 4.09 -5.00 -58.62
N PHE F 893 4.85 -5.32 -59.67
CA PHE F 893 5.80 -4.37 -60.22
C PHE F 893 5.08 -3.15 -60.80
N ASN F 894 3.95 -3.37 -61.46
CA ASN F 894 3.23 -2.26 -62.07
C ASN F 894 2.64 -1.34 -61.01
N GLY F 895 2.29 -1.89 -59.84
CA GLY F 895 1.67 -1.07 -58.82
C GLY F 895 2.67 -0.24 -58.04
N ILE F 896 3.96 -0.45 -58.28
CA ILE F 896 4.98 0.30 -57.56
C ILE F 896 5.60 1.35 -58.46
N GLY F 897 5.41 1.23 -59.78
CA GLY F 897 5.88 2.23 -60.70
C GLY F 897 6.89 1.75 -61.72
N VAL F 898 6.86 0.47 -62.04
CA VAL F 898 7.79 -0.12 -63.00
C VAL F 898 6.99 -0.89 -64.03
N THR F 899 7.36 -0.73 -65.30
CA THR F 899 6.65 -1.36 -66.40
C THR F 899 6.82 -2.88 -66.35
N GLN F 900 5.82 -3.59 -66.90
CA GLN F 900 5.85 -5.04 -66.95
C GLN F 900 7.02 -5.58 -67.77
N ASN F 901 7.64 -4.74 -68.60
CA ASN F 901 8.74 -5.20 -69.45
C ASN F 901 9.89 -5.73 -68.61
N VAL F 902 10.17 -5.10 -67.47
CA VAL F 902 11.37 -5.42 -66.70
C VAL F 902 11.32 -6.84 -66.18
N LEU F 903 10.17 -7.26 -65.65
CA LEU F 903 10.10 -8.56 -64.98
C LEU F 903 10.34 -9.70 -65.95
N TYR F 904 9.71 -9.65 -67.13
CA TYR F 904 9.82 -10.77 -68.07
C TYR F 904 11.22 -10.88 -68.64
N GLU F 905 11.89 -9.75 -68.89
CA GLU F 905 13.22 -9.78 -69.46
C GLU F 905 14.27 -10.25 -68.48
N ASN F 906 13.96 -10.28 -67.18
CA ASN F 906 14.90 -10.67 -66.14
C ASN F 906 14.28 -11.65 -65.17
N GLN F 907 13.47 -12.58 -65.69
CA GLN F 907 12.81 -13.56 -64.84
C GLN F 907 13.81 -14.50 -64.19
N LYS F 908 14.83 -14.92 -64.93
CA LYS F 908 15.80 -15.86 -64.39
C LYS F 908 16.62 -15.24 -63.26
N LEU F 909 17.05 -13.99 -63.42
CA LEU F 909 17.87 -13.35 -62.40
C LEU F 909 17.07 -13.12 -61.13
N ILE F 910 15.81 -12.72 -61.25
CA ILE F 910 15.00 -12.41 -60.08
C ILE F 910 14.75 -13.67 -59.27
N ALA F 911 14.51 -14.80 -59.94
CA ALA F 911 14.22 -16.05 -59.22
C ALA F 911 15.40 -16.48 -58.35
N ASN F 912 16.62 -16.37 -58.86
CA ASN F 912 17.78 -16.78 -58.09
C ASN F 912 18.00 -15.89 -56.87
N GLN F 913 17.81 -14.59 -57.03
CA GLN F 913 17.99 -13.67 -55.89
C GLN F 913 16.99 -13.95 -54.79
N PHE F 914 15.74 -14.25 -55.15
CA PHE F 914 14.72 -14.51 -54.14
C PHE F 914 15.03 -15.77 -53.35
N ASN F 915 15.50 -16.81 -54.03
CA ASN F 915 15.79 -18.07 -53.35
C ASN F 915 16.96 -17.92 -52.38
N SER F 916 17.98 -17.17 -52.78
CA SER F 916 19.15 -17.00 -51.92
C SER F 916 18.81 -16.27 -50.63
N ALA F 917 17.98 -15.23 -50.72
CA ALA F 917 17.69 -14.41 -49.56
C ALA F 917 16.94 -15.19 -48.49
N ILE F 918 16.11 -16.16 -48.89
CA ILE F 918 15.37 -16.95 -47.93
C ILE F 918 16.32 -17.79 -47.09
N GLY F 919 17.41 -18.27 -47.69
CA GLY F 919 18.34 -19.12 -46.96
C GLY F 919 18.96 -18.45 -45.76
N LYS F 920 19.21 -17.13 -45.84
CA LYS F 920 19.84 -16.43 -44.73
C LYS F 920 18.91 -16.34 -43.52
N ILE F 921 17.61 -16.53 -43.73
CA ILE F 921 16.66 -16.38 -42.62
C ILE F 921 16.91 -17.44 -41.55
N GLN F 922 17.10 -18.69 -41.97
CA GLN F 922 17.44 -19.73 -41.00
C GLN F 922 18.78 -19.44 -40.34
N ASP F 923 19.77 -19.02 -41.12
CA ASP F 923 21.09 -18.73 -40.56
C ASP F 923 21.03 -17.58 -39.58
N SER F 924 20.30 -16.51 -39.92
CA SER F 924 20.20 -15.35 -39.06
C SER F 924 19.51 -15.66 -37.74
N LEU F 925 18.79 -16.77 -37.65
CA LEU F 925 18.23 -17.22 -36.38
C LEU F 925 19.18 -18.13 -35.62
N SER F 926 20.36 -18.43 -36.17
CA SER F 926 21.38 -19.21 -35.50
C SER F 926 22.35 -18.35 -34.72
N SER F 927 22.12 -17.05 -34.65
CA SER F 927 22.98 -16.15 -33.87
C SER F 927 22.60 -16.26 -32.40
N THR F 928 23.07 -15.33 -31.59
CA THR F 928 22.72 -15.32 -30.18
C THR F 928 21.21 -15.18 -30.04
N PRO F 929 20.59 -15.86 -29.07
CA PRO F 929 19.13 -15.81 -28.97
C PRO F 929 18.62 -14.45 -28.51
N SER F 930 18.94 -13.41 -29.28
CA SER F 930 18.43 -12.08 -29.03
C SER F 930 17.35 -11.67 -30.02
N ALA F 931 17.19 -12.42 -31.11
CA ALA F 931 16.12 -12.12 -32.06
C ALA F 931 14.76 -12.33 -31.42
N LEU F 932 14.61 -13.39 -30.61
CA LEU F 932 13.35 -13.70 -29.95
C LEU F 932 13.23 -13.05 -28.58
N GLY F 933 13.90 -11.91 -28.37
CA GLY F 933 13.88 -11.27 -27.07
C GLY F 933 12.51 -10.75 -26.68
N LYS F 934 11.73 -10.27 -27.64
CA LYS F 934 10.44 -9.67 -27.34
C LYS F 934 9.50 -10.70 -26.71
N LEU F 935 9.49 -11.92 -27.22
CA LEU F 935 8.60 -12.94 -26.67
C LEU F 935 9.08 -13.47 -25.33
N GLN F 936 10.38 -13.35 -25.03
CA GLN F 936 10.89 -13.87 -23.76
C GLN F 936 10.57 -12.93 -22.59
N ASP F 937 10.49 -11.63 -22.84
CA ASP F 937 10.27 -10.69 -21.74
C ASP F 937 8.86 -10.82 -21.17
N VAL F 938 7.91 -11.29 -21.97
CA VAL F 938 6.55 -11.46 -21.48
C VAL F 938 6.48 -12.60 -20.47
N VAL F 939 7.17 -13.71 -20.75
CA VAL F 939 7.11 -14.87 -19.86
C VAL F 939 7.83 -14.56 -18.55
N ASN F 940 8.97 -13.88 -18.62
CA ASN F 940 9.74 -13.62 -17.41
C ASN F 940 8.97 -12.72 -16.43
N GLN F 941 8.26 -11.71 -16.95
CA GLN F 941 7.53 -10.80 -16.08
C GLN F 941 6.45 -11.53 -15.30
N ASN F 942 5.73 -12.44 -15.94
CA ASN F 942 4.68 -13.19 -15.26
C ASN F 942 5.26 -14.11 -14.19
N ALA F 943 6.39 -14.75 -14.47
CA ALA F 943 6.97 -15.69 -13.52
C ALA F 943 7.42 -14.98 -12.25
N GLN F 944 8.10 -13.84 -12.39
CA GLN F 944 8.58 -13.12 -11.22
C GLN F 944 7.43 -12.60 -10.36
N ALA F 945 6.37 -12.10 -11.00
CA ALA F 945 5.23 -11.59 -10.24
C ALA F 945 4.55 -12.68 -9.44
N LEU F 946 4.45 -13.88 -10.01
CA LEU F 946 3.80 -14.98 -9.30
C LEU F 946 4.66 -15.47 -8.14
N ASN F 947 5.98 -15.42 -8.29
CA ASN F 947 6.87 -15.86 -7.22
C ASN F 947 6.73 -14.99 -5.98
N THR F 948 6.61 -13.68 -6.17
CA THR F 948 6.52 -12.77 -5.03
C THR F 948 5.27 -13.05 -4.21
N LEU F 949 4.17 -13.39 -4.87
CA LEU F 949 2.93 -13.65 -4.15
C LEU F 949 3.06 -14.85 -3.23
N VAL F 950 3.74 -15.91 -3.69
CA VAL F 950 3.92 -17.10 -2.86
C VAL F 950 4.84 -16.80 -1.69
N LYS F 951 5.91 -16.04 -1.94
CA LYS F 951 6.88 -15.75 -0.89
C LYS F 951 6.33 -14.80 0.16
N GLN F 952 5.14 -14.23 -0.05
CA GLN F 952 4.55 -13.32 0.92
C GLN F 952 3.79 -14.05 2.03
N LEU F 953 3.73 -15.37 1.98
CA LEU F 953 3.02 -16.12 3.02
C LEU F 953 3.91 -16.47 4.21
N SER F 954 5.15 -16.01 4.23
CA SER F 954 6.07 -16.28 5.33
C SER F 954 6.53 -14.99 6.00
N SER F 955 5.59 -14.10 6.28
CA SER F 955 5.86 -12.83 6.94
C SER F 955 4.92 -12.64 8.11
N ASN F 956 5.47 -12.18 9.23
CA ASN F 956 4.69 -12.10 10.47
C ASN F 956 3.62 -11.02 10.41
N PHE F 957 3.90 -9.90 9.75
CA PHE F 957 3.01 -8.74 9.70
C PHE F 957 2.73 -8.17 11.10
N GLY F 958 3.60 -8.45 12.07
CA GLY F 958 3.40 -8.00 13.42
C GLY F 958 2.93 -9.05 14.40
N ALA F 959 2.54 -10.23 13.93
CA ALA F 959 2.11 -11.29 14.83
C ALA F 959 3.31 -12.04 15.39
N ILE F 960 3.03 -13.07 16.19
CA ILE F 960 4.11 -13.81 16.84
C ILE F 960 4.57 -14.98 15.98
N SER F 961 3.79 -15.36 14.98
CA SER F 961 4.17 -16.46 14.10
C SER F 961 3.45 -16.28 12.76
N SER F 962 3.93 -17.03 11.76
CA SER F 962 3.39 -16.94 10.41
C SER F 962 2.65 -18.20 10.00
N VAL F 963 2.25 -19.04 10.96
CA VAL F 963 1.52 -20.27 10.68
C VAL F 963 0.19 -20.23 11.40
N LEU F 964 -0.88 -20.53 10.68
CA LEU F 964 -2.23 -20.47 11.26
C LEU F 964 -2.40 -21.51 12.36
N ASN F 965 -1.94 -22.74 12.13
CA ASN F 965 -2.19 -23.81 13.08
C ASN F 965 -1.45 -23.59 14.40
N ASP F 966 -0.28 -22.96 14.34
CA ASP F 966 0.49 -22.73 15.57
C ASP F 966 -0.26 -21.80 16.51
N ILE F 967 -0.93 -20.78 15.97
CA ILE F 967 -1.70 -19.87 16.81
C ILE F 967 -2.88 -20.58 17.44
N LEU F 968 -3.58 -21.41 16.66
CA LEU F 968 -4.80 -22.04 17.16
C LEU F 968 -4.50 -23.05 18.26
N SER F 969 -3.38 -23.77 18.15
CA SER F 969 -3.12 -24.85 19.10
C SER F 969 -2.47 -24.34 20.37
N ARG F 970 -2.16 -23.05 20.45
CA ARG F 970 -1.45 -22.54 21.62
C ARG F 970 -2.19 -21.45 22.36
N LEU F 971 -3.29 -20.92 21.83
CA LEU F 971 -4.00 -19.82 22.46
C LEU F 971 -5.48 -20.16 22.62
N ASP F 972 -6.09 -19.50 23.60
CA ASP F 972 -7.51 -19.64 23.83
C ASP F 972 -8.30 -18.91 22.74
N PRO F 973 -9.53 -19.34 22.49
CA PRO F 973 -10.38 -18.67 21.49
C PRO F 973 -10.55 -17.18 21.75
N PRO F 974 -10.75 -16.74 23.00
CA PRO F 974 -10.93 -15.29 23.21
C PRO F 974 -9.71 -14.45 22.88
N GLU F 975 -8.52 -15.06 22.79
CA GLU F 975 -7.32 -14.31 22.45
C GLU F 975 -6.86 -14.55 21.02
N ALA F 976 -7.47 -15.49 20.31
CA ALA F 976 -7.03 -15.79 18.95
C ALA F 976 -7.38 -14.66 17.99
N GLU F 977 -8.54 -14.02 18.17
CA GLU F 977 -8.99 -13.01 17.22
C GLU F 977 -8.05 -11.82 17.18
N VAL F 978 -7.34 -11.54 18.27
CA VAL F 978 -6.42 -10.41 18.27
C VAL F 978 -5.26 -10.66 17.32
N GLN F 979 -4.69 -11.87 17.36
CA GLN F 979 -3.55 -12.18 16.50
C GLN F 979 -3.99 -12.46 15.06
N ILE F 980 -5.13 -13.12 14.88
CA ILE F 980 -5.55 -13.54 13.55
C ILE F 980 -5.92 -12.33 12.70
N ASP F 981 -6.55 -11.31 13.29
CA ASP F 981 -7.01 -10.17 12.52
C ASP F 981 -5.85 -9.40 11.89
N ARG F 982 -4.63 -9.57 12.42
CA ARG F 982 -3.47 -8.95 11.79
C ARG F 982 -3.02 -9.70 10.55
N LEU F 983 -3.14 -11.03 10.56
CA LEU F 983 -2.72 -11.82 9.40
C LEU F 983 -3.67 -11.62 8.22
N ILE F 984 -4.96 -11.54 8.48
CA ILE F 984 -5.93 -11.38 7.40
C ILE F 984 -5.73 -10.05 6.68
N THR F 985 -5.53 -8.98 7.44
CA THR F 985 -5.40 -7.66 6.83
C THR F 985 -4.18 -7.60 5.93
N GLY F 986 -3.06 -8.19 6.36
CA GLY F 986 -1.86 -8.13 5.56
C GLY F 986 -1.98 -8.88 4.25
N ARG F 987 -2.68 -10.02 4.26
CA ARG F 987 -2.74 -10.86 3.07
C ARG F 987 -3.67 -10.29 2.02
N LEU F 988 -4.70 -9.53 2.43
CA LEU F 988 -5.55 -8.86 1.44
C LEU F 988 -4.76 -7.83 0.65
N GLN F 989 -3.91 -7.05 1.33
CA GLN F 989 -3.14 -6.01 0.64
C GLN F 989 -2.18 -6.62 -0.37
N SER F 990 -1.57 -7.75 -0.02
CA SER F 990 -0.67 -8.41 -0.96
C SER F 990 -1.42 -8.92 -2.18
N LEU F 991 -2.62 -9.48 -1.97
CA LEU F 991 -3.39 -10.00 -3.09
C LEU F 991 -3.89 -8.89 -4.00
N GLN F 992 -4.33 -7.77 -3.43
CA GLN F 992 -4.88 -6.69 -4.24
C GLN F 992 -3.80 -6.07 -5.13
N THR F 993 -2.57 -5.96 -4.63
CA THR F 993 -1.50 -5.37 -5.43
C THR F 993 -1.20 -6.22 -6.66
N TYR F 994 -1.22 -7.55 -6.51
CA TYR F 994 -0.91 -8.43 -7.62
C TYR F 994 -1.94 -8.30 -8.73
N VAL F 995 -3.22 -8.20 -8.38
CA VAL F 995 -4.26 -8.15 -9.40
C VAL F 995 -4.24 -6.83 -10.15
N THR F 996 -4.01 -5.73 -9.44
CA THR F 996 -4.01 -4.41 -10.09
C THR F 996 -2.92 -4.32 -11.15
N GLN F 997 -1.73 -4.84 -10.85
CA GLN F 997 -0.65 -4.81 -11.84
C GLN F 997 -1.00 -5.65 -13.06
N GLN F 998 -1.67 -6.78 -12.85
CA GLN F 998 -2.03 -7.63 -13.98
C GLN F 998 -3.02 -6.94 -14.92
N LEU F 999 -3.96 -6.18 -14.35
CA LEU F 999 -4.92 -5.46 -15.18
C LEU F 999 -4.22 -4.43 -16.07
N ILE F 1000 -3.26 -3.69 -15.52
CA ILE F 1000 -2.54 -2.71 -16.31
C ILE F 1000 -1.72 -3.38 -17.40
N ARG F 1001 -1.02 -4.45 -17.06
CA ARG F 1001 -0.19 -5.14 -18.04
C ARG F 1001 -1.02 -5.81 -19.13
N ALA F 1002 -2.27 -6.17 -18.83
CA ALA F 1002 -3.11 -6.80 -19.84
C ALA F 1002 -3.56 -5.82 -20.92
N ALA F 1003 -3.45 -4.52 -20.66
CA ALA F 1003 -3.84 -3.54 -21.67
C ALA F 1003 -2.79 -3.41 -22.77
N GLU F 1004 -1.51 -3.51 -22.39
CA GLU F 1004 -0.45 -3.39 -23.39
C GLU F 1004 -0.46 -4.57 -24.36
N ILE F 1005 -0.82 -5.76 -23.86
CA ILE F 1005 -0.90 -6.93 -24.74
C ILE F 1005 -1.99 -6.73 -25.79
N ARG F 1006 -3.15 -6.23 -25.37
CA ARG F 1006 -4.25 -6.03 -26.31
C ARG F 1006 -3.90 -4.99 -27.36
N ALA F 1007 -3.22 -3.93 -26.96
CA ALA F 1007 -2.80 -2.90 -27.92
C ALA F 1007 -1.87 -3.49 -28.98
N SER F 1008 -0.96 -4.37 -28.56
CA SER F 1008 -0.09 -5.04 -29.52
C SER F 1008 -0.88 -6.04 -30.36
N ALA F 1009 -1.87 -6.71 -29.75
CA ALA F 1009 -2.66 -7.68 -30.49
C ALA F 1009 -3.47 -7.01 -31.61
N ASN F 1010 -4.01 -5.82 -31.34
CA ASN F 1010 -4.77 -5.11 -32.36
C ASN F 1010 -3.89 -4.70 -33.52
N LEU F 1011 -2.64 -4.31 -33.24
CA LEU F 1011 -1.73 -3.94 -34.31
C LEU F 1011 -1.43 -5.13 -35.21
N ALA F 1012 -1.27 -6.32 -34.63
CA ALA F 1012 -1.02 -7.50 -35.44
C ALA F 1012 -2.19 -7.83 -36.35
N ALA F 1013 -3.42 -7.63 -35.85
CA ALA F 1013 -4.59 -7.89 -36.69
C ALA F 1013 -4.65 -6.95 -37.88
N THR F 1014 -4.37 -5.67 -37.67
CA THR F 1014 -4.36 -4.72 -38.77
C THR F 1014 -3.24 -5.03 -39.77
N LYS F 1015 -2.08 -5.44 -39.27
CA LYS F 1015 -0.96 -5.75 -40.14
C LYS F 1015 -1.25 -6.98 -41.00
N MET F 1016 -2.14 -7.85 -40.52
CA MET F 1016 -2.49 -9.04 -41.30
C MET F 1016 -3.44 -8.70 -42.44
N SER F 1017 -4.35 -7.74 -42.22
CA SER F 1017 -5.34 -7.42 -43.23
C SER F 1017 -4.83 -6.47 -44.31
N GLU F 1018 -3.60 -5.98 -44.18
CA GLU F 1018 -3.05 -5.06 -45.16
C GLU F 1018 -1.79 -5.57 -45.82
N CYS F 1019 -0.83 -6.09 -45.04
CA CYS F 1019 0.45 -6.48 -45.62
C CYS F 1019 0.36 -7.77 -46.42
N VAL F 1020 -0.37 -8.77 -45.90
CA VAL F 1020 -0.39 -10.10 -46.52
C VAL F 1020 -1.66 -10.35 -47.32
N LEU F 1021 -2.75 -9.67 -46.98
CA LEU F 1021 -3.99 -9.78 -47.74
C LEU F 1021 -4.12 -8.72 -48.82
N GLY F 1022 -3.01 -8.10 -49.20
CA GLY F 1022 -3.04 -7.07 -50.22
C GLY F 1022 -1.70 -6.38 -50.32
N GLN F 1023 -1.70 -5.25 -51.02
CA GLN F 1023 -0.52 -4.43 -51.19
C GLN F 1023 -0.79 -3.04 -50.64
N SER F 1024 0.16 -2.49 -49.89
CA SER F 1024 -0.02 -1.23 -49.19
C SER F 1024 0.96 -0.19 -49.71
N LYS F 1025 0.54 1.07 -49.67
CA LYS F 1025 1.37 2.19 -50.09
C LYS F 1025 1.92 2.99 -48.92
N ARG F 1026 1.54 2.65 -47.69
CA ARG F 1026 2.08 3.34 -46.53
C ARG F 1026 3.56 3.04 -46.37
N VAL F 1027 4.33 4.08 -46.08
CA VAL F 1027 5.79 3.99 -46.04
C VAL F 1027 6.20 3.39 -44.70
N ASP F 1028 7.14 2.44 -44.74
CA ASP F 1028 7.74 1.84 -43.55
C ASP F 1028 6.72 1.11 -42.68
N PHE F 1029 5.61 0.70 -43.27
CA PHE F 1029 4.63 -0.08 -42.51
C PHE F 1029 4.87 -1.57 -42.65
N CYS F 1030 4.86 -2.07 -43.89
CA CYS F 1030 5.14 -3.47 -44.18
C CYS F 1030 6.57 -3.56 -44.71
N GLY F 1031 7.54 -3.59 -43.81
CA GLY F 1031 8.92 -3.73 -44.20
C GLY F 1031 9.70 -2.42 -44.19
N LYS F 1032 10.67 -2.34 -45.08
CA LYS F 1032 11.53 -1.17 -45.24
C LYS F 1032 11.86 -0.99 -46.71
N GLY F 1033 11.11 -0.13 -47.39
CA GLY F 1033 11.28 0.11 -48.81
C GLY F 1033 9.96 0.04 -49.55
N TYR F 1034 10.00 -0.50 -50.76
CA TYR F 1034 8.82 -0.66 -51.60
C TYR F 1034 8.24 -2.05 -51.37
N HIS F 1035 7.00 -2.10 -50.89
CA HIS F 1035 6.39 -3.37 -50.50
C HIS F 1035 6.02 -4.19 -51.72
N LEU F 1036 6.23 -5.50 -51.63
CA LEU F 1036 5.82 -6.43 -52.68
C LEU F 1036 4.81 -7.45 -52.19
N MET F 1037 5.09 -8.18 -51.12
CA MET F 1037 4.20 -9.19 -50.57
C MET F 1037 4.72 -9.61 -49.21
N SER F 1038 4.01 -10.53 -48.57
CA SER F 1038 4.39 -11.00 -47.23
C SER F 1038 3.84 -12.40 -47.02
N PHE F 1039 4.42 -13.09 -46.03
CA PHE F 1039 3.98 -14.43 -45.62
C PHE F 1039 4.04 -14.52 -44.11
N PRO F 1040 3.01 -15.07 -43.46
CA PRO F 1040 3.03 -15.21 -42.01
C PRO F 1040 3.53 -16.58 -41.55
N GLN F 1041 3.98 -16.62 -40.30
CA GLN F 1041 4.40 -17.85 -39.65
C GLN F 1041 3.97 -17.81 -38.19
N SER F 1042 3.87 -18.98 -37.57
CA SER F 1042 3.39 -19.12 -36.21
C SER F 1042 4.56 -19.19 -35.22
N ALA F 1043 4.26 -18.84 -33.98
CA ALA F 1043 5.23 -18.86 -32.89
C ALA F 1043 4.46 -18.92 -31.57
N PRO F 1044 5.09 -19.41 -30.50
CA PRO F 1044 4.39 -19.49 -29.22
C PRO F 1044 4.05 -18.10 -28.68
N HIS F 1045 2.76 -17.87 -28.44
CA HIS F 1045 2.26 -16.60 -27.92
C HIS F 1045 2.67 -15.43 -28.80
N GLY F 1046 2.61 -15.61 -30.11
CA GLY F 1046 2.99 -14.53 -31.00
C GLY F 1046 2.89 -14.96 -32.45
N VAL F 1047 3.37 -14.07 -33.32
CA VAL F 1047 3.34 -14.29 -34.76
C VAL F 1047 4.58 -13.63 -35.37
N VAL F 1048 5.13 -14.24 -36.41
CA VAL F 1048 6.35 -13.77 -37.06
C VAL F 1048 6.02 -13.50 -38.52
N PHE F 1049 6.46 -12.34 -39.01
CA PHE F 1049 6.19 -11.91 -40.37
C PHE F 1049 7.46 -11.92 -41.21
N LEU F 1050 7.29 -12.07 -42.52
CA LEU F 1050 8.37 -11.94 -43.49
C LEU F 1050 7.93 -10.95 -44.56
N HIS F 1051 8.83 -10.05 -44.95
CA HIS F 1051 8.52 -9.01 -45.92
C HIS F 1051 9.45 -9.11 -47.11
N VAL F 1052 8.92 -8.77 -48.30
CA VAL F 1052 9.67 -8.77 -49.53
C VAL F 1052 9.66 -7.35 -50.08
N THR F 1053 10.85 -6.85 -50.47
CA THR F 1053 11.01 -5.44 -50.77
C THR F 1053 11.88 -5.25 -52.00
N TYR F 1054 11.64 -4.16 -52.72
CA TYR F 1054 12.39 -3.79 -53.91
C TYR F 1054 13.28 -2.60 -53.58
N VAL F 1055 14.57 -2.71 -53.91
CA VAL F 1055 15.54 -1.68 -53.55
C VAL F 1055 16.46 -1.34 -54.73
N PRO F 1056 16.53 -0.09 -55.15
CA PRO F 1056 17.48 0.29 -56.20
C PRO F 1056 18.91 0.15 -55.74
N ALA F 1057 19.80 -0.19 -56.69
CA ALA F 1057 21.16 -0.58 -56.34
C ALA F 1057 22.23 0.39 -56.85
N GLN F 1058 22.28 0.66 -58.16
CA GLN F 1058 23.39 1.39 -58.77
C GLN F 1058 22.88 2.59 -59.54
N GLU F 1059 23.44 3.76 -59.24
CA GLU F 1059 22.98 5.01 -59.81
C GLU F 1059 24.07 5.68 -60.63
N LYS F 1060 23.69 6.72 -61.37
CA LYS F 1060 24.61 7.43 -62.24
C LYS F 1060 24.36 8.93 -62.22
N ASN F 1061 24.95 9.67 -63.16
CA ASN F 1061 24.76 11.11 -63.28
C ASN F 1061 24.19 11.43 -64.66
N PHE F 1062 23.30 12.41 -64.71
CA PHE F 1062 22.67 12.82 -65.96
C PHE F 1062 22.27 14.29 -65.86
N THR F 1063 21.94 14.86 -67.01
CA THR F 1063 21.48 16.24 -67.11
C THR F 1063 20.02 16.26 -67.55
N THR F 1064 19.24 17.19 -67.01
CA THR F 1064 17.81 17.23 -67.25
C THR F 1064 17.35 18.65 -67.59
N ALA F 1065 16.19 18.73 -68.24
CA ALA F 1065 15.55 19.98 -68.58
C ALA F 1065 14.06 19.87 -68.34
N PRO F 1066 13.43 20.93 -67.82
CA PRO F 1066 11.99 20.85 -67.54
C PRO F 1066 11.13 20.60 -68.77
N ALA F 1067 11.49 21.17 -69.93
CA ALA F 1067 10.69 21.02 -71.13
C ALA F 1067 11.51 21.43 -72.34
N ILE F 1068 11.03 21.03 -73.52
CA ILE F 1068 11.66 21.37 -74.78
C ILE F 1068 10.58 21.76 -75.77
N CYS F 1069 10.78 22.90 -76.45
CA CYS F 1069 9.82 23.37 -77.44
C CYS F 1069 10.48 23.36 -78.81
N HIS F 1070 9.73 22.89 -79.81
CA HIS F 1070 10.25 22.63 -81.15
C HIS F 1070 9.72 23.60 -82.19
N ASP F 1071 8.40 23.71 -82.33
CA ASP F 1071 7.78 24.62 -83.30
C ASP F 1071 7.19 25.84 -82.59
N GLY F 1072 7.88 26.31 -81.56
CA GLY F 1072 7.36 27.40 -80.75
C GLY F 1072 6.35 26.98 -79.71
N LYS F 1073 6.18 25.68 -79.47
CA LYS F 1073 5.21 25.17 -78.51
C LYS F 1073 5.90 24.19 -77.56
N ALA F 1074 5.68 24.40 -76.27
CA ALA F 1074 6.34 23.59 -75.25
C ALA F 1074 5.81 22.16 -75.26
N HIS F 1075 6.71 21.22 -74.94
CA HIS F 1075 6.38 19.81 -74.85
C HIS F 1075 6.71 19.30 -73.46
N PHE F 1076 5.83 18.46 -72.92
CA PHE F 1076 6.01 17.88 -71.60
C PHE F 1076 5.89 16.36 -71.67
N PRO F 1077 6.58 15.63 -70.80
CA PRO F 1077 6.45 14.17 -70.79
C PRO F 1077 5.13 13.72 -70.20
N ARG F 1078 4.65 12.57 -70.66
CA ARG F 1078 3.43 11.99 -70.09
C ARG F 1078 3.76 11.15 -68.86
N GLU F 1079 4.73 10.27 -68.96
CA GLU F 1079 5.16 9.43 -67.84
C GLU F 1079 6.67 9.25 -67.91
N GLY F 1080 7.39 10.09 -67.19
CA GLY F 1080 8.84 10.06 -67.21
C GLY F 1080 9.45 11.45 -67.21
N VAL F 1081 10.77 11.48 -67.38
CA VAL F 1081 11.53 12.71 -67.32
C VAL F 1081 12.49 12.77 -68.50
N PHE F 1082 12.90 14.00 -68.83
CA PHE F 1082 13.87 14.21 -69.89
C PHE F 1082 15.28 14.08 -69.34
N VAL F 1083 16.11 13.30 -70.03
CA VAL F 1083 17.45 12.98 -69.58
C VAL F 1083 18.43 13.18 -70.73
N SER F 1084 19.54 13.85 -70.45
CA SER F 1084 20.56 14.11 -71.45
C SER F 1084 21.58 12.99 -71.48
N ASN F 1085 22.46 13.04 -72.48
CA ASN F 1085 23.48 12.02 -72.71
C ASN F 1085 24.85 12.61 -72.99
N GLY F 1086 24.92 13.87 -73.39
CA GLY F 1086 26.15 14.52 -73.76
C GLY F 1086 26.02 15.18 -75.11
N THR F 1087 25.32 14.51 -76.02
CA THR F 1087 25.01 15.06 -77.33
C THR F 1087 23.57 14.83 -77.79
N HIS F 1088 22.82 13.95 -77.13
CA HIS F 1088 21.46 13.62 -77.54
C HIS F 1088 20.54 13.64 -76.32
N TRP F 1089 19.24 13.46 -76.56
CA TRP F 1089 18.24 13.48 -75.51
C TRP F 1089 17.30 12.30 -75.68
N PHE F 1090 16.80 11.80 -74.55
CA PHE F 1090 15.89 10.65 -74.55
C PHE F 1090 14.84 10.84 -73.47
N VAL F 1091 13.93 9.88 -73.40
CA VAL F 1091 12.87 9.84 -72.39
C VAL F 1091 12.90 8.49 -71.72
N THR F 1092 12.89 8.48 -70.38
CA THR F 1092 12.98 7.24 -69.62
C THR F 1092 11.98 7.27 -68.48
N GLN F 1093 11.97 6.18 -67.71
CA GLN F 1093 11.13 6.10 -66.53
C GLN F 1093 11.77 6.84 -65.36
N ARG F 1094 11.21 6.65 -64.17
CA ARG F 1094 11.72 7.35 -63.00
C ARG F 1094 12.54 6.42 -62.11
N ASN F 1095 12.19 5.13 -62.08
CA ASN F 1095 12.85 4.18 -61.21
C ASN F 1095 13.71 3.17 -61.97
N PHE F 1096 13.82 3.29 -63.28
CA PHE F 1096 14.64 2.39 -64.07
C PHE F 1096 15.13 3.14 -65.31
N TYR F 1097 16.19 2.63 -65.91
CA TYR F 1097 16.86 3.29 -67.03
C TYR F 1097 16.57 2.53 -68.31
N GLU F 1098 15.73 3.11 -69.16
CA GLU F 1098 15.42 2.55 -70.48
C GLU F 1098 15.24 3.68 -71.46
N PRO F 1099 16.32 4.12 -72.11
CA PRO F 1099 16.21 5.23 -73.05
C PRO F 1099 15.29 4.91 -74.22
N GLN F 1100 14.55 5.92 -74.68
CA GLN F 1100 13.65 5.80 -75.80
C GLN F 1100 13.75 7.07 -76.65
N ILE F 1101 13.22 6.98 -77.88
CA ILE F 1101 13.25 8.10 -78.80
C ILE F 1101 12.10 9.05 -78.47
N ILE F 1102 12.37 10.35 -78.51
CA ILE F 1102 11.35 11.35 -78.22
C ILE F 1102 10.44 11.50 -79.43
N THR F 1103 9.18 11.09 -79.28
CA THR F 1103 8.19 11.18 -80.35
C THR F 1103 6.97 11.94 -79.83
N THR F 1104 5.91 11.95 -80.65
CA THR F 1104 4.65 12.56 -80.25
C THR F 1104 3.73 11.58 -79.54
N ASP F 1105 4.14 10.33 -79.39
CA ASP F 1105 3.32 9.37 -78.64
C ASP F 1105 3.71 9.34 -77.17
N ASN F 1106 4.66 10.18 -76.77
CA ASN F 1106 5.11 10.25 -75.39
C ASN F 1106 4.89 11.61 -74.75
N THR F 1107 4.45 12.60 -75.51
CA THR F 1107 4.39 13.97 -75.03
C THR F 1107 3.06 14.61 -75.37
N PHE F 1108 2.74 15.69 -74.65
CA PHE F 1108 1.57 16.51 -74.92
C PHE F 1108 1.98 17.97 -74.90
N VAL F 1109 1.24 18.79 -75.64
CA VAL F 1109 1.65 20.16 -75.93
C VAL F 1109 0.68 21.14 -75.29
N SER F 1110 1.24 22.21 -74.72
CA SER F 1110 0.44 23.27 -74.13
C SER F 1110 1.23 24.58 -74.02
N GLY F 1111 0.73 25.64 -74.62
CA GLY F 1111 1.39 26.93 -74.56
C GLY F 1111 2.53 27.06 -75.55
N ASN F 1112 3.27 28.16 -75.39
CA ASN F 1112 4.42 28.44 -76.23
C ASN F 1112 5.67 28.51 -75.38
N CYS F 1113 6.78 28.89 -76.00
CA CYS F 1113 8.04 29.00 -75.28
C CYS F 1113 8.08 30.28 -74.46
N ASP F 1114 9.28 30.61 -73.97
CA ASP F 1114 9.60 31.82 -73.22
C ASP F 1114 8.73 32.04 -71.99
N VAL F 1115 8.08 30.97 -71.51
CA VAL F 1115 7.34 31.06 -70.25
C VAL F 1115 7.96 30.13 -69.22
N VAL F 1116 8.22 28.89 -69.60
CA VAL F 1116 8.94 27.96 -68.73
C VAL F 1116 10.41 28.36 -68.69
N ILE F 1117 11.00 28.30 -67.50
CA ILE F 1117 12.31 28.89 -67.30
C ILE F 1117 13.40 28.09 -68.01
N GLY F 1118 13.35 26.76 -67.91
CA GLY F 1118 14.44 25.94 -68.41
C GLY F 1118 14.21 25.25 -69.74
N ILE F 1119 13.61 25.94 -70.70
CA ILE F 1119 13.33 25.34 -72.00
C ILE F 1119 14.65 25.16 -72.76
N VAL F 1120 14.74 24.06 -73.52
CA VAL F 1120 15.92 23.74 -74.30
C VAL F 1120 15.50 23.44 -75.74
N ASN F 1121 16.26 23.96 -76.70
CA ASN F 1121 15.97 23.75 -78.11
C ASN F 1121 16.37 22.34 -78.53
N ASN F 1122 15.42 21.60 -79.12
CA ASN F 1122 15.68 20.28 -79.65
C ASN F 1122 14.59 19.96 -80.68
N THR F 1123 14.49 18.69 -81.08
CA THR F 1123 13.60 18.27 -82.14
C THR F 1123 12.71 17.12 -81.69
N VAL F 1124 11.67 16.86 -82.47
CA VAL F 1124 10.73 15.77 -82.26
C VAL F 1124 10.72 14.89 -83.49
N TYR F 1125 9.88 13.86 -83.48
CA TYR F 1125 9.90 12.88 -84.56
C TYR F 1125 8.64 12.90 -85.43
N ASP F 1126 7.46 12.79 -84.81
CA ASP F 1126 6.19 12.72 -85.54
C ASP F 1126 6.20 11.59 -86.56
N PRO F 1127 6.06 10.34 -86.12
CA PRO F 1127 6.23 9.19 -87.03
C PRO F 1127 5.13 9.00 -88.07
N LEU F 1128 4.24 9.97 -88.23
CA LEU F 1128 3.16 9.82 -89.22
C LEU F 1128 3.60 10.19 -90.63
N GLN F 1129 4.63 11.02 -90.79
CA GLN F 1129 5.02 11.47 -92.12
C GLN F 1129 5.54 10.37 -93.04
N PRO F 1130 6.44 9.46 -92.63
CA PRO F 1130 7.12 8.64 -93.63
C PRO F 1130 6.24 7.63 -94.34
N GLU F 1131 5.16 7.16 -93.71
CA GLU F 1131 4.29 6.19 -94.36
C GLU F 1131 3.48 6.82 -95.48
N LEU F 1132 3.51 8.16 -95.57
CA LEU F 1132 2.82 8.84 -96.66
C LEU F 1132 3.48 8.52 -98.00
N ASP F 1133 4.80 8.46 -98.04
CA ASP F 1133 5.53 8.18 -99.27
C ASP F 1133 5.45 6.70 -99.61
N GLN G 1 -58.95 -40.32 35.45
CA GLN G 1 -58.23 -41.60 35.43
C GLN G 1 -58.20 -42.18 34.02
N CYS G 2 -57.49 -43.29 33.86
CA CYS G 2 -57.37 -43.97 32.58
C CYS G 2 -57.00 -45.43 32.81
N VAL G 3 -57.23 -46.24 31.77
CA VAL G 3 -56.85 -47.63 31.75
C VAL G 3 -56.19 -47.94 30.40
N ASN G 4 -55.35 -48.96 30.38
CA ASN G 4 -54.68 -49.39 29.17
C ASN G 4 -55.72 -49.90 28.18
N LEU G 5 -55.47 -49.67 26.89
CA LEU G 5 -56.29 -50.21 25.82
C LEU G 5 -55.36 -50.92 24.84
N THR G 6 -55.73 -52.15 24.47
CA THR G 6 -54.98 -52.95 23.51
C THR G 6 -55.99 -53.46 22.47
N THR G 7 -56.26 -52.61 21.47
CA THR G 7 -57.19 -52.98 20.40
C THR G 7 -56.71 -52.48 19.05
N ARG G 8 -55.43 -52.15 18.93
CA ARG G 8 -54.87 -51.63 17.69
C ARG G 8 -54.04 -52.70 16.99
N THR G 9 -54.30 -52.88 15.70
CA THR G 9 -53.57 -53.83 14.87
C THR G 9 -52.45 -53.08 14.15
N GLN G 10 -51.27 -53.67 14.14
CA GLN G 10 -50.04 -53.01 13.69
C GLN G 10 -50.10 -52.72 12.20
N LEU G 11 -49.41 -51.67 11.78
CA LEU G 11 -49.35 -51.23 10.39
C LEU G 11 -48.01 -50.55 10.13
N PRO G 12 -47.43 -50.74 8.95
CA PRO G 12 -46.09 -50.17 8.71
C PRO G 12 -46.12 -48.66 8.74
N PRO G 13 -45.00 -48.03 9.11
CA PRO G 13 -45.00 -46.56 9.20
C PRO G 13 -45.21 -45.86 7.86
N ALA G 14 -44.40 -46.21 6.85
CA ALA G 14 -44.47 -45.63 5.51
C ALA G 14 -44.04 -44.17 5.50
N TYR G 15 -43.40 -43.75 4.42
CA TYR G 15 -42.92 -42.38 4.27
C TYR G 15 -43.59 -41.74 3.07
N THR G 16 -43.30 -40.45 2.87
CA THR G 16 -43.77 -39.72 1.70
C THR G 16 -42.77 -38.63 1.38
N ASN G 17 -42.81 -38.15 0.14
CA ASN G 17 -41.90 -37.14 -0.33
C ASN G 17 -42.17 -35.80 0.35
N SER G 18 -41.16 -34.93 0.33
CA SER G 18 -41.28 -33.59 0.85
C SER G 18 -41.40 -32.61 -0.31
N PHE G 19 -42.56 -31.98 -0.42
CA PHE G 19 -42.79 -30.98 -1.44
C PHE G 19 -42.17 -29.65 -0.98
N THR G 20 -42.47 -28.57 -1.70
CA THR G 20 -41.94 -27.25 -1.35
C THR G 20 -42.84 -26.63 -0.29
N ARG G 21 -42.70 -27.12 0.93
CA ARG G 21 -43.45 -26.63 2.08
C ARG G 21 -42.51 -26.40 3.24
N GLY G 22 -42.79 -25.35 4.02
CA GLY G 22 -41.97 -25.05 5.18
C GLY G 22 -41.23 -23.73 5.10
N VAL G 23 -41.83 -22.76 4.43
CA VAL G 23 -41.25 -21.43 4.30
C VAL G 23 -42.01 -20.45 5.18
N TYR G 24 -41.26 -19.63 5.92
CA TYR G 24 -41.85 -18.70 6.87
C TYR G 24 -41.06 -17.39 6.84
N TYR G 25 -41.71 -16.33 7.31
CA TYR G 25 -41.06 -15.02 7.38
C TYR G 25 -39.96 -15.04 8.43
N PRO G 26 -38.74 -14.61 8.11
CA PRO G 26 -37.67 -14.55 9.12
C PRO G 26 -37.57 -13.24 9.87
N ASP G 27 -38.23 -12.18 9.39
CA ASP G 27 -38.17 -10.87 10.03
C ASP G 27 -39.40 -10.08 9.61
N LYS G 28 -39.66 -8.99 10.32
CA LYS G 28 -40.84 -8.16 10.09
C LYS G 28 -40.58 -6.94 9.21
N VAL G 29 -39.71 -7.08 8.21
CA VAL G 29 -39.39 -5.95 7.34
C VAL G 29 -40.05 -6.13 5.98
N PHE G 30 -40.67 -5.06 5.48
CA PHE G 30 -41.39 -5.07 4.22
C PHE G 30 -40.42 -4.94 3.06
N ARG G 31 -40.67 -5.69 1.99
CA ARG G 31 -39.89 -5.65 0.77
C ARG G 31 -40.83 -5.53 -0.42
N SER G 32 -40.27 -5.11 -1.56
CA SER G 32 -41.09 -4.90 -2.76
C SER G 32 -40.28 -5.24 -3.99
N SER G 33 -40.56 -6.40 -4.59
CA SER G 33 -39.97 -6.82 -5.85
C SER G 33 -38.45 -6.84 -5.79
N VAL G 34 -37.91 -7.27 -4.64
CA VAL G 34 -36.47 -7.33 -4.42
C VAL G 34 -36.14 -8.70 -3.84
N LEU G 35 -35.23 -9.41 -4.51
CA LEU G 35 -34.74 -10.71 -4.03
C LEU G 35 -33.85 -10.47 -2.82
N HIS G 36 -33.84 -11.42 -1.89
CA HIS G 36 -33.03 -11.33 -0.69
C HIS G 36 -32.59 -12.71 -0.26
N SER G 37 -31.31 -12.83 0.12
CA SER G 37 -30.73 -14.08 0.58
C SER G 37 -30.75 -14.13 2.10
N THR G 38 -31.17 -15.26 2.65
CA THR G 38 -31.22 -15.44 4.09
C THR G 38 -30.50 -16.72 4.47
N GLN G 39 -30.12 -16.82 5.73
CA GLN G 39 -29.44 -17.99 6.27
C GLN G 39 -30.11 -18.36 7.60
N ASP G 40 -31.14 -19.19 7.53
CA ASP G 40 -31.95 -19.52 8.69
C ASP G 40 -32.22 -21.02 8.70
N LEU G 41 -32.63 -21.52 9.86
CA LEU G 41 -32.97 -22.94 10.03
C LEU G 41 -34.19 -23.27 9.18
N PHE G 42 -34.16 -24.40 8.49
CA PHE G 42 -35.20 -24.75 7.54
C PHE G 42 -35.28 -26.26 7.35
N LEU G 43 -36.40 -26.70 6.79
CA LEU G 43 -36.58 -28.10 6.40
C LEU G 43 -36.15 -28.27 4.96
N PRO G 44 -35.10 -29.06 4.68
CA PRO G 44 -34.63 -29.20 3.31
C PRO G 44 -35.71 -29.79 2.41
N PHE G 45 -35.77 -29.29 1.19
CA PHE G 45 -36.73 -29.81 0.22
C PHE G 45 -36.39 -31.24 -0.14
N PHE G 46 -37.43 -32.04 -0.40
CA PHE G 46 -37.28 -33.45 -0.81
C PHE G 46 -36.49 -34.24 0.24
N SER G 47 -37.07 -34.34 1.42
CA SER G 47 -36.50 -35.10 2.53
C SER G 47 -37.55 -36.06 3.09
N ASN G 48 -37.07 -37.12 3.74
CA ASN G 48 -37.96 -38.14 4.26
C ASN G 48 -38.80 -37.61 5.41
N VAL G 49 -40.11 -37.86 5.33
CA VAL G 49 -41.05 -37.50 6.38
C VAL G 49 -42.01 -38.68 6.58
N THR G 50 -42.64 -38.72 7.76
CA THR G 50 -43.44 -39.85 8.17
C THR G 50 -44.92 -39.58 7.99
N TRP G 51 -45.63 -40.58 7.45
CA TRP G 51 -47.07 -40.53 7.28
C TRP G 51 -47.73 -41.33 8.39
N PHE G 52 -48.73 -40.73 9.03
CA PHE G 52 -49.48 -41.38 10.11
C PHE G 52 -50.92 -41.58 9.69
N HIS G 53 -51.52 -42.66 10.20
CA HIS G 53 -52.90 -43.02 9.90
C HIS G 53 -53.60 -43.56 11.13
N ALA G 54 -54.84 -43.13 11.34
CA ALA G 54 -55.68 -43.70 12.39
C ALA G 54 -57.08 -43.86 11.81
N ILE G 55 -57.33 -45.02 11.19
CA ILE G 55 -58.60 -45.30 10.53
C ILE G 55 -59.02 -46.72 10.86
N HIS G 56 -60.28 -46.89 11.25
CA HIS G 56 -60.86 -48.20 11.50
C HIS G 56 -62.20 -48.31 10.79
N VAL G 57 -62.40 -49.39 10.05
CA VAL G 57 -63.62 -49.59 9.27
C VAL G 57 -63.76 -51.08 9.01
N SER G 58 -65.00 -51.50 8.69
CA SER G 58 -65.34 -52.87 8.32
C SER G 58 -65.15 -53.84 9.48
N GLY G 59 -65.66 -55.05 9.34
CA GLY G 59 -65.57 -56.05 10.39
C GLY G 59 -64.86 -57.32 9.99
N THR G 60 -64.89 -57.64 8.69
CA THR G 60 -64.24 -58.86 8.19
C THR G 60 -62.72 -58.70 8.15
N ASN G 61 -62.23 -57.73 7.39
CA ASN G 61 -60.80 -57.43 7.32
C ASN G 61 -60.49 -56.07 7.95
N GLY G 62 -61.17 -55.73 9.04
CA GLY G 62 -60.99 -54.43 9.64
C GLY G 62 -59.64 -54.26 10.30
N THR G 63 -59.15 -53.02 10.24
CA THR G 63 -57.86 -52.66 10.87
C THR G 63 -58.15 -51.51 11.82
N LYS G 64 -57.98 -51.75 13.12
CA LYS G 64 -58.24 -50.74 14.14
C LYS G 64 -56.95 -49.97 14.41
N ARG G 65 -56.33 -49.47 13.35
CA ARG G 65 -55.13 -48.65 13.46
C ARG G 65 -55.49 -47.33 14.14
N PHE G 66 -54.68 -46.95 15.13
CA PHE G 66 -54.98 -45.74 15.91
C PHE G 66 -53.63 -45.14 16.31
N ASP G 67 -53.39 -43.90 15.88
CA ASP G 67 -52.08 -43.28 16.02
C ASP G 67 -52.07 -42.31 17.19
N ASN G 68 -51.27 -42.63 18.21
CA ASN G 68 -50.94 -41.68 19.26
C ASN G 68 -49.67 -42.08 20.00
N PRO G 69 -48.52 -42.19 19.31
CA PRO G 69 -47.27 -42.48 20.02
C PRO G 69 -46.63 -41.20 20.56
N VAL G 70 -45.43 -41.32 21.09
CA VAL G 70 -44.66 -40.16 21.53
C VAL G 70 -43.33 -40.13 20.80
N LEU G 71 -42.97 -38.96 20.26
CA LEU G 71 -41.79 -38.80 19.44
C LEU G 71 -40.94 -37.64 19.95
N PRO G 72 -39.62 -37.70 19.78
CA PRO G 72 -38.75 -36.64 20.30
C PRO G 72 -39.02 -35.30 19.65
N PHE G 73 -38.80 -34.24 20.43
CA PHE G 73 -39.00 -32.87 19.96
C PHE G 73 -37.90 -32.42 19.02
N ASN G 74 -36.71 -33.00 19.14
CA ASN G 74 -35.56 -32.71 18.25
C ASN G 74 -35.19 -31.23 18.42
N ASP G 75 -34.81 -30.55 17.34
CA ASP G 75 -34.37 -29.16 17.43
C ASP G 75 -35.38 -28.22 16.77
N GLY G 76 -36.28 -28.76 15.97
CA GLY G 76 -37.31 -27.97 15.32
C GLY G 76 -38.44 -28.86 14.87
N VAL G 77 -39.66 -28.44 15.18
CA VAL G 77 -40.85 -29.24 14.94
C VAL G 77 -41.67 -28.60 13.84
N TYR G 78 -42.04 -29.40 12.83
CA TYR G 78 -42.98 -29.00 11.80
C TYR G 78 -44.17 -29.95 11.85
N PHE G 79 -45.37 -29.40 11.91
CA PHE G 79 -46.59 -30.19 12.05
C PHE G 79 -47.63 -29.71 11.05
N ALA G 80 -48.43 -30.65 10.53
CA ALA G 80 -49.50 -30.35 9.59
C ALA G 80 -50.69 -31.23 9.90
N SER G 81 -51.86 -30.85 9.39
CA SER G 81 -53.06 -31.61 9.68
C SER G 81 -54.05 -31.47 8.52
N THR G 82 -54.94 -32.46 8.43
CA THR G 82 -56.03 -32.47 7.47
C THR G 82 -57.16 -33.34 8.01
N GLU G 83 -58.39 -32.91 7.76
CA GLU G 83 -59.54 -33.57 8.38
C GLU G 83 -60.82 -33.08 7.73
N LYS G 84 -61.95 -33.64 8.18
CA LYS G 84 -63.28 -33.15 7.84
C LYS G 84 -63.92 -32.45 9.03
N SER G 85 -64.01 -33.14 10.16
CA SER G 85 -64.51 -32.56 11.40
C SER G 85 -63.31 -32.04 12.20
N ASN G 86 -63.55 -31.69 13.47
CA ASN G 86 -62.48 -31.22 14.34
C ASN G 86 -61.92 -32.40 15.13
N ILE G 87 -60.63 -32.68 14.92
CA ILE G 87 -59.94 -33.77 15.60
C ILE G 87 -58.69 -33.12 16.22
N ILE G 88 -57.83 -33.94 16.85
CA ILE G 88 -56.57 -33.53 17.48
C ILE G 88 -56.69 -32.17 18.17
N ARG G 89 -57.58 -32.09 19.16
CA ARG G 89 -57.84 -30.81 19.81
C ARG G 89 -56.65 -30.34 20.65
N GLY G 90 -56.10 -31.21 21.47
CA GLY G 90 -55.13 -30.79 22.46
C GLY G 90 -53.75 -31.30 22.17
N TRP G 91 -52.78 -30.38 22.20
CA TRP G 91 -51.38 -30.70 22.07
C TRP G 91 -50.71 -30.53 23.43
N ILE G 92 -50.00 -31.57 23.85
CA ILE G 92 -49.29 -31.56 25.13
C ILE G 92 -47.80 -31.79 24.87
N PHE G 93 -46.97 -30.94 25.47
CA PHE G 93 -45.54 -30.96 25.27
C PHE G 93 -44.85 -31.17 26.61
N GLY G 94 -43.70 -31.82 26.60
CA GLY G 94 -42.97 -32.08 27.83
C GLY G 94 -41.60 -32.65 27.55
N THR G 95 -40.99 -33.19 28.60
CA THR G 95 -39.67 -33.81 28.50
C THR G 95 -39.61 -35.24 29.01
N THR G 96 -40.35 -35.58 30.07
CA THR G 96 -40.33 -36.94 30.62
C THR G 96 -41.70 -37.47 31.01
N LEU G 97 -42.77 -36.67 30.87
CA LEU G 97 -44.13 -37.09 31.21
C LEU G 97 -44.23 -37.54 32.67
N ASP G 98 -43.54 -36.81 33.55
CA ASP G 98 -43.67 -37.02 34.99
C ASP G 98 -43.92 -35.66 35.64
N SER G 99 -44.76 -35.66 36.67
CA SER G 99 -45.15 -34.40 37.30
C SER G 99 -44.01 -33.76 38.08
N LYS G 100 -42.89 -34.45 38.25
CA LYS G 100 -41.75 -33.87 38.96
C LYS G 100 -40.92 -32.96 38.07
N THR G 101 -41.32 -32.78 36.81
CA THR G 101 -40.70 -31.81 35.92
C THR G 101 -41.77 -30.82 35.48
N GLN G 102 -41.35 -29.78 34.77
CA GLN G 102 -42.26 -28.74 34.30
C GLN G 102 -42.55 -28.89 32.81
N SER G 103 -43.81 -28.70 32.46
CA SER G 103 -44.28 -28.83 31.08
C SER G 103 -45.44 -27.86 30.88
N LEU G 104 -46.19 -28.07 29.80
CA LEU G 104 -47.35 -27.25 29.48
C LEU G 104 -48.56 -28.13 29.20
N LEU G 105 -49.72 -27.49 29.09
CA LEU G 105 -50.97 -28.18 28.79
C LEU G 105 -51.88 -27.22 28.02
N ILE G 106 -52.50 -27.72 26.96
CA ILE G 106 -53.43 -26.95 26.15
C ILE G 106 -54.69 -27.79 25.99
N VAL G 107 -55.86 -27.17 26.13
CA VAL G 107 -57.13 -27.87 26.05
C VAL G 107 -58.04 -27.14 25.06
N ASN G 108 -58.65 -27.91 24.17
CA ASN G 108 -59.68 -27.41 23.27
C ASN G 108 -60.91 -28.31 23.43
N ASN G 109 -61.75 -27.99 24.41
CA ASN G 109 -62.89 -28.83 24.77
C ASN G 109 -64.21 -28.32 24.19
N ALA G 110 -64.16 -27.66 23.03
CA ALA G 110 -65.34 -27.25 22.27
C ALA G 110 -66.14 -26.15 22.97
N THR G 111 -65.75 -25.78 24.19
CA THR G 111 -66.42 -24.69 24.90
C THR G 111 -65.45 -23.56 25.26
N ASN G 112 -64.29 -23.88 25.82
CA ASN G 112 -63.30 -22.88 26.20
C ASN G 112 -61.94 -23.28 25.65
N VAL G 113 -61.30 -22.35 24.95
CA VAL G 113 -59.90 -22.53 24.60
C VAL G 113 -59.05 -22.19 25.81
N VAL G 114 -58.21 -23.13 26.21
CA VAL G 114 -57.39 -23.01 27.42
C VAL G 114 -55.93 -23.18 27.03
N ILE G 115 -55.11 -22.19 27.39
CA ILE G 115 -53.67 -22.23 27.15
C ILE G 115 -52.98 -22.17 28.51
N LYS G 116 -52.13 -23.15 28.78
CA LYS G 116 -51.49 -23.26 30.08
C LYS G 116 -50.08 -23.81 29.91
N VAL G 117 -49.20 -23.46 30.83
CA VAL G 117 -47.90 -24.10 30.97
C VAL G 117 -47.79 -24.61 32.41
N CYS G 118 -48.20 -25.86 32.63
CA CYS G 118 -48.43 -26.34 33.98
C CYS G 118 -47.95 -27.78 34.08
N GLU G 119 -47.97 -28.30 35.30
CA GLU G 119 -47.43 -29.63 35.59
C GLU G 119 -48.55 -30.57 36.01
N PHE G 120 -48.66 -31.70 35.31
CA PHE G 120 -49.61 -32.76 35.65
C PHE G 120 -48.96 -34.12 35.42
N GLN G 121 -49.77 -35.18 35.41
CA GLN G 121 -49.29 -36.53 35.11
C GLN G 121 -50.25 -37.15 34.09
N PHE G 122 -49.68 -37.87 33.13
CA PHE G 122 -50.49 -38.53 32.10
C PHE G 122 -50.02 -39.96 31.90
N CYS G 123 -50.96 -40.85 31.58
CA CYS G 123 -50.67 -42.25 31.33
C CYS G 123 -50.32 -42.44 29.86
N ASN G 124 -50.31 -43.69 29.41
CA ASN G 124 -49.99 -43.98 28.01
C ASN G 124 -50.93 -43.25 27.06
N ASP G 125 -52.23 -43.40 27.28
CA ASP G 125 -53.25 -42.93 26.33
C ASP G 125 -54.30 -42.09 27.04
N PRO G 126 -53.97 -40.85 27.38
CA PRO G 126 -55.02 -39.92 27.81
C PRO G 126 -55.72 -39.31 26.61
N PHE G 127 -57.02 -39.53 26.51
CA PHE G 127 -57.78 -39.11 25.34
C PHE G 127 -59.10 -38.50 25.78
N LEU G 128 -59.86 -38.05 24.79
CA LEU G 128 -61.21 -37.55 24.97
C LEU G 128 -62.17 -38.46 24.20
N GLY G 129 -63.44 -38.05 24.14
CA GLY G 129 -64.41 -38.78 23.37
C GLY G 129 -65.74 -38.08 23.32
N VAL G 130 -66.53 -38.43 22.30
CA VAL G 130 -67.89 -37.96 22.15
C VAL G 130 -68.80 -39.18 22.02
N TYR G 131 -69.97 -39.09 22.65
CA TYR G 131 -70.88 -40.21 22.76
C TYR G 131 -72.15 -39.95 21.96
N TYR G 132 -72.35 -40.76 20.92
CA TYR G 132 -73.52 -40.68 20.06
C TYR G 132 -74.76 -41.06 20.86
N HIS G 133 -75.79 -40.23 20.78
CA HIS G 133 -77.07 -40.46 21.45
C HIS G 133 -76.88 -40.67 22.95
N LYS G 134 -76.48 -39.60 23.63
CA LYS G 134 -76.38 -39.62 25.08
C LYS G 134 -77.75 -39.53 25.75
N ASN G 135 -78.83 -39.80 25.01
CA ASN G 135 -80.21 -39.73 25.49
C ASN G 135 -80.58 -38.28 25.81
N ASN G 136 -79.85 -37.33 25.21
CA ASN G 136 -80.21 -35.93 25.32
C ASN G 136 -80.69 -35.35 24.00
N LYS G 137 -80.95 -36.20 23.00
CA LYS G 137 -81.30 -35.80 21.64
C LYS G 137 -80.16 -35.07 20.95
N SER G 138 -80.22 -35.01 19.62
CA SER G 138 -79.26 -34.31 18.76
C SER G 138 -77.91 -35.04 18.71
N TRP G 139 -77.74 -36.08 19.53
CA TRP G 139 -76.60 -36.98 19.50
C TRP G 139 -75.27 -36.29 19.76
N MET G 140 -74.21 -37.09 19.93
CA MET G 140 -72.84 -36.59 20.07
C MET G 140 -72.70 -35.63 21.26
N GLU G 141 -72.91 -36.16 22.46
CA GLU G 141 -72.59 -35.44 23.69
C GLU G 141 -71.81 -36.37 24.62
N SER G 142 -70.72 -35.85 25.16
CA SER G 142 -69.89 -36.59 26.12
C SER G 142 -68.91 -35.61 26.77
N GLU G 143 -68.05 -36.15 27.62
CA GLU G 143 -67.05 -35.40 28.36
C GLU G 143 -65.70 -36.11 28.20
N PHE G 144 -64.71 -35.68 29.00
CA PHE G 144 -63.37 -36.25 28.92
C PHE G 144 -62.95 -36.76 30.29
N ARG G 145 -62.08 -37.77 30.27
CA ARG G 145 -61.43 -38.29 31.47
C ARG G 145 -59.95 -38.46 31.15
N VAL G 146 -59.15 -37.42 31.36
CA VAL G 146 -57.77 -37.42 30.93
C VAL G 146 -56.82 -37.57 32.12
N TYR G 147 -56.87 -36.62 33.05
CA TYR G 147 -55.89 -36.55 34.11
C TYR G 147 -56.57 -36.67 35.47
N SER G 148 -55.86 -37.33 36.40
CA SER G 148 -56.28 -37.42 37.79
C SER G 148 -55.19 -36.95 38.72
N SER G 149 -54.20 -36.22 38.19
CA SER G 149 -53.07 -35.75 38.97
C SER G 149 -52.83 -34.28 38.63
N ALA G 150 -52.23 -33.56 39.57
CA ALA G 150 -52.01 -32.13 39.41
C ALA G 150 -50.80 -31.70 40.22
N ASN G 151 -50.29 -30.52 39.90
CA ASN G 151 -49.14 -29.95 40.59
C ASN G 151 -49.13 -28.44 40.36
N ASN G 152 -48.49 -27.73 41.29
CA ASN G 152 -48.36 -26.28 41.16
C ASN G 152 -47.45 -25.95 39.98
N CYS G 153 -47.63 -24.75 39.43
CA CYS G 153 -46.93 -24.39 38.21
C CYS G 153 -46.82 -22.87 38.13
N THR G 154 -46.47 -22.36 36.94
CA THR G 154 -45.99 -21.00 36.79
C THR G 154 -47.00 -20.06 36.10
N PHE G 155 -47.53 -20.43 34.94
CA PHE G 155 -48.40 -19.54 34.17
C PHE G 155 -49.56 -20.33 33.59
N GLU G 156 -50.72 -19.68 33.51
CA GLU G 156 -51.92 -20.27 32.94
C GLU G 156 -52.77 -19.16 32.32
N TYR G 157 -53.68 -19.54 31.43
CA TYR G 157 -54.54 -18.56 30.79
C TYR G 157 -55.83 -19.21 30.35
N VAL G 158 -56.93 -18.47 30.41
CA VAL G 158 -58.24 -18.91 29.95
C VAL G 158 -58.85 -17.78 29.13
N SER G 159 -59.54 -18.14 28.05
CA SER G 159 -60.02 -17.14 27.10
C SER G 159 -61.54 -17.17 26.99
N GLN G 160 -62.05 -16.39 26.03
CA GLN G 160 -63.49 -16.25 25.84
C GLN G 160 -64.09 -17.57 25.35
N PRO G 161 -65.29 -17.91 25.78
CA PRO G 161 -65.93 -19.15 25.30
C PRO G 161 -66.37 -19.03 23.85
N PHE G 162 -66.97 -20.11 23.34
CA PHE G 162 -67.43 -20.19 21.97
C PHE G 162 -68.42 -21.34 21.86
N LEU G 163 -68.76 -21.68 20.62
CA LEU G 163 -69.63 -22.82 20.32
C LEU G 163 -68.98 -23.67 19.23
N MET G 164 -69.06 -24.99 19.38
CA MET G 164 -68.50 -25.92 18.41
C MET G 164 -69.57 -26.90 17.99
N ASP G 165 -69.53 -27.28 16.72
CA ASP G 165 -70.48 -28.23 16.14
C ASP G 165 -69.81 -29.57 15.94
N LEU G 166 -70.46 -30.63 16.41
CA LEU G 166 -69.94 -31.99 16.32
C LEU G 166 -70.79 -32.87 15.41
N GLU G 167 -71.25 -32.32 14.29
CA GLU G 167 -72.08 -33.10 13.37
C GLU G 167 -71.24 -34.13 12.62
N GLY G 168 -70.23 -33.67 11.89
CA GLY G 168 -69.36 -34.58 11.16
C GLY G 168 -69.91 -34.99 9.82
N LYS G 169 -69.03 -35.09 8.82
CA LYS G 169 -69.39 -35.49 7.47
C LYS G 169 -68.54 -36.68 7.04
N GLN G 170 -69.12 -37.51 6.15
CA GLN G 170 -68.45 -38.69 5.63
C GLN G 170 -68.00 -38.42 4.21
N GLY G 171 -66.73 -38.70 3.94
CA GLY G 171 -66.18 -38.48 2.61
C GLY G 171 -64.73 -38.04 2.61
N ASN G 172 -64.37 -37.23 1.62
CA ASN G 172 -62.99 -36.77 1.50
C ASN G 172 -62.63 -35.80 2.62
N PHE G 173 -61.36 -35.85 3.02
CA PHE G 173 -60.83 -34.88 3.97
C PHE G 173 -60.96 -33.48 3.39
N LYS G 174 -61.44 -32.55 4.21
CA LYS G 174 -61.78 -31.21 3.74
C LYS G 174 -61.18 -30.13 4.62
N ASN G 175 -59.90 -30.26 4.97
CA ASN G 175 -59.21 -29.22 5.73
C ASN G 175 -57.72 -29.37 5.53
N LEU G 176 -57.00 -28.26 5.68
CA LEU G 176 -55.54 -28.32 5.74
C LEU G 176 -55.06 -27.29 6.73
N ARG G 177 -53.95 -27.59 7.41
CA ARG G 177 -53.34 -26.67 8.36
C ARG G 177 -51.84 -26.91 8.39
N GLU G 178 -51.08 -25.86 8.68
CA GLU G 178 -49.62 -25.95 8.73
C GLU G 178 -49.10 -25.10 9.88
N PHE G 179 -48.39 -25.75 10.80
CA PHE G 179 -47.89 -25.09 11.99
C PHE G 179 -46.42 -25.45 12.18
N VAL G 180 -45.62 -24.42 12.45
CA VAL G 180 -44.17 -24.57 12.61
C VAL G 180 -43.79 -24.17 14.03
N PHE G 181 -43.02 -25.04 14.70
CA PHE G 181 -42.59 -24.80 16.06
C PHE G 181 -41.07 -24.64 16.07
N LYS G 182 -40.57 -23.71 16.89
CA LYS G 182 -39.15 -23.46 17.00
C LYS G 182 -38.85 -22.72 18.29
N ASN G 183 -37.67 -23.00 18.84
CA ASN G 183 -37.20 -22.36 20.07
C ASN G 183 -35.77 -21.89 19.86
N ILE G 184 -35.48 -20.67 20.31
CA ILE G 184 -34.14 -20.11 20.22
C ILE G 184 -33.94 -19.18 21.41
N ASP G 185 -32.77 -19.27 22.03
CA ASP G 185 -32.41 -18.48 23.23
C ASP G 185 -33.45 -18.81 24.31
N GLY G 186 -34.42 -17.94 24.57
CA GLY G 186 -35.41 -18.21 25.59
C GLY G 186 -36.84 -18.02 25.10
N TYR G 187 -36.99 -17.41 23.94
CA TYR G 187 -38.31 -17.16 23.38
C TYR G 187 -38.78 -18.37 22.57
N PHE G 188 -40.09 -18.58 22.55
CA PHE G 188 -40.72 -19.64 21.79
C PHE G 188 -41.70 -19.03 20.80
N LYS G 189 -41.42 -19.18 19.51
CA LYS G 189 -42.22 -18.59 18.46
C LYS G 189 -42.87 -19.69 17.65
N ILE G 190 -44.13 -19.47 17.24
CA ILE G 190 -44.88 -20.41 16.44
C ILE G 190 -45.50 -19.66 15.27
N TYR G 191 -45.89 -20.39 14.23
CA TYR G 191 -46.52 -19.81 13.06
C TYR G 191 -47.64 -20.74 12.58
N SER G 192 -48.62 -20.16 11.86
CA SER G 192 -49.80 -20.88 11.48
C SER G 192 -50.23 -20.50 10.06
N LYS G 193 -51.09 -21.33 9.48
CA LYS G 193 -51.69 -21.08 8.18
C LYS G 193 -52.87 -22.01 7.98
N HIS G 194 -53.99 -21.45 7.54
CA HIS G 194 -55.23 -22.19 7.32
C HIS G 194 -55.75 -21.93 5.91
N THR G 195 -56.36 -22.96 5.33
CA THR G 195 -56.88 -22.86 3.96
C THR G 195 -57.88 -23.98 3.72
N PRO G 196 -59.02 -23.70 3.11
CA PRO G 196 -59.94 -24.78 2.72
C PRO G 196 -59.36 -25.66 1.62
N ILE G 197 -59.73 -26.94 1.68
CA ILE G 197 -59.25 -27.94 0.74
C ILE G 197 -60.32 -29.00 0.56
N ASN G 198 -60.13 -29.87 -0.44
CA ASN G 198 -61.04 -30.98 -0.71
C ASN G 198 -60.27 -32.26 -1.00
N LEU G 199 -58.96 -32.26 -0.75
CA LEU G 199 -58.11 -33.40 -1.03
C LEU G 199 -58.46 -34.57 -0.11
N VAL G 200 -58.72 -35.71 -0.71
CA VAL G 200 -59.17 -36.91 0.00
C VAL G 200 -58.04 -37.50 0.85
N ARG G 201 -56.82 -37.52 0.33
CA ARG G 201 -55.69 -38.12 1.03
C ARG G 201 -54.38 -37.55 0.51
N ASP G 202 -53.31 -37.79 1.29
CA ASP G 202 -51.94 -37.46 0.95
C ASP G 202 -51.67 -35.95 0.97
N LEU G 203 -50.42 -35.56 1.25
CA LEU G 203 -50.01 -34.18 1.27
C LEU G 203 -50.05 -33.57 -0.13
N PRO G 204 -50.47 -32.32 -0.25
CA PRO G 204 -50.58 -31.68 -1.56
C PRO G 204 -49.23 -31.12 -2.03
N GLN G 205 -49.28 -30.42 -3.15
CA GLN G 205 -48.11 -29.79 -3.74
C GLN G 205 -48.39 -28.31 -3.99
N GLY G 206 -47.40 -27.48 -3.71
CA GLY G 206 -47.56 -26.04 -3.90
C GLY G 206 -46.59 -25.27 -3.03
N PHE G 207 -46.82 -23.96 -2.97
CA PHE G 207 -45.98 -23.05 -2.20
C PHE G 207 -46.87 -22.17 -1.34
N SER G 208 -46.53 -22.10 -0.05
CA SER G 208 -47.31 -21.30 0.89
C SER G 208 -46.44 -20.95 2.10
N ALA G 209 -46.54 -19.70 2.52
CA ALA G 209 -45.74 -19.18 3.62
C ALA G 209 -46.56 -19.10 4.89
N LEU G 210 -45.87 -18.96 6.02
CA LEU G 210 -46.50 -18.93 7.34
C LEU G 210 -46.41 -17.53 7.93
N GLU G 211 -47.21 -17.30 8.99
CA GLU G 211 -47.31 -16.00 9.63
C GLU G 211 -47.34 -16.19 11.14
N PRO G 212 -46.78 -15.25 11.92
CA PRO G 212 -46.81 -15.39 13.39
C PRO G 212 -48.22 -15.40 13.98
N LEU G 213 -48.43 -16.21 15.02
CA LEU G 213 -49.69 -16.20 15.76
C LEU G 213 -49.49 -16.07 17.26
N VAL G 214 -48.46 -16.71 17.82
CA VAL G 214 -48.15 -16.62 19.24
C VAL G 214 -46.63 -16.59 19.41
N ASP G 215 -46.14 -15.68 20.26
CA ASP G 215 -44.74 -15.60 20.62
C ASP G 215 -44.61 -15.37 22.12
N LEU G 216 -43.95 -16.31 22.81
CA LEU G 216 -43.79 -16.21 24.25
C LEU G 216 -42.40 -16.68 24.66
N PRO G 217 -41.87 -16.17 25.76
CA PRO G 217 -40.60 -16.67 26.30
C PRO G 217 -40.84 -17.76 27.34
N ILE G 218 -40.02 -18.81 27.28
CA ILE G 218 -40.21 -19.95 28.19
C ILE G 218 -38.94 -20.17 29.01
N GLY G 219 -37.84 -20.49 28.33
CA GLY G 219 -36.59 -20.72 29.02
C GLY G 219 -36.47 -22.05 29.74
N ILE G 220 -37.18 -23.08 29.30
CA ILE G 220 -37.12 -24.39 29.94
C ILE G 220 -36.70 -25.42 28.90
N ASN G 221 -36.61 -26.68 29.35
CA ASN G 221 -36.20 -27.79 28.50
C ASN G 221 -37.44 -28.46 27.90
N ILE G 222 -37.28 -29.01 26.70
CA ILE G 222 -38.32 -29.75 26.01
C ILE G 222 -37.69 -30.96 25.34
N THR G 223 -38.34 -32.11 25.43
CA THR G 223 -37.82 -33.32 24.82
C THR G 223 -38.85 -34.06 23.97
N ARG G 224 -40.12 -34.06 24.38
CA ARG G 224 -41.13 -34.85 23.69
C ARG G 224 -42.41 -34.04 23.56
N PHE G 225 -43.40 -34.64 22.89
CA PHE G 225 -44.70 -34.03 22.68
C PHE G 225 -45.72 -35.11 22.41
N GLN G 226 -46.99 -34.76 22.57
CA GLN G 226 -48.08 -35.69 22.30
C GLN G 226 -49.33 -34.88 21.97
N THR G 227 -50.29 -35.53 21.32
CA THR G 227 -51.53 -34.90 20.91
C THR G 227 -52.72 -35.73 21.35
N LEU G 228 -53.76 -35.05 21.83
CA LEU G 228 -55.02 -35.68 22.19
C LEU G 228 -55.86 -35.90 20.93
N LEU G 229 -56.93 -36.67 21.08
CA LEU G 229 -57.79 -37.06 19.98
C LEU G 229 -59.25 -37.08 20.44
N ALA G 230 -60.14 -37.50 19.55
CA ALA G 230 -61.56 -37.62 19.83
C ALA G 230 -62.06 -38.95 19.29
N LEU G 231 -63.13 -39.45 19.89
CA LEU G 231 -63.69 -40.73 19.50
C LEU G 231 -65.21 -40.69 19.64
N HIS G 232 -65.86 -41.53 18.84
CA HIS G 232 -67.31 -41.69 18.86
C HIS G 232 -67.69 -42.84 19.78
N ARG G 233 -68.97 -43.21 19.78
CA ARG G 233 -69.42 -44.30 20.61
C ARG G 233 -68.87 -45.62 20.09
N SER G 234 -68.78 -46.61 20.99
CA SER G 234 -68.17 -47.88 20.65
C SER G 234 -69.01 -48.71 19.70
N TYR G 235 -70.26 -48.30 19.44
CA TYR G 235 -71.21 -49.09 18.68
C TYR G 235 -71.37 -50.45 19.33
N LEU G 236 -71.26 -50.48 20.65
CA LEU G 236 -71.25 -51.70 21.45
C LEU G 236 -71.47 -51.33 22.91
N THR G 237 -71.26 -52.30 23.79
CA THR G 237 -71.38 -52.11 25.24
C THR G 237 -70.09 -52.53 25.94
N PRO G 238 -69.02 -51.75 25.74
CA PRO G 238 -67.71 -52.16 26.27
C PRO G 238 -67.60 -51.94 27.77
N GLY G 239 -66.70 -52.69 28.41
CA GLY G 239 -66.42 -52.50 29.82
C GLY G 239 -65.47 -51.38 30.13
N ASP G 240 -65.04 -50.65 29.11
CA ASP G 240 -64.11 -49.52 29.18
C ASP G 240 -62.71 -49.93 29.61
N SER G 241 -62.46 -51.21 29.86
CA SER G 241 -61.14 -51.72 30.18
C SER G 241 -60.58 -52.44 28.97
N SER G 242 -59.36 -52.08 28.58
CA SER G 242 -58.71 -52.54 27.35
C SER G 242 -59.52 -52.21 26.11
N SER G 243 -60.35 -51.17 26.17
CA SER G 243 -61.20 -50.76 25.05
C SER G 243 -60.72 -49.40 24.55
N GLY G 244 -60.38 -49.34 23.26
CA GLY G 244 -59.96 -48.09 22.65
C GLY G 244 -61.09 -47.39 21.92
N TRP G 245 -62.31 -47.81 22.20
CA TRP G 245 -63.53 -47.28 21.55
C TRP G 245 -63.38 -47.52 20.04
N THR G 246 -63.91 -46.64 19.20
CA THR G 246 -63.80 -46.78 17.76
C THR G 246 -62.97 -45.64 17.19
N ALA G 247 -61.94 -46.00 16.42
CA ALA G 247 -61.05 -45.03 15.81
C ALA G 247 -61.77 -44.27 14.71
N GLY G 248 -61.42 -43.00 14.56
CA GLY G 248 -62.02 -42.15 13.55
C GLY G 248 -61.15 -41.98 12.32
N ALA G 249 -60.60 -40.77 12.14
CA ALA G 249 -59.75 -40.47 10.99
C ALA G 249 -58.77 -39.38 11.41
N ALA G 250 -57.47 -39.73 11.42
CA ALA G 250 -56.44 -38.78 11.80
C ALA G 250 -55.35 -38.80 10.74
N ALA G 251 -54.70 -37.65 10.55
CA ALA G 251 -53.66 -37.52 9.54
C ALA G 251 -52.77 -36.35 9.89
N TYR G 252 -51.52 -36.66 10.23
CA TYR G 252 -50.52 -35.64 10.53
C TYR G 252 -49.14 -36.25 10.34
N TYR G 253 -48.14 -35.37 10.27
CA TYR G 253 -46.78 -35.76 9.91
C TYR G 253 -45.77 -35.09 10.83
N VAL G 254 -44.50 -35.22 10.49
CA VAL G 254 -43.40 -34.70 11.29
C VAL G 254 -42.46 -33.91 10.40
N GLY G 255 -41.64 -33.05 11.00
CA GLY G 255 -40.65 -32.28 10.27
C GLY G 255 -39.54 -31.84 11.19
N TYR G 256 -38.40 -31.53 10.57
CA TYR G 256 -37.21 -31.08 11.28
C TYR G 256 -36.67 -29.81 10.64
N LEU G 257 -35.61 -29.27 11.25
CA LEU G 257 -34.99 -28.05 10.78
C LEU G 257 -33.47 -28.19 10.77
N GLN G 258 -32.85 -27.60 9.75
CA GLN G 258 -31.41 -27.51 9.60
C GLN G 258 -31.06 -26.17 8.99
N PRO G 259 -29.84 -25.68 9.21
CA PRO G 259 -29.44 -24.38 8.63
C PRO G 259 -29.26 -24.50 7.12
N ARG G 260 -30.10 -23.75 6.38
CA ARG G 260 -30.04 -23.73 4.93
C ARG G 260 -30.07 -22.28 4.46
N THR G 261 -29.41 -22.02 3.33
CA THR G 261 -29.33 -20.69 2.75
C THR G 261 -30.35 -20.59 1.63
N PHE G 262 -31.27 -19.63 1.76
CA PHE G 262 -32.38 -19.49 0.83
C PHE G 262 -32.38 -18.10 0.22
N LEU G 263 -33.06 -17.95 -0.91
CA LEU G 263 -33.38 -16.66 -1.48
C LEU G 263 -34.87 -16.63 -1.79
N LEU G 264 -35.55 -15.59 -1.30
CA LEU G 264 -37.01 -15.51 -1.30
C LEU G 264 -37.48 -14.38 -2.20
N LYS G 265 -38.40 -14.70 -3.12
CA LYS G 265 -39.01 -13.71 -3.99
C LYS G 265 -40.17 -13.03 -3.26
N TYR G 266 -40.37 -11.76 -3.54
CA TYR G 266 -41.45 -10.98 -2.94
C TYR G 266 -42.40 -10.47 -4.01
N ASN G 267 -43.33 -9.62 -3.59
CA ASN G 267 -44.38 -9.10 -4.46
C ASN G 267 -44.80 -7.72 -3.95
N GLU G 268 -45.44 -6.95 -4.84
CA GLU G 268 -45.87 -5.61 -4.49
C GLU G 268 -46.86 -5.63 -3.33
N ASN G 269 -47.67 -6.68 -3.23
CA ASN G 269 -48.55 -6.82 -2.07
C ASN G 269 -47.83 -7.52 -0.93
N GLY G 270 -46.50 -7.47 -0.92
CA GLY G 270 -45.72 -8.17 0.07
C GLY G 270 -45.81 -9.66 -0.16
N THR G 271 -45.68 -10.41 0.94
CA THR G 271 -45.78 -11.86 0.92
C THR G 271 -44.74 -12.51 0.01
N ILE G 272 -44.81 -13.83 -0.11
CA ILE G 272 -43.85 -14.59 -0.90
C ILE G 272 -44.59 -15.21 -2.08
N THR G 273 -43.83 -15.63 -3.10
CA THR G 273 -44.45 -16.30 -4.24
C THR G 273 -43.79 -17.64 -4.52
N ASP G 274 -42.47 -17.71 -4.35
CA ASP G 274 -41.73 -18.95 -4.54
C ASP G 274 -40.36 -18.82 -3.89
N ALA G 275 -39.57 -19.88 -3.98
CA ALA G 275 -38.24 -19.92 -3.38
C ALA G 275 -37.38 -20.95 -4.10
N VAL G 276 -36.05 -20.81 -3.93
CA VAL G 276 -35.09 -21.77 -4.54
C VAL G 276 -34.07 -22.13 -3.45
N ASP G 277 -33.63 -23.39 -3.39
CA ASP G 277 -32.65 -23.82 -2.36
C ASP G 277 -31.35 -24.29 -3.04
N CYS G 278 -30.22 -23.64 -2.75
CA CYS G 278 -28.92 -24.10 -3.31
C CYS G 278 -28.34 -25.21 -2.44
N ALA G 279 -27.15 -25.71 -2.80
CA ALA G 279 -26.57 -26.94 -2.20
C ALA G 279 -27.63 -28.04 -2.16
N LEU G 280 -28.36 -28.24 -3.27
CA LEU G 280 -29.42 -29.27 -3.33
C LEU G 280 -29.42 -29.82 -4.76
N ASP G 281 -29.47 -28.93 -5.75
CA ASP G 281 -29.41 -29.36 -7.18
C ASP G 281 -28.33 -28.53 -7.89
N PRO G 282 -27.42 -29.06 -8.76
CA PRO G 282 -26.48 -28.17 -9.44
C PRO G 282 -27.14 -27.03 -10.18
N LEU G 283 -28.33 -27.26 -10.76
CA LEU G 283 -29.01 -26.19 -11.48
C LEU G 283 -29.41 -25.07 -10.54
N SER G 284 -29.90 -25.41 -9.34
CA SER G 284 -30.30 -24.38 -8.39
C SER G 284 -29.10 -23.62 -7.85
N GLU G 285 -27.94 -24.29 -7.73
CA GLU G 285 -26.77 -23.63 -7.18
C GLU G 285 -26.32 -22.47 -8.07
N THR G 286 -26.39 -22.65 -9.40
CA THR G 286 -26.03 -21.56 -10.30
C THR G 286 -26.99 -20.38 -10.18
N LYS G 287 -28.26 -20.66 -9.86
CA LYS G 287 -29.21 -19.57 -9.66
C LYS G 287 -28.82 -18.71 -8.47
N CYS G 288 -28.36 -19.34 -7.39
CA CYS G 288 -27.98 -18.59 -6.20
C CYS G 288 -26.79 -17.67 -6.46
N THR G 289 -25.80 -18.16 -7.22
CA THR G 289 -24.62 -17.36 -7.47
C THR G 289 -24.85 -16.25 -8.48
N LEU G 290 -26.00 -16.23 -9.15
CA LEU G 290 -26.32 -15.20 -10.14
C LEU G 290 -27.50 -14.32 -9.74
N LYS G 291 -28.27 -14.72 -8.73
CA LYS G 291 -29.40 -13.93 -8.23
C LYS G 291 -30.43 -13.66 -9.33
N SER G 292 -30.93 -14.74 -9.94
CA SER G 292 -31.99 -14.62 -10.93
C SER G 292 -32.72 -15.95 -11.05
N PHE G 293 -33.95 -15.88 -11.55
CA PHE G 293 -34.76 -17.08 -11.75
C PHE G 293 -34.65 -17.64 -13.17
N THR G 294 -33.88 -16.99 -14.03
CA THR G 294 -33.63 -17.49 -15.38
C THR G 294 -32.15 -17.38 -15.68
N VAL G 295 -31.62 -18.39 -16.36
CA VAL G 295 -30.21 -18.43 -16.75
C VAL G 295 -30.14 -18.74 -18.24
N GLU G 296 -29.21 -18.09 -18.94
CA GLU G 296 -29.07 -18.23 -20.37
C GLU G 296 -27.99 -19.27 -20.69
N LYS G 297 -27.82 -19.54 -21.98
CA LYS G 297 -26.78 -20.46 -22.43
C LYS G 297 -25.41 -19.94 -22.03
N GLY G 298 -24.59 -20.82 -21.49
CA GLY G 298 -23.24 -20.44 -21.10
C GLY G 298 -22.68 -21.42 -20.09
N ILE G 299 -21.47 -21.11 -19.63
CA ILE G 299 -20.76 -21.90 -18.65
C ILE G 299 -20.36 -21.00 -17.49
N TYR G 300 -20.61 -21.45 -16.27
CA TYR G 300 -20.32 -20.67 -15.08
C TYR G 300 -19.61 -21.53 -14.05
N GLN G 301 -18.80 -20.87 -13.22
CA GLN G 301 -18.09 -21.53 -12.13
C GLN G 301 -18.76 -21.13 -10.82
N THR G 302 -18.97 -22.11 -9.94
CA THR G 302 -19.75 -21.90 -8.73
C THR G 302 -18.93 -22.05 -7.45
N SER G 303 -18.27 -23.19 -7.24
CA SER G 303 -17.65 -23.47 -5.96
C SER G 303 -16.44 -24.36 -6.18
N ASN G 304 -15.96 -24.98 -5.10
CA ASN G 304 -14.79 -25.83 -5.12
C ASN G 304 -15.09 -27.11 -4.35
N PHE G 305 -14.17 -28.07 -4.42
CA PHE G 305 -14.30 -29.31 -3.69
C PHE G 305 -12.96 -29.71 -3.09
N ARG G 306 -13.01 -30.20 -1.85
CA ARG G 306 -11.84 -30.69 -1.16
C ARG G 306 -12.15 -32.05 -0.56
N VAL G 307 -11.12 -32.90 -0.47
CA VAL G 307 -11.26 -34.24 0.06
C VAL G 307 -10.96 -34.21 1.55
N GLN G 308 -11.92 -34.63 2.35
CA GLN G 308 -11.85 -34.61 3.80
C GLN G 308 -10.96 -35.73 4.31
N PRO G 309 -10.35 -35.56 5.47
CA PRO G 309 -9.56 -36.63 6.08
C PRO G 309 -10.47 -37.71 6.67
N THR G 310 -9.88 -38.86 6.97
CA THR G 310 -10.62 -40.00 7.48
C THR G 310 -10.31 -40.38 8.91
N GLU G 311 -9.08 -40.15 9.40
CA GLU G 311 -8.70 -40.57 10.74
C GLU G 311 -7.60 -39.64 11.25
N SER G 312 -7.37 -39.69 12.56
CA SER G 312 -6.35 -38.88 13.22
C SER G 312 -5.24 -39.77 13.75
N ILE G 313 -4.00 -39.43 13.43
CA ILE G 313 -2.83 -40.19 13.84
C ILE G 313 -2.00 -39.34 14.78
N VAL G 314 -1.66 -39.91 15.94
CA VAL G 314 -0.84 -39.25 16.95
C VAL G 314 0.38 -40.13 17.20
N ARG G 315 1.57 -39.52 17.20
CA ARG G 315 2.81 -40.26 17.37
C ARG G 315 3.72 -39.52 18.34
N PHE G 316 4.05 -40.15 19.46
CA PHE G 316 4.91 -39.61 20.49
C PHE G 316 5.92 -40.66 20.91
N PRO G 317 7.11 -40.25 21.36
CA PRO G 317 8.03 -41.21 21.97
C PRO G 317 7.47 -41.76 23.28
N ASN G 318 7.85 -42.99 23.59
CA ASN G 318 7.31 -43.70 24.75
C ASN G 318 8.29 -43.76 25.92
N ILE G 319 9.03 -42.68 26.17
CA ILE G 319 9.87 -42.62 27.36
C ILE G 319 8.99 -42.63 28.60
N THR G 320 9.46 -43.32 29.64
CA THR G 320 8.69 -43.49 30.87
C THR G 320 9.20 -42.68 32.05
N ASN G 321 10.11 -41.75 31.83
CA ASN G 321 10.65 -40.95 32.94
C ASN G 321 9.59 -39.99 33.46
N LEU G 322 9.62 -39.73 34.76
CA LEU G 322 8.78 -38.72 35.39
C LEU G 322 9.66 -37.68 36.08
N CYS G 323 9.83 -36.55 35.40
CA CYS G 323 10.67 -35.54 36.03
C CYS G 323 9.98 -34.95 37.27
N PRO G 324 10.72 -34.85 38.37
CA PRO G 324 10.14 -34.51 39.69
C PRO G 324 9.90 -33.01 39.88
N PHE G 325 8.74 -32.56 39.41
CA PHE G 325 8.35 -31.17 39.65
C PHE G 325 8.17 -30.89 41.13
N GLY G 326 7.58 -31.84 41.86
CA GLY G 326 7.22 -31.59 43.25
C GLY G 326 8.41 -31.30 44.13
N GLU G 327 9.49 -32.06 43.97
CA GLU G 327 10.66 -31.88 44.83
C GLU G 327 11.25 -30.49 44.67
N VAL G 328 11.18 -29.92 43.46
CA VAL G 328 11.63 -28.55 43.26
C VAL G 328 10.74 -27.57 44.01
N PHE G 329 9.43 -27.73 43.89
CA PHE G 329 8.52 -26.85 44.63
C PHE G 329 8.61 -27.07 46.13
N ASN G 330 8.55 -28.32 46.57
CA ASN G 330 8.56 -28.62 47.99
C ASN G 330 9.97 -28.66 48.57
N ALA G 331 10.94 -28.08 47.88
CA ALA G 331 12.29 -27.96 48.43
C ALA G 331 12.27 -27.07 49.66
N THR G 332 13.00 -27.49 50.70
CA THR G 332 12.91 -26.85 52.01
C THR G 332 13.91 -25.72 52.21
N ARG G 333 14.73 -25.41 51.20
CA ARG G 333 15.75 -24.38 51.40
C ARG G 333 15.51 -23.17 50.51
N PHE G 334 15.40 -23.38 49.20
CA PHE G 334 15.30 -22.29 48.23
C PHE G 334 16.54 -21.41 48.36
N ALA G 335 16.41 -20.13 48.03
CA ALA G 335 17.50 -19.18 48.13
C ALA G 335 16.90 -17.77 48.09
N SER G 336 17.76 -16.77 47.93
CA SER G 336 17.35 -15.38 47.85
C SER G 336 17.51 -14.86 46.43
N VAL G 337 17.16 -13.59 46.23
CA VAL G 337 17.29 -12.98 44.91
C VAL G 337 18.76 -12.92 44.50
N TYR G 338 19.63 -12.53 45.43
CA TYR G 338 21.06 -12.47 45.14
C TYR G 338 21.63 -13.87 44.91
N ALA G 339 20.92 -14.90 45.37
CA ALA G 339 21.38 -16.29 45.23
C ALA G 339 20.49 -16.99 44.21
N TRP G 340 20.86 -16.88 42.94
CA TRP G 340 20.12 -17.60 41.90
C TRP G 340 20.32 -19.09 42.04
N ASN G 341 19.27 -19.85 41.75
CA ASN G 341 19.33 -21.30 41.73
C ASN G 341 18.73 -21.77 40.41
N ARG G 342 19.56 -21.84 39.37
CA ARG G 342 19.15 -22.27 38.04
C ARG G 342 19.01 -23.78 38.03
N LYS G 343 17.89 -24.26 37.47
CA LYS G 343 17.63 -25.69 37.36
C LYS G 343 17.35 -26.03 35.90
N ARG G 344 17.77 -27.21 35.47
CA ARG G 344 17.53 -27.66 34.11
C ARG G 344 16.79 -28.99 34.12
N ILE G 345 15.80 -29.10 33.23
CA ILE G 345 14.96 -30.29 33.11
C ILE G 345 14.99 -30.74 31.66
N SER G 346 15.15 -32.05 31.45
CA SER G 346 15.19 -32.60 30.11
C SER G 346 14.67 -34.03 30.14
N ASN G 347 14.30 -34.51 28.96
CA ASN G 347 13.89 -35.89 28.68
C ASN G 347 13.03 -36.52 29.77
N CYS G 348 11.89 -35.91 30.07
CA CYS G 348 10.98 -36.47 31.08
C CYS G 348 9.58 -36.48 30.48
N VAL G 349 8.58 -36.78 31.32
CA VAL G 349 7.20 -36.60 30.91
C VAL G 349 6.56 -35.54 31.79
N ALA G 350 5.88 -34.59 31.17
CA ALA G 350 5.34 -33.43 31.87
C ALA G 350 3.85 -33.61 32.11
N ASP G 351 3.46 -33.45 33.36
CA ASP G 351 2.06 -33.39 33.74
C ASP G 351 1.83 -32.11 34.51
N TYR G 352 0.69 -31.47 34.28
CA TYR G 352 0.36 -30.19 34.91
C TYR G 352 -0.98 -30.20 35.61
N SER G 353 -1.78 -31.25 35.45
CA SER G 353 -3.07 -31.31 36.12
C SER G 353 -2.90 -31.30 37.63
N VAL G 354 -1.76 -31.76 38.13
CA VAL G 354 -1.45 -31.67 39.55
C VAL G 354 -1.37 -30.21 39.99
N LEU G 355 -0.86 -29.33 39.14
CA LEU G 355 -0.80 -27.90 39.46
C LEU G 355 -2.04 -27.13 39.01
N TYR G 356 -3.01 -27.80 38.39
CA TYR G 356 -4.18 -27.13 37.85
C TYR G 356 -5.35 -27.10 38.81
N ASN G 357 -5.85 -28.27 39.24
CA ASN G 357 -7.13 -28.32 39.92
C ASN G 357 -7.00 -27.95 41.40
N SER G 358 -6.00 -28.51 42.08
CA SER G 358 -5.80 -28.25 43.50
C SER G 358 -4.62 -27.33 43.77
N ALA G 359 -4.40 -26.34 42.92
CA ALA G 359 -3.23 -25.47 43.07
C ALA G 359 -3.27 -24.72 44.40
N SER G 360 -4.38 -24.04 44.69
CA SER G 360 -4.52 -23.26 45.92
C SER G 360 -3.39 -22.23 46.05
N PHE G 361 -3.22 -21.40 45.04
CA PHE G 361 -2.15 -20.42 45.02
C PHE G 361 -2.71 -19.02 44.85
N SER G 362 -1.80 -18.04 44.81
CA SER G 362 -2.18 -16.64 44.73
C SER G 362 -2.10 -16.10 43.30
N THR G 363 -0.93 -16.22 42.69
CA THR G 363 -0.68 -15.69 41.36
C THR G 363 -0.37 -16.82 40.39
N PHE G 364 -1.05 -16.82 39.24
CA PHE G 364 -0.84 -17.83 38.21
C PHE G 364 -1.04 -17.14 36.86
N LYS G 365 0.05 -16.67 36.26
CA LYS G 365 0.01 -15.94 35.02
C LYS G 365 0.94 -16.60 34.01
N CYS G 366 0.43 -16.84 32.80
CA CYS G 366 1.21 -17.39 31.70
C CYS G 366 1.17 -16.40 30.54
N TYR G 367 2.34 -16.10 29.99
CA TYR G 367 2.48 -15.11 28.94
C TYR G 367 2.93 -15.78 27.65
N GLY G 368 2.04 -15.81 26.66
CA GLY G 368 2.35 -16.40 25.38
C GLY G 368 1.80 -17.79 25.14
N VAL G 369 1.00 -18.32 26.08
CA VAL G 369 0.46 -19.67 25.93
C VAL G 369 -0.80 -19.76 26.79
N SER G 370 -1.73 -20.60 26.35
CA SER G 370 -2.96 -20.80 27.10
C SER G 370 -2.73 -21.81 28.22
N PRO G 371 -2.95 -21.44 29.48
CA PRO G 371 -2.64 -22.36 30.58
C PRO G 371 -3.38 -23.68 30.51
N THR G 372 -4.58 -23.70 29.93
CA THR G 372 -5.38 -24.92 29.92
C THR G 372 -5.02 -25.87 28.78
N LYS G 373 -4.03 -25.53 27.96
CA LYS G 373 -3.68 -26.33 26.79
C LYS G 373 -2.24 -26.84 26.81
N LEU G 374 -1.58 -26.81 27.98
CA LEU G 374 -0.19 -27.24 28.04
C LEU G 374 -0.03 -28.74 27.79
N ASN G 375 -1.07 -29.53 27.99
CA ASN G 375 -0.93 -30.97 27.79
C ASN G 375 -0.66 -31.31 26.33
N ASP G 376 -1.21 -30.53 25.41
CA ASP G 376 -1.07 -30.85 23.99
C ASP G 376 0.31 -30.49 23.46
N LEU G 377 0.91 -29.42 23.97
CA LEU G 377 2.11 -28.87 23.36
C LEU G 377 3.34 -29.71 23.67
N CYS G 378 4.41 -29.44 22.93
CA CYS G 378 5.72 -30.04 23.13
C CYS G 378 6.76 -28.94 23.02
N PHE G 379 7.91 -29.14 23.66
CA PHE G 379 8.98 -28.15 23.69
C PHE G 379 10.27 -28.79 24.20
N THR G 380 11.30 -27.96 24.33
CA THR G 380 12.61 -28.43 24.76
C THR G 380 13.34 -27.32 25.49
N ASN G 381 14.33 -27.72 26.29
CA ASN G 381 15.19 -26.79 27.02
C ASN G 381 14.38 -25.94 28.00
N VAL G 382 13.60 -26.60 28.84
CA VAL G 382 12.81 -25.93 29.86
C VAL G 382 13.69 -25.67 31.08
N TYR G 383 13.37 -24.63 31.84
CA TYR G 383 14.14 -24.26 33.02
C TYR G 383 13.20 -23.91 34.17
N ALA G 384 13.72 -24.02 35.39
CA ALA G 384 12.99 -23.67 36.60
C ALA G 384 13.87 -22.79 37.47
N ASP G 385 13.33 -21.65 37.90
CA ASP G 385 14.04 -20.71 38.75
C ASP G 385 13.22 -20.39 39.98
N SER G 386 13.87 -20.43 41.15
CA SER G 386 13.17 -20.17 42.40
C SER G 386 13.97 -19.15 43.21
N PHE G 387 13.24 -18.41 44.04
CA PHE G 387 13.82 -17.40 44.93
C PHE G 387 12.72 -16.92 45.87
N VAL G 388 13.09 -16.01 46.76
CA VAL G 388 12.18 -15.47 47.76
C VAL G 388 12.17 -13.95 47.62
N ILE G 389 10.99 -13.34 47.82
CA ILE G 389 10.81 -11.92 47.60
C ILE G 389 9.66 -11.44 48.49
N ARG G 390 9.66 -10.15 48.78
CA ARG G 390 8.61 -9.55 49.59
C ARG G 390 7.28 -9.62 48.86
N GLY G 391 6.20 -9.80 49.63
CA GLY G 391 4.90 -10.07 49.04
C GLY G 391 4.38 -8.93 48.20
N ASP G 392 4.66 -7.69 48.62
CA ASP G 392 4.11 -6.53 47.95
C ASP G 392 4.67 -6.31 46.55
N GLU G 393 5.79 -6.95 46.20
CA GLU G 393 6.46 -6.72 44.93
C GLU G 393 6.26 -7.86 43.92
N VAL G 394 5.34 -8.78 44.20
CA VAL G 394 5.14 -9.91 43.30
C VAL G 394 4.66 -9.43 41.94
N ARG G 395 3.97 -8.29 41.89
CA ARG G 395 3.51 -7.75 40.62
C ARG G 395 4.67 -7.30 39.74
N GLN G 396 5.86 -7.11 40.31
CA GLN G 396 6.96 -6.53 39.55
C GLN G 396 7.71 -7.59 38.75
N ILE G 397 7.28 -8.85 38.85
CA ILE G 397 7.80 -9.90 37.98
C ILE G 397 6.85 -10.01 36.78
N ALA G 398 7.10 -9.21 35.75
CA ALA G 398 6.27 -9.19 34.56
C ALA G 398 7.03 -8.52 33.43
N PRO G 399 6.98 -9.07 32.22
CA PRO G 399 7.68 -8.43 31.10
C PRO G 399 7.08 -7.07 30.80
N GLY G 400 7.95 -6.14 30.42
CA GLY G 400 7.53 -4.79 30.09
C GLY G 400 7.30 -3.88 31.27
N GLN G 401 7.23 -4.41 32.49
CA GLN G 401 7.11 -3.61 33.69
C GLN G 401 8.43 -3.65 34.44
N THR G 402 9.34 -2.74 34.05
CA THR G 402 10.68 -2.69 34.62
C THR G 402 10.94 -1.32 35.21
N GLY G 403 9.88 -0.64 35.64
CA GLY G 403 9.99 0.73 36.09
C GLY G 403 10.17 0.89 37.59
N LYS G 404 10.59 -0.17 38.27
CA LYS G 404 10.75 -0.16 39.71
C LYS G 404 12.12 -0.71 40.09
N ILE G 405 12.57 -0.35 41.28
CA ILE G 405 13.83 -0.88 41.81
C ILE G 405 13.70 -2.38 42.09
N ALA G 406 12.47 -2.89 42.13
CA ALA G 406 12.27 -4.32 42.31
C ALA G 406 12.89 -5.13 41.17
N ASP G 407 13.12 -4.51 40.03
CA ASP G 407 13.82 -5.16 38.92
C ASP G 407 15.26 -4.72 38.79
N TYR G 408 15.83 -4.10 39.82
CA TYR G 408 17.26 -3.81 39.84
C TYR G 408 18.09 -4.99 40.33
N ASN G 409 17.44 -6.11 40.68
CA ASN G 409 18.14 -7.32 41.09
C ASN G 409 17.78 -8.53 40.24
N TYR G 410 16.59 -8.55 39.65
CA TYR G 410 16.17 -9.63 38.75
C TYR G 410 15.61 -9.03 37.47
N LYS G 411 15.85 -9.68 36.34
CA LYS G 411 15.45 -9.20 35.04
C LYS G 411 14.61 -10.23 34.29
N LEU G 412 13.65 -9.74 33.52
CA LEU G 412 12.78 -10.57 32.71
C LEU G 412 12.56 -9.90 31.37
N PRO G 413 13.05 -10.49 30.27
CA PRO G 413 12.91 -9.85 28.97
C PRO G 413 11.45 -9.66 28.57
N ASP G 414 11.19 -8.58 27.84
CA ASP G 414 9.84 -8.30 27.36
C ASP G 414 9.36 -9.41 26.41
N ASP G 415 10.23 -9.85 25.51
CA ASP G 415 9.94 -10.97 24.62
C ASP G 415 10.18 -12.24 25.41
N PHE G 416 9.11 -12.80 25.97
CA PHE G 416 9.23 -13.92 26.90
C PHE G 416 8.04 -14.85 26.72
N THR G 417 8.28 -16.15 26.91
CA THR G 417 7.23 -17.15 26.93
C THR G 417 7.44 -17.99 28.18
N GLY G 418 6.36 -18.23 28.93
CA GLY G 418 6.48 -19.02 30.15
C GLY G 418 5.33 -18.72 31.09
N CYS G 419 5.48 -19.22 32.32
CA CYS G 419 4.45 -19.09 33.34
C CYS G 419 5.10 -18.69 34.66
N VAL G 420 4.34 -18.02 35.50
CA VAL G 420 4.80 -17.57 36.82
C VAL G 420 3.83 -18.10 37.87
N ILE G 421 4.37 -18.69 38.94
CA ILE G 421 3.58 -19.24 40.02
C ILE G 421 4.13 -18.74 41.35
N ALA G 422 3.24 -18.51 42.32
CA ALA G 422 3.64 -18.05 43.65
C ALA G 422 2.65 -18.60 44.68
N TRP G 423 3.11 -18.63 45.93
CA TRP G 423 2.27 -19.12 47.02
C TRP G 423 2.71 -18.47 48.33
N ASN G 424 1.80 -18.51 49.31
CA ASN G 424 2.05 -17.93 50.63
C ASN G 424 3.09 -18.74 51.37
N SER G 425 3.96 -18.04 52.10
CA SER G 425 4.97 -18.66 52.96
C SER G 425 5.03 -17.85 54.25
N ASN G 426 4.22 -18.24 55.23
CA ASN G 426 4.11 -17.50 56.47
C ASN G 426 4.56 -18.28 57.70
N ASN G 427 4.87 -19.56 57.56
CA ASN G 427 5.29 -20.39 58.69
C ASN G 427 6.59 -21.13 58.44
N LEU G 428 6.83 -21.58 57.22
CA LEU G 428 8.00 -22.41 56.94
C LEU G 428 9.29 -21.64 57.17
N ASP G 429 9.35 -20.39 56.71
CA ASP G 429 10.55 -19.58 56.79
C ASP G 429 10.35 -18.30 57.58
N SER G 430 9.27 -18.20 58.36
CA SER G 430 9.00 -17.03 59.18
C SER G 430 9.22 -17.38 60.65
N LYS G 431 10.01 -16.55 61.33
CA LYS G 431 10.36 -16.78 62.72
C LYS G 431 9.88 -15.62 63.58
N VAL G 432 9.50 -15.95 64.82
CA VAL G 432 9.01 -14.93 65.74
C VAL G 432 10.09 -13.90 66.05
N GLY G 433 11.31 -14.36 66.30
CA GLY G 433 12.40 -13.43 66.58
C GLY G 433 12.73 -12.55 65.39
N GLY G 434 12.70 -13.11 64.19
CA GLY G 434 12.97 -12.36 62.99
C GLY G 434 14.22 -12.81 62.26
N ASN G 435 14.03 -13.41 61.09
CA ASN G 435 15.17 -13.85 60.30
C ASN G 435 15.74 -12.70 59.48
N TYR G 436 17.01 -12.84 59.10
CA TYR G 436 17.69 -11.87 58.24
C TYR G 436 18.39 -12.55 57.07
N ASN G 437 17.94 -13.75 56.67
CA ASN G 437 18.55 -14.49 55.59
C ASN G 437 18.16 -13.96 54.22
N TYR G 438 17.26 -12.99 54.15
CA TYR G 438 16.82 -12.41 52.90
C TYR G 438 17.69 -11.20 52.57
N LEU G 439 18.52 -11.34 51.54
CA LEU G 439 19.53 -10.34 51.20
C LEU G 439 19.18 -9.68 49.87
N TYR G 440 19.39 -8.38 49.78
CA TYR G 440 19.07 -7.60 48.60
C TYR G 440 20.13 -6.51 48.39
N ARG G 441 19.94 -5.71 47.36
CA ARG G 441 20.88 -4.66 46.99
C ARG G 441 20.18 -3.31 46.96
N LEU G 442 20.88 -2.27 47.42
CA LEU G 442 20.28 -0.94 47.52
C LEU G 442 20.20 -0.25 46.15
N PHE G 443 21.26 -0.31 45.37
CA PHE G 443 21.32 0.32 44.06
C PHE G 443 22.40 -0.34 43.22
N ARG G 444 22.38 -0.03 41.92
CA ARG G 444 23.36 -0.57 40.99
C ARG G 444 23.90 0.56 40.12
N LYS G 445 25.14 0.36 39.65
CA LYS G 445 25.78 1.34 38.79
C LYS G 445 25.04 1.49 37.47
N SER G 446 24.58 0.39 36.90
CA SER G 446 23.89 0.41 35.61
C SER G 446 22.71 -0.55 35.67
N ASN G 447 21.78 -0.36 34.74
CA ASN G 447 20.61 -1.23 34.64
C ASN G 447 21.03 -2.65 34.24
N LEU G 448 20.36 -3.62 34.83
CA LEU G 448 20.69 -5.03 34.59
C LEU G 448 20.45 -5.42 33.13
N LYS G 449 21.36 -6.25 32.62
CA LYS G 449 21.10 -6.96 31.39
C LYS G 449 20.11 -8.09 31.65
N PRO G 450 19.37 -8.52 30.63
CA PRO G 450 18.41 -9.62 30.84
C PRO G 450 19.13 -10.90 31.22
N PHE G 451 18.61 -11.57 32.25
CA PHE G 451 19.14 -12.84 32.74
C PHE G 451 20.62 -12.71 33.11
N GLU G 452 20.92 -11.74 33.96
CA GLU G 452 22.26 -11.48 34.43
C GLU G 452 22.33 -11.63 35.94
N ARG G 453 23.40 -12.25 36.43
CA ARG G 453 23.57 -12.52 37.85
C ARG G 453 24.93 -12.01 38.31
N ASP G 454 24.98 -11.52 39.55
CA ASP G 454 26.21 -10.99 40.10
C ASP G 454 26.50 -11.66 41.44
N ILE G 455 27.78 -11.71 41.78
CA ILE G 455 28.23 -12.24 43.06
C ILE G 455 29.22 -11.28 43.67
N SER G 456 29.61 -11.53 44.93
CA SER G 456 30.58 -10.72 45.67
C SER G 456 30.04 -9.33 45.96
N THR G 457 30.56 -8.71 47.03
CA THR G 457 30.11 -7.38 47.43
C THR G 457 31.29 -6.41 47.33
N GLU G 458 30.98 -5.15 47.03
CA GLU G 458 31.99 -4.11 46.86
C GLU G 458 31.50 -2.84 47.52
N ILE G 459 32.41 -2.13 48.19
CA ILE G 459 32.08 -0.87 48.84
C ILE G 459 31.84 0.19 47.78
N TYR G 460 30.69 0.85 47.84
CA TYR G 460 30.31 1.84 46.84
C TYR G 460 30.93 3.19 47.13
N GLN G 461 30.98 4.03 46.09
CA GLN G 461 31.44 5.41 46.20
C GLN G 461 30.42 6.32 45.56
N ALA G 462 29.74 7.12 46.40
CA ALA G 462 28.64 7.95 45.90
C ALA G 462 29.12 8.96 44.87
N GLY G 463 30.26 9.59 45.11
CA GLY G 463 30.82 10.55 44.18
C GLY G 463 32.15 10.09 43.60
N SER G 464 33.02 11.06 43.36
CA SER G 464 34.37 10.80 42.89
C SER G 464 35.35 10.60 44.04
N THR G 465 34.87 10.62 45.29
CA THR G 465 35.75 10.50 46.43
C THR G 465 36.25 9.06 46.56
N PRO G 466 37.57 8.86 46.51
CA PRO G 466 38.17 7.50 46.61
C PRO G 466 38.31 7.00 48.05
N CYS G 467 37.23 6.38 48.54
CA CYS G 467 37.25 5.82 49.90
C CYS G 467 38.35 4.78 50.04
N ASN G 468 38.49 3.91 49.04
CA ASN G 468 39.46 2.81 49.06
C ASN G 468 39.26 1.91 50.27
N GLY G 469 38.00 1.65 50.62
CA GLY G 469 37.68 0.78 51.74
C GLY G 469 37.56 1.47 53.08
N VAL G 470 37.72 2.80 53.13
CA VAL G 470 37.60 3.52 54.40
C VAL G 470 36.17 3.48 54.91
N GLU G 471 35.19 3.54 54.02
CA GLU G 471 33.76 3.57 54.37
C GLU G 471 33.45 4.76 55.27
N GLY G 472 33.61 5.95 54.69
CA GLY G 472 33.16 7.19 55.28
C GLY G 472 31.95 7.73 54.55
N PHE G 473 31.88 9.05 54.47
CA PHE G 473 30.82 9.69 53.71
C PHE G 473 31.03 9.47 52.22
N ASN G 474 29.99 9.73 51.44
CA ASN G 474 29.95 9.43 50.01
C ASN G 474 30.22 7.98 49.70
N CYS G 475 30.02 7.08 50.66
CA CYS G 475 30.33 5.67 50.51
C CYS G 475 29.36 4.84 51.35
N TYR G 476 28.64 3.93 50.69
CA TYR G 476 27.68 3.05 51.35
C TYR G 476 27.94 1.62 50.92
N PHE G 477 27.44 0.69 51.74
CA PHE G 477 27.54 -0.72 51.42
C PHE G 477 26.25 -1.20 50.74
N PRO G 478 26.37 -1.91 49.61
CA PRO G 478 25.17 -2.27 48.84
C PRO G 478 24.33 -3.34 49.51
N LEU G 479 24.87 -3.99 50.54
CA LEU G 479 24.12 -5.03 51.24
C LEU G 479 22.93 -4.42 51.97
N GLN G 480 21.79 -5.10 51.88
CA GLN G 480 20.55 -4.67 52.51
C GLN G 480 19.88 -5.88 53.15
N SER G 481 19.09 -5.64 54.19
CA SER G 481 18.43 -6.70 54.94
C SER G 481 16.95 -6.39 55.13
N TYR G 482 16.17 -7.45 55.34
CA TYR G 482 14.75 -7.34 55.61
C TYR G 482 14.47 -7.59 57.08
N GLY G 483 13.74 -6.68 57.70
CA GLY G 483 13.31 -6.85 59.07
C GLY G 483 11.91 -7.45 59.15
N PHE G 484 11.80 -8.69 59.59
CA PHE G 484 10.56 -9.43 59.54
C PHE G 484 10.12 -9.81 60.96
N GLN G 485 8.84 -9.55 61.25
CA GLN G 485 8.20 -9.99 62.50
C GLN G 485 6.83 -10.53 62.17
N PRO G 486 6.48 -11.74 62.60
CA PRO G 486 5.23 -12.36 62.13
C PRO G 486 3.97 -11.60 62.51
N THR G 487 4.03 -10.72 63.51
CA THR G 487 2.85 -9.95 63.89
C THR G 487 2.57 -8.79 62.96
N ASN G 488 3.34 -8.66 61.87
CA ASN G 488 3.13 -7.57 60.93
C ASN G 488 1.87 -7.80 60.10
N GLY G 489 1.61 -6.89 59.18
CA GLY G 489 0.44 -6.99 58.32
C GLY G 489 0.66 -7.94 57.16
N VAL G 490 -0.37 -8.01 56.30
CA VAL G 490 -0.33 -8.93 55.17
C VAL G 490 0.66 -8.50 54.10
N GLY G 491 1.18 -7.29 54.18
CA GLY G 491 2.03 -6.79 53.11
C GLY G 491 3.51 -6.94 53.37
N TYR G 492 3.90 -7.80 54.31
CA TYR G 492 5.32 -7.95 54.58
C TYR G 492 5.75 -9.42 54.63
N GLN G 493 4.85 -10.34 54.97
CA GLN G 493 5.26 -11.73 55.08
C GLN G 493 5.73 -12.26 53.73
N PRO G 494 6.78 -13.07 53.72
CA PRO G 494 7.39 -13.47 52.45
C PRO G 494 6.50 -14.38 51.63
N TYR G 495 6.66 -14.29 50.31
CA TYR G 495 6.08 -15.22 49.36
C TYR G 495 7.18 -15.98 48.63
N ARG G 496 6.92 -17.25 48.36
CA ARG G 496 7.79 -18.08 47.53
C ARG G 496 7.25 -18.08 46.11
N VAL G 497 7.97 -17.43 45.21
CA VAL G 497 7.55 -17.27 43.83
C VAL G 497 8.53 -18.01 42.92
N VAL G 498 7.98 -18.75 41.96
CA VAL G 498 8.76 -19.56 41.03
C VAL G 498 8.39 -19.15 39.61
N VAL G 499 9.38 -19.09 38.72
CA VAL G 499 9.19 -18.67 37.34
C VAL G 499 9.73 -19.75 36.43
N LEU G 500 9.01 -20.03 35.35
CA LEU G 500 9.40 -21.04 34.37
C LEU G 500 9.85 -20.35 33.09
N SER G 501 10.25 -21.14 32.10
CA SER G 501 10.70 -20.64 30.81
C SER G 501 10.55 -21.73 29.77
N PHE G 502 10.15 -21.35 28.56
CA PHE G 502 9.99 -22.27 27.44
C PHE G 502 10.86 -21.84 26.27
N GLU G 503 11.87 -22.66 25.97
CA GLU G 503 12.74 -22.44 24.83
C GLU G 503 12.16 -23.19 23.63
N LEU G 504 11.04 -22.69 23.13
CA LEU G 504 10.28 -23.35 22.07
C LEU G 504 11.06 -23.29 20.76
N LEU G 505 10.92 -24.35 19.96
CA LEU G 505 11.44 -24.41 18.59
C LEU G 505 12.94 -24.18 18.51
N HIS G 506 13.73 -24.95 19.28
CA HIS G 506 15.18 -24.83 19.21
C HIS G 506 15.86 -26.19 19.09
N ALA G 507 15.15 -27.27 19.42
CA ALA G 507 15.70 -28.62 19.41
C ALA G 507 14.55 -29.61 19.37
N PRO G 508 14.81 -30.87 19.05
CA PRO G 508 13.75 -31.88 19.13
C PRO G 508 13.18 -31.97 20.54
N ALA G 509 11.86 -32.18 20.61
CA ALA G 509 11.15 -32.11 21.88
C ALA G 509 11.59 -33.21 22.83
N THR G 510 12.36 -32.85 23.86
CA THR G 510 12.73 -33.82 24.87
C THR G 510 11.59 -34.07 25.85
N VAL G 511 10.80 -33.04 26.14
CA VAL G 511 9.73 -33.13 27.12
C VAL G 511 8.39 -32.91 26.41
N CYS G 512 7.43 -33.76 26.70
CA CYS G 512 6.10 -33.68 26.09
C CYS G 512 5.05 -34.14 27.09
N GLY G 513 3.80 -33.74 26.84
CA GLY G 513 2.70 -34.12 27.69
C GLY G 513 2.29 -35.55 27.48
N PRO G 514 1.33 -36.00 28.29
CA PRO G 514 0.87 -37.40 28.19
C PRO G 514 0.03 -37.61 26.95
N LYS G 515 0.59 -38.38 26.00
CA LYS G 515 -0.09 -38.62 24.74
C LYS G 515 0.00 -40.10 24.39
N LYS G 516 -0.97 -40.55 23.59
CA LYS G 516 -1.07 -41.94 23.17
C LYS G 516 -0.40 -42.11 21.81
N SER G 517 -0.59 -43.27 21.20
CA SER G 517 -0.03 -43.53 19.88
C SER G 517 -0.88 -44.55 19.13
N THR G 518 -0.78 -44.53 17.80
CA THR G 518 -1.49 -45.46 16.95
C THR G 518 -0.56 -45.96 15.85
N ASN G 519 -1.15 -46.67 14.89
CA ASN G 519 -0.37 -47.24 13.80
C ASN G 519 -0.18 -46.22 12.67
N LEU G 520 0.32 -46.70 11.54
CA LEU G 520 0.59 -45.87 10.39
C LEU G 520 -0.08 -46.46 9.15
N VAL G 521 -0.66 -45.57 8.34
CA VAL G 521 -1.39 -45.97 7.12
C VAL G 521 -0.96 -45.05 5.99
N LYS G 522 -0.67 -45.64 4.83
CA LYS G 522 -0.28 -44.86 3.66
C LYS G 522 -1.49 -44.56 2.80
N ASN G 523 -1.35 -43.52 1.96
CA ASN G 523 -2.38 -43.06 1.05
C ASN G 523 -3.65 -42.66 1.80
N LYS G 524 -4.72 -42.37 1.06
CA LYS G 524 -6.02 -41.95 1.61
C LYS G 524 -5.83 -40.88 2.69
N CYS G 525 -5.38 -39.71 2.23
CA CYS G 525 -4.88 -38.63 3.07
C CYS G 525 -5.67 -38.46 4.36
N VAL G 526 -4.95 -38.37 5.47
CA VAL G 526 -5.53 -38.32 6.81
C VAL G 526 -4.95 -37.11 7.54
N ASN G 527 -5.34 -36.99 8.81
CA ASN G 527 -4.86 -35.91 9.67
C ASN G 527 -3.77 -36.45 10.58
N PHE G 528 -2.57 -35.88 10.47
CA PHE G 528 -1.40 -36.40 11.16
C PHE G 528 -0.99 -35.48 12.30
N ASN G 529 -0.04 -35.96 13.11
CA ASN G 529 0.55 -35.19 14.22
C ASN G 529 1.91 -35.83 14.54
N PHE G 530 2.98 -35.14 14.19
CA PHE G 530 4.34 -35.58 14.49
C PHE G 530 5.02 -34.50 15.34
N ASN G 531 5.08 -34.73 16.65
CA ASN G 531 5.74 -33.82 17.58
C ASN G 531 5.17 -32.41 17.51
N GLY G 532 3.85 -32.31 17.33
CA GLY G 532 3.17 -31.04 17.26
C GLY G 532 3.03 -30.45 15.87
N LEU G 533 3.63 -31.07 14.86
CA LEU G 533 3.53 -30.59 13.48
C LEU G 533 2.18 -30.99 12.89
N THR G 534 1.14 -30.30 13.37
CA THR G 534 -0.21 -30.61 12.93
C THR G 534 -0.40 -30.27 11.47
N GLY G 535 -1.19 -31.10 10.78
CA GLY G 535 -1.48 -30.86 9.37
C GLY G 535 -2.24 -32.02 8.78
N THR G 536 -2.77 -31.79 7.59
CA THR G 536 -3.54 -32.79 6.85
C THR G 536 -2.86 -33.03 5.51
N GLY G 537 -2.75 -34.30 5.12
CA GLY G 537 -2.14 -34.62 3.85
C GLY G 537 -2.04 -36.12 3.67
N VAL G 538 -1.42 -36.50 2.55
CA VAL G 538 -1.24 -37.91 2.20
C VAL G 538 0.24 -38.26 2.34
N LEU G 539 0.51 -39.42 2.93
CA LEU G 539 1.87 -39.87 3.19
C LEU G 539 2.24 -40.96 2.20
N THR G 540 3.55 -41.12 1.98
CA THR G 540 4.06 -42.15 1.08
C THR G 540 5.53 -42.41 1.39
N GLU G 541 6.03 -43.52 0.86
CA GLU G 541 7.43 -43.87 1.05
C GLU G 541 8.33 -42.86 0.35
N SER G 542 9.40 -42.47 1.04
CA SER G 542 10.31 -41.46 0.54
C SER G 542 11.64 -42.12 0.18
N ASN G 543 12.24 -41.62 -0.91
CA ASN G 543 13.54 -42.10 -1.36
C ASN G 543 14.61 -41.03 -1.35
N LYS G 544 14.58 -40.10 -0.39
CA LYS G 544 15.59 -39.07 -0.30
C LYS G 544 16.77 -39.56 0.53
N LYS G 545 17.82 -38.73 0.60
CA LYS G 545 19.06 -39.09 1.27
C LYS G 545 19.32 -38.13 2.42
N PHE G 546 18.77 -38.44 3.58
CA PHE G 546 18.96 -37.62 4.77
C PHE G 546 20.34 -37.87 5.37
N LEU G 547 20.60 -37.21 6.50
CA LEU G 547 21.79 -37.40 7.29
C LEU G 547 21.43 -37.72 8.74
N PRO G 548 22.33 -38.36 9.49
CA PRO G 548 21.99 -38.73 10.88
C PRO G 548 21.57 -37.56 11.74
N PHE G 549 22.08 -36.36 11.49
CA PHE G 549 21.65 -35.17 12.23
C PHE G 549 20.53 -34.45 11.49
N GLN G 550 20.06 -35.00 10.38
CA GLN G 550 19.06 -34.33 9.56
C GLN G 550 17.68 -34.92 9.80
N GLN G 551 16.70 -34.06 10.04
CA GLN G 551 15.35 -34.51 10.39
C GLN G 551 14.24 -33.91 9.53
N PHE G 552 14.35 -32.64 9.15
CA PHE G 552 13.26 -31.98 8.44
C PHE G 552 13.65 -31.68 6.99
N GLY G 553 12.64 -31.37 6.19
CA GLY G 553 12.86 -31.01 4.80
C GLY G 553 12.09 -29.76 4.44
N ARG G 554 12.47 -29.16 3.32
CA ARG G 554 11.87 -27.91 2.84
C ARG G 554 11.82 -27.91 1.33
N ASP G 555 11.02 -26.99 0.78
CA ASP G 555 10.87 -26.83 -0.65
C ASP G 555 11.32 -25.44 -1.08
N ILE G 556 11.10 -25.13 -2.35
CA ILE G 556 11.46 -23.81 -2.87
C ILE G 556 10.64 -22.72 -2.18
N ALA G 557 9.38 -23.03 -1.86
CA ALA G 557 8.48 -22.10 -1.17
C ALA G 557 8.45 -22.37 0.32
N ASP G 558 9.61 -22.71 0.88
CA ASP G 558 9.83 -22.99 2.32
C ASP G 558 8.62 -23.67 2.98
N THR G 559 8.24 -24.83 2.45
CA THR G 559 7.15 -25.63 2.98
C THR G 559 7.68 -26.98 3.45
N THR G 560 7.01 -27.55 4.46
CA THR G 560 7.37 -28.87 4.94
C THR G 560 7.09 -29.92 3.88
N ASP G 561 8.09 -30.76 3.60
CA ASP G 561 7.97 -31.78 2.57
C ASP G 561 8.37 -33.17 3.03
N ALA G 562 9.22 -33.29 4.04
CA ALA G 562 9.66 -34.58 4.53
C ALA G 562 9.69 -34.57 6.05
N VAL G 563 9.19 -35.66 6.66
CA VAL G 563 9.21 -35.82 8.10
C VAL G 563 9.82 -37.18 8.41
N ARG G 564 10.66 -37.21 9.46
CA ARG G 564 11.29 -38.44 9.92
C ARG G 564 10.47 -39.04 11.05
N ASP G 565 10.00 -40.27 10.86
CA ASP G 565 9.22 -40.94 11.88
C ASP G 565 10.10 -41.22 13.10
N PRO G 566 9.62 -40.93 14.31
CA PRO G 566 10.47 -41.16 15.49
C PRO G 566 10.74 -42.63 15.76
N GLN G 567 9.70 -43.47 15.81
CA GLN G 567 9.87 -44.85 16.26
C GLN G 567 10.71 -45.65 15.28
N THR G 568 10.37 -45.61 14.00
CA THR G 568 11.03 -46.43 12.99
C THR G 568 12.13 -45.68 12.26
N LEU G 569 12.49 -44.47 12.71
CA LEU G 569 13.57 -43.67 12.13
C LEU G 569 13.48 -43.59 10.60
N GLU G 570 12.25 -43.64 10.08
CA GLU G 570 12.03 -43.62 8.65
C GLU G 570 11.47 -42.27 8.21
N ILE G 571 11.94 -41.80 7.06
CA ILE G 571 11.54 -40.51 6.49
C ILE G 571 10.44 -40.75 5.46
N LEU G 572 9.48 -39.83 5.42
CA LEU G 572 8.36 -39.92 4.48
C LEU G 572 8.24 -38.62 3.71
N ASP G 573 7.35 -38.61 2.73
CA ASP G 573 7.05 -37.44 1.93
C ASP G 573 5.61 -37.01 2.16
N ILE G 574 5.41 -35.72 2.37
CA ILE G 574 4.10 -35.16 2.69
C ILE G 574 3.66 -34.25 1.56
N THR G 575 2.51 -34.56 0.96
CA THR G 575 1.86 -33.72 -0.04
C THR G 575 0.39 -33.59 0.30
N PRO G 576 -0.23 -32.47 -0.05
CA PRO G 576 -1.68 -32.33 0.14
C PRO G 576 -2.44 -33.06 -0.94
N CYS G 577 -3.50 -33.76 -0.52
CA CYS G 577 -4.27 -34.55 -1.47
C CYS G 577 -5.10 -33.64 -2.37
N SER G 578 -5.66 -34.24 -3.42
CA SER G 578 -6.17 -33.49 -4.56
C SER G 578 -7.36 -32.61 -4.20
N PHE G 579 -7.52 -31.53 -4.96
CA PHE G 579 -8.66 -30.63 -4.84
C PHE G 579 -8.75 -29.81 -6.13
N GLY G 580 -9.79 -29.00 -6.23
CA GLY G 580 -9.95 -28.16 -7.41
C GLY G 580 -11.30 -27.49 -7.42
N GLY G 581 -11.57 -26.80 -8.54
CA GLY G 581 -12.84 -26.12 -8.71
C GLY G 581 -13.83 -26.92 -9.55
N VAL G 582 -15.01 -26.36 -9.71
CA VAL G 582 -16.09 -27.00 -10.46
C VAL G 582 -16.73 -25.96 -11.36
N SER G 583 -17.38 -26.42 -12.43
CA SER G 583 -18.12 -25.56 -13.34
C SER G 583 -19.35 -26.29 -13.84
N VAL G 584 -20.38 -25.51 -14.19
CA VAL G 584 -21.67 -26.05 -14.60
C VAL G 584 -22.01 -25.54 -16.00
N ILE G 585 -22.41 -26.47 -16.87
CA ILE G 585 -22.78 -26.15 -18.25
C ILE G 585 -24.28 -26.30 -18.40
N THR G 586 -24.93 -25.27 -18.91
CA THR G 586 -26.37 -25.28 -19.11
C THR G 586 -26.72 -24.79 -20.50
N PRO G 587 -27.77 -25.33 -21.11
CA PRO G 587 -28.24 -24.82 -22.41
C PRO G 587 -29.31 -23.74 -22.33
N GLY G 588 -29.56 -23.19 -21.16
CA GLY G 588 -30.59 -22.19 -20.99
C GLY G 588 -31.85 -22.78 -20.38
N THR G 589 -32.36 -22.11 -19.35
CA THR G 589 -33.55 -22.60 -18.66
C THR G 589 -34.80 -22.45 -19.51
N ASN G 590 -34.71 -21.72 -20.62
CA ASN G 590 -35.87 -21.57 -21.50
C ASN G 590 -36.28 -22.90 -22.11
N THR G 591 -35.30 -23.73 -22.46
CA THR G 591 -35.60 -24.96 -23.20
C THR G 591 -35.66 -26.17 -22.28
N SER G 592 -34.59 -26.43 -21.54
CA SER G 592 -34.48 -27.69 -20.80
C SER G 592 -34.02 -27.38 -19.38
N ASN G 593 -34.29 -28.31 -18.47
CA ASN G 593 -33.82 -28.24 -17.09
C ASN G 593 -32.61 -29.13 -16.85
N GLN G 594 -32.10 -29.78 -17.88
CA GLN G 594 -30.97 -30.69 -17.72
C GLN G 594 -29.66 -29.92 -17.79
N VAL G 595 -28.67 -30.40 -17.03
CA VAL G 595 -27.39 -29.71 -16.88
C VAL G 595 -26.24 -30.72 -16.99
N ALA G 596 -25.03 -30.21 -16.80
CA ALA G 596 -23.83 -31.03 -16.81
C ALA G 596 -22.80 -30.40 -15.89
N VAL G 597 -21.84 -31.21 -15.45
CA VAL G 597 -20.86 -30.81 -14.45
C VAL G 597 -19.47 -31.18 -14.95
N LEU G 598 -18.52 -30.25 -14.83
CA LEU G 598 -17.14 -30.46 -15.23
C LEU G 598 -16.22 -30.18 -14.07
N TYR G 599 -15.27 -31.07 -13.83
CA TYR G 599 -14.29 -30.93 -12.76
C TYR G 599 -12.97 -30.44 -13.35
N GLN G 600 -12.32 -29.51 -12.63
CA GLN G 600 -11.17 -28.79 -13.18
C GLN G 600 -10.01 -29.72 -13.53
N ASP G 601 -9.38 -30.32 -12.52
CA ASP G 601 -8.19 -31.16 -12.73
C ASP G 601 -8.27 -32.38 -11.83
N VAL G 602 -8.87 -33.45 -12.34
CA VAL G 602 -8.95 -34.73 -11.64
C VAL G 602 -8.72 -35.85 -12.64
N ASN G 603 -7.88 -36.82 -12.26
CA ASN G 603 -7.72 -38.03 -13.06
C ASN G 603 -8.89 -38.95 -12.77
N CYS G 604 -10.04 -38.64 -13.36
CA CYS G 604 -11.25 -39.41 -13.16
C CYS G 604 -11.16 -40.77 -13.84
N TRP G 620 -9.73 -40.74 -9.62
CA TRP G 620 -11.17 -40.94 -9.50
C TRP G 620 -11.72 -40.37 -8.21
N ARG G 621 -11.22 -39.19 -7.85
CA ARG G 621 -11.65 -38.58 -6.59
C ARG G 621 -13.14 -38.23 -6.58
N VAL G 622 -13.78 -38.21 -7.76
CA VAL G 622 -15.21 -37.92 -7.82
C VAL G 622 -15.99 -39.00 -7.10
N TYR G 623 -17.09 -38.60 -6.46
CA TYR G 623 -17.87 -39.54 -5.67
C TYR G 623 -19.29 -39.69 -6.22
N SER G 624 -19.95 -38.56 -6.50
CA SER G 624 -21.32 -38.55 -6.99
C SER G 624 -21.32 -38.58 -8.51
N THR G 625 -21.20 -39.78 -9.07
CA THR G 625 -21.14 -39.95 -10.51
C THR G 625 -22.42 -40.62 -10.99
N GLY G 626 -22.82 -40.31 -12.21
CA GLY G 626 -23.98 -40.93 -12.82
C GLY G 626 -23.59 -41.99 -13.84
N SER G 627 -23.65 -41.63 -15.12
CA SER G 627 -23.31 -42.51 -16.22
C SER G 627 -22.80 -41.70 -17.41
N ASN G 628 -22.10 -42.40 -18.31
CA ASN G 628 -21.54 -41.80 -19.53
C ASN G 628 -20.54 -40.70 -19.18
N VAL G 629 -19.49 -41.08 -18.45
CA VAL G 629 -18.41 -40.19 -18.09
C VAL G 629 -17.48 -40.04 -19.28
N PHE G 630 -16.59 -39.06 -19.23
CA PHE G 630 -15.60 -38.83 -20.27
C PHE G 630 -14.44 -38.06 -19.69
N GLN G 631 -13.26 -38.28 -20.26
CA GLN G 631 -12.04 -37.59 -19.85
C GLN G 631 -11.49 -36.80 -21.04
N THR G 632 -11.14 -35.54 -20.79
CA THR G 632 -10.60 -34.65 -21.79
C THR G 632 -9.19 -34.25 -21.40
N ARG G 633 -8.59 -33.36 -22.19
CA ARG G 633 -7.30 -32.79 -21.83
C ARG G 633 -7.46 -31.75 -20.72
N ALA G 634 -8.60 -31.06 -20.70
CA ALA G 634 -8.85 -30.10 -19.63
C ALA G 634 -9.20 -30.78 -18.32
N GLY G 635 -10.01 -31.84 -18.37
CA GLY G 635 -10.44 -32.52 -17.17
C GLY G 635 -11.44 -33.61 -17.45
N CYS G 636 -12.11 -34.13 -16.42
CA CYS G 636 -13.08 -35.19 -16.57
C CYS G 636 -14.49 -34.61 -16.53
N LEU G 637 -15.27 -34.93 -17.56
CA LEU G 637 -16.61 -34.38 -17.76
C LEU G 637 -17.64 -35.50 -17.68
N ILE G 638 -18.76 -35.22 -17.04
CA ILE G 638 -19.86 -36.18 -16.92
C ILE G 638 -21.13 -35.50 -17.44
N GLY G 639 -22.12 -36.32 -17.78
CA GLY G 639 -23.38 -35.85 -18.29
C GLY G 639 -23.48 -35.71 -19.80
N ALA G 640 -22.41 -35.96 -20.55
CA ALA G 640 -22.44 -35.87 -21.99
C ALA G 640 -21.75 -37.08 -22.59
N GLU G 641 -22.08 -37.40 -23.84
CA GLU G 641 -21.54 -38.56 -24.51
C GLU G 641 -20.70 -38.14 -25.71
N HIS G 642 -19.70 -38.94 -26.02
CA HIS G 642 -18.78 -38.64 -27.11
C HIS G 642 -19.42 -38.93 -28.46
N VAL G 643 -18.94 -38.24 -29.49
CA VAL G 643 -19.38 -38.46 -30.87
C VAL G 643 -18.16 -38.46 -31.77
N ASN G 644 -18.40 -38.58 -33.09
CA ASN G 644 -17.31 -38.59 -34.04
C ASN G 644 -17.34 -37.40 -35.00
N ASN G 645 -18.46 -36.69 -35.07
CA ASN G 645 -18.62 -35.66 -36.08
C ASN G 645 -17.89 -34.38 -35.66
N SER G 646 -18.18 -33.31 -36.41
CA SER G 646 -17.62 -32.00 -36.14
C SER G 646 -18.61 -30.93 -36.57
N TYR G 647 -18.72 -29.88 -35.77
CA TYR G 647 -19.65 -28.79 -36.03
C TYR G 647 -18.97 -27.47 -35.66
N GLU G 648 -19.74 -26.40 -35.60
CA GLU G 648 -19.23 -25.12 -35.17
C GLU G 648 -19.21 -25.01 -33.65
N CYS G 649 -18.88 -23.84 -33.15
CA CYS G 649 -18.69 -23.61 -31.72
C CYS G 649 -19.83 -22.76 -31.18
N ASP G 650 -20.45 -23.22 -30.10
CA ASP G 650 -21.45 -22.43 -29.40
C ASP G 650 -21.16 -22.31 -27.91
N ILE G 651 -20.66 -23.37 -27.29
CA ILE G 651 -20.23 -23.34 -25.89
C ILE G 651 -18.81 -23.86 -25.83
N PRO G 652 -17.84 -23.01 -25.49
CA PRO G 652 -16.44 -23.44 -25.46
C PRO G 652 -16.06 -24.11 -24.15
N ILE G 653 -15.14 -25.07 -24.21
CA ILE G 653 -14.66 -25.73 -23.00
C ILE G 653 -13.16 -25.56 -22.86
N GLY G 654 -12.40 -26.05 -23.82
CA GLY G 654 -10.95 -25.95 -23.76
C GLY G 654 -10.24 -27.07 -24.48
N ALA G 655 -9.03 -26.78 -24.97
CA ALA G 655 -8.20 -27.76 -25.67
C ALA G 655 -8.93 -28.39 -26.86
N GLY G 656 -9.68 -27.58 -27.61
CA GLY G 656 -10.33 -28.06 -28.80
C GLY G 656 -11.57 -28.91 -28.56
N ILE G 657 -12.22 -28.77 -27.41
CA ILE G 657 -13.44 -29.50 -27.10
C ILE G 657 -14.56 -28.50 -26.89
N CYS G 658 -15.70 -28.74 -27.53
CA CYS G 658 -16.86 -27.87 -27.41
C CYS G 658 -18.10 -28.72 -27.12
N ALA G 659 -19.04 -28.12 -26.40
CA ALA G 659 -20.28 -28.79 -26.03
C ALA G 659 -21.46 -28.05 -26.65
N SER G 660 -22.52 -28.79 -26.92
CA SER G 660 -23.71 -28.23 -27.54
C SER G 660 -24.92 -29.05 -27.13
N TYR G 661 -26.10 -28.49 -27.31
CA TYR G 661 -27.35 -29.15 -26.95
C TYR G 661 -28.22 -29.27 -28.19
N GLN G 662 -28.39 -30.50 -28.68
CA GLN G 662 -29.15 -30.75 -29.90
C GLN G 662 -30.10 -31.92 -29.66
N THR G 663 -31.17 -31.94 -30.45
CA THR G 663 -32.16 -33.00 -30.37
C THR G 663 -31.80 -34.16 -31.29
N SER G 676 -35.00 -37.76 -28.79
CA SER G 676 -35.17 -36.83 -27.67
C SER G 676 -34.16 -35.70 -27.75
N GLN G 677 -33.46 -35.46 -26.66
CA GLN G 677 -32.49 -34.37 -26.56
C GLN G 677 -31.47 -34.67 -25.46
N SER G 678 -30.22 -34.31 -25.73
CA SER G 678 -29.12 -34.59 -24.81
C SER G 678 -28.07 -33.51 -24.97
N ILE G 679 -26.87 -33.77 -24.45
CA ILE G 679 -25.74 -32.87 -24.55
C ILE G 679 -24.61 -33.58 -25.29
N ILE G 680 -24.05 -32.91 -26.30
CA ILE G 680 -23.06 -33.52 -27.19
C ILE G 680 -21.72 -32.85 -26.97
N ALA G 681 -20.67 -33.68 -26.85
CA ALA G 681 -19.31 -33.19 -26.72
C ALA G 681 -18.49 -33.66 -27.92
N TYR G 682 -17.77 -32.72 -28.54
CA TYR G 682 -17.09 -33.00 -29.79
C TYR G 682 -15.93 -32.04 -29.96
N THR G 683 -15.05 -32.35 -30.91
CA THR G 683 -13.97 -31.45 -31.29
C THR G 683 -14.47 -30.47 -32.35
N MET G 684 -13.92 -29.26 -32.31
CA MET G 684 -14.36 -28.22 -33.21
C MET G 684 -13.78 -28.42 -34.61
N SER G 685 -14.42 -27.78 -35.59
CA SER G 685 -14.00 -27.83 -36.98
C SER G 685 -13.80 -26.40 -37.46
N LEU G 686 -12.65 -26.16 -38.09
CA LEU G 686 -12.34 -24.80 -38.54
C LEU G 686 -13.30 -24.34 -39.61
N GLY G 687 -13.64 -25.21 -40.56
CA GLY G 687 -14.55 -24.84 -41.62
C GLY G 687 -14.56 -25.90 -42.70
N ALA G 688 -15.22 -25.55 -43.80
CA ALA G 688 -15.32 -26.45 -44.94
C ALA G 688 -13.97 -26.60 -45.64
N GLU G 689 -13.96 -27.39 -46.70
CA GLU G 689 -12.74 -27.63 -47.45
C GLU G 689 -12.94 -27.25 -48.91
N ASN G 690 -11.89 -26.69 -49.52
CA ASN G 690 -11.96 -26.24 -50.90
C ASN G 690 -10.55 -26.22 -51.48
N SER G 691 -10.46 -26.50 -52.78
CA SER G 691 -9.21 -26.45 -53.51
C SER G 691 -9.40 -25.66 -54.79
N VAL G 692 -8.31 -25.05 -55.26
CA VAL G 692 -8.34 -24.15 -56.42
C VAL G 692 -7.60 -24.83 -57.56
N ALA G 693 -8.26 -24.92 -58.72
CA ALA G 693 -7.63 -25.46 -59.91
C ALA G 693 -6.48 -24.54 -60.32
N TYR G 694 -5.35 -25.14 -60.68
CA TYR G 694 -4.15 -24.38 -61.00
C TYR G 694 -3.54 -24.88 -62.30
N SER G 695 -2.89 -23.97 -63.01
CA SER G 695 -2.15 -24.29 -64.23
C SER G 695 -1.25 -23.10 -64.54
N ASN G 696 -0.32 -23.31 -65.47
CA ASN G 696 0.56 -22.21 -65.84
C ASN G 696 0.07 -21.42 -67.05
N ASN G 697 -1.08 -21.77 -67.61
CA ASN G 697 -1.69 -20.98 -68.69
C ASN G 697 -3.20 -20.90 -68.51
N SER G 698 -3.66 -20.69 -67.27
CA SER G 698 -5.08 -20.64 -66.97
C SER G 698 -5.41 -19.40 -66.16
N ILE G 699 -6.64 -18.89 -66.30
CA ILE G 699 -7.08 -17.68 -65.63
C ILE G 699 -8.60 -17.70 -65.51
N ALA G 700 -9.11 -16.89 -64.58
CA ALA G 700 -10.54 -16.74 -64.36
C ALA G 700 -10.88 -15.26 -64.26
N ILE G 701 -12.08 -14.91 -64.73
CA ILE G 701 -12.51 -13.51 -64.78
C ILE G 701 -14.00 -13.44 -64.48
N PRO G 702 -14.44 -12.50 -63.65
CA PRO G 702 -15.86 -12.43 -63.29
C PRO G 702 -16.72 -11.94 -64.46
N THR G 703 -18.04 -12.08 -64.28
CA THR G 703 -19.00 -11.64 -65.28
C THR G 703 -20.21 -10.91 -64.71
N ASN G 704 -20.32 -10.77 -63.39
CA ASN G 704 -21.45 -10.08 -62.78
C ASN G 704 -21.04 -9.64 -61.39
N PHE G 705 -21.82 -8.74 -60.80
CA PHE G 705 -21.46 -8.13 -59.53
C PHE G 705 -22.70 -7.97 -58.65
N THR G 706 -22.45 -7.84 -57.35
CA THR G 706 -23.49 -7.62 -56.36
C THR G 706 -23.04 -6.53 -55.39
N ILE G 707 -24.01 -5.85 -54.78
CA ILE G 707 -23.76 -4.75 -53.85
C ILE G 707 -24.38 -5.11 -52.51
N SER G 708 -23.59 -4.96 -51.45
CA SER G 708 -24.02 -5.36 -50.11
C SER G 708 -23.80 -4.23 -49.12
N VAL G 709 -24.46 -4.34 -47.97
CA VAL G 709 -24.40 -3.34 -46.91
C VAL G 709 -24.08 -4.04 -45.60
N THR G 710 -23.11 -3.49 -44.85
CA THR G 710 -22.67 -4.06 -43.59
C THR G 710 -22.69 -2.98 -42.52
N THR G 711 -22.90 -3.39 -41.27
CA THR G 711 -23.03 -2.47 -40.16
C THR G 711 -21.91 -2.69 -39.14
N GLU G 712 -21.59 -1.63 -38.40
CA GLU G 712 -20.61 -1.68 -37.31
C GLU G 712 -21.10 -0.81 -36.16
N ILE G 713 -20.67 -1.14 -34.95
CA ILE G 713 -21.06 -0.43 -33.74
C ILE G 713 -19.83 -0.18 -32.89
N LEU G 714 -19.65 1.06 -32.44
CA LEU G 714 -18.52 1.44 -31.61
C LEU G 714 -18.97 2.34 -30.47
N PRO G 715 -18.63 1.99 -29.23
CA PRO G 715 -18.94 2.86 -28.10
C PRO G 715 -18.12 4.15 -28.14
N VAL G 716 -18.67 5.20 -27.53
CA VAL G 716 -18.02 6.50 -27.55
C VAL G 716 -17.81 7.05 -26.15
N SER G 717 -18.87 7.10 -25.35
CA SER G 717 -18.81 7.76 -24.05
C SER G 717 -19.53 6.94 -22.99
N MET G 718 -19.33 7.34 -21.74
CA MET G 718 -19.96 6.70 -20.59
C MET G 718 -20.49 7.76 -19.65
N THR G 719 -21.47 7.37 -18.83
CA THR G 719 -22.13 8.31 -17.93
C THR G 719 -21.17 8.81 -16.85
N LYS G 720 -21.37 10.06 -16.45
CA LYS G 720 -20.54 10.68 -15.41
C LYS G 720 -21.11 10.39 -14.03
N THR G 721 -20.23 10.43 -13.04
CA THR G 721 -20.61 10.23 -11.64
C THR G 721 -19.78 11.16 -10.77
N SER G 722 -20.27 11.38 -9.54
CA SER G 722 -19.56 12.16 -8.56
C SER G 722 -19.93 11.67 -7.16
N VAL G 723 -18.94 11.49 -6.30
CA VAL G 723 -19.14 10.97 -4.96
C VAL G 723 -18.50 11.92 -3.96
N ASP G 724 -19.23 12.23 -2.89
CA ASP G 724 -18.69 13.05 -1.82
C ASP G 724 -17.90 12.20 -0.84
N CYS G 725 -16.64 12.58 -0.64
CA CYS G 725 -15.75 11.81 0.23
C CYS G 725 -16.21 11.85 1.68
N THR G 726 -16.59 13.04 2.16
CA THR G 726 -16.89 13.18 3.59
C THR G 726 -18.24 12.57 3.94
N MET G 727 -19.24 12.76 3.10
CA MET G 727 -20.59 12.28 3.44
C MET G 727 -20.65 10.77 3.44
N TYR G 728 -19.92 10.12 2.53
CA TYR G 728 -20.05 8.67 2.38
C TYR G 728 -19.48 7.93 3.58
N ILE G 729 -18.26 8.27 4.00
CA ILE G 729 -17.56 7.47 4.99
C ILE G 729 -17.76 7.98 6.41
N CYS G 730 -18.54 9.03 6.60
CA CYS G 730 -18.63 9.67 7.90
C CYS G 730 -20.04 10.01 8.34
N GLY G 731 -21.03 9.96 7.45
CA GLY G 731 -22.39 10.28 7.85
C GLY G 731 -22.52 11.75 8.19
N ASP G 732 -23.48 12.06 9.08
CA ASP G 732 -23.69 13.42 9.52
C ASP G 732 -23.37 13.66 10.99
N SER G 733 -22.36 12.99 11.53
CA SER G 733 -21.98 13.19 12.92
C SER G 733 -20.66 13.94 13.01
N THR G 734 -20.64 15.00 13.82
CA THR G 734 -19.42 15.79 13.98
C THR G 734 -18.34 15.03 14.75
N GLU G 735 -18.73 14.07 15.60
CA GLU G 735 -17.75 13.24 16.28
C GLU G 735 -16.93 12.43 15.29
N CYS G 736 -17.59 11.89 14.27
CA CYS G 736 -16.90 11.21 13.18
C CYS G 736 -15.94 12.14 12.44
N SER G 737 -16.39 13.35 12.13
CA SER G 737 -15.64 14.21 11.22
C SER G 737 -14.32 14.65 11.83
N ASN G 738 -14.26 14.78 13.16
CA ASN G 738 -13.05 15.25 13.80
C ASN G 738 -11.89 14.28 13.61
N LEU G 739 -12.16 12.98 13.71
CA LEU G 739 -11.09 12.00 13.56
C LEU G 739 -10.57 11.91 12.13
N LEU G 740 -11.42 12.17 11.13
CA LEU G 740 -11.00 12.06 9.74
C LEU G 740 -9.90 13.04 9.37
N LEU G 741 -9.81 14.17 10.08
CA LEU G 741 -8.80 15.17 9.75
C LEU G 741 -7.39 14.70 10.02
N GLN G 742 -7.21 13.62 10.77
CA GLN G 742 -5.86 13.11 11.03
C GLN G 742 -5.19 12.68 9.73
N TYR G 743 -5.92 11.98 8.87
CA TYR G 743 -5.42 11.73 7.53
C TYR G 743 -5.34 13.02 6.75
N GLY G 744 -4.26 13.19 5.98
CA GLY G 744 -3.96 14.48 5.41
C GLY G 744 -4.90 14.98 4.33
N SER G 745 -4.86 14.35 3.15
CA SER G 745 -5.58 14.88 1.99
C SER G 745 -6.22 13.76 1.17
N PHE G 746 -6.66 12.69 1.81
CA PHE G 746 -7.26 11.59 1.06
C PHE G 746 -8.52 12.04 0.34
N CYS G 747 -9.36 12.85 0.99
CA CYS G 747 -10.61 13.27 0.37
C CYS G 747 -10.38 14.11 -0.87
N THR G 748 -9.44 15.05 -0.80
CA THR G 748 -9.22 15.94 -1.95
C THR G 748 -8.52 15.21 -3.08
N GLN G 749 -7.70 14.21 -2.76
CA GLN G 749 -7.01 13.45 -3.80
C GLN G 749 -7.99 12.68 -4.66
N LEU G 750 -9.02 12.09 -4.05
CA LEU G 750 -9.98 11.30 -4.81
C LEU G 750 -10.85 12.18 -5.70
N ASN G 751 -11.24 13.36 -5.20
CA ASN G 751 -12.17 14.20 -5.95
C ASN G 751 -11.53 14.71 -7.24
N ARG G 752 -10.25 15.04 -7.21
CA ARG G 752 -9.57 15.51 -8.42
C ARG G 752 -9.55 14.44 -9.50
N ALA G 753 -9.33 13.18 -9.10
CA ALA G 753 -9.25 12.10 -10.08
C ALA G 753 -10.59 11.89 -10.77
N LEU G 754 -11.70 11.96 -10.02
CA LEU G 754 -13.00 11.70 -10.61
C LEU G 754 -13.44 12.83 -11.53
N THR G 755 -13.02 14.07 -11.25
CA THR G 755 -13.39 15.18 -12.10
C THR G 755 -12.71 15.10 -13.46
N GLY G 756 -11.49 14.57 -13.51
CA GLY G 756 -10.81 14.43 -14.79
C GLY G 756 -11.53 13.50 -15.74
N ILE G 757 -12.12 12.42 -15.20
CA ILE G 757 -12.88 11.50 -16.03
C ILE G 757 -14.11 12.18 -16.61
N ALA G 758 -14.81 12.97 -15.79
CA ALA G 758 -16.04 13.61 -16.25
C ALA G 758 -15.80 14.57 -17.39
N VAL G 759 -14.71 15.34 -17.33
CA VAL G 759 -14.41 16.30 -18.39
C VAL G 759 -14.04 15.57 -19.68
N GLU G 760 -13.32 14.46 -19.57
CA GLU G 760 -12.84 13.76 -20.75
C GLU G 760 -13.99 13.19 -21.58
N GLN G 761 -15.15 12.96 -20.95
CA GLN G 761 -16.29 12.44 -21.69
C GLN G 761 -16.79 13.45 -22.73
N ASP G 762 -16.82 14.74 -22.36
CA ASP G 762 -17.25 15.76 -23.30
C ASP G 762 -16.24 15.94 -24.42
N LYS G 763 -14.96 15.69 -24.16
CA LYS G 763 -13.94 15.83 -25.20
C LYS G 763 -14.07 14.73 -26.24
N ASN G 764 -14.49 13.53 -25.83
CA ASN G 764 -14.58 12.41 -26.76
C ASN G 764 -15.67 12.65 -27.80
N THR G 765 -16.87 13.04 -27.35
CA THR G 765 -17.97 13.22 -28.28
C THR G 765 -17.80 14.43 -29.18
N GLN G 766 -16.99 15.40 -28.77
CA GLN G 766 -16.78 16.58 -29.61
C GLN G 766 -15.82 16.29 -30.76
N GLU G 767 -14.88 15.36 -30.54
CA GLU G 767 -13.86 15.10 -31.54
C GLU G 767 -14.31 14.07 -32.57
N VAL G 768 -15.52 13.51 -32.39
CA VAL G 768 -15.99 12.49 -33.32
C VAL G 768 -17.12 13.03 -34.18
N PHE G 769 -17.79 14.09 -33.74
CA PHE G 769 -18.93 14.63 -34.47
C PHE G 769 -18.70 16.04 -35.01
N ALA G 770 -18.14 16.93 -34.21
CA ALA G 770 -17.96 18.33 -34.59
C ALA G 770 -16.79 18.41 -35.57
N GLN G 771 -17.04 18.03 -36.83
CA GLN G 771 -16.03 18.04 -37.86
C GLN G 771 -16.42 18.84 -39.10
N VAL G 772 -17.48 19.64 -39.03
CA VAL G 772 -17.95 20.44 -40.17
C VAL G 772 -18.01 21.89 -39.73
N LYS G 773 -17.51 22.78 -40.59
CA LYS G 773 -17.54 24.21 -40.28
C LYS G 773 -18.94 24.79 -40.37
N GLN G 774 -19.74 24.33 -41.33
CA GLN G 774 -21.08 24.87 -41.58
C GLN G 774 -22.10 23.73 -41.53
N ILE G 775 -23.36 24.10 -41.69
CA ILE G 775 -24.47 23.16 -41.68
C ILE G 775 -25.20 23.24 -43.01
N TYR G 776 -25.37 22.10 -43.66
CA TYR G 776 -26.00 22.02 -44.98
C TYR G 776 -27.41 21.45 -44.85
N LYS G 777 -28.22 21.70 -45.87
CA LYS G 777 -29.59 21.19 -45.93
C LYS G 777 -29.86 20.60 -47.31
N THR G 778 -30.70 19.57 -47.33
CA THR G 778 -31.02 18.90 -48.58
C THR G 778 -32.04 19.72 -49.39
N PRO G 779 -31.97 19.64 -50.72
CA PRO G 779 -32.99 20.30 -51.53
C PRO G 779 -34.36 19.69 -51.31
N PRO G 780 -35.43 20.48 -51.43
CA PRO G 780 -36.78 19.94 -51.19
C PRO G 780 -37.16 18.81 -52.14
N ILE G 781 -36.70 18.85 -53.39
CA ILE G 781 -37.07 17.85 -54.39
C ILE G 781 -36.10 16.68 -54.31
N LYS G 782 -36.65 15.47 -54.16
CA LYS G 782 -35.86 14.26 -54.02
C LYS G 782 -35.92 13.47 -55.33
N ASP G 783 -34.99 13.76 -56.22
CA ASP G 783 -34.85 13.04 -57.48
C ASP G 783 -33.36 12.87 -57.75
N PHE G 784 -32.83 11.70 -57.42
CA PHE G 784 -31.40 11.42 -57.52
C PHE G 784 -31.09 10.33 -58.55
N GLY G 785 -31.89 10.28 -59.61
CA GLY G 785 -31.63 9.32 -60.67
C GLY G 785 -32.08 7.91 -60.40
N GLY G 786 -32.81 7.70 -59.31
CA GLY G 786 -33.35 6.39 -59.01
C GLY G 786 -33.00 5.82 -57.65
N PHE G 787 -32.29 6.56 -56.81
CA PHE G 787 -31.91 6.10 -55.49
C PHE G 787 -32.84 6.71 -54.44
N ASN G 788 -33.35 5.85 -53.56
CA ASN G 788 -34.36 6.22 -52.58
C ASN G 788 -33.73 6.23 -51.20
N PHE G 789 -33.77 7.39 -50.54
CA PHE G 789 -33.06 7.62 -49.28
C PHE G 789 -34.03 7.93 -48.15
N SER G 790 -35.21 7.30 -48.18
CA SER G 790 -36.23 7.64 -47.19
C SER G 790 -35.91 7.05 -45.82
N GLN G 791 -35.00 6.06 -45.78
CA GLN G 791 -34.74 5.37 -44.52
C GLN G 791 -33.61 6.03 -43.73
N ILE G 792 -32.94 7.02 -44.31
CA ILE G 792 -31.80 7.63 -43.62
C ILE G 792 -32.10 9.10 -43.32
N LEU G 793 -32.76 9.79 -44.23
CA LEU G 793 -32.99 11.22 -44.08
C LEU G 793 -33.98 11.48 -42.95
N PRO G 794 -33.92 12.66 -42.33
CA PRO G 794 -34.85 12.97 -41.23
C PRO G 794 -36.29 13.01 -41.69
N ASP G 795 -37.18 12.65 -40.77
CA ASP G 795 -38.62 12.63 -41.01
C ASP G 795 -39.25 13.88 -40.41
N PRO G 796 -39.93 14.72 -41.20
CA PRO G 796 -40.52 15.93 -40.63
C PRO G 796 -41.75 15.68 -39.78
N SER G 797 -42.38 14.50 -39.89
CA SER G 797 -43.64 14.27 -39.18
C SER G 797 -43.40 14.05 -37.69
N LYS G 798 -42.34 13.35 -37.33
CA LYS G 798 -42.11 13.03 -35.94
C LYS G 798 -41.78 14.30 -35.14
N PRO G 799 -42.20 14.37 -33.88
CA PRO G 799 -41.84 15.54 -33.06
C PRO G 799 -40.35 15.71 -32.89
N SER G 800 -39.60 14.61 -32.81
CA SER G 800 -38.15 14.67 -32.74
C SER G 800 -37.58 14.25 -34.09
N LYS G 801 -36.63 15.05 -34.59
CA LYS G 801 -36.08 14.86 -35.93
C LYS G 801 -35.17 13.64 -35.90
N ARG G 802 -35.75 12.47 -36.15
CA ARG G 802 -35.02 11.22 -36.14
C ARG G 802 -35.43 10.39 -37.34
N SER G 803 -34.45 9.72 -37.92
CA SER G 803 -34.66 8.82 -39.05
C SER G 803 -35.36 7.55 -38.59
N PRO G 804 -36.04 6.85 -39.50
CA PRO G 804 -36.70 5.59 -39.10
C PRO G 804 -35.75 4.58 -38.50
N ILE G 805 -34.51 4.51 -38.99
CA ILE G 805 -33.54 3.59 -38.41
C ILE G 805 -33.19 4.02 -36.99
N GLU G 806 -33.04 5.33 -36.76
CA GLU G 806 -32.63 5.82 -35.44
C GLU G 806 -33.68 5.52 -34.39
N ASP G 807 -34.97 5.69 -34.71
CA ASP G 807 -36.02 5.40 -33.73
C ASP G 807 -36.03 3.93 -33.35
N LEU G 808 -35.65 3.05 -34.29
CA LEU G 808 -35.57 1.63 -33.96
C LEU G 808 -34.42 1.36 -33.01
N LEU G 809 -33.32 2.11 -33.14
CA LEU G 809 -32.20 1.93 -32.23
C LEU G 809 -32.48 2.55 -30.86
N PHE G 810 -33.31 3.58 -30.82
CA PHE G 810 -33.53 4.30 -29.57
C PHE G 810 -34.26 3.43 -28.54
N ASN G 811 -35.22 2.63 -28.99
CA ASN G 811 -36.01 1.82 -28.07
C ASN G 811 -35.41 0.43 -27.84
N LYS G 812 -34.35 0.07 -28.56
CA LYS G 812 -33.77 -1.25 -28.39
C LYS G 812 -32.93 -1.33 -27.12
N VAL G 813 -32.26 -0.24 -26.76
CA VAL G 813 -31.38 -0.24 -25.59
C VAL G 813 -32.11 0.40 -24.42
N THR G 814 -32.27 -0.37 -23.34
CA THR G 814 -32.93 0.10 -22.12
C THR G 814 -32.00 -0.10 -20.94
N LEU G 815 -31.88 0.93 -20.11
CA LEU G 815 -31.02 0.87 -18.94
C LEU G 815 -31.68 0.09 -17.81
N CYS G 838 -31.88 3.44 -9.03
CA CYS G 838 -31.63 4.86 -8.77
C CYS G 838 -32.85 5.52 -8.14
N ALA G 839 -33.14 5.17 -6.89
CA ALA G 839 -34.32 5.67 -6.18
C ALA G 839 -33.88 6.37 -4.90
N GLN G 840 -34.54 7.49 -4.61
CA GLN G 840 -34.32 8.30 -3.41
C GLN G 840 -32.89 8.83 -3.30
N LYS G 841 -32.16 8.88 -4.41
CA LYS G 841 -30.83 9.48 -4.58
C LYS G 841 -29.80 8.96 -3.57
N PHE G 842 -30.16 7.95 -2.78
CA PHE G 842 -29.26 7.21 -1.87
C PHE G 842 -28.37 8.19 -1.12
N ASN G 843 -27.10 7.89 -0.89
CA ASN G 843 -26.14 8.76 -0.25
C ASN G 843 -25.60 9.77 -1.27
N GLY G 844 -24.49 10.42 -0.95
CA GLY G 844 -24.01 11.51 -1.76
C GLY G 844 -23.47 11.09 -3.12
N LEU G 845 -24.38 10.66 -3.98
CA LEU G 845 -24.05 10.26 -5.35
C LEU G 845 -24.83 11.14 -6.32
N THR G 846 -24.14 11.65 -7.34
CA THR G 846 -24.76 12.45 -8.38
C THR G 846 -24.34 11.94 -9.75
N VAL G 847 -24.97 12.46 -10.79
CA VAL G 847 -24.79 11.97 -12.15
C VAL G 847 -24.18 13.02 -13.07
N LEU G 848 -24.71 14.25 -13.02
CA LEU G 848 -24.34 15.38 -13.87
C LEU G 848 -24.80 15.13 -15.31
N PRO G 849 -25.24 16.18 -16.01
CA PRO G 849 -25.80 15.98 -17.34
C PRO G 849 -24.74 16.15 -18.42
N PRO G 850 -24.91 15.51 -19.57
CA PRO G 850 -23.97 15.70 -20.68
C PRO G 850 -24.08 17.10 -21.26
N LEU G 851 -22.98 17.55 -21.86
CA LEU G 851 -22.92 18.89 -22.41
C LEU G 851 -23.80 19.02 -23.65
N LEU G 852 -23.70 18.07 -24.57
CA LEU G 852 -24.45 18.12 -25.82
C LEU G 852 -25.69 17.24 -25.70
N THR G 853 -26.87 17.85 -25.87
CA THR G 853 -28.11 17.10 -25.81
C THR G 853 -28.27 16.23 -27.06
N ASP G 854 -29.14 15.22 -26.94
CA ASP G 854 -29.38 14.30 -28.04
C ASP G 854 -29.92 14.98 -29.29
N GLU G 855 -30.72 16.03 -29.15
CA GLU G 855 -31.19 16.76 -30.32
C GLU G 855 -30.05 17.42 -31.07
N MET G 856 -29.08 17.99 -30.33
CA MET G 856 -27.97 18.67 -30.98
C MET G 856 -27.08 17.70 -31.74
N ILE G 857 -26.91 16.48 -31.24
CA ILE G 857 -26.09 15.49 -31.94
C ILE G 857 -26.73 15.10 -33.26
N ALA G 858 -28.06 14.99 -33.29
CA ALA G 858 -28.74 14.58 -34.50
C ALA G 858 -28.60 15.61 -35.62
N GLN G 859 -28.26 16.86 -35.28
CA GLN G 859 -28.12 17.89 -36.29
C GLN G 859 -26.80 17.75 -37.04
N TYR G 860 -25.73 17.37 -36.33
CA TYR G 860 -24.46 17.10 -37.01
C TYR G 860 -24.57 15.94 -37.99
N THR G 861 -25.22 14.85 -37.57
CA THR G 861 -25.35 13.71 -38.46
C THR G 861 -26.17 14.05 -39.70
N SER G 862 -27.23 14.85 -39.52
CA SER G 862 -28.01 15.30 -40.67
C SER G 862 -27.16 16.17 -41.59
N ALA G 863 -26.30 17.01 -41.03
CA ALA G 863 -25.46 17.87 -41.85
C ALA G 863 -24.48 17.06 -42.70
N LEU G 864 -23.89 16.01 -42.12
CA LEU G 864 -22.94 15.20 -42.86
C LEU G 864 -23.62 14.43 -43.98
N LEU G 865 -24.82 13.90 -43.72
CA LEU G 865 -25.53 13.16 -44.75
C LEU G 865 -25.93 14.06 -45.91
N ALA G 866 -26.34 15.29 -45.62
CA ALA G 866 -26.70 16.22 -46.69
C ALA G 866 -25.49 16.59 -47.53
N GLY G 867 -24.33 16.75 -46.91
CA GLY G 867 -23.15 17.16 -47.64
C GLY G 867 -22.66 16.09 -48.62
N THR G 868 -22.64 14.83 -48.18
CA THR G 868 -22.07 13.78 -49.01
C THR G 868 -22.96 13.47 -50.21
N ILE G 869 -24.27 13.60 -50.07
CA ILE G 869 -25.16 13.34 -51.20
C ILE G 869 -25.03 14.43 -52.26
N THR G 870 -24.92 15.69 -51.83
CA THR G 870 -24.91 16.80 -52.78
C THR G 870 -23.51 17.12 -53.26
N SER G 871 -22.57 17.34 -52.35
CA SER G 871 -21.26 17.87 -52.69
C SER G 871 -20.20 16.79 -52.89
N GLY G 872 -20.55 15.51 -52.79
CA GLY G 872 -19.54 14.47 -52.91
C GLY G 872 -18.55 14.55 -51.77
N TRP G 873 -17.28 14.25 -52.08
CA TRP G 873 -16.21 14.34 -51.09
C TRP G 873 -15.49 15.67 -51.14
N THR G 874 -15.95 16.62 -51.95
CA THR G 874 -15.25 17.89 -52.11
C THR G 874 -15.27 18.69 -50.81
N PHE G 875 -16.38 18.66 -50.08
CA PHE G 875 -16.52 19.49 -48.89
C PHE G 875 -15.67 19.02 -47.74
N GLY G 876 -15.02 17.85 -47.85
CA GLY G 876 -14.13 17.40 -46.80
C GLY G 876 -12.88 18.25 -46.71
N ALA G 877 -12.54 18.95 -47.80
CA ALA G 877 -11.38 19.83 -47.85
C ALA G 877 -11.67 20.98 -48.78
N GLY G 878 -12.11 22.10 -48.22
CA GLY G 878 -12.42 23.28 -49.01
C GLY G 878 -13.90 23.50 -49.19
N PRO G 879 -14.26 24.53 -49.95
CA PRO G 879 -15.69 24.82 -50.17
C PRO G 879 -16.37 23.72 -50.97
N ALA G 880 -17.66 23.55 -50.69
CA ALA G 880 -18.47 22.53 -51.33
C ALA G 880 -18.78 22.90 -52.77
N LEU G 881 -18.79 21.89 -53.64
CA LEU G 881 -19.09 22.05 -55.05
C LEU G 881 -20.14 21.01 -55.45
N GLN G 882 -21.21 21.46 -56.09
CA GLN G 882 -22.30 20.55 -56.44
C GLN G 882 -21.91 19.67 -57.61
N ILE G 883 -22.59 18.52 -57.71
CA ILE G 883 -22.36 17.54 -58.77
C ILE G 883 -23.55 16.60 -58.83
N PRO G 884 -23.96 16.15 -60.02
CA PRO G 884 -25.04 15.15 -60.09
C PRO G 884 -24.62 13.84 -59.44
N PHE G 885 -25.59 13.19 -58.80
CA PHE G 885 -25.28 11.95 -58.08
C PHE G 885 -24.83 10.81 -58.98
N PRO G 886 -25.50 10.50 -60.11
CA PRO G 886 -25.01 9.41 -60.94
C PRO G 886 -23.59 9.63 -61.44
N MET G 887 -23.21 10.88 -61.72
CA MET G 887 -21.82 11.14 -62.10
C MET G 887 -20.87 10.93 -60.95
N GLN G 888 -21.30 11.23 -59.71
CA GLN G 888 -20.44 11.01 -58.56
C GLN G 888 -20.15 9.54 -58.36
N MET G 889 -21.15 8.68 -58.54
CA MET G 889 -20.93 7.25 -58.41
C MET G 889 -20.01 6.72 -59.50
N ALA G 890 -19.93 7.40 -60.64
CA ALA G 890 -19.04 6.97 -61.69
C ALA G 890 -17.57 7.08 -61.27
N TYR G 891 -17.23 8.14 -60.52
CA TYR G 891 -15.85 8.29 -60.06
C TYR G 891 -15.47 7.17 -59.10
N ARG G 892 -16.41 6.72 -58.27
CA ARG G 892 -16.13 5.63 -57.35
C ARG G 892 -15.77 4.36 -58.09
N PHE G 893 -16.48 4.07 -59.19
CA PHE G 893 -16.15 2.89 -59.99
C PHE G 893 -14.77 3.02 -60.61
N ASN G 894 -14.40 4.23 -61.04
CA ASN G 894 -13.11 4.43 -61.69
C ASN G 894 -11.97 4.16 -60.73
N GLY G 895 -12.12 4.56 -59.46
CA GLY G 895 -11.02 4.41 -58.52
C GLY G 895 -10.87 3.00 -58.01
N ILE G 896 -11.82 2.13 -58.32
CA ILE G 896 -11.75 0.75 -57.84
C ILE G 896 -11.19 -0.17 -58.91
N GLY G 897 -11.08 0.33 -60.15
CA GLY G 897 -10.50 -0.44 -61.22
C GLY G 897 -11.48 -0.88 -62.28
N VAL G 898 -12.62 -0.20 -62.37
CA VAL G 898 -13.65 -0.52 -63.35
C VAL G 898 -13.94 0.72 -64.18
N THR G 899 -14.06 0.51 -65.48
CA THR G 899 -14.27 1.62 -66.41
C THR G 899 -15.65 2.25 -66.21
N GLN G 900 -15.75 3.53 -66.55
CA GLN G 900 -17.00 4.27 -66.44
C GLN G 900 -18.10 3.71 -67.31
N ASN G 901 -17.76 2.91 -68.32
CA ASN G 901 -18.75 2.39 -69.25
C ASN G 901 -19.78 1.53 -68.52
N VAL G 902 -19.35 0.76 -67.52
CA VAL G 902 -20.21 -0.25 -66.91
C VAL G 902 -21.39 0.39 -66.20
N LEU G 903 -21.14 1.44 -65.43
CA LEU G 903 -22.20 1.99 -64.58
C LEU G 903 -23.34 2.58 -65.40
N TYR G 904 -23.02 3.34 -66.44
CA TYR G 904 -24.06 4.00 -67.22
C TYR G 904 -24.94 2.98 -67.95
N GLU G 905 -24.34 1.92 -68.48
CA GLU G 905 -25.10 0.95 -69.25
C GLU G 905 -26.04 0.11 -68.39
N ASN G 906 -25.76 -0.02 -67.10
CA ASN G 906 -26.59 -0.81 -66.20
C ASN G 906 -27.09 0.03 -65.04
N GLN G 907 -27.48 1.28 -65.32
CA GLN G 907 -27.91 2.18 -64.26
C GLN G 907 -29.18 1.68 -63.57
N LYS G 908 -30.13 1.17 -64.35
CA LYS G 908 -31.39 0.71 -63.77
C LYS G 908 -31.17 -0.47 -62.84
N LEU G 909 -30.30 -1.42 -63.23
CA LEU G 909 -30.09 -2.61 -62.42
C LEU G 909 -29.42 -2.27 -61.09
N ILE G 910 -28.45 -1.35 -61.12
CA ILE G 910 -27.72 -1.01 -59.90
C ILE G 910 -28.64 -0.31 -58.91
N ALA G 911 -29.55 0.53 -59.41
CA ALA G 911 -30.42 1.30 -58.52
C ALA G 911 -31.32 0.38 -57.70
N ASN G 912 -31.86 -0.68 -58.32
CA ASN G 912 -32.77 -1.56 -57.60
C ASN G 912 -32.05 -2.39 -56.56
N GLN G 913 -30.81 -2.79 -56.83
CA GLN G 913 -30.05 -3.57 -55.86
C GLN G 913 -29.77 -2.78 -54.59
N PHE G 914 -29.43 -1.49 -54.73
CA PHE G 914 -29.11 -0.68 -53.57
C PHE G 914 -30.31 -0.55 -52.64
N ASN G 915 -31.50 -0.35 -53.20
CA ASN G 915 -32.68 -0.17 -52.37
C ASN G 915 -33.04 -1.46 -51.65
N SER G 916 -32.88 -2.60 -52.32
CA SER G 916 -33.21 -3.88 -51.69
C SER G 916 -32.29 -4.17 -50.50
N ALA G 917 -31.01 -3.82 -50.63
CA ALA G 917 -30.06 -4.08 -49.56
C ALA G 917 -30.41 -3.28 -48.30
N ILE G 918 -30.86 -2.03 -48.48
CA ILE G 918 -31.19 -1.18 -47.34
C ILE G 918 -32.30 -1.79 -46.51
N GLY G 919 -33.33 -2.32 -47.18
CA GLY G 919 -34.48 -2.87 -46.47
C GLY G 919 -34.11 -4.01 -45.56
N LYS G 920 -33.17 -4.87 -45.97
CA LYS G 920 -32.78 -5.99 -45.13
C LYS G 920 -32.12 -5.54 -43.84
N ILE G 921 -31.46 -4.38 -43.84
CA ILE G 921 -30.77 -3.90 -42.65
C ILE G 921 -31.79 -3.60 -41.55
N GLN G 922 -32.88 -2.92 -41.89
CA GLN G 922 -33.85 -2.53 -40.87
C GLN G 922 -34.49 -3.75 -40.22
N ASP G 923 -34.87 -4.74 -41.02
CA ASP G 923 -35.51 -5.93 -40.46
C ASP G 923 -34.55 -6.73 -39.58
N SER G 924 -33.29 -6.86 -40.02
CA SER G 924 -32.32 -7.66 -39.29
C SER G 924 -31.99 -7.10 -37.92
N LEU G 925 -32.16 -5.80 -37.68
CA LEU G 925 -31.96 -5.23 -36.37
C LEU G 925 -33.06 -5.59 -35.38
N SER G 926 -34.15 -6.18 -35.87
CA SER G 926 -35.22 -6.69 -35.01
C SER G 926 -35.01 -8.15 -34.64
N SER G 927 -33.82 -8.70 -34.89
CA SER G 927 -33.50 -10.07 -34.54
C SER G 927 -33.16 -10.16 -33.06
N THR G 928 -32.57 -11.27 -32.65
CA THR G 928 -32.17 -11.45 -31.26
C THR G 928 -31.24 -10.30 -30.85
N PRO G 929 -31.38 -9.75 -29.64
CA PRO G 929 -30.58 -8.58 -29.26
C PRO G 929 -29.11 -8.91 -29.08
N SER G 930 -28.46 -9.31 -30.16
CA SER G 930 -27.02 -9.57 -30.17
C SER G 930 -26.23 -8.49 -30.90
N ALA G 931 -26.84 -7.80 -31.87
CA ALA G 931 -26.15 -6.73 -32.57
C ALA G 931 -25.81 -5.58 -31.62
N LEU G 932 -26.74 -5.23 -30.74
CA LEU G 932 -26.53 -4.15 -29.78
C LEU G 932 -25.87 -4.64 -28.50
N GLY G 933 -25.16 -5.76 -28.56
CA GLY G 933 -24.55 -6.31 -27.36
C GLY G 933 -23.42 -5.45 -26.81
N LYS G 934 -22.64 -4.83 -27.69
CA LYS G 934 -21.48 -4.05 -27.23
C LYS G 934 -21.92 -2.87 -26.37
N LEU G 935 -22.96 -2.16 -26.80
CA LEU G 935 -23.41 -0.99 -26.05
C LEU G 935 -24.06 -1.36 -24.72
N GLN G 936 -24.81 -2.46 -24.68
CA GLN G 936 -25.50 -2.83 -23.45
C GLN G 936 -24.55 -3.35 -22.38
N ASP G 937 -23.37 -3.82 -22.78
CA ASP G 937 -22.40 -4.30 -21.79
C ASP G 937 -21.85 -3.14 -20.97
N VAL G 938 -21.72 -1.96 -21.57
CA VAL G 938 -21.19 -0.81 -20.84
C VAL G 938 -22.12 -0.40 -19.71
N VAL G 939 -23.43 -0.36 -19.99
CA VAL G 939 -24.39 0.05 -18.98
C VAL G 939 -24.42 -0.93 -17.82
N ASN G 940 -24.40 -2.23 -18.13
CA ASN G 940 -24.49 -3.24 -17.09
C ASN G 940 -23.30 -3.18 -16.13
N GLN G 941 -22.10 -2.92 -16.66
CA GLN G 941 -20.91 -2.89 -15.81
C GLN G 941 -20.98 -1.75 -14.81
N ASN G 942 -21.48 -0.58 -15.22
CA ASN G 942 -21.55 0.55 -14.31
C ASN G 942 -22.51 0.27 -13.16
N ALA G 943 -23.63 -0.39 -13.44
CA ALA G 943 -24.58 -0.71 -12.38
C ALA G 943 -23.97 -1.63 -11.33
N GLN G 944 -23.21 -2.64 -11.76
CA GLN G 944 -22.58 -3.54 -10.81
C GLN G 944 -21.54 -2.81 -9.96
N ALA G 945 -20.77 -1.92 -10.57
CA ALA G 945 -19.76 -1.18 -9.81
C ALA G 945 -20.40 -0.28 -8.77
N LEU G 946 -21.50 0.39 -9.13
CA LEU G 946 -22.11 1.33 -8.20
C LEU G 946 -22.91 0.62 -7.12
N ASN G 947 -23.57 -0.50 -7.47
CA ASN G 947 -24.36 -1.23 -6.48
C ASN G 947 -23.47 -1.83 -5.40
N THR G 948 -22.31 -2.36 -5.79
CA THR G 948 -21.41 -2.96 -4.81
C THR G 948 -20.90 -1.93 -3.82
N LEU G 949 -20.63 -0.71 -4.29
CA LEU G 949 -20.13 0.33 -3.41
C LEU G 949 -21.16 0.68 -2.33
N VAL G 950 -22.44 0.76 -2.71
CA VAL G 950 -23.47 1.10 -1.74
C VAL G 950 -23.68 -0.02 -0.74
N LYS G 951 -23.70 -1.26 -1.22
CA LYS G 951 -23.96 -2.39 -0.34
C LYS G 951 -22.82 -2.66 0.63
N GLN G 952 -21.67 -2.02 0.43
CA GLN G 952 -20.55 -2.18 1.36
C GLN G 952 -20.75 -1.43 2.66
N LEU G 953 -21.79 -0.60 2.76
CA LEU G 953 -21.98 0.22 3.95
C LEU G 953 -22.57 -0.54 5.12
N SER G 954 -22.94 -1.80 4.94
CA SER G 954 -23.58 -2.59 5.98
C SER G 954 -22.69 -3.75 6.43
N SER G 955 -21.40 -3.48 6.62
CA SER G 955 -20.46 -4.49 7.09
C SER G 955 -19.83 -4.01 8.39
N ASN G 956 -19.71 -4.93 9.35
CA ASN G 956 -19.23 -4.55 10.68
C ASN G 956 -17.75 -4.20 10.68
N PHE G 957 -16.96 -4.87 9.84
CA PHE G 957 -15.51 -4.64 9.73
C PHE G 957 -14.78 -4.95 11.04
N GLY G 958 -15.41 -5.66 11.97
CA GLY G 958 -14.80 -5.98 13.23
C GLY G 958 -15.28 -5.16 14.41
N ALA G 959 -16.33 -4.36 14.24
CA ALA G 959 -16.89 -3.61 15.35
C ALA G 959 -18.14 -4.30 15.87
N ILE G 960 -18.76 -3.70 16.89
CA ILE G 960 -19.94 -4.30 17.50
C ILE G 960 -21.14 -4.23 16.57
N SER G 961 -21.33 -3.11 15.86
CA SER G 961 -22.44 -2.96 14.95
C SER G 961 -21.98 -2.20 13.72
N SER G 962 -22.94 -1.79 12.89
CA SER G 962 -22.65 -1.11 11.64
C SER G 962 -23.43 0.19 11.49
N VAL G 963 -23.80 0.84 12.60
CA VAL G 963 -24.45 2.14 12.59
C VAL G 963 -23.64 3.08 13.46
N LEU G 964 -23.31 4.25 12.92
CA LEU G 964 -22.49 5.20 13.65
C LEU G 964 -23.19 5.67 14.93
N ASN G 965 -24.49 5.92 14.85
CA ASN G 965 -25.22 6.43 16.01
C ASN G 965 -25.24 5.43 17.15
N ASP G 966 -25.40 4.13 16.84
CA ASP G 966 -25.46 3.12 17.89
C ASP G 966 -24.17 3.06 18.69
N ILE G 967 -23.03 3.26 18.01
CA ILE G 967 -21.76 3.33 18.74
C ILE G 967 -21.75 4.53 19.68
N LEU G 968 -22.23 5.68 19.21
CA LEU G 968 -22.25 6.87 20.03
C LEU G 968 -23.27 6.77 21.16
N SER G 969 -24.41 6.12 20.90
CA SER G 969 -25.49 6.12 21.87
C SER G 969 -25.22 5.17 23.03
N ARG G 970 -24.53 4.06 22.77
CA ARG G 970 -24.38 3.03 23.80
C ARG G 970 -22.96 2.91 24.35
N LEU G 971 -22.05 3.82 23.99
CA LEU G 971 -20.69 3.77 24.49
C LEU G 971 -20.26 5.14 24.98
N ASP G 972 -19.30 5.13 25.90
CA ASP G 972 -18.71 6.36 26.41
C ASP G 972 -17.75 6.95 25.38
N PRO G 973 -17.50 8.25 25.46
CA PRO G 973 -16.55 8.89 24.53
C PRO G 973 -15.19 8.20 24.51
N PRO G 974 -14.52 7.99 25.66
CA PRO G 974 -13.16 7.43 25.61
C PRO G 974 -13.08 6.04 25.02
N GLU G 975 -14.16 5.26 25.06
CA GLU G 975 -14.16 3.93 24.48
C GLU G 975 -14.85 3.86 23.13
N ALA G 976 -15.09 5.01 22.49
CA ALA G 976 -15.77 5.00 21.20
C ALA G 976 -14.80 5.26 20.06
N GLU G 977 -13.72 6.00 20.31
CA GLU G 977 -12.77 6.29 19.24
C GLU G 977 -12.07 5.04 18.75
N VAL G 978 -11.99 4.00 19.58
CA VAL G 978 -11.35 2.76 19.15
C VAL G 978 -12.23 2.05 18.14
N GLN G 979 -13.54 2.02 18.36
CA GLN G 979 -14.43 1.34 17.43
C GLN G 979 -14.63 2.14 16.14
N ILE G 980 -14.76 3.46 16.25
CA ILE G 980 -14.99 4.28 15.06
C ILE G 980 -13.78 4.21 14.12
N ASP G 981 -12.58 4.17 14.68
CA ASP G 981 -11.39 4.11 13.84
C ASP G 981 -11.34 2.83 13.01
N ARG G 982 -12.09 1.80 13.41
CA ARG G 982 -12.17 0.59 12.61
C ARG G 982 -13.08 0.76 11.40
N LEU G 983 -14.16 1.53 11.54
CA LEU G 983 -15.06 1.73 10.40
C LEU G 983 -14.45 2.68 9.37
N ILE G 984 -13.75 3.71 9.83
CA ILE G 984 -13.20 4.70 8.90
C ILE G 984 -12.17 4.05 7.97
N THR G 985 -11.28 3.22 8.52
CA THR G 985 -10.28 2.58 7.67
C THR G 985 -10.90 1.56 6.75
N GLY G 986 -12.03 0.98 7.16
CA GLY G 986 -12.69 0.01 6.30
C GLY G 986 -13.31 0.64 5.06
N ARG G 987 -13.88 1.83 5.20
CA ARG G 987 -14.61 2.42 4.08
C ARG G 987 -13.69 3.17 3.13
N LEU G 988 -12.44 3.43 3.53
CA LEU G 988 -11.51 4.05 2.60
C LEU G 988 -11.01 3.04 1.56
N GLN G 989 -10.76 1.80 1.98
CA GLN G 989 -10.35 0.78 1.03
C GLN G 989 -11.45 0.51 0.01
N SER G 990 -12.71 0.55 0.46
CA SER G 990 -13.82 0.35 -0.46
C SER G 990 -13.89 1.49 -1.48
N LEU G 991 -13.59 2.71 -1.06
CA LEU G 991 -13.69 3.85 -1.96
C LEU G 991 -12.56 3.87 -2.97
N GLN G 992 -11.32 3.60 -2.52
CA GLN G 992 -10.19 3.64 -3.44
C GLN G 992 -10.28 2.53 -4.48
N THR G 993 -10.83 1.38 -4.10
CA THR G 993 -10.97 0.28 -5.05
C THR G 993 -11.88 0.68 -6.21
N TYR G 994 -12.99 1.35 -5.90
CA TYR G 994 -13.93 1.75 -6.95
C TYR G 994 -13.31 2.76 -7.90
N VAL G 995 -12.56 3.72 -7.36
CA VAL G 995 -12.00 4.77 -8.20
C VAL G 995 -10.91 4.23 -9.11
N THR G 996 -10.07 3.32 -8.60
CA THR G 996 -9.00 2.76 -9.42
C THR G 996 -9.56 1.99 -10.60
N GLN G 997 -10.65 1.25 -10.39
CA GLN G 997 -11.26 0.51 -11.49
C GLN G 997 -11.78 1.44 -12.58
N GLN G 998 -12.37 2.57 -12.18
CA GLN G 998 -12.91 3.51 -13.15
C GLN G 998 -11.81 4.10 -14.02
N LEU G 999 -10.65 4.40 -13.43
CA LEU G 999 -9.56 5.01 -14.19
C LEU G 999 -9.07 4.08 -15.28
N ILE G 1000 -8.95 2.79 -14.98
CA ILE G 1000 -8.52 1.82 -16.00
C ILE G 1000 -9.58 1.70 -17.08
N ARG G 1001 -10.85 1.60 -16.69
CA ARG G 1001 -11.91 1.41 -17.66
C ARG G 1001 -12.06 2.60 -18.60
N ALA G 1002 -11.72 3.80 -18.14
CA ALA G 1002 -11.77 4.97 -19.01
C ALA G 1002 -10.74 4.92 -20.12
N ALA G 1003 -9.68 4.13 -19.96
CA ALA G 1003 -8.68 4.02 -21.01
C ALA G 1003 -9.21 3.26 -22.21
N GLU G 1004 -9.98 2.19 -21.97
CA GLU G 1004 -10.53 1.42 -23.08
C GLU G 1004 -11.51 2.26 -23.90
N ILE G 1005 -12.34 3.06 -23.23
CA ILE G 1005 -13.32 3.87 -23.95
C ILE G 1005 -12.62 4.90 -24.84
N ARG G 1006 -11.57 5.54 -24.32
CA ARG G 1006 -10.85 6.52 -25.10
C ARG G 1006 -10.19 5.88 -26.33
N ALA G 1007 -9.69 4.65 -26.18
CA ALA G 1007 -9.12 3.95 -27.32
C ALA G 1007 -10.17 3.70 -28.39
N SER G 1008 -11.39 3.35 -27.99
CA SER G 1008 -12.46 3.15 -28.96
C SER G 1008 -12.90 4.46 -29.57
N ALA G 1009 -12.90 5.54 -28.80
CA ALA G 1009 -13.33 6.84 -29.32
C ALA G 1009 -12.38 7.34 -30.40
N ASN G 1010 -11.07 7.13 -30.20
CA ASN G 1010 -10.11 7.59 -31.20
C ASN G 1010 -10.24 6.80 -32.51
N LEU G 1011 -10.60 5.52 -32.41
CA LEU G 1011 -10.80 4.73 -33.62
C LEU G 1011 -11.97 5.24 -34.44
N ALA G 1012 -13.06 5.63 -33.78
CA ALA G 1012 -14.22 6.12 -34.50
C ALA G 1012 -13.91 7.44 -35.22
N ALA G 1013 -13.14 8.31 -34.58
CA ALA G 1013 -12.81 9.59 -35.20
C ALA G 1013 -11.99 9.38 -36.48
N THR G 1014 -11.02 8.46 -36.43
CA THR G 1014 -10.25 8.16 -37.64
C THR G 1014 -11.14 7.52 -38.69
N LYS G 1015 -12.06 6.65 -38.28
CA LYS G 1015 -12.93 5.98 -39.24
C LYS G 1015 -13.82 6.97 -39.97
N MET G 1016 -14.33 7.98 -39.25
CA MET G 1016 -15.16 8.99 -39.90
C MET G 1016 -14.35 9.83 -40.89
N SER G 1017 -13.11 10.16 -40.54
CA SER G 1017 -12.31 11.01 -41.42
C SER G 1017 -11.89 10.31 -42.70
N GLU G 1018 -12.07 8.99 -42.82
CA GLU G 1018 -11.63 8.25 -43.99
C GLU G 1018 -12.76 7.54 -44.72
N CYS G 1019 -13.63 6.84 -44.00
CA CYS G 1019 -14.62 6.00 -44.68
C CYS G 1019 -15.75 6.84 -45.28
N VAL G 1020 -16.21 7.87 -44.58
CA VAL G 1020 -17.39 8.62 -45.01
C VAL G 1020 -17.02 9.93 -45.70
N LEU G 1021 -15.90 10.54 -45.35
CA LEU G 1021 -15.48 11.77 -45.99
C LEU G 1021 -14.50 11.54 -47.14
N GLY G 1022 -14.44 10.32 -47.66
CA GLY G 1022 -13.52 10.03 -48.74
C GLY G 1022 -13.59 8.55 -49.11
N GLN G 1023 -12.63 8.14 -49.92
CA GLN G 1023 -12.51 6.76 -50.36
C GLN G 1023 -11.15 6.23 -49.93
N SER G 1024 -11.12 5.00 -49.42
CA SER G 1024 -9.91 4.43 -48.85
C SER G 1024 -9.53 3.16 -49.59
N LYS G 1025 -8.23 2.99 -49.83
CA LYS G 1025 -7.69 1.79 -50.45
C LYS G 1025 -7.22 0.75 -49.44
N ARG G 1026 -7.31 1.04 -48.15
CA ARG G 1026 -6.96 0.06 -47.13
C ARG G 1026 -7.97 -1.08 -47.12
N VAL G 1027 -7.45 -2.29 -46.98
CA VAL G 1027 -8.26 -3.50 -47.09
C VAL G 1027 -8.90 -3.80 -45.74
N ASP G 1028 -10.18 -4.15 -45.75
CA ASP G 1028 -10.93 -4.57 -44.57
C ASP G 1028 -11.00 -3.49 -43.49
N PHE G 1029 -10.84 -2.23 -43.87
CA PHE G 1029 -10.96 -1.15 -42.90
C PHE G 1029 -12.36 -0.59 -42.86
N CYS G 1030 -12.94 -0.30 -44.02
CA CYS G 1030 -14.32 0.16 -44.14
C CYS G 1030 -15.09 -0.93 -44.88
N GLY G 1031 -15.62 -1.90 -44.13
CA GLY G 1031 -16.41 -2.96 -44.73
C GLY G 1031 -15.57 -4.13 -45.20
N LYS G 1032 -16.27 -5.13 -45.74
CA LYS G 1032 -15.66 -6.36 -46.22
C LYS G 1032 -15.72 -6.38 -47.75
N GLY G 1033 -14.61 -5.99 -48.38
CA GLY G 1033 -14.51 -5.95 -49.82
C GLY G 1033 -14.05 -4.58 -50.31
N TYR G 1034 -14.30 -4.32 -51.59
CA TYR G 1034 -13.96 -3.04 -52.21
C TYR G 1034 -14.86 -1.96 -51.63
N HIS G 1035 -14.35 -0.74 -51.51
CA HIS G 1035 -15.07 0.31 -50.81
C HIS G 1035 -15.68 1.31 -51.80
N LEU G 1036 -16.92 1.72 -51.52
CA LEU G 1036 -17.62 2.69 -52.35
C LEU G 1036 -17.96 3.97 -51.58
N MET G 1037 -18.65 3.86 -50.45
CA MET G 1037 -19.03 5.01 -49.65
C MET G 1037 -19.54 4.52 -48.30
N SER G 1038 -19.90 5.45 -47.43
CA SER G 1038 -20.37 5.13 -46.09
C SER G 1038 -21.33 6.21 -45.61
N PHE G 1039 -22.16 5.85 -44.62
CA PHE G 1039 -23.14 6.76 -44.04
C PHE G 1039 -23.15 6.61 -42.53
N PRO G 1040 -23.12 7.70 -41.78
CA PRO G 1040 -23.17 7.62 -40.32
C PRO G 1040 -24.58 7.73 -39.76
N GLN G 1041 -24.76 7.17 -38.57
CA GLN G 1041 -26.02 7.24 -37.85
C GLN G 1041 -25.75 7.39 -36.36
N SER G 1042 -26.75 7.88 -35.64
CA SER G 1042 -26.62 8.18 -34.23
C SER G 1042 -27.20 7.07 -33.36
N ALA G 1043 -26.65 6.93 -32.16
CA ALA G 1043 -27.07 5.91 -31.22
C ALA G 1043 -26.70 6.37 -29.81
N PRO G 1044 -27.40 5.89 -28.79
CA PRO G 1044 -27.06 6.31 -27.42
C PRO G 1044 -25.67 5.85 -27.01
N HIS G 1045 -24.82 6.81 -26.70
CA HIS G 1045 -23.44 6.56 -26.28
C HIS G 1045 -22.66 5.77 -27.34
N GLY G 1046 -22.86 6.13 -28.60
CA GLY G 1046 -22.13 5.44 -29.65
C GLY G 1046 -22.53 5.96 -31.03
N VAL G 1047 -21.91 5.35 -32.04
CA VAL G 1047 -22.18 5.69 -33.43
C VAL G 1047 -22.27 4.40 -34.23
N VAL G 1048 -23.17 4.37 -35.19
CA VAL G 1048 -23.39 3.20 -36.03
C VAL G 1048 -23.06 3.56 -37.47
N PHE G 1049 -22.21 2.76 -38.11
CA PHE G 1049 -21.75 3.02 -39.46
C PHE G 1049 -22.42 2.07 -40.45
N LEU G 1050 -22.56 2.55 -41.68
CA LEU G 1050 -23.07 1.75 -42.79
C LEU G 1050 -22.02 1.76 -43.89
N HIS G 1051 -21.81 0.60 -44.52
CA HIS G 1051 -20.80 0.45 -45.55
C HIS G 1051 -21.42 -0.10 -46.83
N VAL G 1052 -20.84 0.28 -47.97
CA VAL G 1052 -21.29 -0.17 -49.28
C VAL G 1052 -20.10 -0.81 -49.99
N THR G 1053 -20.32 -1.96 -50.61
CA THR G 1053 -19.23 -2.80 -51.10
C THR G 1053 -19.55 -3.31 -52.51
N TYR G 1054 -18.48 -3.58 -53.26
CA TYR G 1054 -18.55 -4.15 -54.60
C TYR G 1054 -17.96 -5.54 -54.58
N VAL G 1055 -18.72 -6.53 -55.07
CA VAL G 1055 -18.32 -7.93 -54.98
C VAL G 1055 -18.61 -8.66 -56.29
N PRO G 1056 -17.62 -9.33 -56.89
CA PRO G 1056 -17.90 -10.13 -58.09
C PRO G 1056 -18.77 -11.33 -57.79
N ALA G 1057 -19.53 -11.77 -58.80
CA ALA G 1057 -20.55 -12.80 -58.59
C ALA G 1057 -20.26 -14.11 -59.33
N GLN G 1058 -20.10 -14.08 -60.66
CA GLN G 1058 -19.99 -15.29 -61.45
C GLN G 1058 -18.78 -15.18 -62.37
N GLU G 1059 -18.11 -16.31 -62.62
CA GLU G 1059 -16.88 -16.32 -63.39
C GLU G 1059 -16.86 -17.49 -64.37
N LYS G 1060 -15.79 -17.52 -65.17
CA LYS G 1060 -15.58 -18.58 -66.17
C LYS G 1060 -14.11 -18.98 -66.21
N ASN G 1061 -13.74 -19.74 -67.24
CA ASN G 1061 -12.35 -20.16 -67.45
C ASN G 1061 -11.85 -19.61 -68.78
N PHE G 1062 -10.55 -19.36 -68.85
CA PHE G 1062 -9.95 -18.82 -70.06
C PHE G 1062 -8.48 -19.23 -70.11
N THR G 1063 -7.88 -19.04 -71.29
CA THR G 1063 -6.47 -19.30 -71.50
C THR G 1063 -5.74 -17.98 -71.72
N THR G 1064 -4.53 -17.86 -71.16
CA THR G 1064 -3.80 -16.62 -71.17
C THR G 1064 -2.35 -16.86 -71.56
N ALA G 1065 -1.69 -15.80 -72.03
CA ALA G 1065 -0.30 -15.83 -72.43
C ALA G 1065 0.37 -14.55 -71.98
N PRO G 1066 1.68 -14.58 -71.72
CA PRO G 1066 2.36 -13.35 -71.29
C PRO G 1066 2.40 -12.28 -72.37
N ALA G 1067 2.81 -12.63 -73.58
CA ALA G 1067 2.93 -11.66 -74.66
C ALA G 1067 2.81 -12.37 -75.99
N ILE G 1068 2.53 -11.58 -77.03
CA ILE G 1068 2.45 -12.07 -78.39
C ILE G 1068 3.28 -11.18 -79.30
N CYS G 1069 4.17 -11.80 -80.10
CA CYS G 1069 5.04 -11.05 -80.98
C CYS G 1069 4.65 -11.35 -82.42
N HIS G 1070 4.56 -10.29 -83.23
CA HIS G 1070 3.93 -10.32 -84.55
C HIS G 1070 4.94 -10.42 -85.69
N ASP G 1071 5.86 -9.47 -85.79
CA ASP G 1071 6.81 -9.41 -86.90
C ASP G 1071 8.24 -9.27 -86.39
N GLY G 1072 8.60 -10.10 -85.40
CA GLY G 1072 9.88 -9.99 -84.74
C GLY G 1072 9.91 -8.97 -83.62
N LYS G 1073 8.77 -8.40 -83.25
CA LYS G 1073 8.69 -7.39 -82.20
C LYS G 1073 7.67 -7.83 -81.16
N ALA G 1074 8.07 -7.79 -79.89
CA ALA G 1074 7.18 -8.19 -78.81
C ALA G 1074 6.12 -7.12 -78.55
N HIS G 1075 5.01 -7.55 -77.95
CA HIS G 1075 3.90 -6.67 -77.62
C HIS G 1075 3.41 -6.95 -76.21
N PHE G 1076 3.06 -5.89 -75.48
CA PHE G 1076 2.54 -5.99 -74.13
C PHE G 1076 1.30 -5.12 -73.97
N PRO G 1077 0.35 -5.53 -73.13
CA PRO G 1077 -0.87 -4.72 -72.95
C PRO G 1077 -0.60 -3.49 -72.10
N ARG G 1078 -1.24 -2.38 -72.48
CA ARG G 1078 -1.11 -1.15 -71.70
C ARG G 1078 -1.83 -1.26 -70.36
N GLU G 1079 -3.07 -1.72 -70.39
CA GLU G 1079 -3.86 -1.90 -69.17
C GLU G 1079 -4.83 -3.05 -69.38
N GLY G 1080 -4.43 -4.25 -68.94
CA GLY G 1080 -5.28 -5.42 -69.11
C GLY G 1080 -4.48 -6.70 -69.28
N VAL G 1081 -5.20 -7.74 -69.70
CA VAL G 1081 -4.63 -9.07 -69.85
C VAL G 1081 -5.05 -9.64 -71.20
N PHE G 1082 -4.24 -10.56 -71.70
CA PHE G 1082 -4.57 -11.27 -72.92
C PHE G 1082 -5.36 -12.53 -72.60
N VAL G 1083 -6.57 -12.62 -73.13
CA VAL G 1083 -7.47 -13.72 -72.84
C VAL G 1083 -7.84 -14.40 -74.15
N SER G 1084 -7.68 -15.71 -74.19
CA SER G 1084 -8.01 -16.49 -75.37
C SER G 1084 -9.45 -17.00 -75.30
N ASN G 1085 -9.88 -17.62 -76.39
CA ASN G 1085 -11.28 -18.02 -76.57
C ASN G 1085 -11.43 -19.43 -77.10
N GLY G 1086 -10.37 -20.01 -77.66
CA GLY G 1086 -10.42 -21.31 -78.28
C GLY G 1086 -9.96 -21.24 -79.71
N THR G 1087 -10.34 -20.16 -80.40
CA THR G 1087 -9.92 -19.91 -81.77
C THR G 1087 -9.51 -18.47 -82.04
N HIS G 1088 -9.57 -17.59 -81.04
CA HIS G 1088 -9.24 -16.19 -81.22
C HIS G 1088 -8.52 -15.67 -79.98
N TRP G 1089 -8.14 -14.39 -80.02
CA TRP G 1089 -7.55 -13.71 -78.89
C TRP G 1089 -8.19 -12.34 -78.74
N PHE G 1090 -8.17 -11.82 -77.51
CA PHE G 1090 -8.76 -10.53 -77.22
C PHE G 1090 -7.96 -9.85 -76.11
N VAL G 1091 -8.36 -8.63 -75.80
CA VAL G 1091 -7.80 -7.87 -74.68
C VAL G 1091 -8.97 -7.41 -73.80
N THR G 1092 -8.85 -7.65 -72.50
CA THR G 1092 -9.93 -7.32 -71.58
C THR G 1092 -9.36 -6.76 -70.29
N GLN G 1093 -10.21 -6.03 -69.56
CA GLN G 1093 -9.85 -5.52 -68.26
C GLN G 1093 -9.99 -6.61 -67.20
N ARG G 1094 -9.31 -6.39 -66.06
CA ARG G 1094 -9.12 -7.47 -65.10
C ARG G 1094 -10.41 -7.83 -64.36
N ASN G 1095 -11.14 -6.82 -63.90
CA ASN G 1095 -12.25 -7.05 -63.00
C ASN G 1095 -13.60 -7.19 -63.69
N PHE G 1096 -13.63 -7.17 -65.03
CA PHE G 1096 -14.89 -7.32 -65.75
C PHE G 1096 -14.58 -7.82 -67.15
N TYR G 1097 -15.54 -8.54 -67.74
CA TYR G 1097 -15.34 -9.23 -69.00
C TYR G 1097 -15.88 -8.38 -70.14
N GLU G 1098 -14.98 -7.84 -70.96
CA GLU G 1098 -15.34 -7.07 -72.14
C GLU G 1098 -14.25 -7.23 -73.19
N PRO G 1099 -14.43 -8.14 -74.14
CA PRO G 1099 -13.38 -8.39 -75.13
C PRO G 1099 -13.21 -7.21 -76.08
N GLN G 1100 -11.99 -7.06 -76.60
CA GLN G 1100 -11.67 -6.06 -77.61
C GLN G 1100 -10.70 -6.66 -78.61
N ILE G 1101 -10.68 -6.09 -79.80
CA ILE G 1101 -9.76 -6.55 -80.85
C ILE G 1101 -8.37 -5.98 -80.57
N ILE G 1102 -7.36 -6.83 -80.72
CA ILE G 1102 -5.98 -6.41 -80.47
C ILE G 1102 -5.54 -5.46 -81.57
N THR G 1103 -5.19 -4.23 -81.19
CA THR G 1103 -4.73 -3.22 -82.11
C THR G 1103 -3.44 -2.60 -81.57
N THR G 1104 -2.95 -1.58 -82.27
CA THR G 1104 -1.75 -0.88 -81.82
C THR G 1104 -2.07 0.30 -80.91
N ASP G 1105 -3.34 0.52 -80.58
CA ASP G 1105 -3.68 1.57 -79.62
C ASP G 1105 -3.81 1.01 -78.22
N ASN G 1106 -3.65 -0.30 -78.06
CA ASN G 1106 -3.76 -0.96 -76.77
C ASN G 1106 -2.47 -1.63 -76.33
N THR G 1107 -1.43 -1.59 -77.13
CA THR G 1107 -0.18 -2.27 -76.82
C THR G 1107 1.00 -1.36 -77.15
N PHE G 1108 2.13 -1.66 -76.52
CA PHE G 1108 3.39 -0.99 -76.82
C PHE G 1108 4.45 -2.04 -77.11
N VAL G 1109 5.43 -1.65 -77.93
CA VAL G 1109 6.45 -2.56 -78.42
C VAL G 1109 7.73 -2.37 -77.61
N SER G 1110 8.44 -3.47 -77.38
CA SER G 1110 9.74 -3.44 -76.73
C SER G 1110 10.49 -4.74 -76.94
N GLY G 1111 11.72 -4.66 -77.43
CA GLY G 1111 12.52 -5.84 -77.67
C GLY G 1111 12.02 -6.65 -78.84
N ASN G 1112 12.47 -7.91 -78.88
CA ASN G 1112 12.09 -8.84 -79.94
C ASN G 1112 11.54 -10.11 -79.32
N CYS G 1113 11.35 -11.12 -80.15
CA CYS G 1113 10.87 -12.40 -79.67
C CYS G 1113 12.01 -13.18 -79.03
N ASP G 1114 11.76 -14.47 -78.80
CA ASP G 1114 12.73 -15.48 -78.36
C ASP G 1114 13.45 -15.13 -77.06
N VAL G 1115 12.87 -14.24 -76.26
CA VAL G 1115 13.43 -13.98 -74.93
C VAL G 1115 12.40 -14.28 -73.85
N VAL G 1116 11.17 -13.82 -74.05
CA VAL G 1116 10.08 -14.14 -73.12
C VAL G 1116 9.74 -15.62 -73.24
N ILE G 1117 9.36 -16.23 -72.12
CA ILE G 1117 9.20 -17.68 -72.10
C ILE G 1117 7.97 -18.13 -72.88
N GLY G 1118 6.83 -17.46 -72.70
CA GLY G 1118 5.58 -17.97 -73.23
C GLY G 1118 4.96 -17.19 -74.38
N ILE G 1119 5.76 -16.75 -75.35
CA ILE G 1119 5.24 -15.96 -76.45
C ILE G 1119 4.33 -16.81 -77.33
N VAL G 1120 3.40 -16.16 -78.02
CA VAL G 1120 2.44 -16.84 -78.90
C VAL G 1120 2.35 -16.06 -80.20
N ASN G 1121 2.28 -16.80 -81.32
CA ASN G 1121 2.16 -16.18 -82.64
C ASN G 1121 0.74 -15.69 -82.87
N ASN G 1122 0.61 -14.45 -83.33
CA ASN G 1122 -0.69 -13.89 -83.69
C ASN G 1122 -0.47 -12.70 -84.63
N THR G 1123 -1.51 -11.91 -84.84
CA THR G 1123 -1.45 -10.76 -85.74
C THR G 1123 -2.04 -9.53 -85.05
N VAL G 1124 -1.61 -8.35 -85.51
CA VAL G 1124 -2.10 -7.08 -85.01
C VAL G 1124 -2.88 -6.39 -86.13
N TYR G 1125 -3.43 -5.22 -85.82
CA TYR G 1125 -4.34 -4.56 -86.75
C TYR G 1125 -3.71 -3.37 -87.48
N ASP G 1126 -3.15 -2.42 -86.73
CA ASP G 1126 -2.60 -1.20 -87.29
C ASP G 1126 -3.64 -0.49 -88.15
N PRO G 1127 -4.62 0.17 -87.55
CA PRO G 1127 -5.78 0.68 -88.33
C PRO G 1127 -5.50 1.88 -89.21
N LEU G 1128 -4.23 2.23 -89.44
CA LEU G 1128 -3.92 3.33 -90.35
C LEU G 1128 -3.90 2.91 -91.81
N GLN G 1129 -3.67 1.62 -92.10
CA GLN G 1129 -3.59 1.17 -93.49
C GLN G 1129 -4.87 1.34 -94.29
N PRO G 1130 -6.07 1.01 -93.78
CA PRO G 1130 -7.24 0.98 -94.69
C PRO G 1130 -7.70 2.36 -95.14
N GLU G 1131 -7.65 3.37 -94.28
CA GLU G 1131 -8.02 4.71 -94.71
C GLU G 1131 -7.01 5.25 -95.72
N LEU G 1132 -5.79 4.72 -95.71
CA LEU G 1132 -4.77 5.16 -96.67
C LEU G 1132 -5.05 4.60 -98.06
N ASP G 1133 -5.86 3.54 -98.13
CA ASP G 1133 -6.18 2.92 -99.40
C ASP G 1133 -7.64 3.13 -99.78
C1 NAG H . 3.14 77.73 42.55
C2 NAG H . 3.31 76.65 43.61
C3 NAG H . 4.39 77.05 44.61
C4 NAG H . 4.07 78.39 45.25
C5 NAG H . 3.74 79.46 44.23
C6 NAG H . 4.96 80.06 43.55
C7 NAG H . 1.57 75.15 44.46
C8 NAG H . 0.26 75.05 45.18
N2 NAG H . 2.06 76.38 44.29
O3 NAG H . 5.65 77.09 43.96
O4 NAG H . 2.96 78.24 46.13
O5 NAG H . 2.85 79.01 43.19
O6 NAG H . 4.68 81.36 43.04
O7 NAG H . 2.16 74.15 44.04
C1 NAG H . 3.41 78.13 47.50
C2 NAG H . 2.88 76.81 48.04
C3 NAG H . 3.68 76.36 49.27
C4 NAG H . 4.47 77.51 49.92
C5 NAG H . 5.28 78.33 48.93
C6 NAG H . 6.75 77.98 48.93
C7 NAG H . 0.87 77.70 49.18
C8 NAG H . -0.61 77.57 49.31
N2 NAG H . 1.46 76.86 48.32
O3 NAG H . 4.58 75.32 48.90
O4 NAG H . 3.58 78.35 50.65
O5 NAG H . 4.81 78.15 47.59
O6 NAG H . 7.57 79.12 48.76
O7 NAG H . 1.51 78.53 49.81
C1 NAG I . 4.05 59.43 38.31
C2 NAG I . 4.62 60.55 39.18
C3 NAG I . 5.92 60.09 39.83
C4 NAG I . 5.69 58.80 40.60
C5 NAG I . 5.01 57.74 39.72
C6 NAG I . 4.59 56.51 40.49
C7 NAG I . 3.98 62.77 38.37
C8 NAG I . 4.36 63.94 37.51
N2 NAG I . 4.85 61.75 38.39
O3 NAG I . 6.39 61.10 40.70
O4 NAG I . 6.93 58.30 41.07
O5 NAG I . 3.82 58.27 39.11
O6 NAG I . 3.17 56.48 40.64
O7 NAG I . 2.94 62.75 39.02
C1 NAG I . 6.96 58.33 42.52
C2 NAG I . 8.17 57.54 43.00
C3 NAG I . 8.23 57.55 44.53
C4 NAG I . 8.16 58.98 45.07
C5 NAG I . 6.99 59.75 44.43
C6 NAG I . 7.00 61.22 44.79
C7 NAG I . 9.23 55.43 42.36
C8 NAG I . 9.02 54.05 41.84
N2 NAG I . 8.14 56.18 42.51
O3 NAG I . 9.43 56.93 44.95
O4 NAG I . 7.91 58.94 46.47
O5 NAG I . 7.04 59.67 43.00
O6 NAG I . 8.23 61.62 45.38
O7 NAG I . 10.36 55.85 42.63
C1 BMA I . 9.13 58.99 47.24
C2 BMA I . 8.80 59.80 48.54
C3 BMA I . 9.87 59.57 49.63
C4 BMA I . 10.22 58.10 49.78
C5 BMA I . 10.71 57.59 48.42
C6 BMA I . 11.22 56.16 48.46
O2 BMA I . 7.57 59.37 49.09
O3 BMA I . 9.46 60.11 50.88
O4 BMA I . 11.24 57.93 50.74
O5 BMA I . 9.60 57.66 47.52
O6 BMA I . 10.11 55.28 48.65
C1 MAN I . 10.70 57.25 51.89
C2 MAN I . 11.77 57.34 53.02
C3 MAN I . 11.77 56.06 53.85
C4 MAN I . 10.36 55.52 54.01
C5 MAN I . 9.82 55.07 52.63
C6 MAN I . 8.31 55.11 52.53
O2 MAN I . 11.47 58.39 53.94
O3 MAN I . 12.37 56.26 55.13
O4 MAN I . 10.36 54.41 54.89
O5 MAN I . 10.37 55.90 51.56
O6 MAN I . 7.92 54.36 51.40
C1 MAN I . 10.39 54.06 47.93
C2 MAN I . 9.04 53.53 47.35
C3 MAN I . 8.18 52.90 48.44
C4 MAN I . 9.00 51.88 49.26
C5 MAN I . 10.21 52.59 49.85
C6 MAN I . 11.09 51.66 50.68
O2 MAN I . 9.26 52.50 46.37
O3 MAN I . 7.02 52.28 47.91
O4 MAN I . 8.20 51.35 50.31
O5 MAN I . 11.03 53.11 48.78
O6 MAN I . 11.97 52.46 51.46
C1 NAG J . -21.68 58.60 41.01
C2 NAG J . -21.66 59.71 42.05
C3 NAG J . -22.69 59.42 43.15
C4 NAG J . -24.06 59.17 42.53
C5 NAG J . -23.97 58.09 41.47
C6 NAG J . -25.28 57.87 40.73
C7 NAG J . -19.69 61.04 42.63
C8 NAG J . -18.33 61.04 43.27
N2 NAG J . -20.34 59.88 42.63
O3 NAG J . -22.75 60.53 44.04
O4 NAG J . -25.00 58.78 43.53
O5 NAG J . -23.00 58.46 40.48
O6 NAG J . -26.39 57.87 41.63
O7 NAG J . -20.17 62.07 42.14
C1 NAG J . -24.45 57.74 44.37
C2 NAG J . -24.84 58.03 45.81
C3 NAG J . -24.29 56.93 46.73
C4 NAG J . -24.71 55.55 46.24
C5 NAG J . -24.38 55.38 44.75
C6 NAG J . -24.91 54.10 44.17
C7 NAG J . -25.08 60.44 46.12
C8 NAG J . -24.44 61.71 46.60
N2 NAG J . -24.36 59.34 46.24
O3 NAG J . -24.76 57.15 48.05
O4 NAG J . -24.01 54.54 46.96
O5 NAG J . -24.95 56.45 43.99
O6 NAG J . -25.82 54.35 43.12
O7 NAG J . -26.21 60.44 45.64
C1 BMA J . -24.80 54.02 48.05
C2 BMA J . -23.82 53.85 49.25
C3 BMA J . -24.59 53.54 50.55
C4 BMA J . -25.78 54.47 50.73
C5 BMA J . -26.67 54.40 49.49
C6 BMA J . -27.92 55.26 49.60
O2 BMA J . -23.10 55.06 49.49
O3 BMA J . -23.74 53.59 51.69
O4 BMA J . -26.53 54.08 51.88
O5 BMA J . -25.91 54.86 48.37
O6 BMA J . -29.04 54.39 49.58
C1 MAN J . -29.96 54.76 48.54
C2 MAN J . -31.09 53.70 48.55
C3 MAN J . -30.55 52.40 47.96
C4 MAN J . -30.02 52.65 46.55
C5 MAN J . -28.86 53.64 46.62
C6 MAN J . -28.29 54.00 45.27
O2 MAN J . -32.17 54.09 47.70
O3 MAN J . -31.51 51.34 47.96
O4 MAN J . -29.55 51.43 45.98
O5 MAN J . -29.31 54.88 47.26
O6 MAN J . -29.32 54.65 44.52
C1 MAN J . -31.02 50.13 48.60
C2 MAN J . -30.99 50.38 50.19
C3 MAN J . -29.58 50.36 50.80
C4 MAN J . -28.72 49.32 50.15
C5 MAN J . -28.49 49.76 48.72
C6 MAN J . -27.45 48.92 47.99
O2 MAN J . -31.72 49.36 50.88
O3 MAN J . -29.63 50.17 52.22
O4 MAN J . -27.47 49.23 50.82
O5 MAN J . -29.75 49.66 47.99
O6 MAN J . -26.19 49.14 48.60
C1 NAG K . -15.57 36.11 35.81
C2 NAG K . -16.11 34.70 35.94
C3 NAG K . -17.42 34.57 35.17
C4 NAG K . -18.40 35.65 35.55
C5 NAG K . -17.74 37.04 35.55
C6 NAG K . -18.62 38.11 36.15
C7 NAG K . -14.65 33.61 34.28
C8 NAG K . -13.66 32.50 34.05
N2 NAG K . -15.14 33.70 35.52
O3 NAG K . -17.98 33.28 35.43
O4 NAG K . -19.46 35.69 34.61
O5 NAG K . -16.52 37.03 36.30
O6 NAG K . -19.78 37.56 36.78
O7 NAG K . -15.00 34.36 33.37
C1 NAG K . -20.61 34.94 35.07
C2 NAG K . -21.87 35.73 34.73
C3 NAG K . -23.11 34.94 35.11
C4 NAG K . -23.08 33.54 34.49
C5 NAG K . -21.76 32.86 34.85
C6 NAG K . -21.59 31.51 34.20
C7 NAG K . -22.39 38.13 34.83
C8 NAG K . -22.30 39.38 35.65
N2 NAG K . -21.86 37.03 35.38
O3 NAG K . -24.27 35.65 34.67
O4 NAG K . -24.16 32.75 34.97
O5 NAG K . -20.65 33.66 34.44
O6 NAG K . -21.13 31.64 32.87
O7 NAG K . -22.91 38.11 33.72
C1 BMA K . -25.28 32.77 34.06
C2 BMA K . -24.82 32.35 32.64
C3 BMA K . -26.03 32.34 31.71
C4 BMA K . -27.16 31.47 32.29
C5 BMA K . -27.51 31.93 33.72
C6 BMA K . -28.54 31.04 34.39
O2 BMA K . -24.30 31.04 32.64
O3 BMA K . -25.68 31.87 30.40
O4 BMA K . -28.31 31.56 31.47
O5 BMA K . -26.31 31.89 34.52
O6 BMA K . -28.16 29.69 34.17
C1 MAN K . -28.29 28.95 35.40
C2 MAN K . -26.87 28.75 35.98
C3 MAN K . -26.09 27.72 35.15
C4 MAN K . -26.92 26.44 34.97
C5 MAN K . -28.26 26.79 34.32
C6 MAN K . -29.17 25.58 34.13
O2 MAN K . -26.91 28.22 37.31
O3 MAN K . -24.83 27.41 35.74
O4 MAN K . -26.23 25.52 34.12
O5 MAN K . -28.96 27.72 35.18
O6 MAN K . -29.58 25.14 35.42
C1 NAG L . 14.60 43.77 1.62
C2 NAG L . 14.14 45.16 1.22
C3 NAG L . 14.92 45.64 0.01
C4 NAG L . 16.42 45.49 0.22
C5 NAG L . 16.79 44.12 0.78
C6 NAG L . 18.23 44.03 1.23
C7 NAG L . 12.09 44.47 0.01
C8 NAG L . 10.61 44.65 -0.09
N2 NAG L . 12.71 45.18 0.96
O3 NAG L . 14.59 47.00 -0.25
O4 NAG L . 17.07 45.61 -1.05
O5 NAG L . 15.98 43.80 1.92
O6 NAG L . 18.66 42.68 1.31
O7 NAG L . 12.71 43.71 -0.74
C1 NAG L . 17.99 46.72 -1.11
C2 NAG L . 17.34 47.84 -1.95
C3 NAG L . 18.27 49.05 -2.04
C4 NAG L . 18.72 49.48 -0.65
C5 NAG L . 19.28 48.30 0.13
C6 NAG L . 19.62 48.64 1.57
C7 NAG L . 17.81 46.89 -4.18
C8 NAG L . 17.20 46.45 -5.48
N2 NAG L . 16.95 47.37 -3.27
O3 NAG L . 17.61 50.11 -2.70
O4 NAG L . 19.72 50.50 -0.74
O5 NAG L . 18.31 47.24 0.19
O6 NAG L . 20.37 47.60 2.18
O7 NAG L . 19.01 46.81 -3.98
C1 BMA L . 20.70 50.18 -1.77
C2 BMA L . 21.05 51.50 -2.50
C3 BMA L . 22.15 51.24 -3.53
C4 BMA L . 23.33 50.48 -2.91
C5 BMA L . 22.83 49.21 -2.19
C6 BMA L . 23.94 48.44 -1.50
O2 BMA L . 21.56 52.45 -1.59
O3 BMA L . 22.61 52.46 -4.11
O4 BMA L . 24.26 50.12 -3.92
O5 BMA L . 21.87 49.59 -1.21
O6 BMA L . 24.61 47.65 -2.49
C1 MAN L . 24.77 46.31 -1.97
C2 MAN L . 25.78 45.57 -2.89
C3 MAN L . 25.14 45.23 -4.24
C4 MAN L . 23.80 44.52 -4.05
C5 MAN L . 22.87 45.40 -3.21
C6 MAN L . 21.52 44.76 -2.93
O2 MAN L . 26.17 44.32 -2.33
O3 MAN L . 26.00 44.44 -5.05
O4 MAN L . 23.18 44.27 -5.31
O5 MAN L . 23.50 45.65 -1.93
O6 MAN L . 20.99 44.32 -4.17
C1 NAG M . -23.21 48.69 9.71
C2 NAG M . -23.64 47.66 8.68
C3 NAG M . -24.60 48.29 7.67
C4 NAG M . -25.77 48.93 8.40
C5 NAG M . -25.26 49.92 9.44
C6 NAG M . -26.36 50.51 10.28
C7 NAG M . -22.13 45.80 8.13
C8 NAG M . -22.99 44.96 9.02
N2 NAG M . -22.49 47.08 8.00
O3 NAG M . -25.06 47.29 6.76
O4 NAG M . -26.61 49.60 7.46
O5 NAG M . -24.36 49.26 10.34
O6 NAG M . -26.47 49.85 11.54
O7 NAG M . -21.15 45.33 7.55
C1 NAG M . -27.93 49.00 7.47
C2 NAG M . -28.13 48.25 6.15
C3 NAG M . -29.50 47.56 6.14
C4 NAG M . -29.66 46.68 7.37
C5 NAG M . -29.39 47.49 8.65
C6 NAG M . -29.42 46.65 9.89
C7 NAG M . -27.29 48.86 3.92
C8 NAG M . -27.26 49.90 2.85
N2 NAG M . -28.00 49.16 5.01
O3 NAG M . -29.62 46.78 4.96
O4 NAG M . -30.98 46.15 7.42
O5 NAG M . -28.09 48.09 8.57
O6 NAG M . -30.18 47.27 10.92
O7 NAG M . -26.69 47.79 3.81
C1 NAG N . -5.39 33.87 -58.33
C2 NAG N . -5.50 34.94 -59.41
C3 NAG N . -4.28 35.85 -59.37
C4 NAG N . -4.08 36.42 -57.97
C5 NAG N . -4.04 35.29 -56.96
C6 NAG N . -3.97 35.78 -55.52
C7 NAG N . -6.62 34.64 -61.57
C8 NAG N . -6.59 33.92 -62.89
N2 NAG N . -5.62 34.34 -60.73
O3 NAG N . -4.45 36.91 -60.30
O4 NAG N . -2.85 37.14 -57.92
O5 NAG N . -5.23 34.49 -57.06
O6 NAG N . -5.08 35.31 -54.77
O7 NAG N . -7.48 35.45 -61.29
C1 NAG N . -3.09 38.51 -57.52
C2 NAG N . -1.75 39.26 -57.56
C3 NAG N . -1.95 40.72 -57.17
C4 NAG N . -3.04 41.36 -58.05
C5 NAG N . -4.31 40.52 -57.99
C6 NAG N . -5.38 41.02 -58.92
C7 NAG N . -0.88 38.49 -55.38
C8 NAG N . 0.26 37.81 -54.67
N2 NAG N . -0.76 38.64 -56.70
O3 NAG N . -0.72 41.43 -57.33
O4 NAG N . -3.31 42.67 -57.60
O5 NAG N . -4.03 39.17 -58.38
O6 NAG N . -5.17 42.39 -59.28
O7 NAG N . -1.87 38.89 -54.76
C1 NAG O . 14.57 34.86 -46.84
C2 NAG O . 15.44 35.92 -47.49
C3 NAG O . 16.25 36.65 -46.42
C4 NAG O . 15.35 37.15 -45.29
C5 NAG O . 14.44 36.03 -44.80
C6 NAG O . 13.37 36.49 -43.83
C7 NAG O . 16.42 35.75 -49.74
C8 NAG O . 17.38 35.02 -50.62
N2 NAG O . 16.34 35.31 -48.48
O3 NAG O . 16.94 37.74 -47.02
O4 NAG O . 16.20 37.57 -44.23
O5 NAG O . 13.72 35.45 -45.91
O6 NAG O . 12.09 36.50 -44.43
O7 NAG O . 15.74 36.69 -50.15
C1 NAG O . 15.76 38.81 -43.60
C2 NAG O . 16.79 39.15 -42.53
C3 NAG O . 16.39 40.45 -41.81
C4 NAG O . 16.12 41.56 -42.82
C5 NAG O . 15.14 41.08 -43.89
C6 NAG O . 14.91 42.10 -44.98
C7 NAG O . 16.03 37.58 -40.79
C8 NAG O . 16.43 36.46 -39.88
N2 NAG O . 16.98 38.07 -41.58
O3 NAG O . 17.43 40.82 -40.92
O4 NAG O . 15.56 42.69 -42.16
O5 NAG O . 15.63 39.89 -44.53
O6 NAG O . 14.07 43.16 -44.54
O7 NAG O . 14.87 38.03 -40.80
C1 BMA O . 16.59 43.64 -41.80
C2 BMA O . 17.22 44.22 -43.08
C3 BMA O . 18.25 45.28 -42.70
C4 BMA O . 17.67 46.31 -41.72
C5 BMA O . 17.05 45.60 -40.50
C6 BMA O . 16.37 46.55 -39.54
O2 BMA O . 16.23 44.88 -43.87
O3 BMA O . 18.76 45.95 -43.86
O4 BMA O . 18.70 47.19 -41.28
O5 BMA O . 16.06 44.67 -40.97
O6 BMA O . 17.24 47.65 -39.31
C1 NAG P . -23.69 30.07 -59.77
C2 NAG P . -24.80 29.24 -59.13
C3 NAG P . -24.70 29.29 -57.60
C4 NAG P . -24.18 30.64 -57.11
C5 NAG P . -22.88 31.05 -57.81
C6 NAG P . -21.68 31.01 -56.89
C7 NAG P . -26.56 29.49 -60.81
C8 NAG P . -27.93 30.01 -61.11
N2 NAG P . -26.11 29.68 -59.58
O3 NAG P . -23.84 28.25 -57.14
O4 NAG P . -25.17 31.65 -57.31
O5 NAG P . -22.60 30.17 -58.89
O6 NAG P . -21.32 29.67 -56.57
O7 NAG P . -25.89 28.92 -61.68
C1 NAG P . -26.24 31.44 -56.37
C2 NAG P . -26.58 32.77 -55.71
C3 NAG P . -27.75 32.60 -54.75
C4 NAG P . -28.93 31.95 -55.45
C5 NAG P . -28.50 30.65 -56.13
C6 NAG P . -29.59 30.02 -56.95
C7 NAG P . -24.69 34.33 -55.53
C8 NAG P . -23.53 34.78 -54.68
N2 NAG P . -25.43 33.33 -55.03
O3 NAG P . -28.13 33.88 -54.24
O4 NAG P . -29.97 31.67 -54.51
O5 NAG P . -27.41 30.91 -57.01
O6 NAG P . -29.06 29.38 -58.10
O7 NAG P . -24.95 34.86 -56.60
C1 NAG Q . -17.83 30.61 -75.09
C2 NAG Q . -16.39 30.70 -75.56
C3 NAG Q . -16.09 32.08 -76.14
C4 NAG Q . -17.12 32.44 -77.21
C5 NAG Q . -18.52 32.29 -76.65
C6 NAG Q . -19.61 32.54 -77.67
C7 NAG Q . -15.34 31.05 -73.35
C8 NAG Q . -14.31 30.55 -72.38
N2 NAG Q . -15.45 30.37 -74.50
O3 NAG Q . -14.79 32.09 -76.70
O4 NAG Q . -16.91 33.78 -77.64
O5 NAG Q . -18.71 30.96 -76.15
O6 NAG Q . -20.75 31.73 -77.43
O7 NAG Q . -16.04 32.04 -73.10
C1 NAG Q . -16.43 33.79 -79.01
C2 NAG Q . -15.11 34.57 -79.03
C3 NAG Q . -14.55 34.61 -80.45
C4 NAG Q . -14.44 33.19 -81.01
C5 NAG Q . -15.77 32.46 -80.89
C6 NAG Q . -15.69 31.01 -81.31
C7 NAG Q . -16.10 36.85 -79.04
C8 NAG Q . -16.11 38.18 -78.34
N2 NAG Q . -15.28 35.92 -78.52
O3 NAG Q . -13.26 35.21 -80.43
O4 NAG Q . -14.05 33.24 -82.38
O5 NAG Q . -16.22 32.48 -79.53
O6 NAG Q . -15.76 30.87 -82.72
O7 NAG Q . -16.79 36.63 -80.03
C1 NAG R . 60.74 -49.32 32.01
C2 NAG R . 59.81 -49.46 33.20
C3 NAG R . 60.01 -50.82 33.86
C4 NAG R . 61.45 -50.98 34.31
C5 NAG R . 62.46 -50.69 33.19
C6 NAG R . 62.62 -51.83 32.20
C7 NAG R . 59.63 -47.13 33.95
C8 NAG R . 59.95 -46.15 35.05
N2 NAG R . 60.03 -48.39 34.16
O3 NAG R . 59.63 -51.84 32.95
O4 NAG R . 61.73 -50.10 35.39
O5 NAG R . 62.12 -49.52 32.43
O6 NAG R . 63.13 -53.00 32.84
O7 NAG R . 59.05 -46.79 32.93
C1 NAG R . 61.62 -50.81 36.66
C2 NAG R . 60.48 -50.14 37.44
C3 NAG R . 59.94 -51.09 38.52
C4 NAG R . 60.93 -52.20 38.90
C5 NAG R . 61.51 -52.94 37.68
C6 NAG R . 60.86 -54.28 37.44
C7 NAG R . 61.89 -48.67 38.85
C8 NAG R . 62.10 -47.26 39.29
N2 NAG R . 60.87 -48.86 38.00
O3 NAG R . 58.71 -51.66 38.09
O4 NAG R . 61.99 -51.67 39.68
O5 NAG R . 61.34 -52.18 36.48
O6 NAG R . 61.78 -55.34 37.62
O7 NAG R . 62.60 -49.58 39.24
C1 NAG S . 44.61 -42.07 29.99
C2 NAG S . 45.41 -43.03 30.87
C3 NAG S . 44.50 -44.09 31.46
C4 NAG S . 43.34 -43.46 32.19
C5 NAG S . 42.60 -42.50 31.26
C6 NAG S . 41.49 -41.74 31.94
C7 NAG S . 47.77 -43.19 30.19
C8 NAG S . 48.77 -43.94 29.35
N2 NAG S . 46.50 -43.64 30.12
O3 NAG S . 45.25 -44.91 32.35
O4 NAG S . 42.43 -44.45 32.66
O5 NAG S . 43.52 -41.51 30.75
O6 NAG S . 41.85 -41.38 33.26
O7 NAG S . 48.08 -42.24 30.89
C1 NAG S . 42.53 -44.50 34.10
C2 NAG S . 41.25 -45.11 34.66
C3 NAG S . 41.34 -45.22 36.18
C4 NAG S . 42.59 -45.98 36.59
C5 NAG S . 43.82 -45.34 35.95
C6 NAG S . 45.10 -46.12 36.21
C7 NAG S . 38.87 -44.85 34.10
C8 NAG S . 37.79 -43.90 33.71
N2 NAG S . 40.09 -44.33 34.27
O3 NAG S . 40.18 -45.89 36.67
O4 NAG S . 42.75 -45.95 38.00
O5 NAG S . 43.67 -45.28 34.52
O6 NAG S . 44.85 -47.52 36.26
O7 NAG S . 38.66 -46.05 34.27
C1 BMA S . 42.39 -47.23 38.55
C2 BMA S . 43.21 -47.44 39.85
C3 BMA S . 42.75 -48.71 40.57
C4 BMA S . 41.21 -48.74 40.72
C5 BMA S . 40.56 -48.57 39.35
C6 BMA S . 39.04 -48.56 39.40
O2 BMA S . 43.03 -46.36 40.74
O3 BMA S . 43.37 -48.83 41.86
O4 BMA S . 40.79 -49.97 41.30
O5 BMA S . 40.99 -47.30 38.81
O6 BMA S . 38.61 -47.35 40.01
C1 MAN S . 40.37 -49.73 42.65
C2 MAN S . 39.90 -51.09 43.26
C3 MAN S . 38.80 -50.86 44.29
C4 MAN S . 39.00 -49.53 45.02
C5 MAN S . 38.84 -48.37 44.01
C6 MAN S . 39.56 -47.09 44.43
O2 MAN S . 40.96 -51.75 43.96
O3 MAN S . 38.72 -51.93 45.23
O4 MAN S . 38.06 -49.38 46.06
O5 MAN S . 39.33 -48.74 42.69
O6 MAN S . 39.13 -46.04 43.58
C1 MAN S . 37.30 -47.01 39.49
C2 MAN S . 37.27 -45.48 39.22
C3 MAN S . 37.23 -44.70 40.53
C4 MAN S . 36.11 -45.22 41.45
C5 MAN S . 36.32 -46.73 41.69
C6 MAN S . 35.23 -47.34 42.56
O2 MAN S . 36.10 -45.11 38.51
O3 MAN S . 37.07 -43.30 40.31
O4 MAN S . 36.14 -44.53 42.68
O5 MAN S . 36.30 -47.41 40.42
O6 MAN S . 35.64 -48.65 42.92
C1 NAG T . 56.31 -20.40 35.25
C2 NAG T . 57.20 -21.30 36.10
C3 NAG T . 57.41 -20.66 37.46
C4 NAG T . 57.90 -19.22 37.33
C5 NAG T . 57.07 -18.42 36.31
C6 NAG T . 57.68 -17.09 35.96
C7 NAG T . 57.36 -23.71 36.57
C8 NAG T . 56.60 -24.99 36.67
N2 NAG T . 56.62 -22.63 36.24
O3 NAG T . 58.34 -21.42 38.22
O4 NAG T . 57.81 -18.58 38.59
O5 NAG T . 56.93 -19.15 35.08
O6 NAG T . 57.23 -16.07 36.84
O7 NAG T . 58.57 -23.64 36.77
C1 NAG T . 56.43 -18.51 39.00
C2 NAG T . 56.29 -18.99 40.44
C3 NAG T . 54.83 -18.88 40.90
C4 NAG T . 54.31 -17.47 40.68
C5 NAG T . 54.53 -17.05 39.22
C6 NAG T . 54.14 -15.63 38.94
C7 NAG T . 57.46 -20.76 41.67
C8 NAG T . 57.87 -22.20 41.66
N2 NAG T . 56.77 -20.34 40.60
O3 NAG T . 54.74 -19.22 42.28
O4 NAG T . 52.91 -17.42 40.96
O5 NAG T . 55.92 -17.16 38.89
O6 NAG T . 54.97 -15.04 37.94
O7 NAG T . 57.71 -20.02 42.61
C1 BMA T . 52.70 -16.68 42.19
C2 BMA T . 51.99 -17.64 43.20
C3 BMA T . 51.95 -17.01 44.61
C4 BMA T . 53.31 -16.42 45.00
C5 BMA T . 53.75 -15.43 43.93
C6 BMA T . 55.05 -14.72 44.25
O2 BMA T . 52.68 -18.87 43.31
O3 BMA T . 51.55 -17.96 45.59
O4 BMA T . 53.21 -15.74 46.25
O5 BMA T . 53.92 -16.17 42.71
O6 BMA T . 54.72 -13.46 44.80
C1 MAN T . 55.27 -12.42 43.97
C2 MAN T . 55.07 -11.07 44.72
C3 MAN T . 53.60 -10.63 44.65
C4 MAN T . 53.13 -10.63 43.19
C5 MAN T . 53.28 -12.03 42.61
C6 MAN T . 52.82 -12.14 41.16
O2 MAN T . 55.82 -10.01 44.12
O3 MAN T . 53.39 -9.35 45.25
O4 MAN T . 51.78 -10.22 43.11
O5 MAN T . 54.68 -12.41 42.67
O6 MAN T . 53.82 -11.53 40.35
C1 MAN T . 52.36 -9.36 46.28
C2 MAN T . 52.84 -10.33 47.49
C3 MAN T . 51.97 -11.57 47.70
C4 MAN T . 50.52 -11.26 47.45
C5 MAN T . 50.39 -10.94 45.98
C6 MAN T . 48.95 -10.83 45.51
O2 MAN T . 52.84 -9.63 48.74
O3 MAN T . 52.14 -12.11 49.02
O4 MAN T . 49.71 -12.39 47.75
O5 MAN T . 51.03 -9.66 45.72
O6 MAN T . 48.25 -12.00 45.94
C1 NAG U . 32.89 -13.72 31.63
C2 NAG U . 31.94 -12.58 31.98
C3 NAG U . 32.54 -11.24 31.57
C4 NAG U . 33.93 -11.07 32.15
C5 NAG U . 34.80 -12.28 31.81
C6 NAG U . 36.15 -12.24 32.50
C7 NAG U . 30.40 -12.82 30.06
C8 NAG U . 28.97 -13.02 29.66
N2 NAG U . 30.63 -12.78 31.38
O3 NAG U . 31.67 -10.20 32.01
O4 NAG U . 34.56 -9.92 31.60
O5 NAG U . 34.16 -13.49 32.25
O6 NAG U . 36.09 -11.54 33.73
O7 NAG U . 31.30 -12.70 29.23
C1 NAG U . 34.39 -8.78 32.45
C2 NAG U . 35.73 -8.07 32.64
C3 NAG U . 35.57 -6.80 33.47
C4 NAG U . 34.50 -5.90 32.84
C5 NAG U . 33.21 -6.68 32.68
C6 NAG U . 32.12 -5.90 31.98
C7 NAG U . 38.01 -8.91 33.00
C8 NAG U . 38.88 -9.90 33.73
N2 NAG U . 36.70 -8.96 33.27
O3 NAG U . 36.81 -6.13 33.55
O4 NAG U . 34.27 -4.76 33.64
O5 NAG U . 33.44 -7.86 31.89
O6 NAG U . 31.76 -6.51 30.75
O7 NAG U . 38.48 -8.11 32.19
C1 BMA U . 35.04 -3.61 33.17
C2 BMA U . 34.74 -3.36 31.66
C3 BMA U . 35.53 -2.15 31.20
C4 BMA U . 35.27 -0.94 32.10
C5 BMA U . 35.54 -1.31 33.58
C6 BMA U . 35.20 -0.17 34.53
O2 BMA U . 33.37 -3.05 31.47
O3 BMA U . 35.24 -1.82 29.85
O4 BMA U . 36.12 0.15 31.72
O5 BMA U . 34.74 -2.45 33.93
O6 BMA U . 34.04 0.48 34.05
C1 MAN U . 33.15 0.75 35.15
C2 MAN U . 32.28 -0.52 35.37
C3 MAN U . 31.24 -0.65 34.24
C4 MAN U . 30.48 0.66 34.03
C5 MAN U . 31.47 1.80 33.76
C6 MAN U . 30.80 3.15 33.58
O2 MAN U . 31.50 -0.42 36.57
O3 MAN U . 30.34 -1.72 34.48
O4 MAN U . 29.59 0.54 32.93
O5 MAN U . 32.37 1.90 34.89
O6 MAN U . 30.27 3.55 34.85
C1 NAG V . 24.59 -37.93 -5.70
C2 NAG V . 25.98 -37.97 -6.32
C3 NAG V . 25.98 -38.89 -7.54
C4 NAG V . 25.40 -40.27 -7.19
C5 NAG V . 24.06 -40.11 -6.47
C6 NAG V . 23.52 -41.43 -5.95
C7 NAG V . 25.87 -35.84 -7.57
C8 NAG V . 26.54 -34.51 -7.79
N2 NAG V . 26.46 -36.65 -6.67
O3 NAG V . 27.31 -39.04 -8.02
O4 NAG V . 25.18 -41.00 -8.40
O5 NAG V . 24.18 -39.24 -5.34
O6 NAG V . 22.98 -42.23 -7.00
O7 NAG V . 24.86 -36.17 -8.19
C1 NAG V . 25.99 -42.19 -8.45
C2 NAG V . 27.14 -41.94 -9.43
C3 NAG V . 28.03 -43.17 -9.53
C4 NAG V . 28.47 -43.64 -8.14
C5 NAG V . 27.27 -43.78 -7.22
C6 NAG V . 27.66 -44.09 -5.79
C7 NAG V . 25.85 -42.30 -11.52
C8 NAG V . 25.47 -41.70 -12.84
N2 NAG V . 26.65 -41.54 -10.75
O3 NAG V . 29.18 -42.84 -10.31
O4 NAG V . 29.15 -44.89 -8.22
O5 NAG V . 26.52 -42.55 -7.18
O6 NAG V . 26.57 -43.88 -4.90
O7 NAG V . 25.47 -43.42 -11.18
C1 BMA V . 28.63 -45.75 -9.26
C2 BMA V . 29.76 -46.75 -9.67
C3 BMA V . 29.22 -47.74 -10.71
C4 BMA V . 27.87 -48.34 -10.29
C5 BMA V . 26.88 -47.23 -9.92
C6 BMA V . 25.52 -47.75 -9.46
O2 BMA V . 30.17 -47.51 -8.55
O3 BMA V . 30.16 -48.77 -10.98
O4 BMA V . 27.33 -49.13 -11.34
O5 BMA V . 27.46 -46.46 -8.86
O6 BMA V . 24.70 -47.90 -10.60
C1 MAN V . 23.32 -47.91 -10.18
C2 MAN V . 22.47 -48.53 -11.34
C3 MAN V . 22.36 -47.55 -12.49
C4 MAN V . 21.89 -46.17 -12.01
C5 MAN V . 22.84 -45.66 -10.92
C6 MAN V . 22.43 -44.32 -10.35
O2 MAN V . 21.13 -48.80 -10.92
O3 MAN V . 21.48 -48.03 -13.52
O4 MAN V . 21.84 -45.25 -13.09
O5 MAN V . 22.88 -46.60 -9.85
O6 MAN V . 22.18 -43.43 -11.44
C1 NAG W . 47.93 -9.07 7.19
C2 NAG W . 47.23 -7.83 6.65
C3 NAG W . 48.23 -6.93 5.94
C4 NAG W . 49.41 -6.62 6.86
C5 NAG W . 50.02 -7.91 7.39
C6 NAG W . 51.11 -7.68 8.40
C7 NAG W . 44.91 -7.68 5.86
C8 NAG W . 44.69 -6.69 6.98
N2 NAG W . 46.14 -8.18 5.76
O3 NAG W . 47.58 -5.71 5.56
O4 NAG W . 50.41 -5.91 6.12
O5 NAG W . 49.01 -8.69 8.04
O6 NAG W . 50.92 -6.45 9.10
O7 NAG W . 44.01 -7.99 5.09
C1 NAG W . 50.45 -4.52 6.53
C2 NAG W . 50.10 -3.65 5.31
C3 NAG W . 50.10 -2.18 5.71
C4 NAG W . 49.19 -1.95 6.90
C5 NAG W . 49.57 -2.88 8.04
C6 NAG W . 48.63 -2.78 9.23
C7 NAG W . 50.62 -4.27 3.00
C8 NAG W . 51.71 -4.46 1.98
N2 NAG W . 51.03 -3.89 4.21
O3 NAG W . 49.66 -1.40 4.60
O4 NAG W . 49.29 -0.59 7.34
O5 NAG W . 49.54 -4.24 7.60
O6 NAG W . 49.27 -2.21 10.35
O7 NAG W . 49.44 -4.44 2.72
C1 NAG X . 22.61 -6.33 -61.88
C2 NAG X . 23.59 -6.62 -63.01
C3 NAG X . 23.82 -8.12 -63.16
C4 NAG X . 24.25 -8.72 -61.83
C5 NAG X . 23.21 -8.37 -60.76
C6 NAG X . 23.60 -8.85 -59.37
C7 NAG X . 23.92 -5.66 -65.24
C8 NAG X . 23.25 -5.10 -66.47
N2 NAG X . 23.11 -6.06 -64.26
O3 NAG X . 24.82 -8.37 -64.14
O4 NAG X . 24.36 -10.14 -61.95
O5 NAG X . 23.08 -6.95 -60.68
O6 NAG X . 24.52 -7.96 -58.76
O7 NAG X . 25.14 -5.74 -65.15
C1 NAG X . 25.70 -10.55 -61.58
C2 NAG X . 25.85 -12.06 -61.80
C3 NAG X . 27.25 -12.51 -61.43
C4 NAG X . 28.29 -11.68 -62.18
C5 NAG X . 28.03 -10.19 -61.95
C6 NAG X . 28.96 -9.31 -62.77
C7 NAG X . 24.74 -12.83 -59.72
C8 NAG X . 23.64 -13.67 -59.16
N2 NAG X . 24.84 -12.81 -61.06
O3 NAG X . 27.41 -13.89 -61.76
O4 NAG X . 29.59 -12.00 -61.71
O5 NAG X . 26.70 -9.85 -62.33
O6 NAG X . 29.96 -10.08 -63.42
O7 NAG X . 25.50 -12.18 -59.00
C1 NAG Y . 14.17 -26.14 -53.25
C2 NAG Y . 14.76 -27.18 -54.19
C3 NAG Y . 15.01 -28.49 -53.44
C4 NAG Y . 15.84 -28.25 -52.20
C5 NAG Y . 15.23 -27.15 -51.34
C6 NAG Y . 16.07 -26.74 -50.17
C7 NAG Y . 14.06 -26.79 -56.51
C8 NAG Y . 13.08 -27.14 -57.59
N2 NAG Y . 13.89 -27.40 -55.34
O3 NAG Y . 15.67 -29.41 -54.31
O4 NAG Y . 15.94 -29.45 -51.45
O5 NAG Y . 15.03 -25.96 -52.13
O6 NAG Y . 17.21 -25.99 -50.59
O7 NAG Y . 14.98 -26.00 -56.70
C1 NAG Y . 17.33 -29.76 -51.18
C2 NAG Y . 17.38 -30.87 -50.12
C3 NAG Y . 18.83 -31.24 -49.82
C4 NAG Y . 19.58 -31.58 -51.11
C5 NAG Y . 19.42 -30.46 -52.12
C6 NAG Y . 20.04 -30.77 -53.47
C7 NAG Y . 17.05 -29.47 -48.11
C8 NAG Y . 16.18 -29.24 -46.91
N2 NAG Y . 16.68 -30.48 -48.91
O3 NAG Y . 18.84 -32.35 -48.93
O4 NAG Y . 20.96 -31.77 -50.84
O5 NAG Y . 18.03 -30.19 -52.35
O6 NAG Y . 21.41 -31.08 -53.33
O7 NAG Y . 18.03 -28.77 -48.34
C1 BMA Y . 21.22 -33.17 -50.66
C2 BMA Y . 22.63 -33.48 -51.21
C3 BMA Y . 22.99 -34.93 -50.90
C4 BMA Y . 22.78 -35.26 -49.42
C5 BMA Y . 21.36 -34.90 -48.99
C6 BMA Y . 21.11 -35.11 -47.50
O2 BMA Y . 23.60 -32.67 -50.58
O3 BMA Y . 24.33 -35.21 -51.28
O4 BMA Y . 23.00 -36.64 -49.20
O5 BMA Y . 21.14 -33.51 -49.28
O6 BMA Y . 21.92 -36.19 -47.06
C1 NAG Z . 28.66 11.91 -60.30
C2 NAG Z . 28.66 13.26 -59.62
C3 NAG Z . 28.56 13.11 -58.09
C4 NAG Z . 29.39 11.94 -57.59
C5 NAG Z . 29.09 10.65 -58.36
C6 NAG Z . 28.47 9.58 -57.51
C7 NAG Z . 29.89 15.37 -59.95
C8 NAG Z . 31.19 15.98 -60.36
N2 NAG Z . 29.85 14.02 -59.98
O3 NAG Z . 27.20 12.93 -57.73
O4 NAG Z . 30.78 12.23 -57.69
O5 NAG Z . 28.16 10.93 -59.42
O6 NAG Z . 27.40 8.94 -58.18
O7 NAG Z . 28.93 16.03 -59.61
C1 NAG Z . 31.22 12.83 -56.46
C2 NAG Z . 32.65 12.35 -56.16
C3 NAG Z . 33.17 13.02 -54.89
C4 NAG Z . 33.05 14.53 -55.00
C5 NAG Z . 31.62 14.93 -55.34
C6 NAG Z . 31.46 16.41 -55.58
C7 NAG Z . 33.12 10.10 -57.01
C8 NAG Z . 33.09 8.63 -56.71
N2 NAG Z . 32.68 10.90 -56.04
O3 NAG Z . 34.52 12.65 -54.69
O4 NAG Z . 33.43 15.13 -53.76
O5 NAG Z . 31.20 14.27 -56.55
O6 NAG Z . 31.69 16.73 -56.95
O7 NAG Z . 33.51 10.53 -58.08
C1 NAG AA . 25.02 8.76 -76.09
C2 NAG AA . 24.13 7.87 -76.96
C3 NAG AA . 24.97 6.86 -77.75
C4 NAG AA . 26.05 7.59 -78.54
C5 NAG AA . 26.88 8.44 -77.58
C6 NAG AA . 27.95 9.25 -78.27
C7 NAG AA . 23.39 6.30 -75.20
C8 NAG AA . 22.20 5.71 -74.50
N2 NAG AA . 23.12 7.17 -76.17
O3 NAG AA . 24.11 6.15 -78.63
O4 NAG AA . 26.89 6.65 -79.19
O5 NAG AA . 26.03 9.37 -76.90
O6 NAG AA . 28.59 10.14 -77.36
O7 NAG AA . 24.54 6.00 -74.88
C1 NAG AA . 26.57 6.59 -80.60
C2 NAG AA . 26.10 5.17 -80.95
C3 NAG AA . 25.71 5.07 -82.43
C4 NAG AA . 24.71 6.16 -82.77
C5 NAG AA . 25.23 7.53 -82.37
C6 NAG AA . 24.22 8.64 -82.59
C7 NAG AA . 28.33 4.12 -81.17
C8 NAG AA . 29.22 3.01 -80.68
N2 NAG AA . 27.11 4.18 -80.61
O3 NAG AA . 25.14 3.79 -82.67
O4 NAG AA . 24.46 6.16 -84.18
O5 NAG AA . 25.55 7.53 -80.97
O6 NAG AA . 23.35 8.32 -83.67
O7 NAG AA . 28.71 4.92 -82.02
C1 NAG BA . -78.23 -36.83 29.06
C2 NAG BA . -77.53 -35.84 29.99
C3 NAG BA . -78.56 -35.09 30.82
C4 NAG BA . -79.43 -36.05 31.61
C5 NAG BA . -80.01 -37.18 30.77
C6 NAG BA . -81.23 -36.78 29.97
C7 NAG BA . -75.47 -35.95 31.32
C8 NAG BA . -74.61 -36.80 32.21
N2 NAG BA . -76.58 -36.53 30.85
O3 NAG BA . -79.35 -34.29 29.95
O4 NAG BA . -78.67 -36.61 32.67
O5 NAG BA . -79.05 -37.74 29.84
O6 NAG BA . -82.12 -37.87 29.80
O7 NAG BA . -75.17 -34.80 31.04
C1 NAG BA . -79.51 -36.75 33.84
C2 NAG BA . -78.60 -36.80 35.06
C3 NAG BA . -79.36 -36.40 36.34
C4 NAG BA . -80.88 -36.52 36.17
C5 NAG BA . -81.42 -35.85 34.90
C6 NAG BA . -82.04 -34.49 35.16
C7 NAG BA . -78.59 -39.25 35.35
C8 NAG BA . -77.72 -40.47 35.49
N2 NAG BA . -77.94 -38.09 35.21
O3 NAG BA . -79.01 -35.07 36.70
O4 NAG BA . -81.28 -37.88 36.20
O5 NAG BA . -80.37 -35.65 33.94
O6 NAG BA . -83.34 -34.62 35.72
O7 NAG BA . -79.81 -39.33 35.36
C1 NAG CA . -63.80 -26.52 29.08
C2 NAG CA . -64.97 -26.83 30.01
C3 NAG CA . -65.28 -25.62 30.88
C4 NAG CA . -64.03 -25.21 31.66
C5 NAG CA . -62.88 -24.95 30.68
C6 NAG CA . -61.58 -24.64 31.38
C7 NAG CA . -66.57 -28.48 29.15
C8 NAG CA . -67.80 -28.71 28.33
N2 NAG CA . -66.14 -27.22 29.24
O3 NAG CA . -66.32 -25.95 31.79
O4 NAG CA . -64.29 -24.03 32.42
O5 NAG CA . -62.66 -26.11 29.86
O6 NAG CA . -61.42 -25.42 32.55
O7 NAG CA . -65.99 -29.40 29.72
C1 NAG CA . -64.28 -24.39 33.82
C2 NAG CA . -64.30 -23.11 34.66
C3 NAG CA . -64.32 -23.47 36.14
C4 NAG CA . -65.47 -24.42 36.45
C5 NAG CA . -65.41 -25.64 35.53
C6 NAG CA . -66.58 -26.56 35.70
C7 NAG CA . -63.22 -20.93 34.36
C8 NAG CA . -61.96 -20.21 34.01
N2 NAG CA . -63.16 -22.26 34.34
O3 NAG CA . -64.45 -22.27 36.90
O4 NAG CA . -65.37 -24.86 37.80
O5 NAG CA . -65.40 -25.22 34.16
O6 NAG CA . -67.78 -25.83 35.93
O7 NAG CA . -64.26 -20.32 34.64
C1 BMA CA . -66.38 -24.20 38.60
C2 BMA CA . -66.81 -25.17 39.72
C3 BMA CA . -67.72 -24.45 40.72
C4 BMA CA . -67.12 -23.10 41.17
C5 BMA CA . -66.82 -22.25 39.93
C6 BMA CA . -66.22 -20.90 40.26
O2 BMA CA . -65.68 -25.63 40.45
O3 BMA CA . -67.98 -25.26 41.87
O4 BMA CA . -68.02 -22.41 42.01
O5 BMA CA . -65.88 -22.97 39.11
O6 BMA CA . -64.89 -21.11 40.74
C1 MAN CA . -67.50 -22.41 43.36
C2 MAN CA . -68.44 -21.52 44.23
C3 MAN CA . -67.63 -20.85 45.35
C4 MAN CA . -66.49 -21.75 45.81
C5 MAN CA . -65.48 -21.92 44.66
C6 MAN CA . -64.65 -23.20 44.77
O2 MAN CA . -69.43 -22.30 44.89
O3 MAN CA . -68.47 -20.49 46.45
O4 MAN CA . -65.84 -21.18 46.93
O5 MAN CA . -66.16 -21.93 43.38
O6 MAN CA . -63.60 -23.13 43.81
C1 MAN CA . -64.05 -20.04 40.27
C2 MAN CA . -62.83 -20.69 39.56
C3 MAN CA . -61.89 -21.32 40.59
C4 MAN CA . -61.55 -20.33 41.70
C5 MAN CA . -62.84 -19.84 42.35
C6 MAN CA . -62.59 -18.81 43.45
O2 MAN CA . -62.05 -19.72 38.85
O3 MAN CA . -60.69 -21.81 39.98
O4 MAN CA . -60.73 -20.97 42.68
O5 MAN CA . -63.65 -19.20 41.34
O6 MAN CA . -63.83 -18.61 44.14
C1 NAG DA . -49.84 -48.27 30.26
C2 NAG DA . -50.97 -48.76 31.16
C3 NAG DA . -50.40 -49.62 32.30
C4 NAG DA . -49.48 -50.70 31.78
C5 NAG DA . -48.46 -50.13 30.78
C6 NAG DA . -47.65 -51.20 30.09
C7 NAG DA . -52.95 -47.75 32.21
C8 NAG DA . -53.57 -46.47 32.71
N2 NAG DA . -51.72 -47.63 31.69
O3 NAG DA . -51.48 -50.20 33.01
O4 NAG DA . -48.76 -51.29 32.85
O5 NAG DA . -49.13 -49.38 29.75
O6 NAG DA . -46.39 -51.40 30.74
O7 NAG DA . -53.53 -48.83 32.27
C1 NAG DA . -48.10 -50.26 33.62
C2 NAG DA . -48.26 -50.56 35.11
C3 NAG DA . -47.57 -49.49 35.95
C4 NAG DA . -46.13 -49.29 35.49
C5 NAG DA . -46.06 -49.07 33.98
C6 NAG DA . -44.65 -49.01 33.45
C7 NAG DA . -50.34 -51.84 35.44
C8 NAG DA . -51.77 -51.77 35.86
N2 NAG DA . -49.66 -50.68 35.47
O3 NAG DA . -47.60 -49.87 37.32
O4 NAG DA . -45.59 -48.13 36.12
O5 NAG DA . -46.71 -50.16 33.30
O6 NAG DA . -44.24 -47.65 33.24
O7 NAG DA . -49.81 -52.88 35.10
C1 BMA DA . -44.67 -48.47 37.18
C2 BMA DA . -44.86 -47.40 38.28
C3 BMA DA . -44.09 -47.77 39.54
C4 BMA DA . -44.37 -49.22 39.95
C5 BMA DA . -44.07 -50.15 38.77
C6 BMA DA . -44.32 -51.62 39.10
O2 BMA DA . -46.22 -47.29 38.65
O3 BMA DA . -44.38 -46.89 40.62
O4 BMA DA . -43.55 -49.57 41.06
O5 BMA DA . -44.92 -49.78 37.69
O6 BMA DA . -43.08 -52.30 39.06
C1 MAN DA . -43.07 -53.23 37.95
C2 MAN DA . -41.83 -54.14 38.13
C3 MAN DA . -40.56 -53.34 37.85
C4 MAN DA . -40.64 -52.67 36.47
C5 MAN DA . -41.87 -51.76 36.43
C6 MAN DA . -42.07 -51.09 35.09
O2 MAN DA . -41.83 -55.21 37.18
O3 MAN DA . -39.38 -54.15 37.95
O4 MAN DA . -39.47 -51.92 36.23
O5 MAN DA . -43.05 -52.54 36.71
O6 MAN DA . -43.10 -51.79 34.40
C1 MAN DA . -38.40 -53.64 38.90
C2 MAN DA . -39.02 -53.75 40.38
C3 MAN DA . -39.28 -52.41 41.07
C4 MAN DA . -38.20 -51.41 40.73
C5 MAN DA . -38.31 -51.12 39.25
C6 MAN DA . -37.42 -49.97 38.82
O2 MAN DA . -38.14 -54.46 41.26
O3 MAN DA . -39.41 -52.55 42.48
O4 MAN DA . -38.40 -50.22 41.48
O5 MAN DA . -37.91 -52.30 38.50
O6 MAN DA . -37.67 -48.86 39.66
C1 NAG EA . -33.66 -32.05 28.37
C2 NAG EA . -32.25 -31.83 27.82
C3 NAG EA . -31.72 -33.10 27.16
C4 NAG EA . -31.82 -34.28 28.11
C5 NAG EA . -33.25 -34.41 28.63
C6 NAG EA . -33.41 -35.49 29.68
C7 NAG EA . -32.87 -30.67 25.72
C8 NAG EA . -32.69 -29.43 24.90
N2 NAG EA . -32.21 -30.71 26.88
O3 NAG EA . -30.37 -32.90 26.77
O4 NAG EA . -31.45 -35.49 27.46
O5 NAG EA . -33.65 -33.18 29.26
O6 NAG EA . -32.26 -35.57 30.53
O7 NAG EA . -33.59 -31.59 25.35
C1 NAG EA . -30.12 -35.87 27.89
C2 NAG EA . -29.99 -37.39 27.79
C3 NAG EA . -28.58 -37.82 28.18
C4 NAG EA . -27.54 -37.08 27.36
C5 NAG EA . -27.78 -35.57 27.46
C6 NAG EA . -26.86 -34.76 26.58
C7 NAG EA . -31.88 -38.93 28.15
C8 NAG EA . -32.82 -39.51 29.15
N2 NAG EA . -30.98 -38.05 28.63
O3 NAG EA . -28.46 -39.23 27.98
O4 NAG EA . -26.23 -37.37 27.82
O5 NAG EA . -29.13 -35.25 27.07
O6 NAG EA . -27.55 -33.66 25.99
O7 NAG EA . -31.92 -39.23 26.96
C1 BMA EA . -25.63 -38.42 27.03
C2 BMA EA . -25.35 -37.89 25.60
C3 BMA EA . -24.63 -38.96 24.79
C4 BMA EA . -23.38 -39.48 25.54
C5 BMA EA . -23.78 -39.95 26.95
C6 BMA EA . -22.59 -40.41 27.77
O2 BMA EA . -24.51 -36.75 25.63
O3 BMA EA . -24.25 -38.47 23.50
O4 BMA EA . -22.80 -40.55 24.83
O5 BMA EA . -24.41 -38.86 27.64
O6 BMA EA . -21.64 -39.34 27.80
C1 MAN EA . -21.05 -39.29 29.12
C2 MAN EA . -21.64 -38.05 29.85
C3 MAN EA . -21.07 -36.76 29.25
C4 MAN EA . -19.53 -36.82 29.17
C5 MAN EA . -19.11 -38.06 28.36
C6 MAN EA . -17.60 -38.21 28.27
O2 MAN EA . -21.26 -38.02 31.22
O3 MAN EA . -21.48 -35.60 29.98
O4 MAN EA . -19.03 -35.65 28.53
O5 MAN EA . -19.63 -39.22 29.02
O6 MAN EA . -17.12 -38.54 29.56
C1 NAG FA . -52.69 -6.74 -4.75
C2 NAG FA . -53.45 -7.67 -5.66
C3 NAG FA . -54.23 -6.87 -6.70
C4 NAG FA . -55.07 -5.77 -6.05
C5 NAG FA . -54.26 -4.99 -5.03
C6 NAG FA . -55.11 -4.06 -4.18
C7 NAG FA . -51.61 -8.32 -7.18
C8 NAG FA . -50.81 -9.46 -7.72
N2 NAG FA . -52.57 -8.64 -6.30
O3 NAG FA . -55.07 -7.77 -7.43
O4 NAG FA . -55.46 -4.86 -7.07
O5 NAG FA . -53.59 -5.86 -4.11
O6 NAG FA . -55.39 -2.85 -4.88
O7 NAG FA . -51.38 -7.15 -7.52
C1 NAG FA . -56.90 -4.70 -7.21
C2 NAG FA . -57.42 -5.74 -8.21
C3 NAG FA . -58.93 -5.61 -8.38
C4 NAG FA . -59.63 -5.63 -7.02
C5 NAG FA . -58.99 -4.63 -6.05
C6 NAG FA . -59.54 -4.72 -4.65
C7 NAG FA . -56.77 -4.54 -10.28
C8 NAG FA . -56.01 -4.65 -11.57
N2 NAG FA . -56.74 -5.63 -9.50
O3 NAG FA . -59.42 -6.68 -9.18
O4 NAG FA . -61.01 -5.30 -7.16
O5 NAG FA . -57.57 -4.88 -5.96
O6 NAG FA . -58.51 -4.54 -3.68
O7 NAG FA . -57.39 -3.53 -9.97
C1 BMA FA . -61.20 -4.20 -8.09
C2 BMA FA . -62.48 -4.49 -8.92
C3 BMA FA . -62.78 -3.30 -9.85
C4 BMA FA . -62.73 -1.96 -9.09
C5 BMA FA . -61.40 -1.84 -8.34
C6 BMA FA . -61.26 -0.55 -7.55
O2 BMA FA . -63.61 -4.64 -8.07
O3 BMA FA . -64.04 -3.45 -10.49
O4 BMA FA . -62.86 -0.88 -10.01
O5 BMA FA . -61.30 -2.95 -7.42
O6 BMA FA . -60.80 0.46 -8.43
C1 MAN FA . -59.86 1.30 -7.72
C2 MAN FA . -59.69 2.63 -8.53
C3 MAN FA . -58.86 2.37 -9.80
C4 MAN FA . -57.56 1.64 -9.47
C5 MAN FA . -57.89 0.33 -8.75
C6 MAN FA . -56.65 -0.46 -8.37
O2 MAN FA . -58.97 3.61 -7.79
O3 MAN FA . -58.58 3.59 -10.48
O4 MAN FA . -56.84 1.36 -10.65
O5 MAN FA . -58.63 0.62 -7.55
O6 MAN FA . -55.80 -0.54 -9.49
C1 NAG GA . -35.89 -42.22 2.68
C2 NAG GA . -35.04 -41.86 1.46
C3 NAG GA . -35.02 -43.00 0.46
C4 NAG GA . -34.60 -44.30 1.15
C5 NAG GA . -35.44 -44.55 2.39
C6 NAG GA . -34.98 -45.74 3.21
C7 NAG GA . -34.78 -39.53 0.70
C8 NAG GA . -33.39 -39.61 1.24
N2 NAG GA . -35.53 -40.64 0.84
O3 NAG GA . -34.12 -42.70 -0.59
O4 NAG GA . -34.78 -45.39 0.24
O5 NAG GA . -35.38 -43.42 3.27
O6 NAG GA . -34.80 -45.40 4.57
O7 NAG GA . -35.22 -38.52 0.16
C1 NAG GA . -33.51 -46.04 -0.04
C2 NAG GA . -33.05 -45.63 -1.43
C3 NAG GA . -31.70 -46.26 -1.75
C4 NAG GA . -30.69 -45.95 -0.65
C5 NAG GA . -31.25 -46.35 0.70
C6 NAG GA . -30.35 -45.97 1.85
C7 NAG GA . -34.49 -45.11 -3.36
C8 NAG GA . -35.51 -45.65 -4.32
N2 NAG GA . -34.03 -45.98 -2.44
O3 NAG GA . -31.22 -45.77 -3.01
O4 NAG GA . -29.48 -46.66 -0.90
O5 NAG GA . -32.51 -45.70 0.93
O6 NAG GA . -30.78 -46.54 3.08
O7 NAG GA . -34.11 -43.94 -3.40
C1 NAG HA . -26.40 -10.32 -63.24
C2 NAG HA . -27.15 -10.98 -64.40
C3 NAG HA . -28.58 -10.45 -64.47
C4 NAG HA . -29.27 -10.58 -63.12
C5 NAG HA . -28.43 -9.90 -62.05
C6 NAG HA . -29.00 -10.07 -60.65
C7 NAG HA . -25.76 -11.71 -66.28
C8 NAG HA . -25.12 -11.31 -67.57
N2 NAG HA . -26.46 -10.76 -65.65
O3 NAG HA . -29.30 -11.16 -65.46
O4 NAG HA . -30.56 -9.96 -63.19
O5 NAG HA . -27.12 -10.48 -62.03
O6 NAG HA . -29.40 -11.41 -60.42
O7 NAG HA . -25.66 -12.84 -65.83
C1 NAG HA . -31.59 -10.90 -62.80
C2 NAG HA . -32.93 -10.45 -63.39
C3 NAG HA . -34.04 -11.45 -63.05
C4 NAG HA . -33.62 -12.86 -63.46
C5 NAG HA . -32.26 -13.20 -62.86
C6 NAG HA . -31.76 -14.55 -63.33
C7 NAG HA . -33.49 -8.77 -61.67
C8 NAG HA . -33.85 -7.33 -61.43
N2 NAG HA . -33.29 -9.10 -62.95
O3 NAG HA . -35.24 -11.08 -63.71
O4 NAG HA . -34.59 -13.79 -63.00
O5 NAG HA . -31.29 -12.23 -63.26
O6 NAG HA . -32.31 -14.92 -64.58
O7 NAG HA . -33.38 -9.56 -60.75
C1 NAG IA . -38.87 4.95 -50.91
C2 NAG IA . -40.12 5.28 -51.71
C3 NAG IA . -41.34 5.32 -50.79
C4 NAG IA . -41.44 4.05 -49.95
C5 NAG IA . -40.11 3.77 -49.25
C6 NAG IA . -40.08 2.44 -48.54
C7 NAG IA . -40.51 6.78 -53.61
C8 NAG IA . -40.25 8.14 -54.19
N2 NAG IA . -39.97 6.55 -52.42
O3 NAG IA . -42.51 5.48 -51.58
O4 NAG IA . -42.45 4.20 -48.97
O5 NAG IA . -39.06 3.74 -50.22
O6 NAG IA . -40.65 1.41 -49.35
O7 NAG IA . -41.19 5.95 -54.19
C1 NAG IA . -43.48 3.20 -49.13
C2 NAG IA . -44.22 3.03 -47.81
C3 NAG IA . -45.34 2.02 -47.96
C4 NAG IA . -46.27 2.41 -49.11
C5 NAG IA . -45.46 2.64 -50.38
C6 NAG IA . -46.29 3.18 -51.52
C7 NAG IA . -42.65 1.48 -46.68
C8 NAG IA . -41.78 1.28 -45.48
N2 NAG IA . -43.31 2.64 -46.73
O3 NAG IA . -46.07 1.95 -46.73
O4 NAG IA . -47.20 1.36 -49.35
O5 NAG IA . -44.42 3.60 -50.15
O6 NAG IA . -47.52 2.47 -51.66
O7 NAG IA . -42.72 0.64 -47.57
C1 BMA IA . -48.45 1.61 -48.67
C2 BMA IA . -49.56 0.77 -49.37
C3 BMA IA . -50.85 0.80 -48.54
C4 BMA IA . -50.60 0.51 -47.06
C5 BMA IA . -49.54 1.48 -46.53
C6 BMA IA . -49.20 1.25 -45.06
O2 BMA IA . -49.19 -0.59 -49.48
O3 BMA IA . -51.81 -0.11 -49.06
O4 BMA IA . -51.79 0.67 -46.32
O5 BMA IA . -48.34 1.27 -47.28
O6 BMA IA . -50.41 1.25 -44.32
C1 NAG JA . -13.46 -24.21 -64.93
C2 NAG JA . -12.22 -24.75 -64.25
C3 NAG JA . -12.41 -24.83 -62.73
C4 NAG JA . -13.86 -25.14 -62.34
C5 NAG JA . -14.85 -24.21 -63.04
C6 NAG JA . -15.53 -23.25 -62.09
C7 NAG JA . -11.26 -26.22 -65.96
C8 NAG JA . -10.96 -27.63 -66.36
N2 NAG JA . -11.86 -26.06 -64.77
O3 NAG JA . -12.02 -23.58 -62.15
O4 NAG JA . -14.17 -26.50 -62.67
O5 NAG JA . -14.19 -23.42 -64.03
O6 NAG JA . -15.63 -21.96 -62.67
O7 NAG JA . -10.98 -25.28 -66.69
C1 NAG JA . -13.30 -27.39 -61.96
C2 NAG JA . -14.08 -28.14 -60.89
C3 NAG JA . -13.19 -29.15 -60.18
C4 NAG JA . -12.54 -30.08 -61.20
C5 NAG JA . -11.82 -29.27 -62.26
C6 NAG JA . -11.26 -30.12 -63.38
C7 NAG JA . -15.97 -27.07 -59.73
C8 NAG JA . -16.39 -26.06 -58.70
N2 NAG JA . -14.66 -27.21 -59.92
O3 NAG JA . -13.97 -29.90 -59.25
O4 NAG JA . -11.61 -30.95 -60.55
O5 NAG JA . -12.73 -28.34 -62.88
O6 NAG JA . -12.09 -30.09 -64.52
O7 NAG JA . -16.79 -27.73 -60.36
C1 NAG KA . -14.99 -17.37 -79.76
C2 NAG KA . -15.35 -16.10 -80.53
C3 NAG KA . -16.67 -16.27 -81.29
C4 NAG KA . -16.63 -17.52 -82.14
C5 NAG KA . -16.22 -18.73 -81.30
C6 NAG KA . -16.03 -19.99 -82.12
C7 NAG KA . -16.24 -14.80 -78.62
C8 NAG KA . -16.13 -13.52 -77.85
N2 NAG KA . -15.40 -14.94 -79.65
O3 NAG KA . -16.86 -15.13 -82.10
O4 NAG KA . -17.93 -17.78 -82.68
O5 NAG KA . -14.97 -18.48 -80.65
O6 NAG KA . -14.78 -20.60 -81.83
O7 NAG KA . -17.07 -15.66 -78.33
C1 NAG KA . -18.08 -17.27 -84.03
C2 NAG KA . -19.24 -16.27 -84.03
C3 NAG KA . -19.43 -15.68 -85.42
C4 NAG KA . -18.12 -15.09 -85.93
C5 NAG KA . -17.01 -16.14 -85.86
C6 NAG KA . -15.67 -15.60 -86.26
C7 NAG KA . -21.09 -17.91 -84.15
C8 NAG KA . -22.35 -18.38 -83.49
N2 NAG KA . -20.47 -16.88 -83.55
O3 NAG KA . -20.43 -14.66 -85.37
O4 NAG KA . -18.27 -14.66 -87.28
O5 NAG KA . -16.89 -16.63 -84.52
O6 NAG KA . -15.79 -14.53 -87.20
O7 NAG KA . -20.66 -18.43 -85.17
C1 NAG LA . -51.29 8.01 27.59
C2 NAG LA . -51.98 9.20 26.94
C3 NAG LA . -52.10 10.35 27.93
C4 NAG LA . -52.76 9.88 29.21
C5 NAG LA . -52.04 8.66 29.77
C6 NAG LA . -52.73 8.06 30.98
C7 NAG LA . -51.86 10.17 24.68
C8 NAG LA . -50.97 10.55 23.54
N2 NAG LA . -51.26 9.62 25.74
O3 NAG LA . -52.84 11.41 27.34
O4 NAG LA . -52.74 10.92 30.18
O5 NAG LA . -52.00 7.63 28.77
O6 NAG LA . -53.54 9.04 31.64
O7 NAG LA . -53.07 10.36 24.65
C1 NAG MA . -34.18 -0.68 49.76
C2 NAG MA . -35.16 0.47 50.02
C3 NAG MA . -34.45 1.82 49.87
C4 NAG MA . -33.21 1.86 50.75
C5 NAG MA . -32.31 0.67 50.44
C6 NAG MA . -31.10 0.60 51.34
C7 NAG MA . -37.53 0.80 49.48
C8 NAG MA . -38.59 0.64 48.44
N2 NAG MA . -36.30 0.39 49.13
O3 NAG MA . -35.34 2.87 50.23
O4 NAG MA . -32.49 3.07 50.50
O5 NAG MA . -33.04 -0.55 50.63
O6 NAG MA . -31.10 1.65 52.29
O7 NAG MA . -37.77 1.27 50.59
C1 NAG NA . -39.88 22.86 -8.37
C2 NAG NA . -40.66 21.55 -8.48
C3 NAG NA . -41.76 21.69 -9.52
C4 NAG NA . -42.63 22.91 -9.23
C5 NAG NA . -41.77 24.15 -9.05
C6 NAG NA . -42.56 25.36 -8.61
C7 NAG NA . -39.02 20.33 -9.88
C8 NAG NA . -38.19 19.09 -9.99
N2 NAG NA . -39.79 20.43 -8.78
O3 NAG NA . -42.56 20.51 -9.54
O4 NAG NA . -43.55 23.12 -10.30
O5 NAG NA . -40.78 23.92 -8.04
O6 NAG NA . -42.63 25.44 -7.20
O7 NAG NA . -39.00 21.21 -10.74
C1 NAG OA . -36.89 35.74 -25.38
C2 NAG OA . -37.98 36.54 -26.11
C3 NAG OA . -39.12 36.88 -25.16
C4 NAG OA . -39.64 35.61 -24.50
C5 NAG OA . -38.51 34.87 -23.81
C6 NAG OA . -38.94 33.56 -23.21
C7 NAG OA . -37.24 37.90 -28.02
C8 NAG OA . -36.68 39.22 -28.46
N2 NAG OA . -37.43 37.75 -26.70
O3 NAG OA . -40.16 37.52 -25.88
O4 NAG OA . -40.65 35.94 -23.54
O5 NAG OA . -37.47 34.58 -24.76
O6 NAG OA . -40.35 33.46 -23.14
O7 NAG OA . -37.53 37.02 -28.82
C1 NAG PA . -33.42 16.63 -65.06
C2 NAG PA . -33.83 15.56 -66.07
C3 NAG PA . -34.95 16.09 -66.97
C4 NAG PA . -36.10 16.60 -66.12
C5 NAG PA . -35.60 17.64 -65.12
C6 NAG PA . -36.67 18.10 -64.16
C7 NAG PA . -32.42 13.85 -67.12
C8 NAG PA . -31.22 13.58 -67.97
N2 NAG PA . -32.70 15.13 -66.88
O3 NAG PA . -35.40 15.05 -67.82
O4 NAG PA . -37.09 17.20 -66.96
O5 NAG PA . -34.56 17.06 -64.31
O6 NAG PA . -36.64 19.51 -63.98
O7 NAG PA . -33.12 12.94 -66.67
C1 NAG QA . -29.65 13.86 -82.24
C2 NAG QA . -30.96 14.48 -81.80
C3 NAG QA . -32.10 13.49 -81.94
C4 NAG QA . -32.14 12.94 -83.37
C5 NAG QA . -30.78 12.38 -83.76
C6 NAG QA . -30.73 11.95 -85.21
C7 NAG QA . -31.02 16.26 -80.10
C8 NAG QA . -30.90 16.57 -78.64
N2 NAG QA . -30.88 14.96 -80.43
O3 NAG QA . -33.33 14.11 -81.63
O4 NAG QA . -33.13 11.92 -83.48
O5 NAG QA . -29.77 13.38 -83.58
O6 NAG QA . -32.01 12.04 -85.82
O7 NAG QA . -31.23 17.12 -80.94
C1 NAG RA . 26.96 30.47 32.62
C2 NAG RA . 28.33 29.98 32.13
C3 NAG RA . 29.19 29.52 33.31
C4 NAG RA . 29.27 30.62 34.36
C5 NAG RA . 27.87 31.09 34.76
C6 NAG RA . 27.89 32.26 35.71
C7 NAG RA . 29.14 28.57 30.29
C8 NAG RA . 28.82 27.43 29.37
N2 NAG RA . 28.19 28.91 31.16
O3 NAG RA . 30.49 29.19 32.86
O4 NAG RA . 29.95 30.14 35.51
O5 NAG RA . 27.15 31.51 33.59
O6 NAG RA . 29.22 32.67 36.00
O7 NAG RA . 30.23 29.15 30.26
C1 NAG SA . 11.51 17.48 52.01
C2 NAG SA . 12.88 17.96 51.54
C3 NAG SA . 13.80 16.76 51.28
C4 NAG SA . 13.85 15.87 52.52
C5 NAG SA . 12.44 15.48 52.95
C6 NAG SA . 12.43 14.69 54.24
C7 NAG SA . 13.28 20.02 50.27
C8 NAG SA . 13.09 20.73 48.97
N2 NAG SA . 12.77 18.79 50.36
O3 NAG SA . 15.10 17.23 50.95
O4 NAG SA . 14.59 14.68 52.22
O5 NAG SA . 11.67 16.66 53.18
O6 NAG SA . 12.54 13.30 53.99
O7 NAG SA . 13.89 20.53 51.20
C1 NAG TA . 33.07 20.77 -6.95
C2 NAG TA . 32.25 22.06 -6.88
C3 NAG TA . 32.96 23.19 -7.63
C4 NAG TA . 34.38 23.35 -7.13
C5 NAG TA . 35.12 22.02 -7.20
C6 NAG TA . 36.50 22.08 -6.62
C7 NAG TA . 30.61 21.49 -8.66
C8 NAG TA . 29.16 21.34 -8.98
N2 NAG TA . 30.90 21.86 -7.40
O3 NAG TA . 32.23 24.41 -7.44
O4 NAG TA . 35.07 24.31 -7.93
O5 NAG TA . 34.40 21.02 -6.46
O6 NAG TA . 36.50 21.79 -5.22
O7 NAG TA . 31.50 21.29 -9.49
C1 NAG UA . 41.59 13.60 -25.70
C2 NAG UA . 42.55 14.66 -26.25
C3 NAG UA . 43.47 15.16 -25.15
C4 NAG UA . 42.66 15.62 -23.95
C5 NAG UA . 41.69 14.54 -23.51
C6 NAG UA . 40.77 14.99 -22.39
C7 NAG UA . 43.82 14.91 -28.34
C8 NAG UA . 44.59 14.20 -29.41
N2 NAG UA . 43.32 14.13 -27.37
O3 NAG UA . 44.26 16.23 -25.64
O4 NAG UA . 43.54 15.93 -22.86
O5 NAG UA . 40.86 14.15 -24.60
O6 NAG UA . 41.46 15.76 -21.43
O7 NAG UA . 43.65 16.13 -28.35
C1 NAG VA . 21.26 27.03 -62.86
C2 NAG VA . 20.52 28.20 -63.50
C3 NAG VA . 21.49 29.06 -64.32
C4 NAG VA . 22.67 29.47 -63.46
C5 NAG VA . 23.33 28.25 -62.82
C6 NAG VA . 24.44 28.59 -61.86
C7 NAG VA . 18.36 28.47 -64.63
C8 NAG VA . 17.34 27.82 -65.52
N2 NAG VA . 19.44 27.73 -64.35
O3 NAG VA . 20.82 30.22 -64.79
O4 NAG VA . 23.64 30.15 -64.26
O5 NAG VA . 22.34 27.53 -62.07
O6 NAG VA . 25.71 28.56 -62.50
O7 NAG VA . 18.20 29.60 -64.19
C1 NAG WA . 16.03 28.37 -79.91
C2 NAG WA . 17.11 29.40 -79.64
C3 NAG WA . 16.56 30.81 -79.80
C4 NAG WA . 15.90 30.97 -81.16
C5 NAG WA . 14.85 29.87 -81.36
C6 NAG WA . 14.25 29.90 -82.76
C7 NAG WA . 18.91 29.63 -77.99
C8 NAG WA . 19.34 29.37 -76.57
N2 NAG WA . 17.69 29.23 -78.31
O3 NAG WA . 17.61 31.75 -79.67
O4 NAG WA . 15.26 32.24 -81.24
O5 NAG WA . 15.46 28.58 -81.21
O6 NAG WA . 14.30 31.20 -83.32
O7 NAG WA . 19.65 30.20 -78.79
C1 NAG XA . 7.29 -47.83 24.84
C2 NAG XA . 6.12 -48.64 24.28
C3 NAG XA . 5.34 -49.30 25.43
C4 NAG XA . 6.28 -50.10 26.33
C5 NAG XA . 7.45 -49.24 26.79
C6 NAG XA . 8.48 -50.01 27.57
C7 NAG XA . 4.35 -48.30 22.61
C8 NAG XA . 3.53 -47.29 21.87
N2 NAG XA . 5.23 -47.81 23.48
O3 NAG XA . 4.33 -50.16 24.91
O4 NAG XA . 5.58 -50.58 27.47
O5 NAG XA . 8.12 -48.68 25.64
O6 NAG XA . 8.55 -51.37 27.13
O7 NAG XA . 4.22 -49.51 22.42
C1 NAG YA . 4.34 -31.09 47.38
C2 NAG YA . 3.89 -32.54 47.28
C3 NAG YA . 2.40 -32.64 46.99
C4 NAG YA . 1.62 -31.84 48.01
C5 NAG YA . 2.14 -30.41 48.07
C6 NAG YA . 1.47 -29.59 49.15
C7 NAG YA . 5.61 -34.14 46.52
C8 NAG YA . 6.29 -34.76 45.35
N2 NAG YA . 4.66 -33.25 46.25
O3 NAG YA . 1.99 -34.00 47.00
O4 NAG YA . 0.23 -31.82 47.65
O5 NAG YA . 3.54 -30.42 48.36
O6 NAG YA . 0.90 -30.41 50.16
O7 NAG YA . 5.92 -34.43 47.68
C1 NAG ZA . -4.78 -41.97 -13.76
C2 NAG ZA . -3.37 -41.92 -14.35
C3 NAG ZA . -2.99 -43.27 -14.96
C4 NAG ZA . -3.20 -44.39 -13.93
C5 NAG ZA . -4.63 -44.34 -13.38
C6 NAG ZA . -4.86 -45.35 -12.29
C7 NAG ZA . -3.92 -40.83 -16.50
C8 NAG ZA . -3.64 -39.65 -17.38
N2 NAG ZA . -3.25 -40.86 -15.35
O3 NAG ZA . -1.63 -43.24 -15.36
O4 NAG ZA . -2.98 -45.65 -14.55
O5 NAG ZA . -4.88 -43.04 -12.82
O6 NAG ZA . -5.07 -44.71 -11.03
O7 NAG ZA . -4.72 -41.70 -16.82
C1 NAG AB . -16.03 -42.63 -32.71
C2 NAG AB . -15.31 -43.73 -33.49
C3 NAG AB . -15.28 -45.02 -32.68
C4 NAG AB . -14.69 -44.77 -31.30
C5 NAG AB . -15.41 -43.62 -30.62
C6 NAG AB . -14.78 -43.23 -29.30
C7 NAG AB . -15.61 -43.27 -35.89
C8 NAG AB . -16.37 -43.63 -37.13
N2 NAG AB . -15.95 -43.95 -34.78
O3 NAG AB . -14.50 -45.99 -33.37
O4 NAG AB . -14.81 -45.94 -30.51
O5 NAG AB . -15.38 -42.45 -31.45
O6 NAG AB . -15.16 -44.13 -28.26
O7 NAG AB . -14.72 -42.43 -35.88
C1 NAG BB . 3.48 -25.23 -68.46
C2 NAG BB . 4.46 -24.72 -69.52
C3 NAG BB . 4.70 -25.79 -70.58
C4 NAG BB . 5.14 -27.09 -69.92
C5 NAG BB . 4.15 -27.50 -68.85
C6 NAG BB . 4.60 -28.73 -68.07
C7 NAG BB . 4.72 -22.41 -70.30
C8 NAG BB . 4.06 -21.24 -70.94
N2 NAG BB . 3.96 -23.49 -70.13
O3 NAG BB . 5.69 -25.34 -71.49
O4 NAG BB . 5.24 -28.12 -70.90
O5 NAG BB . 4.00 -26.44 -67.89
O6 NAG BB . 3.58 -29.72 -68.08
O7 NAG BB . 5.89 -22.38 -69.94
C1 NAG CB . 5.88 -18.42 -85.02
C2 NAG CB . 6.27 -19.90 -84.98
C3 NAG CB . 7.75 -20.06 -85.31
C4 NAG CB . 8.08 -19.37 -86.62
C5 NAG CB . 7.62 -17.92 -86.59
C6 NAG CB . 7.82 -17.21 -87.90
C7 NAG CB . 5.15 -21.54 -83.54
C8 NAG CB . 4.95 -22.02 -82.14
N2 NAG CB . 5.96 -20.48 -83.70
O3 NAG CB . 8.06 -21.44 -85.40
O4 NAG CB . 9.49 -19.40 -86.85
O5 NAG CB . 6.22 -17.86 -86.29
O6 NAG CB . 8.09 -18.11 -88.96
O7 NAG CB . 4.60 -22.07 -84.50
#